data_7Z8Q
#
_entry.id   7Z8Q
#
_cell.length_a   1.00
_cell.length_b   1.00
_cell.length_c   1.00
_cell.angle_alpha   90.00
_cell.angle_beta   90.00
_cell.angle_gamma   90.00
#
_symmetry.space_group_name_H-M   'P 1'
#
loop_
_entity.id
_entity.type
_entity.pdbx_description
1 polymer 'DNA-directed RNA polymerase subunit alpha'
2 polymer 'DNA-directed RNA polymerase subunit beta'
3 polymer "DNA-directed RNA polymerase subunit beta'"
4 polymer 'DNA-directed RNA polymerase subunit omega'
5 non-polymer 'ZINC ION'
6 non-polymer 'MAGNESIUM ION'
#
loop_
_entity_poly.entity_id
_entity_poly.type
_entity_poly.pdbx_seq_one_letter_code
_entity_poly.pdbx_strand_id
1 'polypeptide(L)'
;MLISQRPTLSEDVLTDNRSQFVIEPLEPGFGYTLGNSLRRTLLSSIPGAAVTSIRIDGVLHEFTTVPGVKEDVTEIILNL
KSLVVSSEEDEPVTMYLRKQGPGEVTAGDIVPPAGVTVHNPGMHIATLNDKGKLEVELVVERGRGYVPAVQNRASGAEIG
RIPVDSIYSPVLKVTYKVDATRVEQRTDFDKLILDVETKNSISPRDALASAGKTLVELFGLARELNVEAEGIEIGPSPAE
ADHIASFALPIDDLDLTVRSYNCLKREGVHTVGELVARTESDLLDIRNFGQKSIDEVKIKLHQLGLSLKDSPPSFDPSEV
AGYDVATGTWSTEGAYDEQDYAETEQL
;
a,b
2 'polypeptide(L)'
;MVLADSRQSKTAASPSPSRPQSSSNNSVPGAPNRVSFAKLREPLEVPGLLDVQTDSFEWLIGSPRWRESAAERGDVNPVG
GLEEVLYELSPIEDFSGSMSLSFSDPRFDDVKAPVDECKDKDMTYAAPLFVTAEFINNNTGEIKSQTVFMGDFPMMTEKG
TFIINGTERVVVSQLVRSPGVYFDETIDKSTDKTLHSVKVIPSRGAWLEFDVDKRDTVGVRIDRKRRQPVTVLLKALGWT
SEQIVERFGFSEIMRSTLEKDNTVGTDEALLDIYRKLRPGEPPTKESAQTLLENLFFKEKRYDLARVGRYKVNKKLGLHV
GEPITSSTLTEEDVVATIEYLVRLHEGQTTMTVPGGVEVPVETDDIDHFGNRRLRTVGELIQNQIRVGMSRMERVVRERM
TTQDVEAITPQTLINIRPVVAAIKEFFGTSQLSQFMDQNNPLSGLTHKRRLSALGPGGLSRERAGLEVRDVHPSHYGRMC
PIETPEGPNIGLIGSLSVYARVNPFGFIETPYRKVVDGVVSDEIVYLTADEEDRHVVAQANSPIDADGRFVEPRVLVRRK
AGEVEYVPSSEVDYMDVSPRQMVSVATAMIPFLEHDDANRALMGANMQRQAVPLVRSEAPLVGTGMELRAAIDAGDVVVA
EESGVIEEVSADYITVMHDNGTRRTYRMRKFARSNHGTCANQCPIVDAGDRVEAGQVIADGPCTDDGEMALGKNLLVAIM
PWEGHNYEDAIILSNRLVEEDVLTSIHIEEHEIDARDTKLGAEEITRDIPNISDEVLADLDERGIVRIGAEVRDGDILVG
KVTPKGETELTPEERLLRAIFGEKAREVRDTSLKVPHGESGKVIGIRVFSREDEDELPAGVNELVRVYVAQKRKISDGDK
LAGRHGNKGVIGKILPVEDMPFLADGTPVDIILNTHGVPRRMNIGQILETHLGWCAHSGWKVDAAKGVPDWAARLPDELL
EAQPNAIVSTPVFDGAQEAELQGLLSCTLPNRDGDVLVDADGKAMLFDGRSGEPFPYPVTVGYMYIMKLHHLVDDKIHAR
STGPYSMITQQPLGGKAQFGGQRFGEMECWAMQAYGAAYTLQELLTIKSDDTVGRVKVYEAIVKGENIPEPGIPESFKVL
LKELQSLCLNVEVLSSDGAAIELREGEDEDLERAAANLGINLSRNESASVEDLA
;
c
3 'polypeptide(L)'
;VNFFDELRIGLATAEDIRQWSYGEVKKPETINYRTLKPEKDGLFCEKIFGPTRDWECYCGKYKRVRFKGIICERCGVEVT
RAKVRRERMGHIELAAPVTHIWYFKGVPSRLGYLLDLAPKDLEKIIYFAAYVITSVDEEMRHNELSTLEAEMAVERKAVE
DQRDGELEARAQKLEADLAELEAEGAKADARRKVRDGGEREMRQIRDRAQRELDRLEDIWSTFTKLAPKQLIVDENLYRE
LVDRYGEYFTGAMGAESIQKLIENFDIDAEAESLRDVIRNGKGQKKLRALKRLKVVAAFQQSGNSPMGMVLDAVPVIPPE
LRPMVQLDGGRFATSDLNDLYRRVINRNNRLKRLIDLGAPEIIVNNEKRMLQESVDALFDNGRRGRPVTGPGNRPLKSLS
DLLKGKQGRFRQNLLGKRVDYSGRSVIVVGPQLKLHQCGLPKLMALELFKPFVMKRLVDLNHAQNIKSAKRMVERQRPQV
WDVLEEVIAEHPVLLNRAPTLHRLGIQAFEPMLVEGKAIQLHPLVCEAFNADFDGDQMAVHLPLSAEAQAEARILMLSSN
NILSPASGRPLAMPRLDMVTGLYYLTTEVPGDTGEYQPASGDHPETGVYSSPAEAIMAADRGVLSVRAKIKVRLTQLRPP
VEIEAELFGHSGWQPGDAWMAETTLGRVMFNELLPLGYPFVNKQMHKKVQAAIINDLAERYPMIVVAQTVDKLKDAGFYW
ATRSGVTVSMADVLVPPRKKEILDHYEERADKVEKQFQRGALNHDERNEALVEIWKEATDEVGQALREHYPDDNPIITIV
DSGATGNFTQTRTLAGMKGLVTNPKGEFIPRPVKSSFREGLTVLEYFINTHGARKGLADTALRTADSGYLTRRLVDVSQD
VIVREHDCQTERGIVVELAERAPDGTLIRDPYIETSAYARTLGTDAVDEAGNVIVERGQDLGDPEIDALLAAGITQVKVR
SVLTCATSTGVCATCYGRSMATGKLVDIGEAVGIVAAQSIGEPGTQLTMRTFHQGGVGEDITGGLPRVQELFEARVPRGK
APIADVTGRVRLEDGERFYKITIVPDDGGEEVVYDKISKRQRLRVFKHEDGSERVLSDGDHVEVGQQLMEGSADPHEVLR
VQGPREVQIHLVREVQEVYRAQGVSIHDKHIEVIVRQMLRRVTIIDSGSTEFLPGSLIDRAEFEAENRRVVAEGGEPAAG
RPVLMGITKASLATDSWLSAASFQETTRVLTDAAINCRSDKLNGLKENVIIGKLIPAGTGINRYRNIAVQPTEEARAAAY
TIPSYEDQYYSPDFGAATGAAVPLDDYGYSDYRHHHHHH
;
d
4 'polypeptide(L)'
;MSISQSDASLAAVPAVDQFDPSSGASGGYDTPLGITNPPIDELLDRVSSKYALVIYAAKRARQINDYYNQLGEGILEYVG
PLVEPGLQEKPLSIALREIHADLLEHTEGE
;
e
#
# COMPACT_ATOMS: atom_id res chain seq x y z
N SER A 4 60.62 23.10 -25.46
CA SER A 4 60.25 22.86 -24.08
C SER A 4 58.85 23.40 -23.79
N GLN A 5 58.61 24.65 -24.15
CA GLN A 5 57.34 25.32 -23.93
C GLN A 5 56.91 25.98 -25.24
N ARG A 6 55.89 25.43 -25.88
CA ARG A 6 55.34 25.98 -27.10
C ARG A 6 53.82 26.07 -27.01
N PRO A 7 53.22 27.09 -27.60
CA PRO A 7 51.75 27.11 -27.70
C PRO A 7 51.25 25.99 -28.57
N THR A 8 50.03 25.54 -28.27
CA THR A 8 49.43 24.45 -29.02
C THR A 8 49.10 24.91 -30.44
N LEU A 9 48.74 23.94 -31.28
CA LEU A 9 48.31 24.21 -32.64
C LEU A 9 47.31 23.15 -33.06
N SER A 10 46.28 23.58 -33.79
CA SER A 10 45.20 22.71 -34.23
C SER A 10 45.27 22.51 -35.73
N GLU A 11 45.29 21.25 -36.17
CA GLU A 11 45.31 20.89 -37.57
C GLU A 11 44.14 19.94 -37.86
N ASP A 12 43.83 19.81 -39.14
CA ASP A 12 42.65 19.07 -39.57
C ASP A 12 43.05 17.89 -40.47
N VAL A 13 42.47 16.73 -40.20
CA VAL A 13 42.57 15.57 -41.06
C VAL A 13 41.18 15.28 -41.61
N LEU A 14 41.05 15.29 -42.92
CA LEU A 14 39.75 15.33 -43.57
C LEU A 14 39.29 13.95 -44.02
N THR A 15 37.97 13.78 -44.04
CA THR A 15 37.34 12.60 -44.59
C THR A 15 36.06 13.05 -45.31
N ASP A 16 35.34 12.09 -45.88
CA ASP A 16 34.15 12.41 -46.67
C ASP A 16 33.25 13.42 -45.95
N ASN A 17 32.81 13.12 -44.73
CA ASN A 17 31.96 14.02 -43.99
C ASN A 17 32.34 14.17 -42.53
N ARG A 18 33.16 13.30 -41.96
CA ARG A 18 33.60 13.39 -40.58
C ARG A 18 35.09 13.66 -40.56
N SER A 19 35.49 14.74 -39.88
CA SER A 19 36.86 15.21 -39.89
C SER A 19 37.51 14.98 -38.52
N GLN A 20 38.81 14.66 -38.53
CA GLN A 20 39.58 14.51 -37.31
C GLN A 20 40.45 15.73 -37.08
N PHE A 21 40.47 16.18 -35.82
CA PHE A 21 41.28 17.32 -35.42
C PHE A 21 42.31 16.87 -34.39
N VAL A 22 43.56 17.25 -34.60
CA VAL A 22 44.68 16.87 -33.74
C VAL A 22 45.22 18.12 -33.08
N ILE A 23 45.34 18.07 -31.75
CA ILE A 23 45.82 19.20 -30.95
C ILE A 23 46.90 18.69 -30.02
N GLU A 24 48.06 19.31 -30.06
CA GLU A 24 49.18 18.95 -29.19
C GLU A 24 50.30 19.98 -29.42
N PRO A 25 51.27 20.06 -28.49
CA PRO A 25 51.37 19.33 -27.23
C PRO A 25 50.61 19.98 -26.09
N LEU A 26 49.98 19.17 -25.25
CA LEU A 26 49.25 19.65 -24.08
C LEU A 26 49.90 19.10 -22.82
N GLU A 27 49.81 19.87 -21.74
CA GLU A 27 50.43 19.48 -20.49
C GLU A 27 49.78 18.21 -19.94
N PRO A 28 50.52 17.41 -19.17
CA PRO A 28 49.99 16.11 -18.74
C PRO A 28 48.72 16.26 -17.92
N GLY A 29 47.83 15.27 -18.09
CA GLY A 29 46.58 15.27 -17.35
C GLY A 29 45.63 16.38 -17.71
N PHE A 30 45.73 16.92 -18.93
CA PHE A 30 44.92 18.05 -19.35
C PHE A 30 44.16 17.82 -20.65
N GLY A 31 44.50 16.79 -21.43
CA GLY A 31 43.78 16.54 -22.66
C GLY A 31 42.34 16.10 -22.43
N TYR A 32 42.12 15.24 -21.44
CA TYR A 32 40.78 14.72 -21.20
C TYR A 32 39.78 15.84 -20.94
N THR A 33 40.13 16.75 -20.03
CA THR A 33 39.20 17.81 -19.67
C THR A 33 38.88 18.71 -20.85
N LEU A 34 39.91 19.07 -21.64
CA LEU A 34 39.67 19.93 -22.80
C LEU A 34 38.77 19.23 -23.81
N GLY A 35 39.06 17.96 -24.10
CA GLY A 35 38.22 17.22 -25.03
C GLY A 35 36.78 17.13 -24.57
N ASN A 36 36.59 16.84 -23.28
CA ASN A 36 35.24 16.73 -22.75
C ASN A 36 34.52 18.08 -22.81
N SER A 37 35.22 19.16 -22.51
CA SER A 37 34.60 20.48 -22.59
C SER A 37 34.18 20.81 -24.00
N LEU A 38 35.06 20.54 -24.98
CA LEU A 38 34.69 20.79 -26.37
C LEU A 38 33.49 19.95 -26.78
N ARG A 39 33.49 18.67 -26.40
CA ARG A 39 32.36 17.81 -26.75
C ARG A 39 31.07 18.31 -26.12
N ARG A 40 31.13 18.73 -24.86
CA ARG A 40 29.92 19.20 -24.20
C ARG A 40 29.39 20.49 -24.86
N THR A 41 30.29 21.41 -25.21
CA THR A 41 29.84 22.63 -25.84
C THR A 41 29.46 22.45 -27.31
N LEU A 42 29.83 21.33 -27.92
CA LEU A 42 29.51 21.08 -29.31
C LEU A 42 28.11 20.49 -29.51
N LEU A 43 27.67 19.62 -28.60
CA LEU A 43 26.45 18.85 -28.84
C LEU A 43 25.17 19.56 -28.43
N SER A 44 25.26 20.75 -27.82
CA SER A 44 24.04 21.42 -27.35
C SER A 44 23.97 22.91 -27.65
N SER A 45 25.06 23.56 -28.06
CA SER A 45 25.08 25.01 -28.24
C SER A 45 25.62 25.37 -29.62
N ILE A 46 25.11 24.69 -30.65
CA ILE A 46 25.44 25.01 -32.03
C ILE A 46 24.16 25.50 -32.71
N PRO A 47 24.08 26.75 -33.14
CA PRO A 47 22.84 27.25 -33.72
C PRO A 47 22.49 26.55 -35.02
N GLY A 48 21.19 26.42 -35.26
CA GLY A 48 20.70 25.80 -36.46
C GLY A 48 19.26 26.20 -36.73
N ALA A 49 18.67 25.55 -37.72
CA ALA A 49 17.28 25.81 -38.10
C ALA A 49 16.58 24.51 -38.41
N ALA A 50 15.29 24.45 -38.13
CA ALA A 50 14.50 23.26 -38.38
C ALA A 50 13.03 23.64 -38.46
N VAL A 51 12.22 22.74 -39.02
CA VAL A 51 10.80 22.99 -39.16
C VAL A 51 10.18 23.23 -37.79
N THR A 52 9.28 24.20 -37.72
CA THR A 52 8.61 24.57 -36.48
C THR A 52 7.16 24.10 -36.44
N SER A 53 6.37 24.47 -37.45
CA SER A 53 4.96 24.10 -37.50
C SER A 53 4.55 23.92 -38.95
N ILE A 54 3.62 22.99 -39.19
CA ILE A 54 3.15 22.68 -40.52
C ILE A 54 1.70 23.14 -40.66
N ARG A 55 1.21 23.14 -41.89
CA ARG A 55 -0.17 23.48 -42.21
C ARG A 55 -0.63 22.59 -43.34
N ILE A 56 -1.52 21.65 -43.05
CA ILE A 56 -2.04 20.70 -44.04
C ILE A 56 -3.42 21.17 -44.48
N ASP A 57 -3.57 21.38 -45.77
CA ASP A 57 -4.86 21.82 -46.30
C ASP A 57 -5.90 20.72 -46.16
N GLY A 58 -7.12 21.11 -45.80
CA GLY A 58 -8.20 20.16 -45.65
C GLY A 58 -8.12 19.31 -44.40
N VAL A 59 -7.25 19.65 -43.45
CA VAL A 59 -7.09 18.90 -42.21
C VAL A 59 -7.10 19.88 -41.05
N LEU A 60 -7.84 19.55 -39.99
CA LEU A 60 -8.02 20.45 -38.86
C LEU A 60 -7.12 20.15 -37.68
N HIS A 61 -6.56 18.93 -37.59
CA HIS A 61 -5.68 18.58 -36.49
C HIS A 61 -4.82 17.40 -36.92
N GLU A 62 -4.06 16.84 -35.98
CA GLU A 62 -3.06 15.83 -36.29
C GLU A 62 -3.55 14.41 -36.11
N PHE A 63 -4.60 14.19 -35.32
CA PHE A 63 -5.11 12.83 -35.06
C PHE A 63 -6.22 12.52 -36.07
N THR A 64 -5.79 12.30 -37.31
CA THR A 64 -6.71 11.99 -38.40
C THR A 64 -5.88 11.49 -39.58
N THR A 65 -6.54 11.33 -40.73
CA THR A 65 -5.87 10.90 -41.95
C THR A 65 -6.25 11.82 -43.10
N VAL A 66 -5.85 11.44 -44.31
CA VAL A 66 -6.22 12.20 -45.51
C VAL A 66 -6.33 11.20 -46.67
N PRO A 67 -7.41 11.22 -47.44
CA PRO A 67 -7.58 10.19 -48.48
C PRO A 67 -6.45 10.21 -49.49
N GLY A 68 -6.05 9.02 -49.93
CA GLY A 68 -5.03 8.85 -50.94
C GLY A 68 -3.66 8.48 -50.42
N VAL A 69 -3.39 8.69 -49.14
CA VAL A 69 -2.08 8.41 -48.57
C VAL A 69 -2.12 7.04 -47.91
N LYS A 70 -0.93 6.49 -47.66
CA LYS A 70 -0.80 5.17 -47.05
C LYS A 70 -0.59 5.23 -45.55
N GLU A 71 -0.15 6.36 -45.00
CA GLU A 71 0.05 6.53 -43.57
C GLU A 71 -0.60 7.82 -43.10
N ASP A 72 -1.04 7.81 -41.85
CA ASP A 72 -1.83 8.91 -41.30
C ASP A 72 -0.91 10.10 -40.99
N VAL A 73 -1.49 11.14 -40.36
CA VAL A 73 -0.77 12.39 -40.17
C VAL A 73 0.41 12.21 -39.22
N THR A 74 0.24 11.39 -38.18
CA THR A 74 1.31 11.22 -37.21
C THR A 74 2.56 10.64 -37.87
N GLU A 75 2.39 9.65 -38.74
CA GLU A 75 3.55 9.05 -39.40
C GLU A 75 4.27 10.05 -40.28
N ILE A 76 3.53 10.87 -41.02
CA ILE A 76 4.19 11.86 -41.88
C ILE A 76 4.88 12.92 -41.03
N ILE A 77 4.31 13.28 -39.88
CA ILE A 77 5.00 14.22 -38.99
C ILE A 77 6.31 13.61 -38.50
N LEU A 78 6.28 12.34 -38.10
CA LEU A 78 7.49 11.68 -37.65
C LEU A 78 8.53 11.64 -38.77
N ASN A 79 8.11 11.34 -40.00
CA ASN A 79 9.03 11.34 -41.12
C ASN A 79 9.61 12.72 -41.38
N LEU A 80 8.76 13.76 -41.31
CA LEU A 80 9.23 15.12 -41.56
C LEU A 80 10.20 15.59 -40.49
N LYS A 81 10.10 15.04 -39.27
CA LYS A 81 11.05 15.40 -38.24
C LYS A 81 12.49 15.18 -38.70
N SER A 82 12.70 14.19 -39.58
CA SER A 82 14.05 13.90 -40.06
C SER A 82 14.55 14.93 -41.05
N LEU A 83 13.66 15.78 -41.58
CA LEU A 83 14.08 16.78 -42.55
C LEU A 83 15.10 17.72 -41.93
N VAL A 84 16.10 18.10 -42.72
CA VAL A 84 17.17 19.00 -42.28
C VAL A 84 17.22 20.19 -43.23
N VAL A 85 17.19 21.40 -42.68
CA VAL A 85 17.22 22.63 -43.46
C VAL A 85 18.10 23.65 -42.74
N SER A 86 18.68 24.55 -43.54
CA SER A 86 19.54 25.61 -43.04
C SER A 86 18.89 26.95 -43.37
N SER A 87 18.81 27.82 -42.38
CA SER A 87 18.16 29.12 -42.51
C SER A 87 19.21 30.22 -42.59
N GLU A 88 19.10 31.08 -43.59
CA GLU A 88 19.95 32.26 -43.72
C GLU A 88 19.29 33.51 -43.17
N GLU A 89 17.97 33.63 -43.29
CA GLU A 89 17.24 34.75 -42.74
C GLU A 89 16.79 34.43 -41.31
N ASP A 90 16.70 35.48 -40.49
CA ASP A 90 16.36 35.34 -39.08
C ASP A 90 14.88 35.53 -38.81
N GLU A 91 14.01 35.21 -39.78
CA GLU A 91 12.58 35.35 -39.62
C GLU A 91 11.88 34.10 -40.13
N PRO A 92 10.67 33.81 -39.64
CA PRO A 92 9.94 32.63 -40.12
C PRO A 92 9.66 32.73 -41.61
N VAL A 93 10.23 31.79 -42.36
CA VAL A 93 9.97 31.68 -43.78
C VAL A 93 9.00 30.55 -44.01
N THR A 94 8.42 30.50 -45.21
CA THR A 94 7.40 29.52 -45.56
C THR A 94 7.80 28.77 -46.82
N MET A 95 7.57 27.46 -46.82
CA MET A 95 7.80 26.61 -47.97
C MET A 95 6.48 26.00 -48.42
N TYR A 96 6.52 25.30 -49.55
CA TYR A 96 5.35 24.64 -50.10
C TYR A 96 5.72 23.24 -50.55
N LEU A 97 4.71 22.35 -50.56
CA LEU A 97 4.90 20.96 -50.95
C LEU A 97 3.62 20.52 -51.64
N ARG A 98 3.61 20.55 -52.96
CA ARG A 98 2.44 20.21 -53.77
C ARG A 98 2.79 19.03 -54.67
N LYS A 99 2.19 17.88 -54.40
CA LYS A 99 2.37 16.69 -55.20
C LYS A 99 1.04 15.99 -55.34
N GLN A 100 0.64 15.69 -56.58
CA GLN A 100 -0.65 15.09 -56.85
C GLN A 100 -0.49 13.93 -57.82
N GLY A 101 -1.37 12.94 -57.69
CA GLY A 101 -1.34 11.76 -58.52
C GLY A 101 -0.54 10.64 -57.89
N PRO A 102 -0.60 9.46 -58.49
CA PRO A 102 0.13 8.32 -57.94
C PRO A 102 1.63 8.49 -58.07
N GLY A 103 2.36 7.82 -57.18
CA GLY A 103 3.81 7.90 -57.15
C GLY A 103 4.35 7.99 -55.75
N GLU A 104 5.47 8.69 -55.58
CA GLU A 104 6.09 8.88 -54.28
C GLU A 104 6.43 10.36 -54.09
N VAL A 105 6.35 10.82 -52.86
CA VAL A 105 6.67 12.19 -52.49
C VAL A 105 7.90 12.16 -51.60
N THR A 106 8.94 12.88 -52.01
CA THR A 106 10.22 12.90 -51.33
C THR A 106 10.56 14.32 -50.89
N ALA A 107 11.70 14.45 -50.21
CA ALA A 107 12.14 15.76 -49.73
C ALA A 107 12.45 16.71 -50.88
N GLY A 108 12.73 16.21 -52.07
CA GLY A 108 13.07 17.04 -53.20
C GLY A 108 11.91 17.73 -53.87
N ASP A 109 10.68 17.46 -53.44
CA ASP A 109 9.51 18.08 -54.05
C ASP A 109 9.10 19.39 -53.38
N ILE A 110 9.85 19.85 -52.40
CA ILE A 110 9.58 21.13 -51.73
C ILE A 110 10.20 22.24 -52.54
N VAL A 111 9.51 23.38 -52.62
CA VAL A 111 9.99 24.54 -53.37
C VAL A 111 10.42 25.61 -52.37
N PRO A 112 11.64 25.55 -51.83
CA PRO A 112 12.03 26.50 -50.81
C PRO A 112 12.11 27.92 -51.38
N PRO A 113 11.83 28.93 -50.56
CA PRO A 113 12.02 30.32 -51.00
C PRO A 113 13.51 30.68 -50.96
N ALA A 114 13.79 31.95 -51.26
CA ALA A 114 15.16 32.43 -51.25
C ALA A 114 15.69 32.48 -49.83
N GLY A 115 16.91 31.98 -49.63
CA GLY A 115 17.57 32.03 -48.34
C GLY A 115 17.49 30.76 -47.53
N VAL A 116 16.99 29.66 -48.09
CA VAL A 116 16.91 28.39 -47.39
C VAL A 116 17.08 27.27 -48.41
N THR A 117 17.51 26.10 -47.93
CA THR A 117 17.78 24.97 -48.80
C THR A 117 17.53 23.67 -48.05
N VAL A 118 17.23 22.63 -48.81
CA VAL A 118 17.09 21.27 -48.28
C VAL A 118 18.22 20.43 -48.86
N HIS A 119 19.05 19.86 -47.99
CA HIS A 119 20.29 19.21 -48.40
C HIS A 119 20.17 17.70 -48.57
N ASN A 120 19.02 17.11 -48.27
CA ASN A 120 18.82 15.66 -48.40
C ASN A 120 17.54 15.41 -49.18
N PRO A 121 17.58 15.55 -50.52
CA PRO A 121 16.38 15.33 -51.32
C PRO A 121 15.96 13.86 -51.43
N GLY A 122 16.73 12.93 -50.87
CA GLY A 122 16.44 11.52 -50.99
C GLY A 122 15.53 10.94 -49.93
N MET A 123 15.11 11.74 -48.96
CA MET A 123 14.24 11.24 -47.90
C MET A 123 12.87 10.88 -48.45
N HIS A 124 12.27 9.86 -47.85
CA HIS A 124 10.93 9.40 -48.23
C HIS A 124 9.93 9.91 -47.19
N ILE A 125 9.00 10.76 -47.65
CA ILE A 125 8.01 11.34 -46.76
C ILE A 125 6.82 10.39 -46.65
N ALA A 126 6.21 10.06 -47.78
CA ALA A 126 5.05 9.18 -47.81
C ALA A 126 4.81 8.77 -49.26
N THR A 127 3.68 8.09 -49.50
CA THR A 127 3.27 7.71 -50.83
C THR A 127 1.79 8.01 -50.99
N LEU A 128 1.38 8.28 -52.23
CA LEU A 128 0.02 8.70 -52.54
C LEU A 128 -0.61 7.75 -53.55
N ASN A 129 -1.87 7.40 -53.31
CA ASN A 129 -2.70 6.75 -54.30
C ASN A 129 -3.34 7.80 -55.20
N ASP A 130 -3.71 7.40 -56.41
CA ASP A 130 -4.21 8.35 -57.40
C ASP A 130 -5.43 9.11 -56.91
N LYS A 131 -6.19 8.55 -55.97
CA LYS A 131 -7.43 9.20 -55.53
C LYS A 131 -7.16 10.57 -54.94
N GLY A 132 -6.16 10.70 -54.07
CA GLY A 132 -5.93 11.90 -53.31
C GLY A 132 -4.77 12.73 -53.81
N LYS A 133 -4.70 13.95 -53.27
CA LYS A 133 -3.58 14.86 -53.54
C LYS A 133 -2.99 15.33 -52.23
N LEU A 134 -2.10 16.31 -52.26
CA LEU A 134 -1.50 16.80 -51.03
C LEU A 134 -0.89 18.19 -51.26
N GLU A 135 -1.12 19.09 -50.32
CA GLU A 135 -0.50 20.41 -50.32
C GLU A 135 -0.24 20.79 -48.87
N VAL A 136 1.04 20.89 -48.50
CA VAL A 136 1.44 21.14 -47.11
C VAL A 136 2.33 22.37 -47.07
N GLU A 137 2.07 23.25 -46.11
CA GLU A 137 2.86 24.45 -45.90
C GLU A 137 3.52 24.36 -44.54
N LEU A 138 4.82 24.64 -44.49
CA LEU A 138 5.61 24.50 -43.28
C LEU A 138 6.48 25.72 -43.06
N VAL A 139 6.83 25.96 -41.80
CA VAL A 139 7.62 27.11 -41.40
C VAL A 139 9.03 26.65 -41.07
N VAL A 140 9.98 27.58 -41.16
CA VAL A 140 11.38 27.31 -40.87
C VAL A 140 11.93 28.47 -40.05
N GLU A 141 12.08 28.28 -38.75
CA GLU A 141 12.65 29.27 -37.85
C GLU A 141 14.03 28.83 -37.42
N ARG A 142 14.82 29.79 -36.94
CA ARG A 142 16.20 29.53 -36.52
C ARG A 142 16.28 29.61 -35.01
N GLY A 143 16.78 28.53 -34.39
CA GLY A 143 16.97 28.46 -32.96
C GLY A 143 18.12 27.52 -32.65
N ARG A 144 18.39 27.36 -31.35
CA ARG A 144 19.47 26.49 -30.91
C ARG A 144 19.00 25.65 -29.73
N GLY A 145 19.43 24.39 -29.70
CA GLY A 145 19.09 23.50 -28.62
C GLY A 145 17.93 22.58 -28.93
N TYR A 146 16.82 22.76 -28.22
CA TYR A 146 15.65 21.92 -28.40
C TYR A 146 14.47 22.58 -27.69
N VAL A 147 13.32 22.59 -28.37
CA VAL A 147 12.14 23.29 -27.85
C VAL A 147 10.93 22.38 -27.96
N PRO A 148 10.10 22.29 -26.93
CA PRO A 148 8.86 21.50 -27.06
C PRO A 148 7.93 22.08 -28.10
N ALA A 149 7.15 21.19 -28.73
CA ALA A 149 6.22 21.63 -29.77
C ALA A 149 5.17 22.58 -29.22
N VAL A 150 4.79 22.43 -27.94
CA VAL A 150 3.69 23.19 -27.38
C VAL A 150 3.89 24.70 -27.46
N GLN A 151 5.09 25.15 -27.84
CA GLN A 151 5.35 26.59 -27.93
C GLN A 151 4.31 27.29 -28.78
N ASN A 152 3.86 26.66 -29.86
CA ASN A 152 2.86 27.27 -30.74
C ASN A 152 1.45 27.13 -30.20
N ARG A 153 1.24 26.33 -29.15
CA ARG A 153 -0.11 26.17 -28.61
C ARG A 153 -0.65 27.47 -28.04
N ALA A 154 0.19 28.21 -27.32
CA ALA A 154 -0.24 29.44 -26.66
C ALA A 154 -0.34 30.62 -27.61
N SER A 155 0.19 30.52 -28.82
CA SER A 155 0.12 31.63 -29.77
C SER A 155 -1.31 31.96 -30.15
N GLY A 156 -2.25 31.03 -29.95
CA GLY A 156 -3.65 31.28 -30.25
C GLY A 156 -3.92 31.51 -31.73
N ALA A 157 -3.35 30.66 -32.57
CA ALA A 157 -3.58 30.75 -34.02
C ALA A 157 -4.92 30.09 -34.35
N GLU A 158 -5.19 29.90 -35.63
CA GLU A 158 -6.44 29.31 -36.08
C GLU A 158 -6.36 27.79 -35.92
N ILE A 159 -7.39 27.09 -36.40
CA ILE A 159 -7.45 25.65 -36.23
C ILE A 159 -6.40 24.95 -37.09
N GLY A 160 -6.17 25.46 -38.30
CA GLY A 160 -5.34 24.78 -39.27
C GLY A 160 -3.86 24.70 -38.94
N ARG A 161 -3.44 25.17 -37.76
CA ARG A 161 -2.04 25.15 -37.38
C ARG A 161 -1.75 23.94 -36.50
N ILE A 162 -0.70 23.20 -36.81
CA ILE A 162 -0.30 22.02 -36.08
C ILE A 162 1.13 22.24 -35.56
N PRO A 163 1.35 22.29 -34.26
CA PRO A 163 2.73 22.44 -33.76
C PRO A 163 3.56 21.20 -34.04
N VAL A 164 4.86 21.41 -34.15
CA VAL A 164 5.83 20.34 -34.36
C VAL A 164 7.06 20.62 -33.51
N ASP A 165 7.62 19.57 -32.92
CA ASP A 165 8.83 19.73 -32.11
C ASP A 165 9.98 20.17 -33.00
N SER A 166 10.78 21.10 -32.48
CA SER A 166 11.93 21.65 -33.20
C SER A 166 13.21 21.16 -32.55
N ILE A 167 14.16 20.70 -33.36
CA ILE A 167 15.43 20.18 -32.90
C ILE A 167 16.53 20.83 -33.74
N TYR A 168 17.12 21.90 -33.22
CA TYR A 168 18.18 22.62 -33.93
C TYR A 168 19.53 22.06 -33.48
N SER A 169 20.03 21.08 -34.21
CA SER A 169 21.35 20.55 -33.92
C SER A 169 21.95 19.90 -35.17
N PRO A 170 23.03 20.44 -35.72
CA PRO A 170 23.65 19.80 -36.89
C PRO A 170 24.65 18.71 -36.52
N VAL A 171 25.13 18.68 -35.29
CA VAL A 171 26.12 17.68 -34.88
C VAL A 171 25.42 16.37 -34.55
N LEU A 172 26.07 15.26 -34.85
CA LEU A 172 25.49 13.94 -34.66
C LEU A 172 26.25 13.10 -33.65
N LYS A 173 27.58 13.01 -33.79
CA LYS A 173 28.39 12.23 -32.86
C LYS A 173 29.76 12.85 -32.74
N VAL A 174 30.33 12.77 -31.54
CA VAL A 174 31.66 13.30 -31.24
C VAL A 174 32.36 12.34 -30.29
N THR A 175 33.64 12.13 -30.51
CA THR A 175 34.44 11.26 -29.66
C THR A 175 35.89 11.72 -29.67
N TYR A 176 36.63 11.36 -28.63
CA TYR A 176 38.03 11.75 -28.53
C TYR A 176 38.82 10.66 -27.85
N LYS A 177 40.08 10.53 -28.26
CA LYS A 177 41.05 9.65 -27.60
C LYS A 177 42.36 10.42 -27.44
N VAL A 178 43.07 10.15 -26.36
CA VAL A 178 44.31 10.85 -26.02
C VAL A 178 45.47 9.89 -26.23
N ASP A 179 46.49 10.35 -26.96
CA ASP A 179 47.72 9.61 -27.16
C ASP A 179 48.77 10.20 -26.22
N ALA A 180 49.00 9.53 -25.10
CA ALA A 180 49.90 10.05 -24.07
C ALA A 180 51.34 9.62 -24.35
N THR A 181 52.27 10.42 -23.86
CA THR A 181 53.71 10.16 -23.95
C THR A 181 54.28 10.40 -22.57
N ARG A 182 54.35 9.35 -21.76
CA ARG A 182 54.74 9.44 -20.36
C ARG A 182 56.20 9.10 -20.14
N VAL A 183 57.07 9.41 -21.10
CA VAL A 183 58.50 9.19 -20.90
C VAL A 183 59.01 10.15 -19.83
N GLU A 184 60.13 9.76 -19.21
CA GLU A 184 60.72 10.57 -18.15
C GLU A 184 61.28 11.90 -18.66
N GLN A 185 61.40 12.05 -19.98
CA GLN A 185 61.88 13.31 -20.53
C GLN A 185 60.84 14.40 -20.34
N ARG A 186 61.30 15.66 -20.43
CA ARG A 186 60.39 16.79 -20.32
C ARG A 186 59.42 16.88 -21.49
N THR A 187 59.45 15.93 -22.42
CA THR A 187 58.48 15.84 -23.50
C THR A 187 57.19 15.15 -23.06
N ASP A 188 56.92 15.12 -21.76
CA ASP A 188 55.70 14.49 -21.24
C ASP A 188 54.50 15.35 -21.62
N PHE A 189 53.76 14.92 -22.64
CA PHE A 189 52.57 15.63 -23.07
C PHE A 189 51.53 14.59 -23.50
N ASP A 190 50.43 15.07 -24.07
CA ASP A 190 49.40 14.20 -24.63
C ASP A 190 48.89 14.82 -25.91
N LYS A 191 48.46 13.96 -26.83
CA LYS A 191 47.95 14.37 -28.13
C LYS A 191 46.47 14.04 -28.19
N LEU A 192 45.64 15.05 -28.41
CA LEU A 192 44.20 14.88 -28.46
C LEU A 192 43.75 14.62 -29.89
N ILE A 193 42.85 13.67 -30.06
CA ILE A 193 42.35 13.27 -31.36
C ILE A 193 40.82 13.38 -31.28
N LEU A 194 40.29 14.52 -31.71
CA LEU A 194 38.85 14.78 -31.66
C LEU A 194 38.24 14.53 -33.03
N ASP A 195 37.13 13.79 -33.04
CA ASP A 195 36.42 13.46 -34.27
C ASP A 195 34.98 13.93 -34.14
N VAL A 196 34.47 14.60 -35.17
CA VAL A 196 33.12 15.15 -35.16
C VAL A 196 32.47 14.87 -36.50
N GLU A 197 31.17 14.56 -36.48
CA GLU A 197 30.39 14.31 -37.68
C GLU A 197 29.11 15.14 -37.62
N THR A 198 28.75 15.72 -38.76
CA THR A 198 27.63 16.65 -38.86
C THR A 198 26.55 16.08 -39.76
N LYS A 199 25.35 16.67 -39.66
CA LYS A 199 24.22 16.27 -40.48
C LYS A 199 24.27 16.85 -41.90
N ASN A 200 25.43 17.36 -42.32
CA ASN A 200 25.67 17.95 -43.63
C ASN A 200 25.10 19.36 -43.74
N SER A 201 24.39 19.85 -42.72
CA SER A 201 23.92 21.23 -42.76
C SER A 201 25.09 22.20 -42.77
N ILE A 202 26.11 21.94 -41.97
CA ILE A 202 27.31 22.77 -41.91
C ILE A 202 28.53 21.86 -41.79
N SER A 203 29.62 22.28 -42.42
CA SER A 203 30.85 21.51 -42.34
C SER A 203 31.40 21.52 -40.92
N PRO A 204 32.22 20.53 -40.56
CA PRO A 204 32.72 20.47 -39.18
C PRO A 204 33.48 21.73 -38.76
N ARG A 205 34.19 22.37 -39.69
CA ARG A 205 34.97 23.55 -39.32
C ARG A 205 34.08 24.65 -38.76
N ASP A 206 32.93 24.88 -39.38
CA ASP A 206 32.03 25.93 -38.91
C ASP A 206 31.55 25.65 -37.50
N ALA A 207 31.13 24.42 -37.22
CA ALA A 207 30.66 24.08 -35.88
C ALA A 207 31.78 24.21 -34.86
N LEU A 208 32.99 23.76 -35.21
CA LEU A 208 34.11 23.88 -34.29
C LEU A 208 34.41 25.35 -33.99
N ALA A 209 34.37 26.19 -35.02
CA ALA A 209 34.61 27.61 -34.82
C ALA A 209 33.54 28.24 -33.94
N SER A 210 32.29 27.86 -34.15
CA SER A 210 31.20 28.40 -33.33
C SER A 210 31.39 28.01 -31.86
N ALA A 211 31.72 26.74 -31.62
CA ALA A 211 31.95 26.30 -30.25
C ALA A 211 33.13 27.02 -29.62
N GLY A 212 34.22 27.18 -30.39
CA GLY A 212 35.37 27.90 -29.89
C GLY A 212 35.03 29.33 -29.51
N LYS A 213 34.26 30.02 -30.37
CA LYS A 213 33.87 31.38 -30.06
C LYS A 213 32.98 31.43 -28.82
N THR A 214 32.06 30.48 -28.69
CA THR A 214 31.20 30.46 -27.52
C THR A 214 32.02 30.33 -26.25
N LEU A 215 32.96 29.38 -26.23
CA LEU A 215 33.78 29.19 -25.04
C LEU A 215 34.70 30.39 -24.78
N VAL A 216 35.23 31.00 -25.83
CA VAL A 216 36.08 32.18 -25.65
C VAL A 216 35.28 33.31 -25.01
N GLU A 217 34.08 33.57 -25.53
CA GLU A 217 33.25 34.62 -24.96
C GLU A 217 32.86 34.29 -23.53
N LEU A 218 32.64 33.01 -23.23
CA LEU A 218 32.24 32.64 -21.87
C LEU A 218 33.40 32.81 -20.88
N PHE A 219 34.60 32.39 -21.27
CA PHE A 219 35.75 32.50 -20.39
C PHE A 219 36.34 33.90 -20.34
N GLY A 220 35.97 34.78 -21.27
CA GLY A 220 36.45 36.15 -21.22
C GLY A 220 36.07 36.89 -19.95
N LEU A 221 35.02 36.44 -19.26
CA LEU A 221 34.58 37.09 -18.04
C LEU A 221 35.54 36.91 -16.87
N ALA A 222 36.49 36.00 -16.97
CA ALA A 222 37.46 35.76 -15.91
C ALA A 222 38.78 36.47 -16.12
N ARG A 223 39.19 36.66 -17.38
CA ARG A 223 40.47 37.31 -17.65
C ARG A 223 40.50 38.75 -17.16
N GLU A 224 39.36 39.41 -17.05
CA GLU A 224 39.33 40.78 -16.54
C GLU A 224 39.80 40.80 -15.09
N LEU A 225 40.66 41.75 -14.78
CA LEU A 225 41.25 41.83 -13.45
C LEU A 225 40.15 42.02 -12.41
N ASN A 226 40.22 41.24 -11.34
CA ASN A 226 39.21 41.29 -10.29
C ASN A 226 39.71 42.08 -9.09
N ILE B 3 22.86 34.92 -29.77
CA ILE B 3 21.88 35.35 -28.79
C ILE B 3 22.57 35.87 -27.55
N SER B 4 22.26 37.11 -27.16
CA SER B 4 22.90 37.71 -26.00
C SER B 4 22.59 36.93 -24.73
N GLN B 5 21.35 36.48 -24.59
CA GLN B 5 20.90 35.73 -23.40
C GLN B 5 21.07 36.67 -22.20
N ARG B 6 21.82 36.30 -21.16
CA ARG B 6 21.98 37.10 -19.96
C ARG B 6 23.44 37.03 -19.55
N PRO B 7 24.06 38.16 -19.22
CA PRO B 7 25.49 38.12 -18.88
C PRO B 7 25.73 37.37 -17.58
N THR B 8 26.90 36.74 -17.49
CA THR B 8 27.28 35.94 -16.34
C THR B 8 28.40 36.69 -15.60
N LEU B 9 28.10 37.15 -14.39
CA LEU B 9 29.04 37.93 -13.61
C LEU B 9 29.73 37.07 -12.57
N SER B 10 31.02 37.36 -12.35
CA SER B 10 31.85 36.62 -11.40
C SER B 10 31.89 37.40 -10.09
N GLU B 11 31.21 36.88 -9.08
CA GLU B 11 31.22 37.49 -7.75
C GLU B 11 32.53 37.11 -7.05
N ASP B 12 32.63 37.40 -5.76
CA ASP B 12 33.86 37.10 -5.03
C ASP B 12 33.60 37.19 -3.53
N VAL B 13 34.34 36.39 -2.78
CA VAL B 13 34.35 36.41 -1.32
C VAL B 13 35.79 36.35 -0.86
N LEU B 14 36.04 36.84 0.35
CA LEU B 14 37.40 37.01 0.85
C LEU B 14 37.57 36.32 2.19
N THR B 15 38.78 35.81 2.42
CA THR B 15 39.19 35.24 3.70
C THR B 15 40.68 35.55 3.86
N ASP B 16 41.31 34.95 4.87
CA ASP B 16 42.72 35.19 5.11
C ASP B 16 43.55 34.94 3.86
N ASN B 17 43.54 33.69 3.37
CA ASN B 17 44.22 33.35 2.14
C ASN B 17 43.40 32.46 1.22
N ARG B 18 42.21 32.05 1.64
CA ARG B 18 41.32 31.27 0.80
C ARG B 18 40.43 32.22 -0.01
N SER B 19 39.43 31.67 -0.69
CA SER B 19 38.48 32.49 -1.43
C SER B 19 37.39 31.58 -1.98
N GLN B 20 36.21 32.15 -2.20
CA GLN B 20 35.08 31.44 -2.80
C GLN B 20 34.56 32.30 -3.95
N PHE B 21 35.16 32.12 -5.13
CA PHE B 21 34.65 32.80 -6.32
C PHE B 21 33.37 32.13 -6.79
N VAL B 22 32.40 32.95 -7.17
CA VAL B 22 31.08 32.47 -7.58
C VAL B 22 30.75 33.07 -8.94
N ILE B 23 30.29 32.22 -9.85
CA ILE B 23 29.83 32.64 -11.17
C ILE B 23 28.34 32.33 -11.26
N GLU B 24 27.55 33.34 -11.61
CA GLU B 24 26.10 33.19 -11.59
C GLU B 24 25.44 34.19 -12.52
N PRO B 25 24.48 33.77 -13.36
CA PRO B 25 24.04 32.41 -13.68
C PRO B 25 24.66 31.90 -14.98
N LEU B 26 24.51 30.61 -15.24
CA LEU B 26 25.04 30.01 -16.46
C LEU B 26 23.94 29.22 -17.16
N GLU B 27 24.12 29.01 -18.46
CA GLU B 27 23.16 28.21 -19.21
C GLU B 27 23.16 26.78 -18.68
N PRO B 28 22.02 26.09 -18.77
CA PRO B 28 21.94 24.75 -18.17
C PRO B 28 22.99 23.82 -18.77
N GLY B 29 23.79 23.24 -17.88
CA GLY B 29 24.82 22.28 -18.26
C GLY B 29 26.21 22.86 -18.36
N PHE B 30 26.35 24.18 -18.43
CA PHE B 30 27.67 24.80 -18.53
C PHE B 30 28.41 24.80 -17.20
N GLY B 31 27.74 24.49 -16.09
CA GLY B 31 28.38 24.47 -14.79
C GLY B 31 29.66 23.64 -14.79
N TYR B 32 29.53 22.33 -15.01
CA TYR B 32 30.71 21.47 -15.04
C TYR B 32 31.64 21.86 -16.18
N THR B 33 31.06 22.22 -17.34
CA THR B 33 31.87 22.58 -18.49
C THR B 33 32.90 23.63 -18.15
N LEU B 34 32.51 24.62 -17.34
CA LEU B 34 33.50 25.55 -16.81
C LEU B 34 34.30 24.88 -15.69
N GLY B 35 33.62 24.54 -14.60
CA GLY B 35 34.26 24.07 -13.39
C GLY B 35 35.44 23.14 -13.58
N ASN B 36 35.25 22.04 -14.30
CA ASN B 36 36.31 21.03 -14.37
C ASN B 36 37.54 21.57 -15.09
N SER B 37 37.34 22.16 -16.27
CA SER B 37 38.47 22.68 -17.03
C SER B 37 39.15 23.82 -16.28
N LEU B 38 38.37 24.70 -15.66
CA LEU B 38 38.95 25.80 -14.91
C LEU B 38 39.77 25.28 -13.73
N ARG B 39 39.27 24.27 -13.03
CA ARG B 39 40.02 23.69 -11.93
C ARG B 39 41.34 23.10 -12.42
N ARG B 40 41.28 22.33 -13.51
CA ARG B 40 42.51 21.71 -14.01
C ARG B 40 43.52 22.77 -14.43
N THR B 41 43.05 23.81 -15.11
CA THR B 41 43.95 24.88 -15.55
C THR B 41 44.57 25.57 -14.35
N LEU B 42 43.75 25.96 -13.36
CA LEU B 42 44.27 26.58 -12.16
C LEU B 42 45.33 25.70 -11.51
N LEU B 43 45.07 24.40 -11.43
CA LEU B 43 45.93 23.51 -10.67
C LEU B 43 47.24 23.24 -11.39
N SER B 44 47.23 23.17 -12.73
CA SER B 44 48.42 22.74 -13.46
C SER B 44 48.67 23.59 -14.69
N SER B 45 48.54 24.92 -14.56
CA SER B 45 48.91 25.81 -15.66
C SER B 45 49.84 26.93 -15.22
N ILE B 46 49.61 27.46 -14.01
CA ILE B 46 50.32 28.64 -13.56
C ILE B 46 51.79 28.31 -13.34
N PRO B 47 52.72 29.02 -13.97
CA PRO B 47 54.14 28.71 -13.75
C PRO B 47 54.58 29.11 -12.35
N GLY B 48 55.65 28.46 -11.90
CA GLY B 48 56.18 28.74 -10.59
C GLY B 48 57.58 28.19 -10.44
N ALA B 49 58.09 28.28 -9.21
CA ALA B 49 59.43 27.83 -8.89
C ALA B 49 59.40 26.99 -7.61
N ALA B 50 60.34 26.07 -7.50
CA ALA B 50 60.44 25.20 -6.35
C ALA B 50 61.79 24.49 -6.40
N VAL B 51 62.06 23.69 -5.37
CA VAL B 51 63.32 22.97 -5.25
C VAL B 51 63.19 21.60 -5.89
N THR B 52 64.30 21.08 -6.41
CA THR B 52 64.32 19.80 -7.11
C THR B 52 65.20 18.76 -6.42
N SER B 53 66.41 19.13 -6.02
CA SER B 53 67.33 18.19 -5.41
C SER B 53 68.10 18.89 -4.29
N ILE B 54 68.65 18.08 -3.38
CA ILE B 54 69.41 18.56 -2.24
C ILE B 54 70.70 17.77 -2.14
N ARG B 55 71.56 18.20 -1.21
CA ARG B 55 72.83 17.55 -0.97
C ARG B 55 73.21 17.76 0.48
N ILE B 56 73.80 16.74 1.09
CA ILE B 56 74.30 16.82 2.46
C ILE B 56 75.66 16.15 2.50
N ASP B 57 76.72 16.96 2.54
CA ASP B 57 78.08 16.43 2.55
C ASP B 57 78.38 15.65 3.82
N GLY B 58 77.56 15.80 4.86
CA GLY B 58 77.75 15.07 6.09
C GLY B 58 77.20 13.67 6.11
N VAL B 59 76.54 13.24 5.05
CA VAL B 59 75.95 11.90 4.96
C VAL B 59 76.26 11.32 3.59
N LEU B 60 76.50 10.01 3.57
CA LEU B 60 76.83 9.32 2.32
C LEU B 60 75.61 8.84 1.57
N HIS B 61 74.53 8.48 2.28
CA HIS B 61 73.29 8.04 1.65
C HIS B 61 72.13 8.45 2.54
N GLU B 62 70.96 7.87 2.29
CA GLU B 62 69.72 8.32 2.93
C GLU B 62 69.27 7.44 4.07
N PHE B 63 69.86 6.24 4.24
CA PHE B 63 69.38 5.34 5.28
C PHE B 63 69.56 5.94 6.66
N THR B 64 70.69 6.59 6.91
CA THR B 64 70.99 7.13 8.23
C THR B 64 70.49 8.56 8.34
N THR B 65 70.87 9.26 9.41
CA THR B 65 70.52 10.64 9.64
C THR B 65 71.78 11.46 9.83
N VAL B 66 71.69 12.75 9.54
CA VAL B 66 72.88 13.62 9.60
C VAL B 66 73.36 13.70 11.04
N PRO B 67 74.67 13.61 11.30
CA PRO B 67 75.14 13.68 12.68
C PRO B 67 74.85 15.04 13.30
N GLY B 68 74.61 15.02 14.62
CA GLY B 68 74.49 16.25 15.37
C GLY B 68 73.22 17.05 15.10
N VAL B 69 72.17 16.41 14.61
CA VAL B 69 70.90 17.09 14.35
C VAL B 69 69.77 16.22 14.87
N LYS B 70 68.82 16.85 15.57
CA LYS B 70 67.71 16.10 16.14
C LYS B 70 66.85 15.46 15.06
N GLU B 71 66.59 16.19 13.99
CA GLU B 71 65.67 15.70 12.97
C GLU B 71 66.31 14.62 12.12
N ASP B 72 65.47 13.89 11.39
CA ASP B 72 65.89 12.82 10.50
C ASP B 72 65.95 13.33 9.06
N VAL B 73 66.63 12.56 8.21
CA VAL B 73 66.80 12.98 6.82
C VAL B 73 65.45 13.17 6.15
N THR B 74 64.53 12.23 6.35
CA THR B 74 63.21 12.35 5.75
C THR B 74 62.48 13.58 6.27
N GLU B 75 62.59 13.86 7.57
CA GLU B 75 61.98 15.05 8.13
C GLU B 75 62.60 16.31 7.53
N ILE B 76 63.91 16.31 7.33
CA ILE B 76 64.57 17.46 6.70
C ILE B 76 64.03 17.67 5.30
N ILE B 77 63.90 16.57 4.53
CA ILE B 77 63.40 16.68 3.17
C ILE B 77 61.97 17.24 3.17
N LEU B 78 61.12 16.72 4.05
CA LEU B 78 59.75 17.19 4.11
C LEU B 78 59.69 18.68 4.46
N ASN B 79 60.47 19.09 5.46
CA ASN B 79 60.47 20.48 5.88
C ASN B 79 60.96 21.39 4.76
N LEU B 80 62.01 20.97 4.05
CA LEU B 80 62.57 21.80 2.99
C LEU B 80 61.74 21.78 1.72
N LYS B 81 60.84 20.80 1.57
CA LYS B 81 60.01 20.74 0.38
C LYS B 81 58.93 21.82 0.43
N SER B 82 58.32 22.04 1.59
CA SER B 82 57.24 23.00 1.72
C SER B 82 57.69 24.45 1.59
N LEU B 83 59.00 24.70 1.57
CA LEU B 83 59.49 26.07 1.47
C LEU B 83 59.01 26.72 0.18
N VAL B 84 58.58 27.98 0.28
CA VAL B 84 58.05 28.71 -0.87
C VAL B 84 59.17 29.56 -1.45
N VAL B 85 59.57 29.24 -2.68
CA VAL B 85 60.67 29.92 -3.36
C VAL B 85 60.15 30.46 -4.68
N SER B 86 60.41 31.73 -4.94
CA SER B 86 60.05 32.38 -6.19
C SER B 86 61.31 32.75 -6.95
N SER B 87 61.38 32.39 -8.22
CA SER B 87 62.54 32.62 -9.05
C SER B 87 62.14 33.36 -10.32
N GLU B 88 63.05 34.22 -10.80
CA GLU B 88 62.84 34.95 -12.04
C GLU B 88 63.89 34.61 -13.10
N GLU B 89 64.77 33.65 -12.83
CA GLU B 89 65.81 33.24 -13.77
C GLU B 89 65.53 31.81 -14.20
N ASP B 90 65.63 31.56 -15.51
CA ASP B 90 65.27 30.24 -16.04
C ASP B 90 66.26 29.17 -15.61
N GLU B 91 67.55 29.46 -15.70
CA GLU B 91 68.56 28.46 -15.43
C GLU B 91 68.49 28.02 -13.96
N PRO B 92 68.81 26.75 -13.67
CA PRO B 92 68.79 26.29 -12.27
C PRO B 92 69.95 26.84 -11.46
N VAL B 93 69.64 27.67 -10.47
CA VAL B 93 70.66 28.28 -9.63
C VAL B 93 70.76 27.49 -8.33
N THR B 94 71.86 27.71 -7.62
CA THR B 94 72.15 27.00 -6.38
C THR B 94 71.84 27.88 -5.17
N MET B 95 71.85 27.25 -4.00
CA MET B 95 71.58 27.94 -2.75
C MET B 95 72.22 27.14 -1.61
N TYR B 96 72.74 27.86 -0.61
CA TYR B 96 73.49 27.24 0.47
C TYR B 96 72.89 27.62 1.82
N LEU B 97 72.89 26.64 2.73
CA LEU B 97 72.48 26.85 4.12
C LEU B 97 73.59 26.33 5.01
N ARG B 98 74.08 27.17 5.91
CA ARG B 98 75.16 26.79 6.81
C ARG B 98 74.94 27.43 8.17
N LYS B 99 75.22 26.66 9.22
CA LYS B 99 75.14 27.16 10.59
C LYS B 99 76.07 26.33 11.46
N GLN B 100 76.37 26.87 12.65
CA GLN B 100 77.25 26.19 13.59
C GLN B 100 76.74 26.44 15.01
N GLY B 101 77.04 25.51 15.90
CA GLY B 101 76.66 25.63 17.29
C GLY B 101 75.21 25.29 17.53
N PRO B 102 74.82 25.17 18.80
CA PRO B 102 73.42 24.84 19.11
C PRO B 102 72.49 25.98 18.73
N GLY B 103 71.26 25.61 18.42
CA GLY B 103 70.23 26.56 18.03
C GLY B 103 69.33 25.96 16.97
N GLU B 104 68.57 26.82 16.33
CA GLU B 104 67.63 26.44 15.28
C GLU B 104 68.05 27.04 13.95
N VAL B 105 67.36 26.61 12.89
CA VAL B 105 67.60 27.09 11.54
C VAL B 105 66.27 27.53 10.94
N THR B 106 66.27 28.67 10.27
CA THR B 106 65.09 29.21 9.62
C THR B 106 65.39 29.49 8.15
N ALA B 107 64.34 29.41 7.33
CA ALA B 107 64.51 29.62 5.90
C ALA B 107 65.14 30.98 5.62
N GLY B 108 64.78 32.00 6.40
CA GLY B 108 65.33 33.32 6.19
C GLY B 108 66.84 33.39 6.32
N ASP B 109 67.44 32.41 6.99
CA ASP B 109 68.89 32.39 7.17
C ASP B 109 69.64 31.85 5.96
N ILE B 110 68.92 31.30 4.98
CA ILE B 110 69.57 30.81 3.76
C ILE B 110 69.94 32.00 2.89
N VAL B 111 71.20 32.05 2.45
CA VAL B 111 71.68 33.16 1.64
C VAL B 111 71.13 33.00 0.22
N PRO B 112 70.34 33.96 -0.27
CA PRO B 112 69.83 33.84 -1.63
C PRO B 112 70.75 34.53 -2.63
N PRO B 113 71.01 33.89 -3.78
CA PRO B 113 71.72 34.62 -4.85
C PRO B 113 70.80 35.62 -5.53
N ALA B 114 71.29 36.27 -6.58
CA ALA B 114 70.49 37.28 -7.26
C ALA B 114 69.23 36.65 -7.85
N GLY B 115 68.12 37.38 -7.75
CA GLY B 115 66.87 36.95 -8.34
C GLY B 115 65.98 36.16 -7.40
N VAL B 116 66.43 34.98 -6.98
CA VAL B 116 65.60 34.10 -6.18
C VAL B 116 65.29 34.75 -4.83
N THR B 117 64.09 34.46 -4.31
CA THR B 117 63.66 34.98 -3.03
C THR B 117 62.84 33.92 -2.30
N VAL B 118 62.80 34.04 -0.98
CA VAL B 118 62.00 33.16 -0.13
C VAL B 118 60.94 34.02 0.54
N HIS B 119 59.68 33.61 0.41
CA HIS B 119 58.55 34.40 0.87
C HIS B 119 58.11 34.07 2.29
N ASN B 120 58.82 33.19 2.99
CA ASN B 120 58.52 32.85 4.37
C ASN B 120 59.84 32.69 5.12
N PRO B 121 60.30 33.74 5.81
CA PRO B 121 61.58 33.63 6.53
C PRO B 121 61.46 32.98 7.89
N GLY B 122 60.30 33.04 8.53
CA GLY B 122 60.13 32.48 9.86
C GLY B 122 59.89 30.99 9.91
N MET B 123 59.83 30.32 8.76
CA MET B 123 59.55 28.89 8.74
C MET B 123 60.68 28.12 9.41
N HIS B 124 60.31 27.09 10.16
CA HIS B 124 61.28 26.21 10.81
C HIS B 124 61.70 25.10 9.86
N ILE B 125 62.95 24.65 10.01
CA ILE B 125 63.48 23.56 9.21
C ILE B 125 63.89 22.42 10.14
N ALA B 126 64.80 22.71 11.07
CA ALA B 126 65.30 21.71 12.00
C ALA B 126 65.94 22.43 13.18
N THR B 127 66.54 21.66 14.07
CA THR B 127 67.23 22.18 15.23
C THR B 127 68.55 21.43 15.41
N LEU B 128 69.57 22.15 15.87
CA LEU B 128 70.91 21.60 16.06
C LEU B 128 71.24 21.53 17.54
N ASN B 129 71.95 20.47 17.93
CA ASN B 129 72.48 20.35 19.28
C ASN B 129 73.83 21.08 19.33
N ASP B 130 74.55 20.92 20.44
CA ASP B 130 75.84 21.57 20.57
C ASP B 130 76.85 20.96 19.60
N LYS B 131 77.70 21.80 19.04
CA LYS B 131 78.72 21.38 18.08
C LYS B 131 78.08 20.63 16.90
N GLY B 132 77.04 21.25 16.33
CA GLY B 132 76.35 20.69 15.19
C GLY B 132 76.63 21.51 13.94
N LYS B 133 76.57 20.83 12.79
CA LYS B 133 76.84 21.47 11.52
C LYS B 133 76.15 20.70 10.41
N LEU B 134 75.65 21.42 9.40
CA LEU B 134 75.08 20.79 8.22
C LEU B 134 75.17 21.78 7.07
N GLU B 135 75.67 21.31 5.93
CA GLU B 135 75.80 22.10 4.72
C GLU B 135 74.94 21.46 3.63
N VAL B 136 74.14 22.28 2.96
CA VAL B 136 73.24 21.82 1.91
C VAL B 136 73.40 22.70 0.69
N GLU B 137 73.31 22.09 -0.49
CA GLU B 137 73.41 22.79 -1.77
C GLU B 137 72.21 22.37 -2.61
N LEU B 138 71.09 23.08 -2.44
CA LEU B 138 69.85 22.75 -3.13
C LEU B 138 69.69 23.61 -4.37
N VAL B 139 69.24 22.98 -5.46
CA VAL B 139 69.02 23.66 -6.72
C VAL B 139 67.55 23.98 -6.86
N VAL B 140 67.24 25.09 -7.53
CA VAL B 140 65.89 25.58 -7.70
C VAL B 140 65.63 25.78 -9.19
N GLU B 141 64.44 25.38 -9.64
CA GLU B 141 64.08 25.44 -11.05
C GLU B 141 62.64 25.93 -11.19
N ARG B 142 62.34 26.54 -12.33
CA ARG B 142 61.02 27.04 -12.62
C ARG B 142 60.28 26.07 -13.52
N GLY B 143 59.00 25.87 -13.24
CA GLY B 143 58.19 24.94 -14.01
C GLY B 143 56.71 25.19 -13.79
N ARG B 144 55.91 24.21 -14.21
CA ARG B 144 54.47 24.27 -14.07
C ARG B 144 53.95 22.94 -13.55
N GLY B 145 52.93 23.01 -12.70
CA GLY B 145 52.28 21.80 -12.23
C GLY B 145 53.11 21.03 -11.22
N TYR B 146 52.80 19.74 -11.11
CA TYR B 146 53.48 18.83 -10.20
C TYR B 146 54.29 17.83 -11.00
N VAL B 147 55.52 17.57 -10.57
CA VAL B 147 56.39 16.60 -11.24
C VAL B 147 57.08 15.76 -10.18
N PRO B 148 56.91 14.43 -10.18
CA PRO B 148 57.54 13.62 -9.14
C PRO B 148 59.03 13.42 -9.39
N ALA B 149 59.72 13.06 -8.31
CA ALA B 149 61.17 12.82 -8.40
C ALA B 149 61.51 11.66 -9.30
N VAL B 150 60.58 10.72 -9.51
CA VAL B 150 60.86 9.58 -10.39
C VAL B 150 61.20 10.08 -11.79
N GLN B 151 60.53 11.13 -12.25
CA GLN B 151 60.85 11.74 -13.54
C GLN B 151 62.21 12.43 -13.53
N ASN B 152 62.82 12.61 -12.35
CA ASN B 152 64.16 13.19 -12.21
C ASN B 152 65.17 12.16 -11.70
N ARG B 153 64.91 10.87 -11.90
CA ARG B 153 65.77 9.84 -11.34
C ARG B 153 67.12 9.83 -12.04
N ALA B 154 67.13 9.57 -13.35
CA ALA B 154 68.37 9.52 -14.11
C ALA B 154 68.91 10.94 -14.26
N SER B 155 69.91 11.28 -13.47
CA SER B 155 70.48 12.64 -13.47
C SER B 155 71.97 12.52 -13.24
N GLY B 156 72.74 12.47 -14.32
CA GLY B 156 74.19 12.46 -14.24
C GLY B 156 74.71 11.43 -13.26
N ALA B 157 75.84 11.76 -12.63
CA ALA B 157 76.47 10.90 -11.64
C ALA B 157 77.03 11.78 -10.54
N GLU B 158 76.58 11.55 -9.30
CA GLU B 158 77.01 12.34 -8.16
C GLU B 158 77.13 11.42 -6.95
N ILE B 159 77.50 12.02 -5.81
CA ILE B 159 77.74 11.26 -4.59
C ILE B 159 76.44 11.09 -3.82
N GLY B 160 75.84 12.22 -3.43
CA GLY B 160 74.65 12.17 -2.59
C GLY B 160 73.47 12.92 -3.15
N ARG B 161 73.29 12.86 -4.47
CA ARG B 161 72.13 13.50 -5.09
C ARG B 161 70.86 12.76 -4.68
N ILE B 162 69.94 13.48 -4.05
CA ILE B 162 68.71 12.91 -3.53
C ILE B 162 67.52 13.70 -4.07
N PRO B 163 67.04 13.40 -5.28
CA PRO B 163 65.94 14.19 -5.85
C PRO B 163 64.71 14.12 -4.96
N VAL B 164 63.97 15.23 -4.92
CA VAL B 164 62.77 15.38 -4.11
C VAL B 164 61.62 15.80 -5.01
N ASP B 165 60.44 15.25 -4.74
CA ASP B 165 59.25 15.60 -5.52
C ASP B 165 58.95 17.09 -5.38
N SER B 166 59.10 17.83 -6.47
CA SER B 166 58.89 19.26 -6.44
C SER B 166 57.40 19.59 -6.61
N ILE B 167 57.07 20.86 -6.38
CA ILE B 167 55.72 21.37 -6.60
C ILE B 167 55.87 22.66 -7.40
N TYR B 168 55.77 22.55 -8.73
CA TYR B 168 55.90 23.71 -9.61
C TYR B 168 54.52 24.34 -9.81
N SER B 169 54.06 25.01 -8.76
CA SER B 169 52.77 25.69 -8.81
C SER B 169 52.59 26.56 -7.58
N PRO B 170 52.00 27.76 -7.71
CA PRO B 170 51.76 28.58 -6.51
C PRO B 170 50.45 28.21 -5.82
N VAL B 171 49.60 27.47 -6.50
CA VAL B 171 48.33 27.01 -5.95
C VAL B 171 48.43 25.50 -5.70
N LEU B 172 47.76 25.05 -4.64
CA LEU B 172 47.88 23.66 -4.21
C LEU B 172 46.55 22.98 -3.89
N LYS B 173 45.45 23.72 -3.82
CA LYS B 173 44.14 23.12 -3.55
C LYS B 173 43.06 23.86 -4.32
N VAL B 174 42.15 23.09 -4.92
CA VAL B 174 40.99 23.64 -5.63
C VAL B 174 39.82 22.69 -5.45
N THR B 175 38.63 23.26 -5.27
CA THR B 175 37.42 22.46 -5.12
C THR B 175 36.24 23.30 -5.57
N TYR B 176 35.24 22.64 -6.16
CA TYR B 176 34.11 23.35 -6.73
C TYR B 176 32.87 22.47 -6.68
N LYS B 177 31.71 23.13 -6.80
CA LYS B 177 30.43 22.45 -6.85
C LYS B 177 29.56 23.08 -7.94
N VAL B 178 28.28 22.71 -7.97
CA VAL B 178 27.31 23.37 -8.84
C VAL B 178 25.99 23.44 -8.09
N ASP B 179 25.30 24.57 -8.21
CA ASP B 179 24.04 24.81 -7.54
C ASP B 179 23.00 25.28 -8.54
N ALA B 180 21.76 24.88 -8.31
CA ALA B 180 20.66 25.28 -9.16
C ALA B 180 20.28 26.74 -8.89
N THR B 181 19.70 27.38 -9.91
CA THR B 181 19.28 28.76 -9.79
C THR B 181 18.05 28.97 -10.66
N ARG B 182 17.30 30.02 -10.36
CA ARG B 182 16.06 30.34 -11.06
C ARG B 182 16.17 31.73 -11.64
N VAL B 183 16.48 31.81 -12.94
CA VAL B 183 16.41 33.07 -13.66
C VAL B 183 15.05 33.26 -14.34
N GLU B 184 14.33 32.19 -14.60
CA GLU B 184 12.99 32.23 -15.19
C GLU B 184 12.30 30.92 -14.85
N GLN B 185 11.22 30.62 -15.56
CA GLN B 185 10.50 29.37 -15.33
C GLN B 185 11.39 28.15 -15.55
N ARG B 186 12.58 28.31 -16.13
CA ARG B 186 13.47 27.17 -16.31
C ARG B 186 13.91 26.59 -14.98
N THR B 187 14.31 27.45 -14.05
CA THR B 187 14.80 27.06 -12.72
C THR B 187 15.68 25.82 -12.79
N ASP B 188 16.68 25.86 -13.66
CA ASP B 188 17.73 24.85 -13.69
C ASP B 188 19.11 25.43 -13.95
N PHE B 189 19.24 26.76 -14.05
CA PHE B 189 20.53 27.36 -14.37
C PHE B 189 21.54 27.06 -13.25
N ASP B 190 22.78 26.83 -13.66
CA ASP B 190 23.83 26.42 -12.75
C ASP B 190 24.54 27.63 -12.14
N LYS B 191 25.01 27.46 -10.91
CA LYS B 191 25.73 28.51 -10.18
C LYS B 191 27.04 27.91 -9.68
N LEU B 192 28.11 28.10 -10.44
CA LEU B 192 29.41 27.57 -10.07
C LEU B 192 29.88 28.21 -8.75
N ILE B 193 30.53 27.41 -7.92
CA ILE B 193 31.10 27.88 -6.66
C ILE B 193 32.52 27.33 -6.58
N LEU B 194 33.49 28.15 -6.96
CA LEU B 194 34.88 27.75 -6.94
C LEU B 194 35.49 28.04 -5.57
N ASP B 195 36.57 27.34 -5.26
CA ASP B 195 37.26 27.50 -3.98
C ASP B 195 38.74 27.19 -4.19
N VAL B 196 39.59 28.19 -3.94
CA VAL B 196 41.02 28.07 -4.18
C VAL B 196 41.76 28.50 -2.91
N GLU B 197 42.95 27.91 -2.72
CA GLU B 197 43.79 28.21 -1.55
C GLU B 197 45.24 28.12 -2.01
N THR B 198 45.83 29.26 -2.32
CA THR B 198 47.15 29.32 -2.92
C THR B 198 48.23 29.47 -1.85
N LYS B 199 49.48 29.45 -2.31
CA LYS B 199 50.62 29.71 -1.45
C LYS B 199 50.73 31.21 -1.21
N ASN B 200 51.82 31.63 -0.57
CA ASN B 200 52.05 33.06 -0.31
C ASN B 200 52.61 33.80 -1.51
N SER B 201 52.97 33.09 -2.58
CA SER B 201 53.61 33.70 -3.73
C SER B 201 52.64 34.27 -4.75
N ILE B 202 51.32 34.14 -4.53
CA ILE B 202 50.33 34.65 -5.47
C ILE B 202 49.03 34.84 -4.72
N SER B 203 48.18 35.73 -5.24
CA SER B 203 46.86 35.93 -4.66
C SER B 203 45.80 35.18 -5.47
N PRO B 204 44.77 34.64 -4.83
CA PRO B 204 43.80 33.83 -5.59
C PRO B 204 43.18 34.58 -6.76
N ARG B 205 42.81 35.84 -6.56
CA ARG B 205 42.21 36.61 -7.64
C ARG B 205 43.16 36.82 -8.81
N ASP B 206 44.48 36.71 -8.57
CA ASP B 206 45.45 36.82 -9.66
C ASP B 206 45.72 35.47 -10.30
N ALA B 207 45.74 34.39 -9.51
CA ALA B 207 45.89 33.06 -10.07
C ALA B 207 44.73 32.72 -10.99
N LEU B 208 43.51 33.04 -10.57
CA LEU B 208 42.35 32.78 -11.42
C LEU B 208 42.42 33.60 -12.69
N ALA B 209 42.86 34.86 -12.59
CA ALA B 209 43.01 35.69 -13.77
C ALA B 209 44.01 35.10 -14.74
N SER B 210 45.15 34.62 -14.23
CA SER B 210 46.14 34.02 -15.11
C SER B 210 45.61 32.75 -15.76
N ALA B 211 44.88 31.93 -15.00
CA ALA B 211 44.30 30.73 -15.57
C ALA B 211 43.31 31.07 -16.68
N GLY B 212 42.47 32.09 -16.47
CA GLY B 212 41.56 32.52 -17.51
C GLY B 212 42.29 33.03 -18.73
N LYS B 213 43.35 33.81 -18.52
CA LYS B 213 44.19 34.26 -19.63
C LYS B 213 44.66 33.08 -20.46
N THR B 214 45.24 32.07 -19.80
CA THR B 214 45.77 30.92 -20.52
C THR B 214 44.67 30.18 -21.27
N LEU B 215 43.53 29.97 -20.62
CA LEU B 215 42.46 29.20 -21.26
C LEU B 215 41.88 29.94 -22.46
N VAL B 216 41.69 31.25 -22.34
CA VAL B 216 41.21 32.05 -23.46
C VAL B 216 42.22 32.02 -24.60
N GLU B 217 43.51 32.15 -24.28
CA GLU B 217 44.52 32.06 -25.33
C GLU B 217 44.47 30.70 -26.02
N LEU B 218 44.19 29.64 -25.25
CA LEU B 218 44.12 28.31 -25.84
C LEU B 218 42.93 28.21 -26.80
N PHE B 219 41.75 28.62 -26.36
CA PHE B 219 40.57 28.55 -27.22
C PHE B 219 40.61 29.57 -28.36
N GLY B 220 41.55 30.52 -28.32
CA GLY B 220 41.76 31.36 -29.47
C GLY B 220 42.08 30.58 -30.72
N LEU B 221 42.75 29.43 -30.58
CA LEU B 221 43.00 28.57 -31.72
C LEU B 221 41.69 28.06 -32.32
N ALA B 222 40.79 27.57 -31.46
CA ALA B 222 39.51 27.08 -31.95
C ALA B 222 38.72 28.19 -32.63
N ARG B 223 38.72 29.38 -32.04
CA ARG B 223 37.96 30.48 -32.63
C ARG B 223 38.57 30.93 -33.96
N GLU B 224 39.90 30.95 -34.05
CA GLU B 224 40.58 31.56 -35.19
C GLU B 224 40.39 30.78 -36.49
N LEU B 225 39.96 29.52 -36.42
CA LEU B 225 39.84 28.72 -37.63
C LEU B 225 38.88 29.37 -38.62
N ASN B 226 37.86 30.07 -38.13
CA ASN B 226 36.90 30.75 -38.99
C ASN B 226 36.44 31.99 -38.24
N VAL B 227 35.37 32.62 -38.72
CA VAL B 227 34.77 33.78 -38.07
C VAL B 227 33.29 33.51 -37.85
N GLU B 228 32.85 33.63 -36.61
CA GLU B 228 31.45 33.46 -36.23
C GLU B 228 31.30 33.92 -34.80
N ALA B 229 30.17 34.54 -34.49
CA ALA B 229 29.95 35.17 -33.20
C ALA B 229 28.89 34.42 -32.41
N GLU B 230 28.77 34.79 -31.14
CA GLU B 230 27.76 34.25 -30.24
C GLU B 230 27.41 35.34 -29.23
N GLY B 231 26.79 34.95 -28.12
CA GLY B 231 26.35 35.90 -27.12
C GLY B 231 27.50 36.44 -26.28
N ILE B 232 27.13 37.24 -25.30
CA ILE B 232 28.10 37.85 -24.40
C ILE B 232 28.74 36.77 -23.54
N ASN C 25 9.73 -23.51 -40.91
CA ASN C 25 8.55 -24.07 -40.25
C ASN C 25 7.60 -22.96 -39.79
N ASN C 26 7.67 -21.81 -40.45
CA ASN C 26 6.76 -20.70 -40.14
C ASN C 26 5.38 -21.02 -40.69
N SER C 27 4.46 -21.42 -39.80
CA SER C 27 3.15 -21.86 -40.24
C SER C 27 2.42 -20.75 -40.98
N VAL C 28 2.43 -19.55 -40.43
CA VAL C 28 1.80 -18.40 -41.09
C VAL C 28 2.58 -18.09 -42.35
N PRO C 29 1.96 -17.50 -43.38
CA PRO C 29 2.64 -17.40 -44.69
C PRO C 29 3.88 -16.52 -44.69
N GLY C 30 3.74 -15.27 -44.22
CA GLY C 30 4.80 -14.29 -44.39
C GLY C 30 5.31 -13.66 -43.12
N ALA C 31 5.45 -14.47 -42.06
CA ALA C 31 6.00 -13.94 -40.83
C ALA C 31 7.48 -13.60 -41.00
N PRO C 32 8.01 -12.69 -40.18
CA PRO C 32 9.43 -12.37 -40.28
C PRO C 32 10.30 -13.56 -39.91
N ASN C 33 11.47 -13.62 -40.53
CA ASN C 33 12.40 -14.72 -40.31
C ASN C 33 13.29 -14.41 -39.13
N ARG C 34 13.24 -15.27 -38.10
CA ARG C 34 14.09 -15.13 -36.92
C ARG C 34 14.52 -16.53 -36.48
N VAL C 35 15.71 -16.94 -36.93
CA VAL C 35 16.23 -18.24 -36.53
C VAL C 35 16.27 -18.33 -35.01
N SER C 36 16.11 -19.54 -34.49
CA SER C 36 15.96 -19.78 -33.06
C SER C 36 16.97 -20.82 -32.60
N PHE C 37 17.31 -20.76 -31.30
CA PHE C 37 18.19 -21.75 -30.67
C PHE C 37 17.39 -23.02 -30.42
N ALA C 38 16.98 -23.65 -31.51
CA ALA C 38 16.16 -24.85 -31.46
C ALA C 38 17.03 -26.08 -31.29
N LYS C 39 16.63 -26.96 -30.37
CA LYS C 39 17.30 -28.25 -30.17
C LYS C 39 16.34 -29.42 -30.23
N LEU C 40 15.08 -29.25 -29.85
CA LEU C 40 14.08 -30.30 -29.91
C LEU C 40 12.88 -29.82 -30.70
N ARG C 41 12.24 -30.74 -31.42
CA ARG C 41 11.11 -30.43 -32.27
C ARG C 41 9.81 -30.82 -31.58
N GLU C 42 8.84 -29.90 -31.60
CA GLU C 42 7.51 -30.16 -31.05
C GLU C 42 6.64 -30.78 -32.13
N PRO C 43 6.03 -31.94 -31.90
CA PRO C 43 5.31 -32.63 -32.98
C PRO C 43 3.92 -32.09 -33.27
N LEU C 44 3.48 -31.02 -32.60
CA LEU C 44 2.18 -30.43 -32.87
C LEU C 44 2.26 -28.93 -32.67
N GLU C 45 1.58 -28.19 -33.54
CA GLU C 45 1.53 -26.75 -33.40
C GLU C 45 0.66 -26.36 -32.21
N VAL C 46 0.88 -25.15 -31.70
CA VAL C 46 0.05 -24.68 -30.59
C VAL C 46 -1.40 -24.61 -31.05
N PRO C 47 -2.34 -25.22 -30.34
CA PRO C 47 -3.75 -25.14 -30.77
C PRO C 47 -4.28 -23.72 -30.67
N GLY C 48 -5.31 -23.45 -31.47
CA GLY C 48 -5.93 -22.13 -31.47
C GLY C 48 -6.12 -21.60 -30.07
N LEU C 49 -5.45 -20.49 -29.76
CA LEU C 49 -5.41 -19.99 -28.39
C LEU C 49 -6.78 -19.57 -27.87
N LEU C 50 -7.75 -19.32 -28.75
CA LEU C 50 -9.09 -18.95 -28.34
C LEU C 50 -10.12 -20.04 -28.59
N ASP C 51 -9.70 -21.21 -29.09
CA ASP C 51 -10.65 -22.29 -29.33
C ASP C 51 -11.40 -22.66 -28.05
N VAL C 52 -10.75 -22.53 -26.90
CA VAL C 52 -11.41 -22.86 -25.63
C VAL C 52 -12.61 -21.97 -25.41
N GLN C 53 -12.47 -20.66 -25.68
CA GLN C 53 -13.56 -19.74 -25.42
C GLN C 53 -14.71 -19.94 -26.39
N THR C 54 -14.41 -20.25 -27.65
CA THR C 54 -15.45 -20.33 -28.67
C THR C 54 -16.15 -21.68 -28.72
N ASP C 55 -15.46 -22.76 -28.33
CA ASP C 55 -16.07 -24.09 -28.42
C ASP C 55 -17.29 -24.19 -27.51
N SER C 56 -17.22 -23.58 -26.32
CA SER C 56 -18.34 -23.65 -25.40
C SER C 56 -19.60 -23.07 -26.02
N PHE C 57 -19.51 -21.85 -26.55
CA PHE C 57 -20.68 -21.22 -27.16
C PHE C 57 -21.13 -21.99 -28.40
N GLU C 58 -20.18 -22.48 -29.20
CA GLU C 58 -20.54 -23.25 -30.38
C GLU C 58 -21.36 -24.47 -29.99
N TRP C 59 -20.95 -25.17 -28.93
CA TRP C 59 -21.75 -26.28 -28.42
C TRP C 59 -23.10 -25.80 -27.92
N LEU C 60 -23.13 -24.67 -27.21
CA LEU C 60 -24.37 -24.20 -26.61
C LEU C 60 -25.43 -23.94 -27.67
N ILE C 61 -25.10 -23.13 -28.68
CA ILE C 61 -26.10 -22.82 -29.70
C ILE C 61 -26.36 -24.03 -30.59
N GLY C 62 -25.30 -24.73 -31.00
CA GLY C 62 -25.45 -25.89 -31.85
C GLY C 62 -25.29 -25.54 -33.31
N SER C 63 -24.16 -25.92 -33.91
CA SER C 63 -23.87 -25.63 -35.30
C SER C 63 -23.27 -26.87 -35.94
N PRO C 64 -23.34 -26.97 -37.27
CA PRO C 64 -22.81 -28.18 -37.93
C PRO C 64 -21.35 -28.46 -37.60
N ARG C 65 -20.53 -27.41 -37.46
CA ARG C 65 -19.12 -27.63 -37.16
C ARG C 65 -18.94 -28.34 -35.82
N TRP C 66 -19.68 -27.90 -34.80
CA TRP C 66 -19.60 -28.57 -33.50
C TRP C 66 -20.07 -30.01 -33.60
N ARG C 67 -21.12 -30.25 -34.37
CA ARG C 67 -21.62 -31.62 -34.52
C ARG C 67 -20.57 -32.51 -35.17
N GLU C 68 -19.91 -32.00 -36.22
CA GLU C 68 -18.86 -32.78 -36.87
C GLU C 68 -17.70 -33.04 -35.91
N SER C 69 -17.31 -32.04 -35.14
CA SER C 69 -16.23 -32.24 -34.18
C SER C 69 -16.60 -33.28 -33.13
N ALA C 70 -17.83 -33.22 -32.62
CA ALA C 70 -18.26 -34.20 -31.63
C ALA C 70 -18.31 -35.60 -32.22
N ALA C 71 -18.78 -35.73 -33.46
CA ALA C 71 -18.77 -37.04 -34.12
C ALA C 71 -17.35 -37.55 -34.27
N GLU C 72 -16.42 -36.67 -34.64
CA GLU C 72 -15.02 -37.08 -34.75
C GLU C 72 -14.50 -37.57 -33.41
N ARG C 73 -14.82 -36.86 -32.32
CA ARG C 73 -14.35 -37.27 -31.00
C ARG C 73 -14.93 -38.61 -30.57
N GLY C 74 -16.05 -39.03 -31.18
CA GLY C 74 -16.60 -40.35 -30.94
C GLY C 74 -17.78 -40.40 -29.99
N ASP C 75 -18.27 -39.26 -29.50
CA ASP C 75 -19.45 -39.28 -28.64
C ASP C 75 -20.65 -39.77 -29.43
N VAL C 76 -21.39 -40.71 -28.84
CA VAL C 76 -22.49 -41.37 -29.56
C VAL C 76 -23.65 -40.39 -29.78
N ASN C 77 -23.98 -39.60 -28.77
CA ASN C 77 -25.17 -38.75 -28.82
C ASN C 77 -24.79 -37.30 -29.04
N PRO C 78 -25.02 -36.74 -30.24
CA PRO C 78 -24.81 -35.30 -30.44
C PRO C 78 -26.01 -34.51 -29.94
N VAL C 79 -25.80 -33.73 -28.88
CA VAL C 79 -26.86 -32.99 -28.22
C VAL C 79 -26.40 -31.55 -28.03
N GLY C 80 -27.23 -30.60 -28.44
CA GLY C 80 -26.96 -29.20 -28.26
C GLY C 80 -27.27 -28.72 -26.85
N GLY C 81 -27.04 -27.43 -26.64
CA GLY C 81 -27.30 -26.83 -25.34
C GLY C 81 -28.74 -26.36 -25.19
N LEU C 82 -29.19 -25.50 -26.11
CA LEU C 82 -30.57 -25.05 -26.08
C LEU C 82 -31.52 -26.23 -26.21
N GLU C 83 -31.23 -27.14 -27.15
CA GLU C 83 -32.09 -28.30 -27.34
C GLU C 83 -32.16 -29.13 -26.06
N GLU C 84 -31.01 -29.36 -25.41
CA GLU C 84 -31.01 -30.14 -24.19
C GLU C 84 -31.84 -29.46 -23.10
N VAL C 85 -31.58 -28.17 -22.87
CA VAL C 85 -32.24 -27.48 -21.75
C VAL C 85 -33.75 -27.43 -21.96
N LEU C 86 -34.20 -27.13 -23.18
CA LEU C 86 -35.63 -26.99 -23.43
C LEU C 86 -36.28 -28.29 -23.90
N TYR C 87 -35.54 -29.39 -23.94
CA TYR C 87 -36.11 -30.72 -24.13
C TYR C 87 -36.25 -31.47 -22.82
N GLU C 88 -35.30 -31.32 -21.90
CA GLU C 88 -35.46 -31.88 -20.57
C GLU C 88 -36.64 -31.25 -19.84
N LEU C 89 -37.07 -30.05 -20.27
CA LEU C 89 -38.22 -29.40 -19.66
C LEU C 89 -39.52 -30.02 -20.14
N SER C 90 -39.73 -30.02 -21.45
CA SER C 90 -40.94 -30.60 -22.02
C SER C 90 -40.94 -32.11 -21.82
N PRO C 91 -42.13 -32.74 -21.86
CA PRO C 91 -43.45 -32.14 -22.03
C PRO C 91 -44.10 -31.70 -20.73
N ILE C 92 -44.42 -30.41 -20.62
CA ILE C 92 -45.13 -29.91 -19.44
C ILE C 92 -46.59 -30.34 -19.53
N GLU C 93 -47.24 -30.42 -18.38
CA GLU C 93 -48.63 -30.88 -18.33
C GLU C 93 -49.27 -30.40 -17.03
N ASP C 94 -50.60 -30.43 -17.02
CA ASP C 94 -51.37 -30.15 -15.82
C ASP C 94 -51.59 -31.44 -15.04
N PHE C 95 -51.82 -31.29 -13.73
CA PHE C 95 -52.00 -32.46 -12.88
C PHE C 95 -53.20 -33.30 -13.29
N SER C 96 -54.21 -32.70 -13.92
CA SER C 96 -55.38 -33.45 -14.35
C SER C 96 -55.09 -34.36 -15.54
N GLY C 97 -53.94 -34.19 -16.19
CA GLY C 97 -53.60 -35.03 -17.32
C GLY C 97 -54.42 -34.80 -18.57
N SER C 98 -55.25 -33.76 -18.59
CA SER C 98 -56.08 -33.45 -19.75
C SER C 98 -55.39 -32.51 -20.74
N MET C 99 -54.23 -31.96 -20.39
CA MET C 99 -53.54 -31.02 -21.26
C MET C 99 -52.04 -31.27 -21.16
N SER C 100 -51.35 -30.99 -22.26
CA SER C 100 -49.89 -31.14 -22.30
C SER C 100 -49.34 -30.23 -23.39
N LEU C 101 -48.07 -29.85 -23.25
CA LEU C 101 -47.40 -29.02 -24.23
C LEU C 101 -45.99 -29.54 -24.45
N SER C 102 -45.51 -29.39 -25.68
CA SER C 102 -44.15 -29.76 -26.03
C SER C 102 -43.62 -28.75 -27.05
N PHE C 103 -42.31 -28.52 -27.01
CA PHE C 103 -41.67 -27.59 -27.95
C PHE C 103 -40.18 -27.87 -27.97
N SER C 104 -39.64 -28.18 -29.15
CA SER C 104 -38.24 -28.54 -29.30
C SER C 104 -37.74 -27.94 -30.62
N ASP C 105 -36.55 -28.36 -31.02
CA ASP C 105 -35.95 -27.93 -32.29
C ASP C 105 -35.74 -26.42 -32.31
N PRO C 106 -34.87 -25.88 -31.46
CA PRO C 106 -34.57 -24.44 -31.53
C PRO C 106 -33.59 -24.14 -32.65
N ARG C 107 -33.85 -23.04 -33.36
CA ARG C 107 -33.00 -22.61 -34.46
C ARG C 107 -32.86 -21.09 -34.43
N PHE C 108 -31.74 -20.61 -34.96
CA PHE C 108 -31.39 -19.21 -34.95
C PHE C 108 -31.51 -18.61 -36.34
N ASP C 109 -31.33 -17.28 -36.41
CA ASP C 109 -31.46 -16.54 -37.66
C ASP C 109 -30.23 -15.69 -37.90
N ASP C 110 -30.29 -14.80 -38.89
CA ASP C 110 -29.14 -14.00 -39.28
C ASP C 110 -28.94 -12.86 -38.28
N VAL C 111 -28.01 -11.95 -38.59
CA VAL C 111 -27.64 -10.88 -37.69
C VAL C 111 -28.56 -9.69 -37.90
N LYS C 112 -28.61 -8.81 -36.90
CA LYS C 112 -29.35 -7.55 -37.04
C LYS C 112 -28.53 -6.53 -37.83
N ALA C 113 -27.35 -6.20 -37.35
CA ALA C 113 -26.46 -5.26 -38.03
C ALA C 113 -25.03 -5.68 -37.78
N PRO C 114 -24.09 -5.29 -38.65
CA PRO C 114 -22.68 -5.64 -38.44
C PRO C 114 -22.17 -5.16 -37.09
N VAL C 115 -21.01 -5.70 -36.70
CA VAL C 115 -20.48 -5.44 -35.37
C VAL C 115 -20.06 -3.98 -35.23
N ASP C 116 -19.49 -3.40 -36.29
CA ASP C 116 -18.99 -2.03 -36.19
C ASP C 116 -20.10 -1.07 -35.80
N GLU C 117 -21.22 -1.10 -36.52
CA GLU C 117 -22.33 -0.21 -36.20
C GLU C 117 -22.91 -0.54 -34.83
N CYS C 118 -23.04 -1.83 -34.51
CA CYS C 118 -23.58 -2.21 -33.21
C CYS C 118 -22.76 -1.61 -32.07
N LYS C 119 -21.43 -1.60 -32.22
CA LYS C 119 -20.59 -1.00 -31.19
C LYS C 119 -20.65 0.52 -31.22
N ASP C 120 -20.75 1.11 -32.42
CA ASP C 120 -20.77 2.57 -32.52
C ASP C 120 -22.16 3.14 -32.28
N LYS C 121 -23.19 2.44 -32.74
CA LYS C 121 -24.57 2.93 -32.64
C LYS C 121 -25.20 2.68 -31.28
N ASP C 122 -24.47 2.06 -30.35
CA ASP C 122 -24.92 1.76 -28.99
C ASP C 122 -25.83 0.54 -28.94
N MET C 123 -26.09 -0.13 -30.05
CA MET C 123 -26.94 -1.31 -30.07
C MET C 123 -26.18 -2.48 -29.45
N THR C 124 -26.79 -3.67 -29.50
CA THR C 124 -26.21 -4.88 -28.92
C THR C 124 -26.20 -5.96 -29.97
N TYR C 125 -25.01 -6.50 -30.27
CA TYR C 125 -24.89 -7.60 -31.22
C TYR C 125 -25.72 -8.77 -30.74
N ALA C 126 -26.75 -9.15 -31.51
CA ALA C 126 -27.63 -10.23 -31.12
C ALA C 126 -28.20 -10.88 -32.38
N ALA C 127 -29.13 -11.81 -32.17
CA ALA C 127 -29.82 -12.50 -33.26
C ALA C 127 -31.05 -13.17 -32.69
N PRO C 128 -32.12 -13.32 -33.48
CA PRO C 128 -33.33 -13.95 -32.96
C PRO C 128 -33.30 -15.46 -33.06
N LEU C 129 -34.03 -16.10 -32.15
CA LEU C 129 -34.16 -17.56 -32.12
C LEU C 129 -35.63 -17.92 -32.19
N PHE C 130 -35.92 -18.99 -32.92
CA PHE C 130 -37.29 -19.46 -33.12
C PHE C 130 -37.38 -20.92 -32.69
N VAL C 131 -38.39 -21.24 -31.88
CA VAL C 131 -38.63 -22.59 -31.40
C VAL C 131 -40.00 -23.04 -31.89
N THR C 132 -40.05 -24.22 -32.51
CA THR C 132 -41.28 -24.77 -33.04
C THR C 132 -42.01 -25.51 -31.92
N ALA C 133 -43.08 -24.92 -31.42
CA ALA C 133 -43.85 -25.48 -30.33
C ALA C 133 -45.08 -26.20 -30.86
N GLU C 134 -45.37 -27.37 -30.30
CA GLU C 134 -46.55 -28.16 -30.66
C GLU C 134 -47.49 -28.18 -29.47
N PHE C 135 -48.74 -27.78 -29.71
CA PHE C 135 -49.74 -27.62 -28.66
C PHE C 135 -50.76 -28.74 -28.77
N ILE C 136 -50.71 -29.68 -27.83
CA ILE C 136 -51.53 -30.89 -27.85
C ILE C 136 -52.52 -30.83 -26.71
N ASN C 137 -53.77 -31.21 -27.00
CA ASN C 137 -54.82 -31.32 -25.99
C ASN C 137 -55.19 -32.79 -25.86
N ASN C 138 -55.09 -33.33 -24.64
CA ASN C 138 -55.25 -34.76 -24.43
C ASN C 138 -56.66 -35.22 -24.80
N ASN C 139 -57.67 -34.71 -24.09
CA ASN C 139 -59.01 -35.27 -24.21
C ASN C 139 -59.58 -35.10 -25.63
N THR C 140 -59.15 -34.06 -26.35
CA THR C 140 -59.66 -33.83 -27.70
C THR C 140 -58.85 -34.60 -28.74
N GLY C 141 -57.54 -34.36 -28.78
CA GLY C 141 -56.68 -35.02 -29.75
C GLY C 141 -56.29 -34.13 -30.90
N GLU C 142 -55.99 -32.87 -30.62
CA GLU C 142 -55.62 -31.89 -31.62
C GLU C 142 -54.18 -31.46 -31.42
N ILE C 143 -53.59 -30.94 -32.49
CA ILE C 143 -52.21 -30.46 -32.47
C ILE C 143 -52.18 -29.07 -33.08
N LYS C 144 -51.55 -28.12 -32.38
CA LYS C 144 -51.41 -26.74 -32.83
C LYS C 144 -49.91 -26.42 -32.81
N SER C 145 -49.29 -26.42 -33.99
CA SER C 145 -47.84 -26.28 -34.11
C SER C 145 -47.51 -25.13 -35.04
N GLN C 146 -46.70 -24.18 -34.56
CA GLN C 146 -46.18 -23.11 -35.38
C GLN C 146 -44.99 -22.49 -34.67
N THR C 147 -44.19 -21.75 -35.44
CA THR C 147 -43.01 -21.11 -34.89
C THR C 147 -43.39 -20.04 -33.87
N VAL C 148 -42.46 -19.76 -32.96
CA VAL C 148 -42.69 -18.79 -31.90
C VAL C 148 -41.42 -17.97 -31.69
N PHE C 149 -41.58 -16.66 -31.54
CA PHE C 149 -40.46 -15.78 -31.25
C PHE C 149 -40.12 -15.82 -29.76
N MET C 150 -38.83 -15.92 -29.45
CA MET C 150 -38.35 -16.10 -28.09
C MET C 150 -37.22 -15.12 -27.80
N GLY C 151 -37.41 -13.86 -28.16
CA GLY C 151 -36.45 -12.82 -27.83
C GLY C 151 -35.17 -12.93 -28.66
N ASP C 152 -34.22 -12.10 -28.27
CA ASP C 152 -32.91 -12.03 -28.92
C ASP C 152 -31.86 -12.74 -28.08
N PHE C 153 -30.75 -13.09 -28.72
CA PHE C 153 -29.68 -13.85 -28.08
C PHE C 153 -28.37 -13.10 -28.31
N PRO C 154 -27.62 -12.75 -27.26
CA PRO C 154 -26.35 -12.04 -27.47
C PRO C 154 -25.28 -12.92 -28.09
N MET C 155 -25.31 -13.06 -29.42
CA MET C 155 -24.37 -13.91 -30.12
C MET C 155 -22.92 -13.56 -29.78
N MET C 156 -22.01 -14.51 -29.99
CA MET C 156 -20.60 -14.33 -29.71
C MET C 156 -19.86 -14.01 -31.00
N THR C 157 -19.11 -12.90 -31.00
CA THR C 157 -18.33 -12.54 -32.17
C THR C 157 -17.18 -13.54 -32.36
N GLU C 158 -16.49 -13.42 -33.49
CA GLU C 158 -15.44 -14.37 -33.81
C GLU C 158 -14.21 -14.21 -32.91
N LYS C 159 -14.13 -13.15 -32.13
CA LYS C 159 -13.03 -12.94 -31.20
C LYS C 159 -13.43 -13.27 -29.75
N GLY C 160 -14.50 -14.04 -29.56
CA GLY C 160 -14.87 -14.50 -28.24
C GLY C 160 -15.21 -13.41 -27.26
N THR C 161 -16.05 -12.46 -27.68
CA THR C 161 -16.48 -11.37 -26.80
C THR C 161 -17.95 -11.08 -27.02
N PHE C 162 -18.57 -10.48 -26.01
CA PHE C 162 -19.97 -10.07 -26.07
C PHE C 162 -20.03 -8.55 -26.10
N ILE C 163 -20.72 -8.01 -27.10
CA ILE C 163 -20.89 -6.57 -27.25
C ILE C 163 -22.27 -6.23 -26.68
N ILE C 164 -22.28 -5.55 -25.54
CA ILE C 164 -23.52 -5.17 -24.86
C ILE C 164 -23.56 -3.65 -24.78
N ASN C 165 -24.58 -3.06 -25.40
CA ASN C 165 -24.81 -1.61 -25.34
C ASN C 165 -23.60 -0.83 -25.84
N GLY C 166 -22.80 -1.44 -26.71
CA GLY C 166 -21.62 -0.80 -27.24
C GLY C 166 -20.36 -1.01 -26.43
N THR C 167 -20.46 -1.63 -25.27
CA THR C 167 -19.31 -1.87 -24.40
C THR C 167 -18.90 -3.33 -24.47
N GLU C 168 -17.60 -3.58 -24.60
CA GLU C 168 -17.10 -4.94 -24.71
C GLU C 168 -17.34 -5.71 -23.41
N ARG C 169 -17.61 -7.00 -23.53
CA ARG C 169 -17.78 -7.88 -22.38
C ARG C 169 -17.07 -9.20 -22.65
N VAL C 170 -16.59 -9.82 -21.57
CA VAL C 170 -15.92 -11.11 -21.64
C VAL C 170 -16.23 -11.87 -20.35
N VAL C 171 -16.78 -13.06 -20.46
CA VAL C 171 -17.10 -13.89 -19.31
C VAL C 171 -15.95 -14.85 -19.06
N VAL C 172 -15.59 -15.01 -17.79
CA VAL C 172 -14.45 -15.82 -17.38
C VAL C 172 -14.96 -17.16 -16.87
N SER C 173 -14.22 -18.21 -17.17
CA SER C 173 -14.57 -19.54 -16.70
C SER C 173 -14.49 -19.59 -15.17
N GLN C 174 -14.87 -20.73 -14.61
CA GLN C 174 -14.94 -20.89 -13.16
C GLN C 174 -14.55 -22.31 -12.79
N LEU C 175 -14.09 -22.48 -11.55
CA LEU C 175 -13.70 -23.77 -11.00
C LEU C 175 -14.69 -24.18 -9.94
N VAL C 176 -15.29 -25.37 -10.11
CA VAL C 176 -16.24 -25.91 -9.16
C VAL C 176 -15.90 -27.38 -8.94
N ARG C 177 -16.29 -27.89 -7.77
CA ARG C 177 -16.06 -29.29 -7.43
C ARG C 177 -17.15 -30.15 -8.06
N SER C 178 -16.73 -31.13 -8.85
CA SER C 178 -17.68 -31.93 -9.62
C SER C 178 -18.62 -32.67 -8.68
N PRO C 179 -19.93 -32.64 -8.91
CA PRO C 179 -20.85 -33.42 -8.06
C PRO C 179 -20.54 -34.90 -8.13
N GLY C 180 -20.29 -35.50 -6.97
CA GLY C 180 -19.97 -36.91 -6.91
C GLY C 180 -19.88 -37.43 -5.49
N VAL C 181 -18.95 -38.35 -5.26
CA VAL C 181 -18.75 -38.97 -3.95
C VAL C 181 -17.29 -38.79 -3.54
N TYR C 182 -17.07 -38.33 -2.31
CA TYR C 182 -15.73 -38.11 -1.79
C TYR C 182 -15.58 -38.84 -0.47
N PHE C 183 -14.60 -39.74 -0.41
CA PHE C 183 -14.34 -40.53 0.79
C PHE C 183 -13.28 -39.82 1.63
N ASP C 184 -13.72 -39.11 2.65
CA ASP C 184 -12.81 -38.40 3.55
C ASP C 184 -12.36 -39.32 4.69
N GLU C 185 -11.26 -38.93 5.33
CA GLU C 185 -10.71 -39.70 6.43
C GLU C 185 -10.09 -38.75 7.44
N THR C 186 -10.58 -38.79 8.67
CA THR C 186 -10.06 -37.99 9.76
C THR C 186 -9.58 -38.92 10.88
N ILE C 187 -8.39 -38.66 11.37
CA ILE C 187 -7.78 -39.48 12.43
C ILE C 187 -8.15 -38.88 13.78
N ASP C 188 -8.63 -39.72 14.69
CA ASP C 188 -8.99 -39.28 16.02
C ASP C 188 -7.75 -39.02 16.85
N LYS C 189 -7.75 -37.92 17.59
CA LYS C 189 -6.59 -37.57 18.40
C LYS C 189 -6.50 -38.44 19.64
N SER C 190 -7.64 -38.82 20.22
CA SER C 190 -7.67 -39.68 21.40
C SER C 190 -7.70 -41.15 21.02
N THR C 191 -8.68 -41.55 20.19
CA THR C 191 -8.80 -42.96 19.80
C THR C 191 -7.64 -43.39 18.93
N ASP C 192 -7.08 -42.48 18.12
CA ASP C 192 -6.01 -42.82 17.18
C ASP C 192 -6.47 -43.95 16.25
N LYS C 193 -7.71 -43.85 15.79
CA LYS C 193 -8.32 -44.83 14.91
C LYS C 193 -8.90 -44.13 13.69
N THR C 194 -8.84 -44.82 12.55
CA THR C 194 -9.26 -44.23 11.29
C THR C 194 -10.78 -44.11 11.22
N LEU C 195 -11.27 -42.93 10.87
CA LEU C 195 -12.70 -42.67 10.69
C LEU C 195 -12.90 -42.32 9.22
N HIS C 196 -13.46 -43.24 8.45
CA HIS C 196 -13.66 -43.06 7.02
C HIS C 196 -15.03 -42.43 6.79
N SER C 197 -15.04 -41.19 6.32
CA SER C 197 -16.26 -40.44 6.06
C SER C 197 -16.48 -40.34 4.55
N VAL C 198 -17.68 -40.68 4.10
CA VAL C 198 -18.07 -40.57 2.70
C VAL C 198 -19.22 -39.59 2.62
N LYS C 199 -19.09 -38.58 1.76
CA LYS C 199 -20.10 -37.54 1.59
C LYS C 199 -20.40 -37.37 0.12
N VAL C 200 -21.69 -37.38 -0.22
CA VAL C 200 -22.14 -37.25 -1.60
C VAL C 200 -22.66 -35.83 -1.81
N ILE C 201 -22.23 -35.20 -2.88
CA ILE C 201 -22.58 -33.82 -3.20
C ILE C 201 -23.20 -33.78 -4.59
N PRO C 202 -24.52 -33.99 -4.69
CA PRO C 202 -25.16 -33.93 -6.01
C PRO C 202 -25.45 -32.49 -6.43
N SER C 203 -25.97 -32.32 -7.65
CA SER C 203 -26.28 -30.98 -8.13
C SER C 203 -27.34 -30.32 -7.25
N ARG C 204 -28.36 -31.10 -6.86
CA ARG C 204 -29.44 -30.58 -6.03
C ARG C 204 -30.18 -31.75 -5.40
N GLY C 205 -30.34 -31.72 -4.09
CA GLY C 205 -31.02 -32.77 -3.37
C GLY C 205 -30.49 -32.88 -1.96
N ALA C 206 -30.56 -34.09 -1.42
CA ALA C 206 -30.14 -34.37 -0.05
C ALA C 206 -28.69 -34.84 -0.03
N TRP C 207 -28.03 -34.60 1.11
CA TRP C 207 -26.64 -34.96 1.31
C TRP C 207 -26.56 -36.14 2.28
N LEU C 208 -25.85 -37.19 1.88
CA LEU C 208 -25.71 -38.41 2.68
C LEU C 208 -24.29 -38.50 3.21
N GLU C 209 -24.16 -38.70 4.52
CA GLU C 209 -22.87 -38.84 5.17
C GLU C 209 -22.86 -40.13 5.97
N PHE C 210 -22.02 -41.08 5.56
CA PHE C 210 -21.86 -42.36 6.26
C PHE C 210 -20.47 -42.35 6.90
N ASP C 211 -20.44 -42.30 8.23
CA ASP C 211 -19.19 -42.20 8.98
C ASP C 211 -19.14 -43.31 10.02
N VAL C 212 -18.06 -44.09 10.01
CA VAL C 212 -17.82 -45.07 11.06
C VAL C 212 -17.10 -44.38 12.21
N ASP C 213 -17.64 -44.51 13.41
CA ASP C 213 -17.14 -43.81 14.58
C ASP C 213 -16.57 -44.79 15.59
N LYS C 214 -16.02 -44.23 16.67
CA LYS C 214 -15.51 -45.06 17.75
C LYS C 214 -16.62 -45.92 18.36
N ARG C 215 -17.80 -45.32 18.57
CA ARG C 215 -18.96 -46.06 19.05
C ARG C 215 -19.48 -47.04 18.01
N ASP C 216 -19.01 -46.96 16.76
CA ASP C 216 -19.36 -47.86 15.66
C ASP C 216 -20.71 -47.53 15.06
N THR C 217 -21.34 -46.42 15.44
CA THR C 217 -22.67 -46.07 14.95
C THR C 217 -22.54 -45.58 13.52
N VAL C 218 -22.60 -46.52 12.57
CA VAL C 218 -22.57 -46.18 11.15
C VAL C 218 -23.95 -45.65 10.76
N GLY C 219 -24.09 -44.32 10.68
CA GLY C 219 -25.38 -43.71 10.47
C GLY C 219 -25.36 -42.76 9.28
N VAL C 220 -26.50 -42.09 9.08
CA VAL C 220 -26.69 -41.18 7.98
C VAL C 220 -27.09 -39.80 8.52
N ARG C 221 -26.74 -38.77 7.75
CA ARG C 221 -27.14 -37.39 8.05
C ARG C 221 -27.81 -36.82 6.80
N ILE C 222 -29.10 -37.07 6.66
CA ILE C 222 -29.89 -36.53 5.55
C ILE C 222 -30.32 -35.13 5.94
N ASP C 223 -29.79 -34.13 5.23
CA ASP C 223 -30.13 -32.73 5.47
C ASP C 223 -29.74 -32.30 6.88
N ARG C 224 -28.49 -32.58 7.25
CA ARG C 224 -27.93 -32.10 8.52
C ARG C 224 -28.78 -32.53 9.71
N LYS C 225 -29.20 -33.80 9.70
CA LYS C 225 -30.01 -34.33 10.78
C LYS C 225 -29.12 -35.12 11.75
N ARG C 226 -29.77 -35.77 12.72
CA ARG C 226 -29.06 -36.63 13.66
C ARG C 226 -28.56 -37.89 12.96
N ARG C 227 -27.46 -38.43 13.45
CA ARG C 227 -26.85 -39.62 12.86
C ARG C 227 -27.74 -40.82 13.14
N GLN C 228 -28.55 -41.20 12.16
CA GLN C 228 -29.42 -42.37 12.28
C GLN C 228 -28.76 -43.57 11.62
N PRO C 229 -28.80 -44.75 12.24
CA PRO C 229 -28.05 -45.89 11.69
C PRO C 229 -28.46 -46.19 10.25
N VAL C 230 -27.46 -46.54 9.43
CA VAL C 230 -27.71 -46.80 8.01
C VAL C 230 -28.69 -47.95 7.86
N THR C 231 -28.61 -48.96 8.71
CA THR C 231 -29.51 -50.10 8.61
C THR C 231 -30.96 -49.67 8.66
N VAL C 232 -31.27 -48.59 9.37
CA VAL C 232 -32.66 -48.14 9.48
C VAL C 232 -33.20 -47.80 8.09
N LEU C 233 -32.48 -46.98 7.34
CA LEU C 233 -32.94 -46.62 6.00
C LEU C 233 -32.81 -47.79 5.04
N LEU C 234 -31.78 -48.62 5.22
CA LEU C 234 -31.61 -49.79 4.35
C LEU C 234 -32.84 -50.69 4.44
N LYS C 235 -33.32 -50.95 5.65
CA LYS C 235 -34.54 -51.72 5.82
C LYS C 235 -35.77 -50.91 5.41
N ALA C 236 -35.71 -49.59 5.54
CA ALA C 236 -36.85 -48.76 5.15
C ALA C 236 -37.24 -48.99 3.70
N LEU C 237 -36.26 -49.24 2.83
CA LEU C 237 -36.56 -49.60 1.45
C LEU C 237 -37.18 -50.98 1.35
N GLY C 238 -37.15 -51.77 2.42
CA GLY C 238 -37.55 -53.16 2.38
C GLY C 238 -36.43 -54.13 2.13
N TRP C 239 -35.19 -53.68 2.19
CA TRP C 239 -34.04 -54.56 2.01
C TRP C 239 -34.10 -55.69 3.02
N THR C 240 -34.12 -56.93 2.54
CA THR C 240 -34.30 -58.08 3.41
C THR C 240 -33.14 -58.19 4.40
N SER C 241 -33.50 -58.48 5.66
CA SER C 241 -32.48 -58.59 6.71
C SER C 241 -31.48 -59.68 6.39
N GLU C 242 -31.93 -60.79 5.81
CA GLU C 242 -31.02 -61.85 5.41
C GLU C 242 -30.01 -61.34 4.39
N GLN C 243 -30.46 -60.50 3.46
CA GLN C 243 -29.53 -59.93 2.49
C GLN C 243 -28.55 -58.97 3.16
N ILE C 244 -29.00 -58.26 4.21
CA ILE C 244 -28.07 -57.46 5.00
C ILE C 244 -27.00 -58.35 5.61
N VAL C 245 -27.41 -59.47 6.21
CA VAL C 245 -26.47 -60.34 6.90
C VAL C 245 -25.46 -60.92 5.92
N GLU C 246 -25.94 -61.47 4.80
CA GLU C 246 -25.03 -62.15 3.88
C GLU C 246 -24.11 -61.16 3.17
N ARG C 247 -24.66 -60.03 2.70
CA ARG C 247 -23.85 -59.07 1.98
C ARG C 247 -22.89 -58.32 2.90
N PHE C 248 -23.11 -58.36 4.21
CA PHE C 248 -22.24 -57.72 5.19
C PHE C 248 -21.56 -58.73 6.11
N GLY C 249 -21.61 -60.02 5.79
CA GLY C 249 -20.93 -60.99 6.61
C GLY C 249 -19.43 -60.74 6.68
N PHE C 250 -18.84 -60.31 5.57
CA PHE C 250 -17.42 -59.98 5.57
C PHE C 250 -17.14 -58.80 6.50
N SER C 251 -18.12 -57.91 6.69
CA SER C 251 -17.95 -56.80 7.60
C SER C 251 -18.23 -57.24 9.03
N GLU C 252 -17.39 -56.79 9.95
CA GLU C 252 -17.51 -57.12 11.37
C GLU C 252 -18.15 -56.01 12.18
N ILE C 253 -17.63 -54.78 12.07
CA ILE C 253 -18.21 -53.67 12.79
C ILE C 253 -19.65 -53.42 12.35
N MET C 254 -19.91 -53.47 11.05
CA MET C 254 -21.26 -53.24 10.56
C MET C 254 -22.18 -54.39 10.95
N ARG C 255 -21.66 -55.62 11.02
CA ARG C 255 -22.46 -56.72 11.53
C ARG C 255 -22.84 -56.47 12.99
N SER C 256 -21.90 -55.96 13.78
CA SER C 256 -22.21 -55.60 15.17
C SER C 256 -23.29 -54.53 15.23
N THR C 257 -23.21 -53.53 14.33
CA THR C 257 -24.25 -52.51 14.29
C THR C 257 -25.60 -53.12 13.95
N LEU C 258 -25.63 -54.04 12.98
CA LEU C 258 -26.86 -54.73 12.63
C LEU C 258 -27.44 -55.45 13.85
N GLU C 259 -26.60 -56.17 14.57
CA GLU C 259 -27.06 -56.85 15.79
C GLU C 259 -27.44 -55.87 16.88
N LYS C 260 -26.98 -54.63 16.80
CA LYS C 260 -27.24 -53.63 17.84
C LYS C 260 -28.52 -52.84 17.62
N ASP C 261 -28.95 -52.68 16.37
CA ASP C 261 -30.16 -51.91 16.11
C ASP C 261 -31.38 -52.59 16.72
N ASN C 262 -32.33 -51.78 17.16
CA ASN C 262 -33.51 -52.25 17.88
C ASN C 262 -34.75 -52.30 16.99
N THR C 263 -35.10 -51.18 16.38
CA THR C 263 -36.30 -51.13 15.54
C THR C 263 -36.11 -51.98 14.29
N VAL C 264 -37.08 -52.84 14.01
CA VAL C 264 -37.05 -53.71 12.84
C VAL C 264 -38.45 -53.75 12.24
N GLY C 265 -38.51 -53.77 10.91
CA GLY C 265 -39.78 -53.79 10.21
C GLY C 265 -39.84 -52.75 9.11
N THR C 266 -40.20 -53.17 7.90
CA THR C 266 -40.24 -52.23 6.77
C THR C 266 -41.14 -51.04 7.09
N ASP C 267 -42.36 -51.31 7.58
CA ASP C 267 -43.25 -50.22 7.95
C ASP C 267 -42.65 -49.39 9.09
N GLU C 268 -42.14 -50.07 10.12
CA GLU C 268 -41.53 -49.34 11.23
C GLU C 268 -40.33 -48.53 10.75
N ALA C 269 -39.48 -49.13 9.91
CA ALA C 269 -38.29 -48.44 9.44
C ALA C 269 -38.66 -47.18 8.64
N LEU C 270 -39.59 -47.33 7.68
CA LEU C 270 -39.95 -46.18 6.86
C LEU C 270 -40.64 -45.11 7.69
N LEU C 271 -41.49 -45.50 8.63
CA LEU C 271 -42.14 -44.51 9.48
C LEU C 271 -41.14 -43.77 10.36
N ASP C 272 -40.16 -44.49 10.91
CA ASP C 272 -39.12 -43.83 11.71
C ASP C 272 -38.31 -42.88 10.85
N ILE C 273 -37.97 -43.28 9.63
CA ILE C 273 -37.24 -42.40 8.73
C ILE C 273 -38.05 -41.15 8.46
N TYR C 274 -39.35 -41.30 8.18
CA TYR C 274 -40.19 -40.14 7.91
C TYR C 274 -40.27 -39.22 9.12
N ARG C 275 -40.41 -39.80 10.32
CA ARG C 275 -40.47 -38.98 11.53
C ARG C 275 -39.17 -38.21 11.73
N LYS C 276 -38.03 -38.87 11.53
CA LYS C 276 -36.75 -38.19 11.63
C LYS C 276 -36.66 -37.05 10.62
N LEU C 277 -37.11 -37.32 9.39
CA LEU C 277 -37.11 -36.27 8.36
C LEU C 277 -38.19 -35.24 8.65
N ARG C 278 -39.44 -35.68 8.76
CA ARG C 278 -40.59 -34.79 8.96
C ARG C 278 -41.37 -35.26 10.17
N PRO C 279 -40.99 -34.83 11.37
CA PRO C 279 -41.76 -35.19 12.57
C PRO C 279 -42.94 -34.26 12.79
N GLY C 280 -43.98 -34.82 13.40
CA GLY C 280 -45.21 -34.09 13.62
C GLY C 280 -46.21 -34.17 12.49
N GLU C 281 -46.07 -35.15 11.61
CA GLU C 281 -46.93 -35.35 10.46
C GLU C 281 -47.55 -36.74 10.50
N PRO C 282 -48.69 -36.96 9.85
CA PRO C 282 -49.34 -38.26 9.91
C PRO C 282 -48.42 -39.36 9.40
N PRO C 283 -48.02 -40.30 10.27
CA PRO C 283 -47.14 -41.39 9.83
C PRO C 283 -47.91 -42.50 9.16
N THR C 284 -47.71 -42.64 7.85
CA THR C 284 -48.37 -43.68 7.07
C THR C 284 -47.37 -44.25 6.07
N LYS C 285 -47.60 -45.50 5.67
CA LYS C 285 -46.68 -46.16 4.76
C LYS C 285 -46.59 -45.43 3.42
N GLU C 286 -47.74 -44.99 2.90
CA GLU C 286 -47.75 -44.34 1.59
C GLU C 286 -46.93 -43.05 1.60
N SER C 287 -46.98 -42.30 2.70
CA SER C 287 -46.24 -41.04 2.77
C SER C 287 -44.75 -41.29 2.60
N ALA C 288 -44.18 -42.20 3.38
CA ALA C 288 -42.75 -42.47 3.28
C ALA C 288 -42.41 -43.12 1.94
N GLN C 289 -43.27 -44.01 1.45
CA GLN C 289 -43.00 -44.67 0.19
C GLN C 289 -42.93 -43.67 -0.95
N THR C 290 -43.80 -42.66 -0.93
CA THR C 290 -43.77 -41.63 -1.95
C THR C 290 -42.58 -40.68 -1.75
N LEU C 291 -42.29 -40.33 -0.49
CA LEU C 291 -41.20 -39.40 -0.23
C LEU C 291 -39.86 -39.98 -0.66
N LEU C 292 -39.68 -41.29 -0.47
CA LEU C 292 -38.44 -41.94 -0.92
C LEU C 292 -38.17 -41.63 -2.39
N GLU C 293 -39.11 -42.00 -3.26
CA GLU C 293 -38.90 -41.79 -4.69
C GLU C 293 -38.90 -40.31 -5.05
N ASN C 294 -39.62 -39.48 -4.28
CA ASN C 294 -39.67 -38.06 -4.59
C ASN C 294 -38.33 -37.39 -4.30
N LEU C 295 -37.64 -37.82 -3.23
CA LEU C 295 -36.37 -37.23 -2.85
C LEU C 295 -35.18 -37.92 -3.49
N PHE C 296 -35.35 -39.12 -4.06
CA PHE C 296 -34.26 -39.83 -4.68
C PHE C 296 -34.55 -40.34 -6.09
N PHE C 297 -35.79 -40.24 -6.57
CA PHE C 297 -36.12 -40.77 -7.89
C PHE C 297 -36.96 -39.83 -8.74
N LYS C 298 -37.53 -38.76 -8.18
CA LYS C 298 -38.17 -37.73 -9.00
C LYS C 298 -37.08 -36.85 -9.58
N GLU C 299 -36.83 -37.00 -10.87
CA GLU C 299 -35.67 -36.33 -11.49
C GLU C 299 -35.72 -34.82 -11.28
N LYS C 300 -36.91 -34.23 -11.37
CA LYS C 300 -37.00 -32.78 -11.28
C LYS C 300 -36.54 -32.27 -9.92
N ARG C 301 -36.97 -32.93 -8.84
CA ARG C 301 -36.58 -32.49 -7.51
C ARG C 301 -35.14 -32.90 -7.18
N TYR C 302 -34.71 -34.07 -7.61
CA TYR C 302 -33.38 -34.60 -7.35
C TYR C 302 -32.71 -34.86 -8.68
N ASP C 303 -31.68 -34.07 -9.00
CA ASP C 303 -31.02 -34.16 -10.29
C ASP C 303 -29.50 -34.09 -10.10
N LEU C 304 -28.79 -34.80 -10.97
CA LEU C 304 -27.34 -34.74 -11.06
C LEU C 304 -26.95 -34.53 -12.50
N ALA C 305 -25.91 -33.72 -12.73
CA ALA C 305 -25.43 -33.53 -14.08
C ALA C 305 -24.85 -34.82 -14.64
N ARG C 306 -24.93 -34.96 -15.96
CA ARG C 306 -24.39 -36.16 -16.59
C ARG C 306 -22.94 -36.37 -16.22
N VAL C 307 -22.19 -35.28 -16.02
CA VAL C 307 -20.81 -35.40 -15.57
C VAL C 307 -20.75 -36.11 -14.23
N GLY C 308 -21.63 -35.73 -13.30
CA GLY C 308 -21.64 -36.37 -12.00
C GLY C 308 -21.94 -37.85 -12.07
N ARG C 309 -22.96 -38.21 -12.85
CA ARG C 309 -23.33 -39.62 -12.98
C ARG C 309 -22.19 -40.42 -13.60
N TYR C 310 -21.57 -39.89 -14.67
CA TYR C 310 -20.47 -40.59 -15.30
C TYR C 310 -19.30 -40.75 -14.34
N LYS C 311 -18.97 -39.70 -13.59
CA LYS C 311 -17.84 -39.78 -12.67
C LYS C 311 -18.11 -40.78 -11.56
N VAL C 312 -19.34 -40.80 -11.03
CA VAL C 312 -19.68 -41.78 -9.99
C VAL C 312 -19.59 -43.20 -10.54
N ASN C 313 -20.12 -43.41 -11.75
CA ASN C 313 -20.06 -44.73 -12.36
C ASN C 313 -18.61 -45.18 -12.54
N LYS C 314 -17.75 -44.28 -13.02
CA LYS C 314 -16.34 -44.62 -13.14
C LYS C 314 -15.74 -44.92 -11.78
N LYS C 315 -16.13 -44.15 -10.75
CA LYS C 315 -15.58 -44.36 -9.41
C LYS C 315 -15.90 -45.76 -8.92
N LEU C 316 -17.15 -46.20 -9.09
CA LEU C 316 -17.56 -47.53 -8.66
C LEU C 316 -17.45 -48.57 -9.76
N GLY C 317 -17.14 -48.17 -10.99
CA GLY C 317 -17.09 -49.12 -12.08
C GLY C 317 -18.41 -49.79 -12.37
N LEU C 318 -19.52 -49.17 -11.97
CA LEU C 318 -20.85 -49.71 -12.15
C LEU C 318 -21.57 -48.94 -13.25
N HIS C 319 -22.25 -49.67 -14.13
CA HIS C 319 -22.94 -49.06 -15.27
C HIS C 319 -21.95 -48.32 -16.16
N VAL C 320 -20.98 -49.08 -16.69
CA VAL C 320 -19.89 -48.51 -17.47
C VAL C 320 -20.15 -48.70 -18.96
N GLY C 321 -20.85 -49.78 -19.31
CA GLY C 321 -21.02 -50.14 -20.71
C GLY C 321 -22.09 -49.36 -21.45
N GLU C 322 -22.94 -48.63 -20.72
CA GLU C 322 -24.06 -47.94 -21.36
C GLU C 322 -23.89 -46.43 -21.26
N PRO C 323 -24.40 -45.67 -22.23
CA PRO C 323 -24.38 -44.21 -22.14
C PRO C 323 -25.42 -43.73 -21.14
N ILE C 324 -24.98 -42.92 -20.16
CA ILE C 324 -25.87 -42.48 -19.11
C ILE C 324 -27.01 -41.68 -19.70
N THR C 325 -28.25 -42.08 -19.41
CA THR C 325 -29.45 -41.37 -19.82
C THR C 325 -30.26 -40.89 -18.64
N SER C 326 -30.53 -41.77 -17.66
CA SER C 326 -31.18 -41.37 -16.43
C SER C 326 -30.16 -40.74 -15.50
N SER C 327 -30.47 -39.53 -15.01
CA SER C 327 -29.54 -38.74 -14.20
C SER C 327 -29.99 -38.68 -12.75
N THR C 328 -30.49 -39.78 -12.22
CA THR C 328 -30.94 -39.88 -10.84
C THR C 328 -30.13 -40.92 -10.09
N LEU C 329 -29.99 -40.71 -8.78
CA LEU C 329 -29.34 -41.69 -7.93
C LEU C 329 -30.18 -42.96 -7.85
N THR C 330 -29.51 -44.09 -7.68
CA THR C 330 -30.16 -45.39 -7.63
C THR C 330 -29.71 -46.16 -6.41
N GLU C 331 -30.57 -47.09 -5.97
CA GLU C 331 -30.31 -47.80 -4.71
C GLU C 331 -29.02 -48.61 -4.79
N GLU C 332 -28.78 -49.29 -5.91
CA GLU C 332 -27.55 -50.06 -6.05
C GLU C 332 -26.34 -49.19 -5.82
N ASP C 333 -26.42 -47.91 -6.21
CA ASP C 333 -25.31 -47.00 -5.93
C ASP C 333 -25.10 -46.85 -4.43
N VAL C 334 -26.18 -46.70 -3.66
CA VAL C 334 -26.04 -46.52 -2.22
C VAL C 334 -25.49 -47.78 -1.57
N VAL C 335 -25.99 -48.96 -1.96
CA VAL C 335 -25.51 -50.19 -1.35
C VAL C 335 -24.05 -50.41 -1.69
N ALA C 336 -23.67 -50.16 -2.94
CA ALA C 336 -22.26 -50.26 -3.32
C ALA C 336 -21.41 -49.25 -2.57
N THR C 337 -21.95 -48.06 -2.31
CA THR C 337 -21.19 -47.05 -1.58
C THR C 337 -20.91 -47.50 -0.14
N ILE C 338 -21.93 -48.04 0.53
CA ILE C 338 -21.72 -48.51 1.90
C ILE C 338 -20.78 -49.71 1.92
N GLU C 339 -20.91 -50.60 0.93
CA GLU C 339 -19.97 -51.72 0.83
C GLU C 339 -18.54 -51.22 0.64
N TYR C 340 -18.36 -50.23 -0.23
CA TYR C 340 -17.05 -49.63 -0.44
C TYR C 340 -16.50 -49.03 0.85
N LEU C 341 -17.36 -48.32 1.59
CA LEU C 341 -16.93 -47.70 2.84
C LEU C 341 -16.47 -48.75 3.84
N VAL C 342 -17.24 -49.82 4.00
CA VAL C 342 -16.87 -50.84 4.98
C VAL C 342 -15.60 -51.57 4.54
N ARG C 343 -15.46 -51.84 3.23
CA ARG C 343 -14.25 -52.48 2.75
C ARG C 343 -13.03 -51.60 3.00
N LEU C 344 -13.17 -50.29 2.75
CA LEU C 344 -12.08 -49.37 3.06
C LEU C 344 -11.75 -49.39 4.55
N HIS C 345 -12.77 -49.41 5.40
CA HIS C 345 -12.54 -49.45 6.84
C HIS C 345 -11.77 -50.71 7.22
N GLU C 346 -12.08 -51.84 6.58
CA GLU C 346 -11.33 -53.07 6.83
C GLU C 346 -9.88 -52.94 6.42
N GLY C 347 -9.53 -51.94 5.61
CA GLY C 347 -8.16 -51.73 5.20
C GLY C 347 -7.79 -52.36 3.87
N GLN C 348 -8.77 -52.80 3.08
CA GLN C 348 -8.48 -53.44 1.81
C GLN C 348 -7.93 -52.41 0.82
N THR C 349 -7.23 -52.92 -0.20
CA THR C 349 -6.64 -52.07 -1.22
C THR C 349 -7.59 -51.85 -2.41
N THR C 350 -8.17 -52.93 -2.93
CA THR C 350 -9.09 -52.86 -4.06
C THR C 350 -10.33 -53.67 -3.74
N MET C 351 -11.47 -53.23 -4.30
CA MET C 351 -12.75 -53.85 -4.05
C MET C 351 -13.45 -54.13 -5.37
N THR C 352 -14.35 -55.12 -5.36
CA THR C 352 -15.06 -55.54 -6.55
C THR C 352 -16.54 -55.71 -6.22
N VAL C 353 -17.39 -55.32 -7.17
CA VAL C 353 -18.83 -55.50 -7.06
C VAL C 353 -19.30 -56.32 -8.25
N PRO C 354 -20.28 -57.21 -8.11
CA PRO C 354 -20.76 -57.95 -9.27
C PRO C 354 -21.20 -57.00 -10.38
N GLY C 355 -20.73 -57.26 -11.60
CA GLY C 355 -20.95 -56.37 -12.71
C GLY C 355 -19.95 -55.25 -12.83
N GLY C 356 -19.04 -55.12 -11.87
CA GLY C 356 -18.03 -54.08 -11.89
C GLY C 356 -16.62 -54.63 -11.88
N VAL C 357 -15.77 -54.12 -12.77
CA VAL C 357 -14.39 -54.59 -12.88
C VAL C 357 -13.61 -54.13 -11.66
N GLU C 358 -12.42 -54.69 -11.47
CA GLU C 358 -11.60 -54.37 -10.30
C GLU C 358 -11.19 -52.91 -10.34
N VAL C 359 -11.22 -52.27 -9.17
CA VAL C 359 -10.79 -50.87 -9.03
C VAL C 359 -10.15 -50.67 -7.67
N PRO C 360 -9.20 -49.75 -7.53
CA PRO C 360 -8.57 -49.53 -6.22
C PRO C 360 -9.51 -48.85 -5.25
N VAL C 361 -9.20 -49.00 -3.96
CA VAL C 361 -9.95 -48.38 -2.89
C VAL C 361 -9.01 -47.43 -2.14
N GLU C 362 -9.28 -46.14 -2.22
CA GLU C 362 -8.46 -45.15 -1.54
C GLU C 362 -9.28 -43.89 -1.32
N THR C 363 -8.79 -43.05 -0.42
CA THR C 363 -9.46 -41.78 -0.14
C THR C 363 -9.26 -40.80 -1.28
N ASP C 364 -10.22 -39.90 -1.44
CA ASP C 364 -10.18 -38.88 -2.48
C ASP C 364 -9.64 -37.56 -1.91
N ASP C 365 -9.18 -36.70 -2.81
CA ASP C 365 -8.59 -35.42 -2.44
C ASP C 365 -9.33 -34.30 -3.15
N ILE C 366 -9.56 -33.21 -2.41
CA ILE C 366 -10.33 -32.10 -2.96
C ILE C 366 -9.54 -31.34 -4.02
N ASP C 367 -8.23 -31.15 -3.80
CA ASP C 367 -7.42 -30.32 -4.68
C ASP C 367 -6.85 -31.09 -5.87
N HIS C 368 -7.47 -32.18 -6.27
CA HIS C 368 -7.04 -32.95 -7.43
C HIS C 368 -7.87 -32.53 -8.64
N PHE C 369 -7.20 -32.40 -9.79
CA PHE C 369 -7.88 -31.96 -11.00
C PHE C 369 -8.67 -33.08 -11.67
N GLY C 370 -8.73 -34.26 -11.07
CA GLY C 370 -9.70 -35.26 -11.45
C GLY C 370 -11.06 -35.08 -10.82
N ASN C 371 -11.21 -34.07 -9.97
CA ASN C 371 -12.46 -33.76 -9.29
C ASN C 371 -12.95 -32.35 -9.56
N ARG C 372 -12.06 -31.36 -9.61
CA ARG C 372 -12.44 -29.98 -9.86
C ARG C 372 -12.66 -29.78 -11.35
N ARG C 373 -13.91 -29.64 -11.76
CA ARG C 373 -14.25 -29.47 -13.16
C ARG C 373 -14.15 -28.00 -13.55
N LEU C 374 -14.45 -27.71 -14.81
CA LEU C 374 -14.37 -26.36 -15.36
C LEU C 374 -15.67 -26.08 -16.11
N ARG C 375 -16.43 -25.10 -15.63
CA ARG C 375 -17.70 -24.72 -16.25
C ARG C 375 -17.45 -23.51 -17.15
N THR C 376 -17.42 -23.75 -18.46
CA THR C 376 -17.20 -22.69 -19.43
C THR C 376 -18.45 -21.82 -19.52
N VAL C 377 -18.44 -20.87 -20.47
CA VAL C 377 -19.58 -19.98 -20.65
C VAL C 377 -20.83 -20.78 -20.96
N GLY C 378 -20.67 -21.93 -21.62
CA GLY C 378 -21.84 -22.72 -21.99
C GLY C 378 -22.67 -23.12 -20.78
N GLU C 379 -22.01 -23.63 -19.74
CA GLU C 379 -22.73 -24.06 -18.55
C GLU C 379 -23.44 -22.89 -17.88
N LEU C 380 -22.76 -21.75 -17.77
CA LEU C 380 -23.37 -20.59 -17.11
C LEU C 380 -24.60 -20.12 -17.86
N ILE C 381 -24.48 -19.95 -19.19
CA ILE C 381 -25.62 -19.47 -19.96
C ILE C 381 -26.75 -20.50 -19.94
N GLN C 382 -26.40 -21.79 -20.00
CA GLN C 382 -27.43 -22.81 -19.97
C GLN C 382 -28.19 -22.77 -18.65
N ASN C 383 -27.48 -22.60 -17.53
CA ASN C 383 -28.16 -22.52 -16.24
C ASN C 383 -29.05 -21.29 -16.16
N GLN C 384 -28.57 -20.15 -16.66
CA GLN C 384 -29.39 -18.94 -16.61
C GLN C 384 -30.66 -19.10 -17.44
N ILE C 385 -30.52 -19.62 -18.66
CA ILE C 385 -31.71 -19.81 -19.49
C ILE C 385 -32.60 -20.89 -18.91
N ARG C 386 -32.03 -21.86 -18.18
CA ARG C 386 -32.86 -22.85 -17.50
C ARG C 386 -33.70 -22.21 -16.42
N VAL C 387 -33.12 -21.30 -15.64
CA VAL C 387 -33.90 -20.57 -14.64
C VAL C 387 -35.01 -19.77 -15.33
N GLY C 388 -34.66 -19.09 -16.42
CA GLY C 388 -35.67 -18.35 -17.16
C GLY C 388 -36.79 -19.24 -17.67
N MET C 389 -36.43 -20.41 -18.19
CA MET C 389 -37.42 -21.35 -18.69
C MET C 389 -38.32 -21.85 -17.57
N SER C 390 -37.75 -22.11 -16.39
CA SER C 390 -38.58 -22.53 -15.26
C SER C 390 -39.58 -21.44 -14.88
N ARG C 391 -39.11 -20.19 -14.81
CA ARG C 391 -40.02 -19.10 -14.50
C ARG C 391 -41.09 -18.94 -15.55
N MET C 392 -40.75 -19.12 -16.82
CA MET C 392 -41.75 -18.99 -17.88
C MET C 392 -42.75 -20.14 -17.84
N GLU C 393 -42.27 -21.37 -17.64
CA GLU C 393 -43.16 -22.52 -17.70
C GLU C 393 -44.10 -22.58 -16.50
N ARG C 394 -43.68 -22.07 -15.33
CA ARG C 394 -44.62 -22.00 -14.22
C ARG C 394 -45.86 -21.20 -14.60
N VAL C 395 -45.66 -19.98 -15.10
CA VAL C 395 -46.79 -19.14 -15.47
C VAL C 395 -47.53 -19.73 -16.65
N VAL C 396 -46.81 -20.37 -17.59
CA VAL C 396 -47.48 -20.96 -18.74
C VAL C 396 -48.43 -22.07 -18.31
N ARG C 397 -47.97 -22.94 -17.40
CA ARG C 397 -48.81 -24.04 -16.95
C ARG C 397 -49.99 -23.52 -16.14
N GLU C 398 -49.75 -22.53 -15.27
CA GLU C 398 -50.88 -21.94 -14.54
C GLU C 398 -51.90 -21.35 -15.50
N ARG C 399 -51.43 -20.64 -16.53
CA ARG C 399 -52.32 -20.01 -17.50
C ARG C 399 -53.13 -21.04 -18.25
N MET C 400 -52.48 -22.12 -18.72
CA MET C 400 -53.22 -23.14 -19.45
C MET C 400 -54.22 -23.84 -18.55
N THR C 401 -53.87 -24.07 -17.28
CA THR C 401 -54.83 -24.67 -16.36
C THR C 401 -56.03 -23.77 -16.15
N THR C 402 -55.81 -22.46 -16.00
CA THR C 402 -56.90 -21.54 -15.70
C THR C 402 -57.59 -21.00 -16.95
N GLN C 403 -56.85 -20.80 -18.04
CA GLN C 403 -57.42 -20.17 -19.22
C GLN C 403 -58.42 -21.11 -19.90
N ASP C 404 -59.25 -20.52 -20.76
CA ASP C 404 -60.24 -21.29 -21.49
C ASP C 404 -59.57 -22.42 -22.28
N VAL C 405 -60.18 -23.61 -22.22
CA VAL C 405 -59.59 -24.78 -22.86
C VAL C 405 -59.91 -24.91 -24.33
N GLU C 406 -60.90 -24.15 -24.83
CA GLU C 406 -61.35 -24.33 -26.21
C GLU C 406 -60.44 -23.61 -27.19
N ALA C 407 -60.35 -22.29 -27.08
CA ALA C 407 -59.62 -21.46 -28.04
C ALA C 407 -58.28 -20.97 -27.49
N ILE C 408 -57.58 -21.82 -26.74
CA ILE C 408 -56.27 -21.45 -26.21
C ILE C 408 -55.22 -21.74 -27.27
N THR C 409 -54.25 -20.83 -27.40
CA THR C 409 -53.19 -20.91 -28.39
C THR C 409 -51.85 -20.79 -27.70
N PRO C 410 -50.82 -21.51 -28.16
CA PRO C 410 -49.50 -21.36 -27.55
C PRO C 410 -48.98 -19.94 -27.61
N GLN C 411 -49.30 -19.21 -28.68
CA GLN C 411 -48.89 -17.81 -28.76
C GLN C 411 -49.33 -17.04 -27.52
N THR C 412 -50.55 -17.30 -27.04
CA THR C 412 -51.05 -16.65 -25.84
C THR C 412 -50.45 -17.22 -24.57
N LEU C 413 -49.87 -18.43 -24.63
CA LEU C 413 -49.31 -19.05 -23.44
C LEU C 413 -47.91 -18.53 -23.14
N ILE C 414 -47.00 -18.64 -24.12
CA ILE C 414 -45.60 -18.35 -23.86
C ILE C 414 -45.43 -16.88 -23.51
N ASN C 415 -44.74 -16.62 -22.41
CA ASN C 415 -44.37 -15.27 -21.99
C ASN C 415 -42.85 -15.13 -22.14
N ILE C 416 -42.42 -14.10 -22.88
CA ILE C 416 -41.01 -13.97 -23.24
C ILE C 416 -40.25 -13.05 -22.28
N ARG C 417 -40.93 -12.27 -21.46
CA ARG C 417 -40.24 -11.35 -20.58
C ARG C 417 -39.27 -12.03 -19.61
N PRO C 418 -39.61 -13.14 -18.94
CA PRO C 418 -38.69 -13.66 -17.91
C PRO C 418 -37.33 -14.07 -18.44
N VAL C 419 -37.29 -14.82 -19.54
CA VAL C 419 -36.00 -15.32 -20.04
C VAL C 419 -35.12 -14.16 -20.51
N VAL C 420 -35.70 -13.21 -21.24
CA VAL C 420 -34.92 -12.07 -21.72
C VAL C 420 -34.42 -11.25 -20.54
N ALA C 421 -35.28 -11.04 -19.54
CA ALA C 421 -34.84 -10.31 -18.35
C ALA C 421 -33.72 -11.03 -17.64
N ALA C 422 -33.80 -12.36 -17.53
CA ALA C 422 -32.77 -13.12 -16.85
C ALA C 422 -31.43 -13.00 -17.57
N ILE C 423 -31.43 -13.16 -18.90
CA ILE C 423 -30.17 -13.05 -19.63
C ILE C 423 -29.62 -11.63 -19.53
N LYS C 424 -30.51 -10.62 -19.61
CA LYS C 424 -30.06 -9.24 -19.55
C LYS C 424 -29.42 -8.93 -18.20
N GLU C 425 -30.06 -9.36 -17.11
CA GLU C 425 -29.50 -9.09 -15.79
C GLU C 425 -28.23 -9.88 -15.54
N PHE C 426 -28.15 -11.10 -16.08
CA PHE C 426 -26.90 -11.86 -15.97
C PHE C 426 -25.76 -11.12 -16.66
N PHE C 427 -26.01 -10.62 -17.88
CA PHE C 427 -24.98 -9.87 -18.58
C PHE C 427 -24.65 -8.56 -17.86
N GLY C 428 -25.63 -7.94 -17.22
CA GLY C 428 -25.43 -6.67 -16.57
C GLY C 428 -24.71 -6.72 -15.24
N THR C 429 -25.29 -7.41 -14.27
CA THR C 429 -24.83 -7.34 -12.88
C THR C 429 -24.04 -8.56 -12.42
N SER C 430 -24.13 -9.69 -13.11
CA SER C 430 -23.40 -10.87 -12.68
C SER C 430 -21.91 -10.59 -12.63
N GLN C 431 -21.26 -11.05 -11.56
CA GLN C 431 -19.83 -10.77 -11.39
C GLN C 431 -18.98 -11.43 -12.48
N LEU C 432 -19.51 -12.43 -13.18
CA LEU C 432 -18.79 -13.10 -14.25
C LEU C 432 -18.89 -12.37 -15.58
N SER C 433 -19.29 -11.10 -15.57
CA SER C 433 -19.37 -10.28 -16.78
C SER C 433 -18.53 -9.03 -16.51
N GLN C 434 -17.26 -9.08 -16.87
CA GLN C 434 -16.30 -8.02 -16.61
C GLN C 434 -15.90 -7.36 -17.92
N PHE C 435 -15.70 -6.04 -17.87
CA PHE C 435 -15.23 -5.32 -19.04
C PHE C 435 -13.87 -5.86 -19.46
N MET C 436 -13.72 -6.11 -20.75
CA MET C 436 -12.48 -6.70 -21.28
C MET C 436 -11.39 -5.65 -21.27
N ASP C 437 -10.50 -5.71 -20.29
CA ASP C 437 -9.36 -4.80 -20.25
C ASP C 437 -8.59 -4.92 -21.56
N GLN C 438 -8.30 -3.78 -22.17
CA GLN C 438 -7.76 -3.74 -23.53
C GLN C 438 -6.59 -2.77 -23.61
N ASN C 439 -5.68 -2.82 -22.65
CA ASN C 439 -4.46 -2.05 -22.75
C ASN C 439 -3.66 -2.47 -23.98
N ASN C 440 -3.58 -3.77 -24.24
CA ASN C 440 -2.87 -4.30 -25.40
C ASN C 440 -3.38 -5.70 -25.67
N PRO C 441 -3.14 -6.23 -26.88
CA PRO C 441 -3.73 -7.54 -27.22
C PRO C 441 -3.39 -8.64 -26.23
N LEU C 442 -2.18 -8.63 -25.66
CA LEU C 442 -1.81 -9.67 -24.72
C LEU C 442 -2.74 -9.65 -23.49
N SER C 443 -3.05 -8.46 -22.99
CA SER C 443 -3.96 -8.36 -21.87
C SER C 443 -5.34 -8.93 -22.22
N GLY C 444 -5.84 -8.60 -23.41
CA GLY C 444 -7.13 -9.14 -23.82
C GLY C 444 -7.12 -10.66 -23.91
N LEU C 445 -6.07 -11.22 -24.51
CA LEU C 445 -5.98 -12.68 -24.61
C LEU C 445 -5.92 -13.31 -23.22
N THR C 446 -5.11 -12.76 -22.32
CA THR C 446 -5.02 -13.32 -20.98
C THR C 446 -6.35 -13.24 -20.26
N HIS C 447 -7.06 -12.12 -20.41
CA HIS C 447 -8.37 -12.01 -19.76
C HIS C 447 -9.36 -13.01 -20.33
N LYS C 448 -9.32 -13.23 -21.65
CA LYS C 448 -10.18 -14.23 -22.26
C LYS C 448 -9.83 -15.64 -21.81
N ARG C 449 -8.57 -15.89 -21.46
CA ARG C 449 -8.11 -17.22 -21.06
C ARG C 449 -8.13 -17.42 -19.55
N ARG C 450 -8.59 -16.43 -18.79
CA ARG C 450 -8.49 -16.48 -17.34
C ARG C 450 -9.31 -17.65 -16.77
N LEU C 451 -8.93 -18.07 -15.56
CA LEU C 451 -9.64 -19.11 -14.81
C LEU C 451 -9.93 -18.55 -13.41
N SER C 452 -11.15 -18.05 -13.22
CA SER C 452 -11.53 -17.56 -11.91
C SER C 452 -11.92 -18.72 -10.99
N ALA C 453 -11.92 -18.44 -9.69
CA ALA C 453 -12.32 -19.41 -8.68
C ALA C 453 -13.33 -18.85 -7.68
N LEU C 454 -13.60 -17.55 -7.70
CA LEU C 454 -14.53 -16.91 -6.79
C LEU C 454 -15.75 -16.41 -7.57
N GLY C 455 -16.62 -15.69 -6.87
CA GLY C 455 -17.81 -15.14 -7.47
C GLY C 455 -19.05 -15.92 -7.08
N PRO C 456 -20.19 -15.57 -7.68
CA PRO C 456 -21.43 -16.30 -7.37
C PRO C 456 -21.28 -17.79 -7.64
N GLY C 457 -21.86 -18.59 -6.76
CA GLY C 457 -21.72 -20.03 -6.85
C GLY C 457 -20.38 -20.57 -6.39
N GLY C 458 -19.56 -19.75 -5.74
CA GLY C 458 -18.25 -20.17 -5.29
C GLY C 458 -17.97 -19.68 -3.89
N LEU C 459 -16.80 -20.07 -3.38
CA LEU C 459 -16.41 -19.74 -2.03
C LEU C 459 -16.04 -18.25 -1.92
N SER C 460 -16.12 -17.72 -0.71
CA SER C 460 -15.78 -16.33 -0.44
C SER C 460 -14.31 -16.23 -0.01
N ARG C 461 -13.86 -15.00 0.20
CA ARG C 461 -12.45 -14.78 0.55
C ARG C 461 -12.15 -15.26 1.96
N GLU C 462 -13.03 -14.95 2.91
CA GLU C 462 -12.75 -15.28 4.30
C GLU C 462 -12.96 -16.77 4.58
N ARG C 463 -13.91 -17.40 3.92
CA ARG C 463 -14.20 -18.82 4.16
C ARG C 463 -13.27 -19.75 3.39
N ALA C 464 -12.76 -19.31 2.24
CA ALA C 464 -11.85 -20.15 1.48
C ALA C 464 -10.57 -20.39 2.27
N GLY C 465 -10.15 -21.65 2.33
CA GLY C 465 -8.95 -21.99 3.07
C GLY C 465 -7.69 -21.49 2.40
N LEU C 466 -6.62 -21.40 3.20
CA LEU C 466 -5.33 -20.98 2.67
C LEU C 466 -4.63 -22.07 1.88
N GLU C 467 -4.92 -23.34 2.18
CA GLU C 467 -4.27 -24.43 1.47
C GLU C 467 -4.64 -24.45 -0.01
N VAL C 468 -5.88 -24.08 -0.33
CA VAL C 468 -6.33 -24.11 -1.72
C VAL C 468 -5.51 -23.17 -2.58
N ARG C 469 -4.93 -22.12 -2.00
CA ARG C 469 -4.13 -21.16 -2.74
C ARG C 469 -2.75 -21.70 -3.09
N ASP C 470 -2.41 -22.91 -2.68
CA ASP C 470 -1.11 -23.50 -2.94
C ASP C 470 -1.19 -24.45 -4.13
N VAL C 471 -0.02 -24.79 -4.66
CA VAL C 471 0.09 -25.66 -5.83
C VAL C 471 -0.31 -27.07 -5.44
N HIS C 472 -0.54 -27.92 -6.44
CA HIS C 472 -0.91 -29.31 -6.25
C HIS C 472 -0.22 -30.09 -7.36
N PRO C 473 0.38 -31.25 -7.06
CA PRO C 473 1.22 -31.92 -8.07
C PRO C 473 0.47 -32.32 -9.32
N SER C 474 -0.85 -32.12 -9.36
CA SER C 474 -1.64 -32.38 -10.55
C SER C 474 -1.88 -31.14 -11.39
N HIS C 475 -1.31 -30.00 -11.01
CA HIS C 475 -1.44 -28.77 -11.80
C HIS C 475 -0.58 -28.79 -13.05
N TYR C 476 0.46 -29.62 -13.09
CA TYR C 476 1.39 -29.63 -14.20
C TYR C 476 0.69 -29.98 -15.51
N GLY C 477 0.59 -29.02 -16.41
CA GLY C 477 -0.03 -29.22 -17.71
C GLY C 477 -1.42 -28.62 -17.85
N ARG C 478 -2.05 -28.20 -16.77
CA ARG C 478 -3.42 -27.69 -16.81
C ARG C 478 -3.49 -26.22 -16.43
N MET C 479 -2.99 -25.85 -15.26
CA MET C 479 -3.01 -24.46 -14.80
C MET C 479 -1.60 -24.02 -14.48
N CYS C 480 -1.20 -22.88 -15.03
CA CYS C 480 0.16 -22.40 -14.83
C CYS C 480 0.39 -22.09 -13.36
N PRO C 481 1.56 -22.42 -12.81
CA PRO C 481 1.85 -22.08 -11.41
C PRO C 481 2.47 -20.71 -11.20
N ILE C 482 2.88 -20.02 -12.27
CA ILE C 482 3.58 -18.75 -12.14
C ILE C 482 2.60 -17.60 -12.18
N GLU C 483 1.86 -17.48 -13.28
CA GLU C 483 0.96 -16.34 -13.45
C GLU C 483 -0.10 -16.32 -12.37
N THR C 484 -0.25 -15.17 -11.71
CA THR C 484 -1.25 -15.00 -10.66
C THR C 484 -1.28 -13.54 -10.24
N PRO C 485 -2.45 -12.98 -9.91
CA PRO C 485 -2.49 -11.61 -9.40
C PRO C 485 -1.70 -11.47 -8.12
N GLU C 486 -1.06 -10.31 -7.94
CA GLU C 486 -0.23 -10.08 -6.77
C GLU C 486 -1.08 -9.82 -5.53
N GLY C 487 -2.27 -9.26 -5.70
CA GLY C 487 -3.10 -8.86 -4.59
C GLY C 487 -3.53 -10.02 -3.72
N PRO C 488 -4.48 -9.79 -2.82
CA PRO C 488 -4.95 -10.88 -1.96
C PRO C 488 -5.59 -12.02 -2.71
N ASN C 489 -6.02 -11.79 -3.95
CA ASN C 489 -6.64 -12.84 -4.77
C ASN C 489 -5.56 -13.71 -5.43
N ILE C 490 -4.69 -14.25 -4.58
CA ILE C 490 -3.57 -15.07 -5.01
C ILE C 490 -3.97 -16.53 -4.88
N GLY C 491 -3.77 -17.30 -5.95
CA GLY C 491 -4.14 -18.70 -5.98
C GLY C 491 -5.56 -18.96 -6.42
N LEU C 492 -6.41 -17.94 -6.45
CA LEU C 492 -7.79 -18.09 -6.89
C LEU C 492 -7.98 -17.72 -8.36
N ILE C 493 -6.94 -17.25 -9.03
CA ILE C 493 -7.05 -16.84 -10.43
C ILE C 493 -5.83 -17.36 -11.19
N GLY C 494 -6.00 -18.47 -11.90
CA GLY C 494 -4.95 -19.07 -12.69
C GLY C 494 -5.07 -18.74 -14.17
N SER C 495 -4.60 -19.68 -15.00
CA SER C 495 -4.64 -19.50 -16.44
C SER C 495 -4.34 -20.83 -17.11
N LEU C 496 -5.10 -21.15 -18.16
CA LEU C 496 -4.88 -22.40 -18.88
C LEU C 496 -3.42 -22.51 -19.32
N SER C 497 -2.96 -23.76 -19.43
CA SER C 497 -1.65 -24.02 -20.01
C SER C 497 -1.70 -23.82 -21.52
N VAL C 498 -0.53 -23.87 -22.15
CA VAL C 498 -0.45 -23.58 -23.58
C VAL C 498 -1.23 -24.62 -24.37
N TYR C 499 -1.06 -25.90 -24.04
CA TYR C 499 -1.63 -26.99 -24.82
C TYR C 499 -2.91 -27.56 -24.23
N ALA C 500 -3.40 -27.02 -23.12
CA ALA C 500 -4.57 -27.57 -22.47
C ALA C 500 -5.83 -27.28 -23.28
N ARG C 501 -6.72 -28.28 -23.37
CA ARG C 501 -8.02 -28.17 -24.10
C ARG C 501 -9.07 -28.87 -23.23
N VAL C 502 -10.24 -28.25 -23.02
CA VAL C 502 -11.28 -28.78 -22.13
C VAL C 502 -11.99 -29.94 -22.81
N ASN C 503 -12.13 -31.05 -22.08
CA ASN C 503 -12.86 -32.20 -22.59
C ASN C 503 -14.35 -31.88 -22.61
N PRO C 504 -15.14 -32.65 -23.37
CA PRO C 504 -16.57 -32.31 -23.51
C PRO C 504 -17.35 -32.29 -22.21
N PHE C 505 -16.80 -32.83 -21.12
CA PHE C 505 -17.46 -32.79 -19.82
C PHE C 505 -17.03 -31.62 -18.96
N GLY C 506 -15.77 -31.17 -19.08
CA GLY C 506 -15.29 -30.06 -18.29
C GLY C 506 -14.05 -30.36 -17.49
N PHE C 507 -13.44 -31.52 -17.75
CA PHE C 507 -12.18 -31.91 -17.12
C PHE C 507 -11.04 -31.56 -18.07
N ILE C 508 -10.12 -30.70 -17.61
CA ILE C 508 -9.01 -30.29 -18.46
C ILE C 508 -8.20 -31.50 -18.87
N GLU C 509 -7.65 -31.45 -20.08
CA GLU C 509 -6.81 -32.51 -20.62
C GLU C 509 -5.41 -31.97 -20.90
N THR C 510 -4.57 -32.82 -21.47
CA THR C 510 -3.20 -32.44 -21.81
C THR C 510 -2.62 -33.50 -22.74
N PRO C 511 -1.94 -33.10 -23.81
CA PRO C 511 -1.46 -34.10 -24.78
C PRO C 511 -0.32 -34.94 -24.23
N TYR C 512 -0.19 -36.14 -24.78
CA TYR C 512 0.90 -37.05 -24.47
C TYR C 512 1.08 -37.99 -25.66
N ARG C 513 2.30 -38.45 -25.86
CA ARG C 513 2.58 -39.52 -26.81
C ARG C 513 2.99 -40.77 -26.04
N LYS C 514 2.34 -41.88 -26.35
CA LYS C 514 2.49 -43.10 -25.57
C LYS C 514 3.63 -43.94 -26.11
N VAL C 515 4.55 -44.31 -25.23
CA VAL C 515 5.66 -45.19 -25.57
C VAL C 515 5.18 -46.62 -25.42
N VAL C 516 5.27 -47.41 -26.50
CA VAL C 516 4.72 -48.76 -26.49
C VAL C 516 5.70 -49.75 -25.90
N ASP C 517 6.91 -49.82 -26.46
CA ASP C 517 7.93 -50.77 -26.01
C ASP C 517 9.29 -50.06 -25.93
N GLY C 518 9.29 -48.86 -25.36
CA GLY C 518 10.48 -48.06 -25.27
C GLY C 518 10.81 -47.25 -26.50
N VAL C 519 9.90 -47.18 -27.47
CA VAL C 519 10.08 -46.40 -28.69
C VAL C 519 9.03 -45.31 -28.70
N VAL C 520 9.46 -44.06 -28.91
CA VAL C 520 8.54 -42.93 -28.90
C VAL C 520 7.56 -43.05 -30.06
N SER C 521 6.33 -42.59 -29.82
CA SER C 521 5.26 -42.64 -30.81
C SER C 521 4.91 -41.21 -31.23
N ASP C 522 4.94 -40.96 -32.53
CA ASP C 522 4.62 -39.62 -33.03
C ASP C 522 3.15 -39.30 -32.81
N GLU C 523 2.26 -40.27 -33.01
CA GLU C 523 0.85 -40.04 -32.76
C GLU C 523 0.63 -39.74 -31.28
N ILE C 524 -0.33 -38.87 -31.00
CA ILE C 524 -0.54 -38.34 -29.65
C ILE C 524 -1.98 -38.55 -29.23
N VAL C 525 -2.18 -38.62 -27.91
CA VAL C 525 -3.50 -38.73 -27.30
C VAL C 525 -3.59 -37.73 -26.16
N TYR C 526 -4.81 -37.48 -25.71
CA TYR C 526 -5.08 -36.53 -24.63
C TYR C 526 -5.57 -37.31 -23.42
N LEU C 527 -4.98 -37.03 -22.26
CA LEU C 527 -5.28 -37.74 -21.02
C LEU C 527 -5.74 -36.75 -19.96
N THR C 528 -6.75 -37.17 -19.19
CA THR C 528 -7.25 -36.38 -18.08
C THR C 528 -6.47 -36.70 -16.81
N ALA C 529 -6.88 -36.12 -15.67
CA ALA C 529 -6.12 -36.29 -14.44
C ALA C 529 -6.12 -37.75 -14.00
N ASP C 530 -7.29 -38.37 -13.93
CA ASP C 530 -7.38 -39.73 -13.41
C ASP C 530 -6.52 -40.70 -14.24
N GLU C 531 -6.70 -40.68 -15.56
CA GLU C 531 -5.91 -41.55 -16.41
C GLU C 531 -4.43 -41.20 -16.35
N GLU C 532 -4.11 -39.91 -16.16
CA GLU C 532 -2.72 -39.52 -16.03
C GLU C 532 -2.07 -40.14 -14.80
N ASP C 533 -2.80 -40.18 -13.69
CA ASP C 533 -2.26 -40.78 -12.47
C ASP C 533 -1.95 -42.26 -12.69
N ARG C 534 -2.85 -42.97 -13.36
CA ARG C 534 -2.75 -44.43 -13.53
C ARG C 534 -1.66 -44.85 -14.51
N HIS C 535 -0.82 -43.97 -15.03
CA HIS C 535 0.21 -44.35 -15.99
C HIS C 535 1.54 -43.74 -15.58
N VAL C 536 2.57 -44.00 -16.39
CA VAL C 536 3.91 -43.49 -16.16
C VAL C 536 4.20 -42.44 -17.23
N VAL C 537 4.51 -41.23 -16.79
CA VAL C 537 4.74 -40.10 -17.67
C VAL C 537 6.24 -39.79 -17.69
N ALA C 538 6.83 -39.79 -18.87
CA ALA C 538 8.26 -39.58 -19.03
C ALA C 538 8.58 -38.09 -18.96
N GLN C 539 9.81 -37.74 -19.33
CA GLN C 539 10.27 -36.35 -19.32
C GLN C 539 10.62 -35.94 -20.74
N ALA C 540 10.12 -34.76 -21.15
CA ALA C 540 10.36 -34.29 -22.51
C ALA C 540 11.84 -34.01 -22.74
N ASN C 541 12.52 -33.39 -21.76
CA ASN C 541 13.91 -33.01 -21.93
C ASN C 541 14.86 -34.19 -21.92
N SER C 542 14.41 -35.38 -21.51
CA SER C 542 15.28 -36.54 -21.52
C SER C 542 15.75 -36.82 -22.94
N PRO C 543 17.06 -37.02 -23.17
CA PRO C 543 17.53 -37.25 -24.54
C PRO C 543 16.87 -38.47 -25.16
N ILE C 544 16.59 -38.38 -26.45
CA ILE C 544 16.00 -39.47 -27.22
C ILE C 544 16.70 -39.54 -28.57
N ASP C 545 17.00 -40.76 -29.01
CA ASP C 545 17.69 -40.93 -30.28
C ASP C 545 16.74 -40.65 -31.44
N ALA C 546 17.33 -40.33 -32.59
CA ALA C 546 16.53 -40.01 -33.77
C ALA C 546 15.67 -41.18 -34.22
N ASP C 547 16.10 -42.41 -33.91
CA ASP C 547 15.34 -43.60 -34.28
C ASP C 547 14.26 -43.94 -33.25
N GLY C 548 14.14 -43.16 -32.18
CA GLY C 548 13.19 -43.45 -31.13
C GLY C 548 13.74 -44.30 -30.00
N ARG C 549 15.06 -44.48 -29.93
CA ARG C 549 15.67 -45.32 -28.91
C ARG C 549 16.17 -44.45 -27.76
N PHE C 550 15.89 -44.89 -26.54
CA PHE C 550 16.34 -44.19 -25.34
C PHE C 550 17.83 -44.42 -25.16
N VAL C 551 18.63 -43.37 -25.31
CA VAL C 551 20.07 -43.50 -25.13
C VAL C 551 20.40 -43.84 -23.69
N GLU C 552 19.68 -43.25 -22.73
CA GLU C 552 19.94 -43.53 -21.33
C GLU C 552 19.14 -44.74 -20.87
N PRO C 553 19.71 -45.62 -20.05
CA PRO C 553 18.89 -46.69 -19.44
C PRO C 553 17.99 -46.18 -18.34
N ARG C 554 18.41 -45.15 -17.60
CA ARG C 554 17.65 -44.59 -16.50
C ARG C 554 17.14 -43.21 -16.92
N VAL C 555 15.84 -43.02 -16.87
CA VAL C 555 15.20 -41.75 -17.24
C VAL C 555 14.28 -41.34 -16.10
N LEU C 556 14.48 -40.11 -15.61
CA LEU C 556 13.63 -39.61 -14.53
C LEU C 556 12.18 -39.54 -15.01
N VAL C 557 11.26 -39.51 -14.04
CA VAL C 557 9.85 -39.70 -14.31
C VAL C 557 9.05 -39.09 -13.17
N ARG C 558 7.79 -38.74 -13.44
CA ARG C 558 6.85 -38.32 -12.41
C ARG C 558 5.90 -39.47 -12.11
N ARG C 559 5.61 -39.65 -10.83
CA ARG C 559 4.83 -40.77 -10.34
C ARG C 559 3.55 -40.25 -9.67
N LYS C 560 2.84 -41.15 -8.99
CA LYS C 560 1.49 -40.89 -8.51
C LYS C 560 1.31 -39.47 -8.00
N ALA C 561 2.09 -39.07 -7.00
CA ALA C 561 1.94 -37.74 -6.42
C ALA C 561 3.24 -37.36 -5.71
N GLY C 562 3.92 -36.35 -6.23
CA GLY C 562 5.14 -35.87 -5.61
C GLY C 562 6.26 -36.88 -5.58
N GLU C 563 6.18 -37.94 -6.39
CA GLU C 563 7.19 -38.98 -6.44
C GLU C 563 7.89 -38.93 -7.79
N VAL C 564 9.22 -38.88 -7.75
CA VAL C 564 10.05 -38.89 -8.96
C VAL C 564 11.22 -39.83 -8.71
N GLU C 565 11.49 -40.71 -9.66
CA GLU C 565 12.54 -41.71 -9.46
C GLU C 565 12.86 -42.36 -10.79
N TYR C 566 14.14 -42.68 -10.98
CA TYR C 566 14.58 -43.33 -12.21
C TYR C 566 13.98 -44.71 -12.32
N VAL C 567 13.72 -45.12 -13.56
CA VAL C 567 13.22 -46.47 -13.84
C VAL C 567 13.83 -46.97 -15.14
N PRO C 568 13.94 -48.30 -15.28
CA PRO C 568 14.41 -48.85 -16.56
C PRO C 568 13.71 -48.22 -17.76
N SER C 569 14.36 -48.27 -18.92
CA SER C 569 13.90 -47.56 -20.11
C SER C 569 12.88 -48.34 -20.92
N SER C 570 12.18 -49.29 -20.30
CA SER C 570 11.16 -50.08 -20.99
C SER C 570 9.76 -49.86 -20.42
N GLU C 571 9.62 -49.93 -19.09
CA GLU C 571 8.30 -49.82 -18.48
C GLU C 571 7.68 -48.43 -18.68
N VAL C 572 8.49 -47.42 -19.00
CA VAL C 572 7.95 -46.08 -19.20
C VAL C 572 6.90 -46.11 -20.30
N ASP C 573 5.75 -45.50 -20.03
CA ASP C 573 4.58 -45.59 -20.90
C ASP C 573 4.28 -44.31 -21.67
N TYR C 574 4.29 -43.16 -21.01
CA TYR C 574 3.91 -41.90 -21.63
C TYR C 574 5.07 -40.92 -21.57
N MET C 575 5.16 -40.06 -22.58
CA MET C 575 6.15 -38.99 -22.64
C MET C 575 5.46 -37.69 -23.04
N ASP C 576 5.90 -36.59 -22.44
CA ASP C 576 5.32 -35.28 -22.75
C ASP C 576 5.66 -34.89 -24.18
N VAL C 577 5.18 -33.71 -24.59
CA VAL C 577 5.35 -33.22 -25.95
C VAL C 577 6.44 -32.18 -26.04
N SER C 578 6.34 -31.09 -25.28
CA SER C 578 7.29 -29.99 -25.35
C SER C 578 7.63 -29.51 -23.95
N PRO C 579 8.82 -28.95 -23.76
CA PRO C 579 9.20 -28.47 -22.41
C PRO C 579 8.32 -27.36 -21.90
N ARG C 580 7.61 -26.64 -22.77
CA ARG C 580 6.83 -25.48 -22.39
C ARG C 580 5.38 -25.83 -22.09
N GLN C 581 5.13 -27.04 -21.58
CA GLN C 581 3.77 -27.55 -21.46
C GLN C 581 3.09 -27.15 -20.16
N MET C 582 3.78 -26.45 -19.26
CA MET C 582 3.19 -26.04 -17.99
C MET C 582 3.10 -24.52 -17.82
N VAL C 583 3.63 -23.73 -18.76
CA VAL C 583 3.62 -22.28 -18.61
C VAL C 583 2.33 -21.70 -19.16
N SER C 584 1.96 -20.53 -18.66
CA SER C 584 0.82 -19.80 -19.19
C SER C 584 1.19 -19.15 -20.52
N VAL C 585 0.23 -18.45 -21.12
CA VAL C 585 0.49 -17.76 -22.37
C VAL C 585 1.41 -16.57 -22.13
N ALA C 586 1.13 -15.78 -21.09
CA ALA C 586 1.96 -14.60 -20.81
C ALA C 586 3.37 -15.00 -20.40
N THR C 587 3.50 -16.02 -19.54
CA THR C 587 4.83 -16.43 -19.09
C THR C 587 5.62 -17.13 -20.17
N ALA C 588 4.97 -17.59 -21.23
CA ALA C 588 5.67 -18.32 -22.29
C ALA C 588 6.57 -17.42 -23.12
N MET C 589 6.47 -16.10 -22.97
CA MET C 589 7.25 -15.16 -23.76
C MET C 589 8.14 -14.31 -22.87
N ILE C 590 8.77 -14.93 -21.89
CA ILE C 590 9.78 -14.30 -21.04
C ILE C 590 11.10 -15.04 -21.24
N PRO C 591 12.03 -14.47 -22.00
CA PRO C 591 13.27 -15.21 -22.30
C PRO C 591 14.07 -15.51 -21.05
N PHE C 592 14.78 -16.64 -21.09
CA PHE C 592 15.57 -17.10 -19.96
C PHE C 592 14.72 -17.17 -18.69
N LEU C 593 13.56 -17.84 -18.82
CA LEU C 593 12.70 -18.05 -17.67
C LEU C 593 13.24 -19.11 -16.71
N GLU C 594 14.15 -19.95 -17.18
CA GLU C 594 14.71 -21.02 -16.36
C GLU C 594 15.82 -20.53 -15.43
N HIS C 595 16.08 -19.23 -15.38
CA HIS C 595 17.13 -18.68 -14.53
C HIS C 595 16.63 -17.75 -13.43
N ASP C 596 15.44 -17.20 -13.56
CA ASP C 596 14.92 -16.26 -12.57
C ASP C 596 14.33 -17.01 -11.39
N ASP C 597 13.75 -16.26 -10.45
CA ASP C 597 13.09 -16.82 -9.29
C ASP C 597 11.58 -16.85 -9.51
N ALA C 598 10.90 -17.64 -8.68
CA ALA C 598 9.45 -17.78 -8.81
C ALA C 598 8.76 -16.43 -8.66
N ASN C 599 9.08 -15.72 -7.57
CA ASN C 599 8.43 -14.44 -7.33
C ASN C 599 8.77 -13.43 -8.42
N ARG C 600 10.04 -13.38 -8.83
CA ARG C 600 10.43 -12.44 -9.89
C ARG C 600 9.76 -12.79 -11.21
N ALA C 601 9.69 -14.09 -11.54
CA ALA C 601 9.03 -14.50 -12.77
C ALA C 601 7.56 -14.12 -12.74
N LEU C 602 6.89 -14.35 -11.61
CA LEU C 602 5.49 -13.97 -11.49
C LEU C 602 5.32 -12.47 -11.64
N MET C 603 6.22 -11.69 -11.02
CA MET C 603 6.13 -10.24 -11.12
C MET C 603 6.29 -9.79 -12.56
N GLY C 604 7.26 -10.36 -13.28
CA GLY C 604 7.44 -9.99 -14.69
C GLY C 604 6.24 -10.37 -15.54
N ALA C 605 5.68 -11.55 -15.30
CA ALA C 605 4.49 -11.96 -16.04
C ALA C 605 3.33 -11.01 -15.80
N ASN C 606 3.13 -10.60 -14.55
CA ASN C 606 2.06 -9.66 -14.24
C ASN C 606 2.35 -8.29 -14.85
N MET C 607 3.63 -7.88 -14.90
CA MET C 607 3.99 -6.60 -15.48
C MET C 607 3.71 -6.57 -16.97
N GLN C 608 3.96 -7.70 -17.66
CA GLN C 608 3.78 -7.71 -19.10
C GLN C 608 2.36 -7.37 -19.52
N ARG C 609 1.38 -7.52 -18.62
CA ARG C 609 -0.01 -7.22 -18.92
C ARG C 609 -0.38 -5.77 -18.63
N GLN C 610 0.61 -4.87 -18.54
CA GLN C 610 0.34 -3.48 -18.22
C GLN C 610 1.09 -2.51 -19.13
N ALA C 611 1.63 -2.98 -20.25
CA ALA C 611 2.30 -2.10 -21.19
C ALA C 611 1.30 -1.09 -21.76
N VAL C 612 1.84 -0.07 -22.43
CA VAL C 612 1.03 0.95 -23.08
C VAL C 612 1.43 1.04 -24.54
N PRO C 613 0.50 0.95 -25.49
CA PRO C 613 0.89 1.00 -26.90
C PRO C 613 1.53 2.33 -27.25
N LEU C 614 2.71 2.26 -27.85
CA LEU C 614 3.47 3.45 -28.20
C LEU C 614 3.06 3.92 -29.60
N VAL C 615 3.79 4.89 -30.14
CA VAL C 615 3.46 5.43 -31.46
C VAL C 615 4.23 4.69 -32.56
N ARG C 616 5.49 4.35 -32.31
CA ARG C 616 6.32 3.65 -33.28
C ARG C 616 6.92 2.43 -32.58
N SER C 617 6.31 1.27 -32.77
CA SER C 617 6.73 0.06 -32.09
C SER C 617 7.87 -0.62 -32.85
N GLU C 618 8.62 -1.46 -32.12
CA GLU C 618 9.72 -2.21 -32.69
C GLU C 618 9.75 -3.60 -32.08
N ALA C 619 9.95 -4.61 -32.92
CA ALA C 619 9.96 -5.98 -32.44
C ALA C 619 11.17 -6.22 -31.54
N PRO C 620 11.03 -7.03 -30.49
CA PRO C 620 12.18 -7.31 -29.62
C PRO C 620 13.26 -8.08 -30.36
N LEU C 621 14.51 -7.83 -29.96
CA LEU C 621 15.63 -8.54 -30.56
C LEU C 621 15.76 -9.97 -30.02
N VAL C 622 15.39 -10.19 -28.76
CA VAL C 622 15.42 -11.51 -28.14
C VAL C 622 14.05 -11.78 -27.56
N GLY C 623 13.39 -12.82 -28.06
CA GLY C 623 12.09 -13.21 -27.55
C GLY C 623 11.73 -14.59 -28.04
N THR C 624 10.88 -15.27 -27.26
CA THR C 624 10.52 -16.64 -27.60
C THR C 624 9.82 -16.69 -28.95
N GLY C 625 9.66 -17.91 -29.46
CA GLY C 625 8.98 -18.13 -30.73
C GLY C 625 7.48 -18.09 -30.64
N MET C 626 6.92 -17.75 -29.48
CA MET C 626 5.47 -17.70 -29.27
C MET C 626 4.96 -16.27 -29.27
N GLU C 627 5.51 -15.42 -30.12
CA GLU C 627 5.07 -14.03 -30.23
C GLU C 627 4.08 -13.82 -31.37
N LEU C 628 4.44 -14.22 -32.59
CA LEU C 628 3.54 -14.02 -33.72
C LEU C 628 2.26 -14.83 -33.54
N ARG C 629 2.37 -16.06 -33.04
CA ARG C 629 1.18 -16.89 -32.84
C ARG C 629 0.25 -16.26 -31.81
N ALA C 630 0.80 -15.71 -30.73
CA ALA C 630 -0.02 -15.05 -29.73
C ALA C 630 -0.63 -13.76 -30.25
N ALA C 631 -0.16 -13.24 -31.38
CA ALA C 631 -0.73 -12.03 -31.96
C ALA C 631 -1.79 -12.34 -33.01
N ILE C 632 -1.57 -13.34 -33.84
CA ILE C 632 -2.55 -13.69 -34.86
C ILE C 632 -3.86 -14.12 -34.20
N ASP C 633 -3.77 -14.95 -33.17
CA ASP C 633 -4.97 -15.38 -32.44
C ASP C 633 -5.53 -14.29 -31.54
N ALA C 634 -4.79 -13.21 -31.31
CA ALA C 634 -5.29 -12.13 -30.48
C ALA C 634 -6.44 -11.37 -31.12
N GLY C 635 -6.67 -11.55 -32.42
CA GLY C 635 -7.79 -10.94 -33.09
C GLY C 635 -7.62 -9.49 -33.47
N ASP C 636 -6.69 -8.77 -32.84
CA ASP C 636 -6.52 -7.35 -33.11
C ASP C 636 -5.70 -7.08 -34.37
N VAL C 637 -5.46 -8.08 -35.21
CA VAL C 637 -4.79 -7.91 -36.49
C VAL C 637 -5.59 -8.61 -37.55
N VAL C 638 -5.93 -7.90 -38.62
CA VAL C 638 -6.69 -8.50 -39.71
C VAL C 638 -5.81 -9.47 -40.48
N VAL C 639 -6.46 -10.32 -41.28
CA VAL C 639 -5.75 -11.32 -42.07
C VAL C 639 -6.64 -11.73 -43.23
N ALA C 640 -6.02 -11.94 -44.39
CA ALA C 640 -6.76 -12.31 -45.59
C ALA C 640 -7.34 -13.72 -45.45
N GLU C 641 -8.53 -13.91 -46.02
CA GLU C 641 -9.20 -15.20 -45.98
C GLU C 641 -8.78 -16.08 -47.16
N GLU C 642 -8.73 -15.53 -48.36
CA GLU C 642 -8.37 -16.26 -49.56
C GLU C 642 -7.15 -15.63 -50.22
N SER C 643 -6.32 -16.47 -50.83
CA SER C 643 -5.10 -16.01 -51.49
C SER C 643 -5.47 -15.17 -52.70
N GLY C 644 -5.27 -13.85 -52.60
CA GLY C 644 -5.55 -12.95 -53.70
C GLY C 644 -4.39 -12.02 -54.00
N VAL C 645 -4.62 -11.04 -54.86
CA VAL C 645 -3.62 -10.04 -55.22
C VAL C 645 -4.21 -8.66 -54.92
N ILE C 646 -3.46 -7.84 -54.21
CA ILE C 646 -3.93 -6.52 -53.80
C ILE C 646 -3.93 -5.59 -55.01
N GLU C 647 -5.04 -4.89 -55.22
CA GLU C 647 -5.13 -3.92 -56.30
C GLU C 647 -4.61 -2.55 -55.84
N GLU C 648 -5.19 -2.03 -54.76
CA GLU C 648 -4.75 -0.75 -54.20
C GLU C 648 -4.94 -0.79 -52.69
N VAL C 649 -4.15 0.04 -51.99
CA VAL C 649 -4.23 0.16 -50.55
C VAL C 649 -4.31 1.63 -50.20
N SER C 650 -4.85 1.90 -49.01
CA SER C 650 -5.00 3.26 -48.53
C SER C 650 -4.89 3.28 -47.02
N ALA C 651 -4.62 4.47 -46.47
CA ALA C 651 -4.45 4.59 -45.02
C ALA C 651 -5.72 4.27 -44.26
N ASP C 652 -6.88 4.30 -44.91
CA ASP C 652 -8.14 4.07 -44.23
C ASP C 652 -8.83 2.78 -44.63
N TYR C 653 -8.56 2.23 -45.81
CA TYR C 653 -9.21 1.01 -46.25
C TYR C 653 -8.32 0.31 -47.26
N ILE C 654 -8.59 -0.98 -47.46
CA ILE C 654 -7.82 -1.82 -48.37
C ILE C 654 -8.78 -2.61 -49.24
N THR C 655 -8.34 -2.97 -50.45
CA THR C 655 -9.14 -3.69 -51.41
C THR C 655 -8.29 -4.79 -52.03
N VAL C 656 -8.62 -6.05 -51.72
CA VAL C 656 -7.89 -7.20 -52.23
C VAL C 656 -8.79 -7.94 -53.22
N MET C 657 -8.23 -8.35 -54.34
CA MET C 657 -8.96 -9.04 -55.39
C MET C 657 -8.74 -10.54 -55.26
N HIS C 658 -9.82 -11.28 -55.06
CA HIS C 658 -9.72 -12.73 -54.97
C HIS C 658 -9.41 -13.33 -56.33
N ASP C 659 -8.88 -14.55 -56.32
CA ASP C 659 -8.57 -15.26 -57.55
C ASP C 659 -9.80 -15.71 -58.31
N ASN C 660 -10.98 -15.69 -57.69
CA ASN C 660 -12.23 -16.05 -58.35
C ASN C 660 -12.95 -14.85 -58.96
N GLY C 661 -12.40 -13.64 -58.82
CA GLY C 661 -13.00 -12.47 -59.41
C GLY C 661 -13.90 -11.68 -58.49
N THR C 662 -13.88 -11.94 -57.19
CA THR C 662 -14.72 -11.25 -56.22
C THR C 662 -13.88 -10.24 -55.46
N ARG C 663 -14.23 -8.96 -55.59
CA ARG C 663 -13.53 -7.90 -54.87
C ARG C 663 -14.06 -7.79 -53.45
N ARG C 664 -13.15 -7.64 -52.49
CA ARG C 664 -13.51 -7.51 -51.09
C ARG C 664 -12.74 -6.34 -50.48
N THR C 665 -13.36 -5.69 -49.49
CA THR C 665 -12.81 -4.51 -48.86
C THR C 665 -12.83 -4.67 -47.36
N TYR C 666 -11.76 -4.23 -46.70
CA TYR C 666 -11.65 -4.22 -45.25
C TYR C 666 -11.50 -2.78 -44.78
N ARG C 667 -12.29 -2.40 -43.79
CA ARG C 667 -12.20 -1.07 -43.19
C ARG C 667 -11.47 -1.18 -41.86
N MET C 668 -10.50 -0.28 -41.65
CA MET C 668 -9.64 -0.31 -40.48
C MET C 668 -9.94 0.92 -39.64
N ARG C 669 -10.36 0.69 -38.39
CA ARG C 669 -10.65 1.80 -37.50
C ARG C 669 -9.36 2.52 -37.13
N LYS C 670 -9.38 3.85 -37.19
CA LYS C 670 -8.21 4.67 -36.91
C LYS C 670 -8.52 5.62 -35.77
N PHE C 671 -7.70 5.56 -34.72
CA PHE C 671 -7.85 6.44 -33.56
C PHE C 671 -9.25 6.34 -32.97
N ALA C 672 -9.58 5.14 -32.52
CA ALA C 672 -10.81 4.87 -31.78
C ALA C 672 -10.45 4.53 -30.34
N ARG C 673 -11.08 5.21 -29.39
CA ARG C 673 -10.72 5.03 -27.99
C ARG C 673 -10.83 3.57 -27.58
N SER C 674 -9.77 3.05 -26.97
CA SER C 674 -9.80 1.69 -26.44
C SER C 674 -10.70 1.63 -25.21
N ASN C 675 -11.01 0.40 -24.79
CA ASN C 675 -11.90 0.21 -23.66
C ASN C 675 -11.29 0.70 -22.35
N HIS C 676 -9.99 0.97 -22.29
CA HIS C 676 -9.33 1.37 -21.06
C HIS C 676 -8.64 2.72 -21.17
N GLY C 677 -8.89 3.49 -22.23
CA GLY C 677 -8.38 4.84 -22.35
C GLY C 677 -7.23 5.02 -23.31
N THR C 678 -6.62 3.94 -23.79
CA THR C 678 -5.52 4.04 -24.74
C THR C 678 -6.08 4.11 -26.16
N CYS C 679 -5.20 4.28 -27.13
CA CYS C 679 -5.58 4.41 -28.53
C CYS C 679 -5.35 3.09 -29.27
N ALA C 680 -6.06 2.95 -30.39
CA ALA C 680 -5.92 1.78 -31.24
C ALA C 680 -5.97 2.22 -32.69
N ASN C 681 -5.09 1.66 -33.51
CA ASN C 681 -5.00 2.00 -34.92
C ASN C 681 -4.67 0.75 -35.71
N GLN C 682 -4.60 0.91 -37.04
CA GLN C 682 -4.13 -0.15 -37.92
C GLN C 682 -3.45 0.50 -39.12
N CYS C 683 -2.24 0.04 -39.42
CA CYS C 683 -1.47 0.57 -40.53
C CYS C 683 -1.09 -0.58 -41.47
N PRO C 684 -1.72 -0.70 -42.64
CA PRO C 684 -1.41 -1.84 -43.50
C PRO C 684 0.07 -1.90 -43.86
N ILE C 685 0.59 -3.11 -43.94
CA ILE C 685 2.00 -3.35 -44.21
C ILE C 685 2.19 -4.08 -45.54
N VAL C 686 1.31 -3.84 -46.50
CA VAL C 686 1.34 -4.51 -47.79
C VAL C 686 1.46 -3.46 -48.89
N ASP C 687 2.07 -3.87 -50.00
CA ASP C 687 2.31 -2.98 -51.12
C ASP C 687 1.35 -3.28 -52.27
N ALA C 688 1.22 -2.31 -53.17
CA ALA C 688 0.29 -2.43 -54.29
C ALA C 688 0.85 -3.38 -55.34
N GLY C 689 0.14 -4.47 -55.59
CA GLY C 689 0.53 -5.40 -56.64
C GLY C 689 1.30 -6.60 -56.14
N ASP C 690 0.93 -7.13 -54.98
CA ASP C 690 1.55 -8.32 -54.41
C ASP C 690 0.48 -9.38 -54.22
N ARG C 691 0.78 -10.61 -54.67
CA ARG C 691 -0.15 -11.73 -54.53
C ARG C 691 -0.05 -12.25 -53.10
N VAL C 692 -0.88 -11.69 -52.22
CA VAL C 692 -0.84 -12.03 -50.80
C VAL C 692 -1.54 -13.36 -50.59
N GLU C 693 -0.85 -14.30 -49.93
CA GLU C 693 -1.38 -15.62 -49.69
C GLU C 693 -2.36 -15.62 -48.53
N ALA C 694 -3.29 -16.55 -48.55
CA ALA C 694 -4.28 -16.67 -47.50
C ALA C 694 -3.59 -16.86 -46.14
N GLY C 695 -4.13 -16.20 -45.12
CA GLY C 695 -3.56 -16.28 -43.79
C GLY C 695 -2.40 -15.34 -43.54
N GLN C 696 -2.06 -14.48 -44.49
CA GLN C 696 -0.98 -13.53 -44.33
C GLN C 696 -1.49 -12.24 -43.71
N VAL C 697 -0.86 -11.81 -42.62
CA VAL C 697 -1.30 -10.58 -41.95
C VAL C 697 -1.27 -9.42 -42.95
N ILE C 698 -2.20 -8.49 -42.77
CA ILE C 698 -2.38 -7.39 -43.71
C ILE C 698 -2.26 -6.05 -43.00
N ALA C 699 -2.54 -6.04 -41.69
CA ALA C 699 -2.51 -4.80 -40.93
C ALA C 699 -2.03 -5.09 -39.51
N ASP C 700 -1.29 -4.16 -38.95
CA ASP C 700 -0.74 -4.27 -37.61
C ASP C 700 -1.51 -3.36 -36.67
N GLY C 701 -2.11 -3.95 -35.64
CA GLY C 701 -2.84 -3.19 -34.65
C GLY C 701 -1.90 -2.59 -33.62
N PRO C 702 -2.45 -2.16 -32.48
CA PRO C 702 -1.60 -1.61 -31.42
C PRO C 702 -0.65 -2.66 -30.88
N CYS C 703 0.55 -2.21 -30.49
CA CYS C 703 1.59 -3.10 -29.99
C CYS C 703 1.85 -4.23 -30.97
N THR C 704 2.30 -3.87 -32.16
CA THR C 704 2.60 -4.85 -33.18
C THR C 704 3.61 -4.26 -34.17
N ASP C 705 4.40 -5.13 -34.76
CA ASP C 705 5.39 -4.71 -35.76
C ASP C 705 5.58 -5.87 -36.72
N ASP C 706 5.01 -5.77 -37.92
CA ASP C 706 5.11 -6.82 -38.93
C ASP C 706 4.48 -8.12 -38.42
N GLY C 707 3.30 -8.01 -37.82
CA GLY C 707 2.56 -9.19 -37.38
C GLY C 707 3.20 -9.97 -36.25
N GLU C 708 3.74 -9.28 -35.25
CA GLU C 708 4.24 -9.94 -34.06
C GLU C 708 4.27 -8.94 -32.92
N MET C 709 4.05 -9.44 -31.70
CA MET C 709 3.89 -8.56 -30.55
C MET C 709 5.13 -7.71 -30.33
N ALA C 710 4.90 -6.45 -29.94
CA ALA C 710 5.98 -5.53 -29.59
C ALA C 710 5.41 -4.54 -28.58
N LEU C 711 5.66 -4.78 -27.30
CA LEU C 711 5.13 -3.94 -26.24
C LEU C 711 6.10 -2.84 -25.80
N GLY C 712 7.30 -2.81 -26.37
CA GLY C 712 8.31 -1.86 -25.93
C GLY C 712 9.37 -1.62 -26.97
N LYS C 713 10.46 -0.96 -26.58
CA LYS C 713 11.56 -0.61 -27.48
C LYS C 713 12.84 -1.31 -27.01
N ASN C 714 13.93 -1.00 -27.71
CA ASN C 714 15.25 -1.54 -27.38
C ASN C 714 16.16 -0.38 -26.98
N LEU C 715 16.60 -0.38 -25.73
CA LEU C 715 17.44 0.68 -25.19
C LEU C 715 18.80 0.11 -24.80
N LEU C 716 19.83 0.94 -24.93
CA LEU C 716 21.19 0.55 -24.58
C LEU C 716 21.41 0.82 -23.10
N VAL C 717 21.53 -0.26 -22.32
CA VAL C 717 21.58 -0.16 -20.86
C VAL C 717 23.02 -0.27 -20.39
N ALA C 718 23.27 0.31 -19.21
CA ALA C 718 24.53 0.15 -18.52
C ALA C 718 24.23 -0.08 -17.04
N ILE C 719 25.05 -0.91 -16.41
CA ILE C 719 24.80 -1.36 -15.03
C ILE C 719 25.92 -0.79 -14.16
N MET C 720 25.62 0.28 -13.45
CA MET C 720 26.58 0.87 -12.51
C MET C 720 25.89 1.94 -11.68
N PRO C 721 26.15 2.01 -10.37
CA PRO C 721 25.58 3.09 -9.56
C PRO C 721 26.19 4.43 -9.97
N TRP C 722 25.32 5.39 -10.28
CA TRP C 722 25.73 6.66 -10.87
C TRP C 722 25.23 7.82 -10.01
N GLU C 723 26.11 8.32 -9.14
CA GLU C 723 25.82 9.52 -8.34
C GLU C 723 24.50 9.40 -7.60
N GLY C 724 24.13 8.18 -7.21
CA GLY C 724 22.95 7.96 -6.40
C GLY C 724 21.63 8.36 -7.02
N HIS C 725 21.63 8.87 -8.26
CA HIS C 725 20.36 9.17 -8.90
C HIS C 725 19.57 7.91 -9.21
N ASN C 726 20.27 6.79 -9.40
CA ASN C 726 19.63 5.48 -9.57
C ASN C 726 19.65 4.69 -8.27
N TYR C 727 19.51 5.38 -7.14
CA TYR C 727 19.60 4.75 -5.84
C TYR C 727 18.28 4.09 -5.47
N GLU C 728 18.33 2.81 -5.13
CA GLU C 728 17.18 2.05 -4.66
C GLU C 728 16.06 2.05 -5.70
N ASP C 729 16.37 1.40 -6.83
CA ASP C 729 15.45 1.06 -7.90
C ASP C 729 15.15 2.24 -8.83
N ALA C 730 15.71 3.42 -8.60
CA ALA C 730 15.47 4.53 -9.52
C ALA C 730 16.15 4.25 -10.86
N ILE C 731 15.88 5.11 -11.83
CA ILE C 731 16.37 4.94 -13.19
C ILE C 731 16.69 6.30 -13.79
N ILE C 732 17.67 6.33 -14.68
CA ILE C 732 18.10 7.54 -15.38
C ILE C 732 17.91 7.32 -16.87
N LEU C 733 17.38 8.32 -17.56
CA LEU C 733 17.11 8.24 -18.97
C LEU C 733 17.79 9.39 -19.70
N SER C 734 18.37 9.08 -20.86
CA SER C 734 18.92 10.11 -21.72
C SER C 734 17.80 10.93 -22.35
N ASN C 735 18.07 12.22 -22.56
CA ASN C 735 17.10 13.10 -23.18
C ASN C 735 16.82 12.72 -24.63
N ARG C 736 17.66 11.87 -25.22
CA ARG C 736 17.41 11.42 -26.59
C ARG C 736 16.06 10.73 -26.72
N LEU C 737 15.66 9.96 -25.69
CA LEU C 737 14.34 9.34 -25.72
C LEU C 737 13.25 10.39 -25.76
N VAL C 738 13.37 11.43 -24.94
CA VAL C 738 12.34 12.46 -24.89
C VAL C 738 12.24 13.19 -26.21
N GLU C 739 13.39 13.54 -26.80
CA GLU C 739 13.39 14.38 -28.00
C GLU C 739 13.22 13.59 -29.29
N GLU C 740 13.12 12.26 -29.22
CA GLU C 740 12.95 11.42 -30.41
C GLU C 740 11.65 10.64 -30.39
N ASP C 741 10.77 10.87 -29.42
CA ASP C 741 9.50 10.16 -29.32
C ASP C 741 9.71 8.65 -29.28
N VAL C 742 10.80 8.20 -28.66
CA VAL C 742 11.04 6.77 -28.55
C VAL C 742 10.01 6.13 -27.64
N LEU C 743 9.59 6.84 -26.60
CA LEU C 743 8.61 6.35 -25.62
C LEU C 743 7.48 7.35 -25.46
N THR C 744 6.95 7.82 -26.59
CA THR C 744 5.81 8.74 -26.60
C THR C 744 4.53 7.94 -26.83
N SER C 745 3.53 8.17 -26.00
CA SER C 745 2.27 7.46 -26.06
C SER C 745 1.13 8.43 -26.33
N ILE C 746 -0.04 7.88 -26.64
CA ILE C 746 -1.25 8.65 -26.88
C ILE C 746 -2.34 8.14 -25.95
N HIS C 747 -3.01 9.05 -25.27
CA HIS C 747 -4.13 8.74 -24.39
C HIS C 747 -5.33 9.58 -24.79
N ILE C 748 -6.49 8.93 -24.89
CA ILE C 748 -7.73 9.58 -25.34
C ILE C 748 -8.70 9.57 -24.17
N GLU C 749 -9.12 10.76 -23.74
CA GLU C 749 -10.10 10.89 -22.68
C GLU C 749 -11.50 10.70 -23.29
N GLU C 750 -12.54 10.91 -22.48
CA GLU C 750 -13.90 10.78 -22.96
C GLU C 750 -14.87 11.41 -21.98
N HIS C 751 -15.74 12.28 -22.47
CA HIS C 751 -16.71 12.98 -21.64
C HIS C 751 -18.06 12.97 -22.35
N GLU C 752 -19.12 13.13 -21.56
CA GLU C 752 -20.47 13.18 -22.12
C GLU C 752 -21.36 13.99 -21.21
N ILE C 753 -22.29 14.73 -21.82
CA ILE C 753 -23.32 15.45 -21.09
C ILE C 753 -24.65 15.13 -21.76
N ASP C 754 -25.72 15.25 -20.99
CA ASP C 754 -27.06 14.90 -21.47
C ASP C 754 -28.07 15.91 -20.96
N ALA C 755 -29.11 16.12 -21.77
CA ALA C 755 -30.20 17.04 -21.44
C ALA C 755 -31.46 16.21 -21.28
N ARG C 756 -31.79 15.85 -20.04
CA ARG C 756 -32.93 15.01 -19.74
C ARG C 756 -34.10 15.85 -19.24
N ASP C 757 -35.31 15.45 -19.60
CA ASP C 757 -36.49 16.19 -19.24
C ASP C 757 -36.69 16.20 -17.73
N THR C 758 -37.37 17.24 -17.25
CA THR C 758 -37.67 17.40 -15.83
C THR C 758 -39.11 17.88 -15.68
N LYS C 759 -39.62 17.80 -14.45
CA LYS C 759 -40.97 18.27 -14.18
C LYS C 759 -41.10 19.77 -14.42
N LEU C 760 -40.05 20.53 -14.11
CA LEU C 760 -40.06 21.98 -14.30
C LEU C 760 -39.81 22.38 -15.74
N GLY C 761 -39.49 21.44 -16.62
CA GLY C 761 -39.21 21.75 -18.01
C GLY C 761 -38.15 20.83 -18.58
N ALA C 762 -37.80 21.05 -19.84
CA ALA C 762 -36.79 20.27 -20.54
C ALA C 762 -35.56 21.14 -20.79
N GLU C 763 -34.38 20.61 -20.48
CA GLU C 763 -33.15 21.33 -20.75
C GLU C 763 -32.75 21.18 -22.21
N GLU C 764 -32.16 22.24 -22.75
CA GLU C 764 -31.71 22.26 -24.14
C GLU C 764 -30.29 22.82 -24.22
N ILE C 765 -29.45 22.17 -25.01
CA ILE C 765 -28.11 22.68 -25.29
C ILE C 765 -28.24 23.86 -26.24
N THR C 766 -27.63 24.98 -25.89
CA THR C 766 -27.73 26.19 -26.66
C THR C 766 -26.41 26.95 -26.59
N ARG C 767 -26.04 27.58 -27.71
CA ARG C 767 -24.80 28.37 -27.74
C ARG C 767 -24.83 29.46 -26.68
N ASP C 768 -25.93 30.19 -26.60
CA ASP C 768 -26.05 31.25 -25.62
C ASP C 768 -26.09 30.67 -24.21
N ILE C 769 -25.59 31.46 -23.25
CA ILE C 769 -25.59 31.06 -21.85
C ILE C 769 -25.64 32.35 -21.02
N PRO C 770 -26.45 32.42 -19.96
CA PRO C 770 -26.61 33.70 -19.26
C PRO C 770 -25.31 34.22 -18.68
N ASN C 771 -25.12 35.54 -18.79
CA ASN C 771 -24.02 36.25 -18.15
C ASN C 771 -22.69 35.54 -18.33
N ILE C 772 -22.27 35.43 -19.60
CA ILE C 772 -20.95 34.91 -19.95
C ILE C 772 -20.36 35.80 -21.03
N SER C 773 -19.10 36.16 -20.87
CA SER C 773 -18.44 37.02 -21.84
C SER C 773 -18.27 36.29 -23.16
N ASP C 774 -18.22 37.07 -24.25
CA ASP C 774 -18.12 36.48 -25.59
C ASP C 774 -16.86 35.65 -25.73
N GLU C 775 -15.77 36.04 -25.07
CA GLU C 775 -14.52 35.31 -25.20
C GLU C 775 -14.64 33.90 -24.66
N VAL C 776 -15.36 33.73 -23.54
CA VAL C 776 -15.44 32.41 -22.91
C VAL C 776 -16.08 31.40 -23.88
N LEU C 777 -17.17 31.79 -24.53
CA LEU C 777 -17.86 30.92 -25.47
C LEU C 777 -17.38 31.11 -26.90
N ALA C 778 -16.17 31.64 -27.08
CA ALA C 778 -15.65 31.86 -28.43
C ALA C 778 -15.44 30.55 -29.19
N ASP C 779 -15.40 29.42 -28.50
CA ASP C 779 -15.16 28.13 -29.15
C ASP C 779 -16.44 27.44 -29.58
N LEU C 780 -17.53 27.58 -28.82
CA LEU C 780 -18.75 26.88 -29.15
C LEU C 780 -19.29 27.34 -30.50
N ASP C 781 -19.89 26.41 -31.23
CA ASP C 781 -20.45 26.69 -32.55
C ASP C 781 -21.91 27.07 -32.43
N GLU C 782 -22.60 27.16 -33.56
CA GLU C 782 -24.00 27.60 -33.56
C GLU C 782 -24.88 26.62 -32.79
N ARG C 783 -24.64 25.32 -32.94
CA ARG C 783 -25.51 24.33 -32.31
C ARG C 783 -25.25 24.22 -30.80
N GLY C 784 -24.19 24.82 -30.29
CA GLY C 784 -23.90 24.80 -28.87
C GLY C 784 -22.83 23.83 -28.45
N ILE C 785 -21.90 23.47 -29.32
CA ILE C 785 -20.83 22.53 -29.01
C ILE C 785 -19.51 23.10 -29.53
N VAL C 786 -18.41 22.63 -28.93
CA VAL C 786 -17.09 23.11 -29.31
C VAL C 786 -16.73 22.57 -30.69
N ARG C 787 -16.21 23.45 -31.54
CA ARG C 787 -15.79 23.04 -32.87
C ARG C 787 -14.64 22.04 -32.78
N ILE C 788 -14.60 21.13 -33.76
CA ILE C 788 -13.56 20.10 -33.77
C ILE C 788 -12.21 20.73 -34.04
N GLY C 789 -11.18 20.23 -33.35
CA GLY C 789 -9.83 20.71 -33.58
C GLY C 789 -9.46 21.97 -32.83
N ALA C 790 -10.16 22.28 -31.74
CA ALA C 790 -9.88 23.46 -30.95
C ALA C 790 -9.22 23.05 -29.63
N GLU C 791 -8.08 23.67 -29.34
CA GLU C 791 -7.38 23.36 -28.11
C GLU C 791 -8.23 23.74 -26.90
N VAL C 792 -8.21 22.89 -25.88
CA VAL C 792 -8.98 23.10 -24.67
C VAL C 792 -8.04 23.00 -23.47
N ARG C 793 -8.17 23.94 -22.54
CA ARG C 793 -7.35 23.99 -21.34
C ARG C 793 -8.23 23.72 -20.11
N ASP C 794 -7.57 23.32 -19.02
CA ASP C 794 -8.30 23.00 -17.79
C ASP C 794 -9.15 24.18 -17.36
N GLY C 795 -10.38 23.89 -16.94
CA GLY C 795 -11.31 24.91 -16.53
C GLY C 795 -12.09 25.55 -17.65
N ASP C 796 -11.85 25.15 -18.89
CA ASP C 796 -12.56 25.74 -20.02
C ASP C 796 -13.91 25.07 -20.21
N ILE C 797 -14.79 25.76 -20.94
CA ILE C 797 -16.12 25.24 -21.22
C ILE C 797 -16.06 24.34 -22.44
N LEU C 798 -16.67 23.16 -22.32
CA LEU C 798 -16.64 22.16 -23.38
C LEU C 798 -17.95 22.01 -24.13
N VAL C 799 -19.08 22.26 -23.47
CA VAL C 799 -20.38 22.26 -24.13
C VAL C 799 -21.37 23.01 -23.24
N GLY C 800 -22.15 23.89 -23.85
CA GLY C 800 -23.02 24.79 -23.11
C GLY C 800 -24.47 24.30 -23.10
N LYS C 801 -25.13 24.53 -21.97
CA LYS C 801 -26.55 24.20 -21.83
C LYS C 801 -27.16 25.13 -20.79
N VAL C 802 -28.49 25.23 -20.83
CA VAL C 802 -29.24 26.10 -19.96
C VAL C 802 -30.24 25.27 -19.17
N THR C 803 -30.34 25.53 -17.87
CA THR C 803 -31.25 24.82 -16.98
C THR C 803 -32.37 25.76 -16.54
N PRO C 804 -33.63 25.42 -16.76
CA PRO C 804 -34.72 26.32 -16.36
C PRO C 804 -34.75 26.54 -14.85
N VAL C 828 -33.25 31.00 -16.30
CA VAL C 828 -32.46 29.82 -16.64
C VAL C 828 -31.10 29.94 -15.97
N ARG C 829 -30.61 28.81 -15.45
CA ARG C 829 -29.33 28.74 -14.78
C ARG C 829 -28.27 28.23 -15.75
N ASP C 830 -27.02 28.21 -15.26
CA ASP C 830 -25.88 27.74 -16.04
C ASP C 830 -25.32 26.48 -15.38
N THR C 831 -25.34 25.37 -16.12
CA THR C 831 -24.77 24.11 -15.67
C THR C 831 -23.99 23.45 -16.79
N SER C 832 -23.24 24.24 -17.55
CA SER C 832 -22.51 23.72 -18.69
C SER C 832 -21.40 22.77 -18.23
N LEU C 833 -21.07 21.82 -19.09
CA LEU C 833 -19.99 20.88 -18.81
C LEU C 833 -18.66 21.51 -19.14
N LYS C 834 -17.70 21.36 -18.23
CA LYS C 834 -16.37 21.95 -18.37
C LYS C 834 -15.32 20.86 -18.19
N VAL C 835 -14.14 21.11 -18.74
CA VAL C 835 -13.06 20.13 -18.64
C VAL C 835 -12.71 19.95 -17.17
N PRO C 836 -12.51 18.71 -16.68
CA PRO C 836 -12.17 18.53 -15.27
C PRO C 836 -10.80 19.10 -14.93
N HIS C 837 -10.40 18.98 -13.68
CA HIS C 837 -9.12 19.52 -13.21
C HIS C 837 -8.00 18.61 -13.66
N GLY C 838 -7.18 19.08 -14.60
CA GLY C 838 -6.01 18.36 -15.04
C GLY C 838 -6.20 17.59 -16.34
N GLU C 839 -6.80 18.24 -17.34
CA GLU C 839 -6.92 17.65 -18.66
C GLU C 839 -6.65 18.73 -19.71
N SER C 840 -6.18 18.29 -20.86
CA SER C 840 -5.86 19.18 -21.97
C SER C 840 -5.69 18.34 -23.23
N GLY C 841 -5.53 19.01 -24.36
CA GLY C 841 -5.31 18.36 -25.63
C GLY C 841 -6.30 18.82 -26.68
N LYS C 842 -6.16 18.22 -27.86
CA LYS C 842 -7.04 18.52 -28.98
C LYS C 842 -8.39 17.85 -28.80
N VAL C 843 -9.35 18.26 -29.63
CA VAL C 843 -10.66 17.64 -29.70
C VAL C 843 -10.75 16.93 -31.04
N ILE C 844 -10.75 15.60 -31.01
CA ILE C 844 -10.64 14.83 -32.25
C ILE C 844 -11.99 14.54 -32.88
N GLY C 845 -13.05 14.38 -32.09
CA GLY C 845 -14.35 14.06 -32.63
C GLY C 845 -15.48 14.22 -31.64
N ILE C 846 -16.66 14.53 -32.14
CA ILE C 846 -17.85 14.76 -31.32
C ILE C 846 -18.98 13.88 -31.85
N ARG C 847 -19.60 13.13 -30.95
CA ARG C 847 -20.75 12.29 -31.27
C ARG C 847 -21.98 12.84 -30.56
N VAL C 848 -23.04 13.10 -31.32
CA VAL C 848 -24.29 13.61 -30.78
C VAL C 848 -25.42 12.68 -31.19
N PHE C 849 -26.20 12.24 -30.22
CA PHE C 849 -27.35 11.37 -30.45
C PHE C 849 -28.62 12.17 -30.24
N SER C 850 -29.48 12.18 -31.25
CA SER C 850 -30.71 12.97 -31.24
C SER C 850 -31.92 12.06 -31.34
N ARG C 851 -32.94 12.35 -30.55
CA ARG C 851 -34.17 11.57 -30.59
C ARG C 851 -34.96 11.85 -31.86
N GLU C 852 -34.78 13.04 -32.45
CA GLU C 852 -35.49 13.38 -33.68
C GLU C 852 -35.12 12.43 -34.81
N ASP C 853 -33.84 12.09 -34.92
CA ASP C 853 -33.35 11.22 -35.98
C ASP C 853 -33.65 9.74 -35.74
N GLU C 854 -34.50 9.42 -34.76
CA GLU C 854 -34.86 8.04 -34.46
C GLU C 854 -33.63 7.25 -34.01
N ASP C 855 -32.98 7.75 -32.97
CA ASP C 855 -31.84 7.08 -32.36
C ASP C 855 -32.22 6.64 -30.94
N GLU C 856 -32.06 5.36 -30.67
CA GLU C 856 -32.43 4.84 -29.36
C GLU C 856 -31.62 5.51 -28.27
N LEU C 857 -32.32 5.96 -27.23
CA LEU C 857 -31.71 6.63 -26.09
C LEU C 857 -32.31 6.08 -24.81
N PRO C 858 -31.60 6.19 -23.68
CA PRO C 858 -32.19 5.77 -22.41
C PRO C 858 -33.44 6.58 -22.10
N ALA C 859 -34.40 5.95 -21.44
CA ALA C 859 -35.68 6.59 -21.17
C ALA C 859 -35.48 7.88 -20.40
N GLY C 860 -36.19 8.93 -20.81
CA GLY C 860 -36.13 10.21 -20.15
C GLY C 860 -35.02 11.13 -20.61
N VAL C 861 -34.45 10.89 -21.79
CA VAL C 861 -33.38 11.73 -22.32
C VAL C 861 -33.75 12.14 -23.74
N ASN C 862 -33.19 13.28 -24.17
CA ASN C 862 -33.45 13.81 -25.51
C ASN C 862 -32.17 13.97 -26.32
N GLU C 863 -31.10 14.48 -25.71
CA GLU C 863 -29.86 14.77 -26.43
C GLU C 863 -28.68 14.43 -25.52
N LEU C 864 -28.02 13.31 -25.82
CA LEU C 864 -26.79 12.92 -25.15
C LEU C 864 -25.64 13.07 -26.15
N VAL C 865 -24.65 13.90 -25.79
CA VAL C 865 -23.52 14.20 -26.65
C VAL C 865 -22.25 13.88 -25.90
N ARG C 866 -21.32 13.20 -26.57
CA ARG C 866 -20.04 12.83 -25.98
C ARG C 866 -18.91 13.41 -26.82
N VAL C 867 -17.87 13.89 -26.13
CA VAL C 867 -16.75 14.56 -26.76
C VAL C 867 -15.47 13.81 -26.39
N TYR C 868 -14.61 13.58 -27.39
CA TYR C 868 -13.35 12.89 -27.19
C TYR C 868 -12.21 13.89 -27.22
N VAL C 869 -11.37 13.87 -26.18
CA VAL C 869 -10.18 14.72 -26.09
C VAL C 869 -8.97 13.81 -26.08
N ALA C 870 -8.05 14.03 -27.02
CA ALA C 870 -6.87 13.21 -27.18
C ALA C 870 -5.63 14.05 -26.88
N GLN C 871 -4.76 13.53 -26.02
CA GLN C 871 -3.54 14.21 -25.62
C GLN C 871 -2.35 13.30 -25.85
N LYS C 872 -1.27 13.87 -26.37
CA LYS C 872 -0.04 13.14 -26.61
C LYS C 872 0.90 13.34 -25.43
N ARG C 873 1.23 12.26 -24.74
CA ARG C 873 2.08 12.30 -23.55
C ARG C 873 3.49 11.84 -23.92
N LYS C 874 4.48 12.67 -23.61
CA LYS C 874 5.88 12.30 -23.74
C LYS C 874 6.40 11.83 -22.38
N ILE C 875 7.18 10.75 -22.39
CA ILE C 875 7.68 10.20 -21.14
C ILE C 875 8.45 11.26 -20.39
N SER C 876 8.12 11.46 -19.12
CA SER C 876 8.73 12.49 -18.30
C SER C 876 9.12 11.88 -16.96
N ASP C 877 9.54 12.72 -16.03
CA ASP C 877 9.92 12.26 -14.70
C ASP C 877 8.72 11.65 -13.98
N GLY C 878 9.01 10.73 -13.07
CA GLY C 878 7.96 10.10 -12.28
C GLY C 878 7.16 9.04 -13.00
N ASP C 879 7.66 8.48 -14.08
CA ASP C 879 6.98 7.45 -14.84
C ASP C 879 7.62 6.09 -14.55
N LYS C 880 6.81 5.04 -14.58
CA LYS C 880 7.30 3.70 -14.33
C LYS C 880 7.87 3.08 -15.61
N LEU C 881 8.93 2.30 -15.45
CA LEU C 881 9.46 1.46 -16.51
C LEU C 881 9.85 0.11 -15.90
N ALA C 882 9.87 -0.91 -16.75
CA ALA C 882 10.17 -2.26 -16.26
C ALA C 882 10.46 -3.16 -17.43
N GLY C 883 11.47 -4.02 -17.26
CA GLY C 883 11.79 -5.04 -18.24
C GLY C 883 10.83 -6.21 -18.13
N ARG C 884 11.17 -7.28 -18.84
CA ARG C 884 10.38 -8.50 -18.84
C ARG C 884 10.72 -9.44 -17.68
N HIS C 885 11.71 -9.10 -16.86
CA HIS C 885 12.11 -9.92 -15.73
C HIS C 885 11.62 -9.36 -14.40
N GLY C 886 10.64 -8.44 -14.44
CA GLY C 886 10.07 -7.90 -13.23
C GLY C 886 11.06 -7.11 -12.39
N ASN C 887 11.57 -6.00 -12.95
CA ASN C 887 12.42 -5.07 -12.22
C ASN C 887 11.87 -3.68 -12.45
N LYS C 888 10.95 -3.26 -11.59
CA LYS C 888 10.28 -1.98 -11.76
C LYS C 888 11.25 -0.84 -11.47
N GLY C 889 10.75 0.39 -11.59
CA GLY C 889 11.57 1.55 -11.32
C GLY C 889 10.82 2.82 -11.68
N VAL C 890 11.46 3.94 -11.42
CA VAL C 890 10.92 5.26 -11.71
C VAL C 890 12.02 6.10 -12.31
N ILE C 891 11.65 7.04 -13.19
CA ILE C 891 12.62 7.89 -13.85
C ILE C 891 13.10 8.94 -12.85
N GLY C 892 14.25 8.68 -12.23
CA GLY C 892 14.76 9.61 -11.24
C GLY C 892 15.13 10.95 -11.82
N LYS C 893 15.77 10.96 -12.99
CA LYS C 893 16.21 12.19 -13.60
C LYS C 893 16.54 11.92 -15.06
N ILE C 894 16.27 12.90 -15.91
CA ILE C 894 16.51 12.80 -17.35
C ILE C 894 17.63 13.77 -17.68
N LEU C 895 18.86 13.27 -17.72
CA LEU C 895 20.01 14.13 -17.97
C LEU C 895 20.07 14.53 -19.44
N PRO C 896 20.74 15.63 -19.76
CA PRO C 896 20.93 15.99 -21.16
C PRO C 896 21.78 14.96 -21.90
N VAL C 897 21.56 14.89 -23.21
CA VAL C 897 22.27 13.93 -24.05
C VAL C 897 23.78 14.13 -23.97
N GLU C 898 24.23 15.33 -23.63
CA GLU C 898 25.65 15.64 -23.58
C GLU C 898 26.30 15.23 -22.26
N ASP C 899 25.53 14.67 -21.32
CA ASP C 899 26.05 14.35 -20.00
C ASP C 899 26.16 12.85 -19.74
N MET C 900 25.43 12.02 -20.49
CA MET C 900 25.45 10.59 -20.23
C MET C 900 26.81 10.00 -20.59
N PRO C 901 27.21 8.91 -19.94
CA PRO C 901 28.43 8.21 -20.36
C PRO C 901 28.29 7.70 -21.79
N PHE C 902 29.41 7.65 -22.50
CA PHE C 902 29.42 7.26 -23.90
C PHE C 902 30.51 6.23 -24.15
N LEU C 903 30.22 5.31 -25.06
CA LEU C 903 31.17 4.29 -25.45
C LEU C 903 32.43 4.93 -26.04
N ALA C 904 33.45 4.09 -26.24
CA ALA C 904 34.72 4.58 -26.77
C ALA C 904 34.59 5.21 -28.14
N ASP C 905 33.53 4.91 -28.88
CA ASP C 905 33.33 5.42 -30.23
C ASP C 905 32.31 6.56 -30.29
N GLY C 906 31.84 7.04 -29.16
CA GLY C 906 30.94 8.17 -29.12
C GLY C 906 29.46 7.85 -29.09
N THR C 907 29.09 6.62 -28.76
CA THR C 907 27.68 6.24 -28.71
C THR C 907 27.15 6.37 -27.28
N PRO C 908 26.50 7.49 -26.93
CA PRO C 908 26.00 7.64 -25.56
C PRO C 908 24.97 6.58 -25.23
N VAL C 909 25.01 6.11 -23.97
CA VAL C 909 24.02 5.15 -23.51
C VAL C 909 22.68 5.85 -23.29
N ASP C 910 21.61 5.05 -23.20
CA ASP C 910 20.26 5.57 -23.10
C ASP C 910 19.61 5.37 -21.75
N ILE C 911 20.14 4.47 -20.92
CA ILE C 911 19.53 4.20 -19.62
C ILE C 911 20.56 3.51 -18.75
N ILE C 912 20.56 3.84 -17.45
CA ILE C 912 21.53 3.31 -16.50
C ILE C 912 20.74 2.63 -15.38
N LEU C 913 21.10 1.38 -15.09
CA LEU C 913 20.47 0.61 -14.03
C LEU C 913 21.42 0.42 -12.85
N ASN C 914 20.84 0.35 -11.65
CA ASN C 914 21.61 0.06 -10.47
C ASN C 914 22.03 -1.41 -10.46
N THR C 915 23.08 -1.71 -9.68
CA THR C 915 23.63 -3.05 -9.62
C THR C 915 23.34 -3.76 -8.30
N HIS C 916 23.19 -3.03 -7.20
CA HIS C 916 22.95 -3.66 -5.91
C HIS C 916 21.63 -4.41 -5.88
N GLY C 917 20.69 -4.08 -6.75
CA GLY C 917 19.40 -4.75 -6.76
C GLY C 917 19.35 -6.03 -7.56
N VAL C 918 20.40 -6.35 -8.31
CA VAL C 918 20.42 -7.54 -9.15
C VAL C 918 20.66 -8.79 -8.31
N PRO C 919 21.72 -8.85 -7.48
CA PRO C 919 22.00 -10.10 -6.77
C PRO C 919 21.10 -10.35 -5.57
N ARG C 920 20.59 -9.31 -4.90
CA ARG C 920 19.66 -9.53 -3.80
C ARG C 920 18.33 -10.07 -4.31
N ARG C 921 17.77 -9.42 -5.33
CA ARG C 921 16.55 -9.92 -5.95
C ARG C 921 16.77 -11.25 -6.66
N MET C 922 18.01 -11.52 -7.08
CA MET C 922 18.36 -12.79 -7.72
C MET C 922 17.53 -13.03 -8.98
N ASN C 923 17.73 -12.14 -9.95
CA ASN C 923 17.10 -12.22 -11.26
C ASN C 923 18.15 -12.16 -12.35
N ILE C 924 19.21 -12.97 -12.19
CA ILE C 924 20.37 -12.94 -13.07
C ILE C 924 20.02 -13.17 -14.53
N GLY C 925 18.79 -13.59 -14.83
CA GLY C 925 18.41 -13.81 -16.21
C GLY C 925 18.58 -12.57 -17.07
N GLN C 926 18.27 -11.39 -16.51
CA GLN C 926 18.32 -10.17 -17.30
C GLN C 926 19.73 -9.85 -17.76
N ILE C 927 20.75 -10.24 -16.98
CA ILE C 927 22.13 -10.02 -17.42
C ILE C 927 22.41 -10.82 -18.68
N LEU C 928 22.00 -12.10 -18.68
CA LEU C 928 22.18 -12.93 -19.86
C LEU C 928 21.37 -12.37 -21.04
N GLU C 929 20.18 -11.86 -20.76
CA GLU C 929 19.38 -11.25 -21.82
C GLU C 929 20.11 -10.05 -22.42
N THR C 930 20.70 -9.22 -21.58
CA THR C 930 21.44 -8.06 -22.07
C THR C 930 22.62 -8.48 -22.94
N HIS C 931 23.37 -9.49 -22.48
CA HIS C 931 24.52 -9.96 -23.26
C HIS C 931 24.07 -10.49 -24.61
N LEU C 932 23.04 -11.34 -24.62
CA LEU C 932 22.54 -11.88 -25.88
C LEU C 932 22.00 -10.78 -26.78
N GLY C 933 21.35 -9.77 -26.18
CA GLY C 933 20.84 -8.67 -26.97
C GLY C 933 21.94 -7.90 -27.66
N TRP C 934 23.01 -7.58 -26.94
CA TRP C 934 24.14 -6.92 -27.58
C TRP C 934 24.73 -7.79 -28.68
N CYS C 935 24.90 -9.08 -28.40
CA CYS C 935 25.48 -9.97 -29.38
C CYS C 935 24.65 -10.01 -30.66
N ALA C 936 23.32 -10.10 -30.51
CA ALA C 936 22.44 -10.12 -31.67
C ALA C 936 22.45 -8.79 -32.40
N HIS C 937 22.46 -7.68 -31.66
CA HIS C 937 22.43 -6.36 -32.28
C HIS C 937 23.67 -6.13 -33.13
N SER C 938 24.85 -6.41 -32.57
CA SER C 938 26.09 -6.15 -33.28
C SER C 938 26.35 -7.14 -34.39
N GLY C 939 25.66 -8.29 -34.40
CA GLY C 939 25.92 -9.30 -35.40
C GLY C 939 27.20 -10.06 -35.11
N TRP C 940 27.22 -11.36 -35.39
CA TRP C 940 28.37 -12.20 -35.09
C TRP C 940 28.71 -13.07 -36.29
N LYS C 941 29.90 -13.66 -36.24
CA LYS C 941 30.36 -14.60 -37.26
C LYS C 941 31.35 -15.54 -36.60
N VAL C 942 30.90 -16.75 -36.28
CA VAL C 942 31.74 -17.73 -35.60
C VAL C 942 32.70 -18.36 -36.60
N ASP C 943 33.96 -18.48 -36.20
CA ASP C 943 34.96 -19.09 -37.06
C ASP C 943 34.63 -20.55 -37.30
N ALA C 944 34.75 -21.00 -38.55
CA ALA C 944 34.52 -22.38 -38.92
C ALA C 944 35.52 -22.93 -39.92
N ALA C 945 36.54 -22.15 -40.29
CA ALA C 945 37.51 -22.62 -41.26
C ALA C 945 38.22 -23.88 -40.78
N LYS C 946 38.69 -23.85 -39.54
CA LYS C 946 39.34 -25.02 -38.94
C LYS C 946 38.34 -26.05 -38.43
N GLY C 947 37.05 -25.73 -38.44
CA GLY C 947 36.01 -26.62 -37.95
C GLY C 947 35.19 -25.96 -36.86
N VAL C 948 34.04 -26.56 -36.62
CA VAL C 948 33.11 -26.06 -35.61
C VAL C 948 33.74 -26.23 -34.23
N PRO C 949 33.87 -25.17 -33.44
CA PRO C 949 34.38 -25.33 -32.08
C PRO C 949 33.47 -26.24 -31.25
N ASP C 950 34.08 -26.94 -30.31
CA ASP C 950 33.33 -27.89 -29.49
C ASP C 950 32.11 -27.23 -28.85
N TRP C 951 32.26 -26.00 -28.39
CA TRP C 951 31.13 -25.28 -27.79
C TRP C 951 30.06 -24.94 -28.81
N ALA C 952 30.34 -25.06 -30.11
CA ALA C 952 29.38 -24.75 -31.16
C ALA C 952 28.81 -26.01 -31.80
N ALA C 953 28.88 -27.15 -31.11
CA ALA C 953 28.44 -28.40 -31.71
C ALA C 953 26.94 -28.41 -31.97
N ARG C 954 26.14 -27.98 -31.01
CA ARG C 954 24.70 -28.10 -31.09
C ARG C 954 24.02 -26.89 -31.73
N LEU C 955 24.76 -25.85 -32.09
CA LEU C 955 24.14 -24.70 -32.72
C LEU C 955 23.53 -25.10 -34.06
N PRO C 956 22.32 -24.64 -34.37
CA PRO C 956 21.80 -24.85 -35.74
C PRO C 956 22.78 -24.35 -36.79
N ASP C 957 22.92 -25.13 -37.86
CA ASP C 957 23.91 -24.81 -38.88
C ASP C 957 23.65 -23.47 -39.55
N GLU C 958 22.43 -22.94 -39.47
CA GLU C 958 22.11 -21.66 -40.09
C GLU C 958 22.22 -20.49 -39.12
N LEU C 959 22.61 -20.73 -37.87
CA LEU C 959 22.71 -19.69 -36.85
C LEU C 959 24.15 -19.25 -36.60
N LEU C 960 25.08 -19.68 -37.44
CA LEU C 960 26.48 -19.34 -37.29
C LEU C 960 26.87 -18.03 -37.96
N GLU C 961 26.00 -17.48 -38.81
CA GLU C 961 26.32 -16.28 -39.59
C GLU C 961 25.12 -15.35 -39.54
N ALA C 962 25.27 -14.24 -38.81
CA ALA C 962 24.19 -13.28 -38.64
C ALA C 962 24.58 -11.94 -39.24
N GLN C 963 23.60 -11.04 -39.30
CA GLN C 963 23.76 -9.70 -39.82
C GLN C 963 23.49 -8.66 -38.74
N PRO C 964 23.96 -7.43 -38.90
CA PRO C 964 23.65 -6.40 -37.90
C PRO C 964 22.14 -6.22 -37.77
N ASN C 965 21.70 -5.95 -36.53
CA ASN C 965 20.29 -5.90 -36.20
C ASN C 965 19.59 -7.20 -36.54
N ALA C 966 20.27 -8.32 -36.29
CA ALA C 966 19.66 -9.62 -36.49
C ALA C 966 18.60 -9.88 -35.42
N ILE C 967 17.82 -10.92 -35.65
CA ILE C 967 16.73 -11.30 -34.75
C ILE C 967 16.99 -12.74 -34.29
N VAL C 968 16.83 -12.97 -32.98
CA VAL C 968 17.05 -14.27 -32.38
C VAL C 968 15.90 -14.57 -31.43
N SER C 969 15.65 -15.86 -31.22
CA SER C 969 14.58 -16.30 -30.32
C SER C 969 15.04 -17.53 -29.56
N THR C 970 14.89 -17.49 -28.20
CA THR C 970 15.30 -18.58 -27.28
C THR C 970 14.04 -19.17 -26.63
N PRO C 971 13.45 -20.30 -27.10
CA PRO C 971 12.27 -20.86 -26.44
C PRO C 971 12.53 -21.17 -24.97
N VAL C 972 11.48 -20.99 -24.16
CA VAL C 972 11.60 -21.24 -22.73
C VAL C 972 12.01 -22.67 -22.47
N PHE C 973 12.89 -22.87 -21.50
CA PHE C 973 13.42 -24.16 -21.05
C PHE C 973 14.26 -24.84 -22.12
N ASP C 974 14.46 -24.22 -23.28
CA ASP C 974 15.36 -24.77 -24.30
C ASP C 974 15.94 -23.57 -25.06
N GLY C 975 17.11 -23.12 -24.62
CA GLY C 975 17.74 -21.96 -25.21
C GLY C 975 19.26 -22.02 -25.17
N ALA C 976 19.91 -20.93 -25.57
CA ALA C 976 21.36 -20.89 -25.57
C ALA C 976 21.90 -21.10 -24.17
N GLN C 977 22.91 -21.96 -24.06
CA GLN C 977 23.57 -22.22 -22.79
C GLN C 977 24.68 -21.20 -22.55
N GLU C 978 25.29 -21.28 -21.36
CA GLU C 978 26.34 -20.33 -21.01
C GLU C 978 27.52 -20.44 -21.95
N ALA C 979 27.88 -21.66 -22.33
CA ALA C 979 28.97 -21.85 -23.28
C ALA C 979 28.65 -21.18 -24.61
N GLU C 980 27.38 -21.23 -25.03
CA GLU C 980 27.00 -20.59 -26.28
C GLU C 980 27.24 -19.09 -26.23
N LEU C 981 26.83 -18.45 -25.13
CA LEU C 981 27.07 -17.02 -24.99
C LEU C 981 28.56 -16.71 -24.92
N GLN C 982 29.31 -17.54 -24.19
CA GLN C 982 30.75 -17.32 -24.10
C GLN C 982 31.39 -17.35 -25.49
N GLY C 983 31.02 -18.33 -26.30
CA GLY C 983 31.56 -18.40 -27.65
C GLY C 983 31.11 -17.24 -28.52
N LEU C 984 29.82 -16.90 -28.46
CA LEU C 984 29.30 -15.84 -29.33
C LEU C 984 29.93 -14.50 -29.02
N LEU C 985 30.07 -14.16 -27.73
CA LEU C 985 30.62 -12.86 -27.37
C LEU C 985 32.04 -12.67 -27.83
N SER C 986 32.74 -13.74 -28.20
CA SER C 986 34.11 -13.66 -28.66
C SER C 986 34.23 -13.52 -30.16
N CYS C 987 33.11 -13.39 -30.88
CA CYS C 987 33.15 -13.34 -32.34
C CYS C 987 32.23 -12.26 -32.92
N THR C 988 31.88 -11.25 -32.15
CA THR C 988 31.02 -10.19 -32.66
C THR C 988 31.74 -9.41 -33.76
N LEU C 989 30.97 -8.97 -34.75
CA LEU C 989 31.54 -8.24 -35.86
C LEU C 989 32.06 -6.88 -35.37
N PRO C 990 33.18 -6.40 -35.90
CA PRO C 990 33.71 -5.11 -35.45
C PRO C 990 32.85 -3.95 -35.93
N ASN C 991 32.94 -2.84 -35.18
CA ASN C 991 32.29 -1.61 -35.59
C ASN C 991 32.85 -1.14 -36.93
N ARG C 992 32.12 -0.26 -37.59
CA ARG C 992 32.56 0.25 -38.88
C ARG C 992 33.92 0.95 -38.79
N ASP C 993 34.30 1.40 -37.60
CA ASP C 993 35.60 2.03 -37.41
C ASP C 993 36.74 1.01 -37.34
N GLY C 994 36.44 -0.28 -37.29
CA GLY C 994 37.44 -1.32 -37.32
C GLY C 994 37.78 -1.94 -35.98
N ASP C 995 37.24 -1.42 -34.89
CA ASP C 995 37.55 -1.90 -33.55
C ASP C 995 36.32 -2.49 -32.89
N VAL C 996 36.56 -3.41 -31.96
CA VAL C 996 35.51 -4.07 -31.19
C VAL C 996 35.40 -3.39 -29.84
N LEU C 997 34.16 -3.10 -29.43
CA LEU C 997 33.96 -2.34 -28.20
C LEU C 997 34.04 -3.22 -26.96
N VAL C 998 33.17 -4.24 -26.87
CA VAL C 998 33.08 -5.04 -25.67
C VAL C 998 34.16 -6.14 -25.68
N ASP C 999 34.50 -6.60 -24.49
CA ASP C 999 35.48 -7.66 -24.33
C ASP C 999 34.80 -9.02 -24.41
N ALA C 1000 35.54 -10.09 -24.13
CA ALA C 1000 34.94 -11.42 -24.11
C ALA C 1000 33.94 -11.55 -22.96
N ASP C 1001 34.26 -10.98 -21.80
CA ASP C 1001 33.36 -11.06 -20.66
C ASP C 1001 32.07 -10.29 -20.88
N GLY C 1002 32.09 -9.25 -21.72
CA GLY C 1002 30.93 -8.45 -21.99
C GLY C 1002 31.02 -7.03 -21.46
N LYS C 1003 32.07 -6.68 -20.73
CA LYS C 1003 32.23 -5.34 -20.20
C LYS C 1003 32.95 -4.44 -21.21
N ALA C 1004 32.92 -3.14 -20.96
CA ALA C 1004 33.49 -2.18 -21.89
C ALA C 1004 34.03 -0.98 -21.12
N MET C 1005 34.87 -0.20 -21.81
CA MET C 1005 35.46 1.01 -21.25
C MET C 1005 34.59 2.21 -21.62
N LEU C 1006 34.14 2.96 -20.62
CA LEU C 1006 33.31 4.13 -20.85
C LEU C 1006 34.12 5.40 -20.65
N PHE C 1007 33.44 6.54 -20.77
CA PHE C 1007 34.03 7.84 -20.55
C PHE C 1007 32.99 8.72 -19.86
N ASP C 1008 33.31 9.18 -18.65
CA ASP C 1008 32.39 10.03 -17.92
C ASP C 1008 32.08 11.30 -18.70
N GLY C 1009 30.81 11.70 -18.69
CA GLY C 1009 30.42 12.91 -19.40
C GLY C 1009 30.69 14.17 -18.63
N ARG C 1010 30.69 14.11 -17.30
CA ARG C 1010 30.93 15.30 -16.49
C ARG C 1010 32.43 15.56 -16.33
N SER C 1011 33.14 14.61 -15.72
CA SER C 1011 34.57 14.81 -15.51
C SER C 1011 35.34 14.74 -16.82
N GLY C 1012 34.92 13.86 -17.73
CA GLY C 1012 35.59 13.69 -19.00
C GLY C 1012 36.70 12.65 -18.99
N GLU C 1013 36.95 11.99 -17.86
CA GLU C 1013 38.00 10.99 -17.75
C GLU C 1013 37.40 9.59 -17.62
N PRO C 1014 38.08 8.57 -18.13
CA PRO C 1014 37.49 7.22 -18.13
C PRO C 1014 37.30 6.67 -16.73
N PHE C 1015 36.30 5.81 -16.59
CA PHE C 1015 36.12 5.11 -15.33
C PHE C 1015 37.27 4.13 -15.10
N PRO C 1016 37.68 3.92 -13.84
CA PRO C 1016 38.82 3.03 -13.59
C PRO C 1016 38.58 1.58 -14.00
N TYR C 1017 37.32 1.14 -14.09
CA TYR C 1017 37.03 -0.26 -14.32
C TYR C 1017 35.98 -0.40 -15.42
N PRO C 1018 35.97 -1.52 -16.14
CA PRO C 1018 34.99 -1.71 -17.20
C PRO C 1018 33.59 -1.92 -16.65
N VAL C 1019 32.60 -1.68 -17.52
CA VAL C 1019 31.19 -1.78 -17.15
C VAL C 1019 30.47 -2.59 -18.22
N THR C 1020 29.34 -3.18 -17.82
CA THR C 1020 28.52 -3.99 -18.71
C THR C 1020 27.55 -3.12 -19.50
N VAL C 1021 27.33 -3.50 -20.75
CA VAL C 1021 26.43 -2.77 -21.64
C VAL C 1021 25.73 -3.77 -22.56
N GLY C 1022 24.57 -3.34 -23.06
CA GLY C 1022 23.82 -4.16 -24.00
C GLY C 1022 22.42 -3.63 -24.19
N TYR C 1023 21.73 -4.22 -25.15
CA TYR C 1023 20.37 -3.84 -25.48
C TYR C 1023 19.38 -4.73 -24.72
N MET C 1024 18.53 -4.09 -23.91
CA MET C 1024 17.52 -4.81 -23.13
C MET C 1024 16.16 -4.24 -23.47
N TYR C 1025 15.18 -5.13 -23.63
CA TYR C 1025 13.83 -4.71 -23.96
C TYR C 1025 13.20 -3.99 -22.77
N ILE C 1026 12.62 -2.83 -23.01
CA ILE C 1026 12.01 -2.00 -21.98
C ILE C 1026 10.59 -1.66 -22.38
N MET C 1027 9.64 -1.90 -21.48
CA MET C 1027 8.25 -1.57 -21.69
C MET C 1027 7.94 -0.25 -20.99
N LYS C 1028 6.66 0.10 -20.94
CA LYS C 1028 6.20 1.31 -20.25
C LYS C 1028 4.89 0.99 -19.56
N LEU C 1029 4.85 1.16 -18.24
CA LEU C 1029 3.68 0.82 -17.47
C LEU C 1029 2.62 1.91 -17.57
N HIS C 1030 1.42 1.60 -17.05
CA HIS C 1030 0.27 2.49 -17.14
C HIS C 1030 0.19 3.46 -15.96
N HIS C 1031 1.07 3.34 -14.97
CA HIS C 1031 1.04 4.23 -13.79
C HIS C 1031 1.81 5.50 -14.11
N LEU C 1032 1.20 6.33 -14.95
CA LEU C 1032 1.81 7.58 -15.35
C LEU C 1032 1.77 8.59 -14.19
N VAL C 1033 2.43 9.73 -14.40
CA VAL C 1033 2.54 10.73 -13.35
C VAL C 1033 1.44 11.79 -13.46
N ASP C 1034 1.05 12.17 -14.68
CA ASP C 1034 0.04 13.22 -14.84
C ASP C 1034 -1.25 12.86 -14.11
N ASP C 1035 -1.59 11.56 -14.07
CA ASP C 1035 -2.78 11.15 -13.35
C ASP C 1035 -2.63 11.38 -11.85
N LYS C 1036 -1.43 11.17 -11.31
CA LYS C 1036 -1.24 11.22 -9.87
C LYS C 1036 -1.18 12.65 -9.35
N ILE C 1037 -0.36 13.49 -9.98
CA ILE C 1037 -0.10 14.82 -9.44
C ILE C 1037 -1.39 15.60 -9.35
N HIS C 1038 -1.55 16.35 -8.25
CA HIS C 1038 -2.79 17.09 -8.01
C HIS C 1038 -2.57 18.04 -6.83
N ALA C 1039 -3.20 19.21 -6.89
CA ALA C 1039 -3.11 20.21 -5.85
C ALA C 1039 -4.48 20.76 -5.55
N ARG C 1040 -4.64 21.36 -4.37
CA ARG C 1040 -5.92 21.90 -3.95
C ARG C 1040 -5.71 22.91 -2.84
N SER C 1041 -6.10 24.16 -3.07
CA SER C 1041 -6.00 25.23 -2.08
C SER C 1041 -7.36 25.69 -1.59
N THR C 1042 -8.25 26.04 -2.52
CA THR C 1042 -9.62 26.41 -2.18
C THR C 1042 -10.51 26.10 -3.37
N GLY C 1043 -11.66 25.49 -3.11
CA GLY C 1043 -12.52 25.03 -4.18
C GLY C 1043 -13.89 24.63 -3.68
N PRO C 1044 -14.64 23.90 -4.51
CA PRO C 1044 -16.01 23.54 -4.14
C PRO C 1044 -16.06 22.75 -2.83
N TYR C 1045 -17.08 23.05 -2.03
CA TYR C 1045 -17.32 22.40 -0.76
C TYR C 1045 -18.57 21.54 -0.83
N SER C 1046 -18.51 20.36 -0.22
CA SER C 1046 -19.68 19.50 -0.16
C SER C 1046 -20.79 20.19 0.64
N MET C 1047 -22.03 19.89 0.27
CA MET C 1047 -23.18 20.55 0.88
C MET C 1047 -23.78 19.77 2.04
N ILE C 1048 -23.66 18.45 2.06
CA ILE C 1048 -24.26 17.65 3.12
C ILE C 1048 -23.31 17.48 4.31
N THR C 1049 -22.00 17.38 4.06
CA THR C 1049 -21.03 17.19 5.13
C THR C 1049 -20.20 18.43 5.42
N GLN C 1050 -20.32 19.48 4.62
CA GLN C 1050 -19.55 20.71 4.81
C GLN C 1050 -18.05 20.48 4.71
N GLN C 1051 -17.64 19.39 4.08
CA GLN C 1051 -16.24 19.06 3.90
C GLN C 1051 -15.84 19.22 2.43
N PRO C 1052 -14.57 19.48 2.16
CA PRO C 1052 -14.12 19.57 0.77
C PRO C 1052 -14.33 18.25 0.03
N LEU C 1053 -14.58 18.35 -1.27
CA LEU C 1053 -14.78 17.17 -2.09
C LEU C 1053 -13.53 16.30 -2.08
N GLY C 1054 -13.65 15.11 -2.66
CA GLY C 1054 -12.54 14.19 -2.76
C GLY C 1054 -12.34 13.75 -4.19
N GLY C 1055 -11.13 13.29 -4.47
CA GLY C 1055 -10.79 12.83 -5.80
C GLY C 1055 -10.17 13.93 -6.66
N LYS C 1056 -9.27 13.51 -7.55
CA LYS C 1056 -8.58 14.48 -8.41
C LYS C 1056 -9.56 15.15 -9.35
N ALA C 1057 -10.50 14.39 -9.92
CA ALA C 1057 -11.41 14.96 -10.91
C ALA C 1057 -12.25 16.08 -10.30
N GLN C 1058 -12.71 15.90 -9.07
CA GLN C 1058 -13.58 16.88 -8.43
C GLN C 1058 -12.82 18.05 -7.82
N PHE C 1059 -11.49 18.05 -7.90
CA PHE C 1059 -10.67 19.13 -7.37
C PHE C 1059 -10.85 19.24 -5.85
N GLY C 1060 -10.61 18.12 -5.17
CA GLY C 1060 -10.81 18.04 -3.74
C GLY C 1060 -9.53 17.74 -2.98
N GLY C 1061 -9.53 18.02 -1.67
CA GLY C 1061 -8.34 17.86 -0.87
C GLY C 1061 -8.07 16.41 -0.51
N GLN C 1062 -6.95 16.21 0.17
CA GLN C 1062 -6.50 14.88 0.55
C GLN C 1062 -7.12 14.43 1.88
N ARG C 1063 -7.10 13.13 2.10
CA ARG C 1063 -7.62 12.56 3.35
C ARG C 1063 -6.59 12.71 4.46
N PHE C 1064 -7.08 12.78 5.69
CA PHE C 1064 -6.24 12.98 6.88
C PHE C 1064 -6.61 11.90 7.89
N GLY C 1065 -5.92 10.77 7.81
CA GLY C 1065 -6.24 9.62 8.65
C GLY C 1065 -5.95 9.87 10.12
N GLU C 1066 -6.50 8.99 10.96
CA GLU C 1066 -6.31 9.10 12.39
C GLU C 1066 -4.85 8.86 12.79
N MET C 1067 -4.13 8.02 12.04
CA MET C 1067 -2.72 7.82 12.33
C MET C 1067 -1.96 9.13 12.28
N GLU C 1068 -2.34 10.05 11.39
CA GLU C 1068 -1.74 11.37 11.40
C GLU C 1068 -2.05 12.12 12.69
N CYS C 1069 -3.26 11.94 13.22
CA CYS C 1069 -3.59 12.54 14.50
C CYS C 1069 -2.71 11.99 15.61
N TRP C 1070 -2.48 10.68 15.61
CA TRP C 1070 -1.59 10.08 16.60
C TRP C 1070 -0.18 10.64 16.47
N ALA C 1071 0.31 10.74 15.23
CA ALA C 1071 1.65 11.28 15.02
C ALA C 1071 1.75 12.72 15.53
N MET C 1072 0.76 13.54 15.21
CA MET C 1072 0.77 14.92 15.69
C MET C 1072 0.75 14.97 17.21
N GLN C 1073 -0.06 14.12 17.84
CA GLN C 1073 -0.10 14.08 19.30
C GLN C 1073 1.26 13.69 19.87
N ALA C 1074 1.95 12.76 19.22
CA ALA C 1074 3.23 12.30 19.75
C ALA C 1074 4.23 13.45 19.83
N TYR C 1075 4.31 14.28 18.79
CA TYR C 1075 5.24 15.40 18.78
C TYR C 1075 4.91 16.45 19.83
N GLY C 1076 3.71 16.41 20.41
CA GLY C 1076 3.27 17.48 21.29
C GLY C 1076 2.78 18.70 20.57
N ALA C 1077 2.50 18.59 19.27
CA ALA C 1077 1.99 19.71 18.49
C ALA C 1077 0.48 19.80 18.71
N ALA C 1078 0.02 20.94 19.22
CA ALA C 1078 -1.39 21.14 19.53
C ALA C 1078 -2.07 22.10 18.55
N TYR C 1079 -1.49 23.28 18.33
CA TYR C 1079 -2.15 24.26 17.48
C TYR C 1079 -2.28 23.78 16.04
N THR C 1080 -1.27 23.08 15.53
CA THR C 1080 -1.38 22.54 14.18
C THR C 1080 -2.54 21.57 14.07
N LEU C 1081 -2.70 20.69 15.05
CA LEU C 1081 -3.83 19.76 15.05
C LEU C 1081 -5.14 20.53 15.14
N GLN C 1082 -5.19 21.57 15.97
CA GLN C 1082 -6.40 22.38 16.07
C GLN C 1082 -6.77 22.96 14.72
N GLU C 1083 -5.80 23.52 14.01
CA GLU C 1083 -6.07 24.05 12.68
C GLU C 1083 -6.59 22.96 11.77
N LEU C 1084 -5.86 21.84 11.68
CA LEU C 1084 -6.22 20.78 10.74
C LEU C 1084 -7.62 20.25 11.02
N LEU C 1085 -8.06 20.28 12.28
CA LEU C 1085 -9.37 19.73 12.63
C LEU C 1085 -10.49 20.76 12.58
N THR C 1086 -10.20 22.05 12.73
CA THR C 1086 -11.25 23.05 12.85
C THR C 1086 -11.24 24.07 11.71
N ILE C 1087 -10.10 24.70 11.44
CA ILE C 1087 -10.09 25.89 10.59
C ILE C 1087 -9.95 25.59 9.12
N LYS C 1088 -9.59 24.37 8.75
CA LYS C 1088 -9.42 24.01 7.35
C LYS C 1088 -10.35 22.90 6.89
N SER C 1089 -11.24 22.41 7.74
CA SER C 1089 -12.15 21.34 7.34
C SER C 1089 -13.62 21.66 7.55
N ASP C 1090 -13.99 22.25 8.69
CA ASP C 1090 -15.40 22.38 9.05
C ASP C 1090 -15.86 23.82 9.21
N ASP C 1091 -15.17 24.62 10.03
CA ASP C 1091 -15.69 25.92 10.42
C ASP C 1091 -15.85 26.85 9.22
N THR C 1092 -17.09 27.15 8.85
CA THR C 1092 -17.35 27.98 7.67
C THR C 1092 -16.84 29.40 7.89
N VAL C 1093 -17.35 30.07 8.92
CA VAL C 1093 -16.89 31.42 9.21
C VAL C 1093 -15.39 31.42 9.45
N GLY C 1094 -14.86 30.36 10.06
CA GLY C 1094 -13.43 30.27 10.23
C GLY C 1094 -12.69 30.30 8.90
N ARG C 1095 -13.16 29.50 7.94
CA ARG C 1095 -12.53 29.47 6.62
C ARG C 1095 -12.59 30.85 5.97
N VAL C 1096 -13.76 31.48 6.00
CA VAL C 1096 -13.91 32.77 5.33
C VAL C 1096 -13.00 33.81 5.97
N LYS C 1097 -13.00 33.87 7.30
CA LYS C 1097 -12.18 34.86 8.00
C LYS C 1097 -10.70 34.62 7.76
N VAL C 1098 -10.25 33.36 7.80
CA VAL C 1098 -8.82 33.11 7.58
C VAL C 1098 -8.44 33.46 6.15
N TYR C 1099 -9.30 33.15 5.18
CA TYR C 1099 -8.99 33.52 3.80
C TYR C 1099 -8.88 35.03 3.65
N GLU C 1100 -9.81 35.77 4.24
CA GLU C 1100 -9.75 37.22 4.15
C GLU C 1100 -8.50 37.76 4.82
N ALA C 1101 -8.16 37.24 6.00
CA ALA C 1101 -6.98 37.71 6.71
C ALA C 1101 -5.71 37.44 5.91
N ILE C 1102 -5.62 36.27 5.29
CA ILE C 1102 -4.47 35.96 4.46
C ILE C 1102 -4.41 36.89 3.26
N VAL C 1103 -5.55 37.15 2.63
CA VAL C 1103 -5.57 38.08 1.50
C VAL C 1103 -5.05 39.44 1.93
N LYS C 1104 -5.43 39.88 3.12
CA LYS C 1104 -4.86 41.08 3.72
C LYS C 1104 -3.63 40.69 4.53
N GLY C 1105 -3.07 41.65 5.29
CA GLY C 1105 -1.93 41.40 6.13
C GLY C 1105 -2.25 41.07 7.57
N GLU C 1106 -3.52 40.84 7.90
CA GLU C 1106 -3.91 40.63 9.28
C GLU C 1106 -3.53 39.23 9.75
N ASN C 1107 -3.36 39.10 11.07
CA ASN C 1107 -3.08 37.80 11.66
C ASN C 1107 -4.30 36.90 11.57
N ILE C 1108 -4.05 35.60 11.49
CA ILE C 1108 -5.12 34.60 11.38
C ILE C 1108 -5.90 34.57 12.69
N PRO C 1109 -7.20 34.81 12.68
CA PRO C 1109 -7.97 34.72 13.93
C PRO C 1109 -8.07 33.28 14.42
N GLU C 1110 -8.21 33.14 15.73
CA GLU C 1110 -8.27 31.80 16.32
C GLU C 1110 -9.47 31.05 15.78
N PRO C 1111 -9.37 29.73 15.58
CA PRO C 1111 -10.51 28.98 15.06
C PRO C 1111 -11.71 29.05 16.00
N GLY C 1112 -12.84 28.56 15.49
CA GLY C 1112 -14.08 28.56 16.24
C GLY C 1112 -14.55 27.17 16.62
N ILE C 1113 -15.85 26.97 16.66
CA ILE C 1113 -16.45 25.69 17.04
C ILE C 1113 -16.68 24.88 15.77
N PRO C 1114 -16.12 23.68 15.65
CA PRO C 1114 -16.32 22.89 14.44
C PRO C 1114 -17.79 22.54 14.24
N GLU C 1115 -18.17 22.39 12.97
CA GLU C 1115 -19.54 22.00 12.66
C GLU C 1115 -19.87 20.63 13.21
N SER C 1116 -18.88 19.74 13.30
CA SER C 1116 -19.14 18.39 13.79
C SER C 1116 -19.65 18.42 15.22
N PHE C 1117 -19.02 19.22 16.09
CA PHE C 1117 -19.43 19.26 17.48
C PHE C 1117 -20.83 19.87 17.64
N LYS C 1118 -21.13 20.94 16.89
CA LYS C 1118 -22.45 21.54 16.99
C LYS C 1118 -23.52 20.59 16.46
N VAL C 1119 -23.22 19.86 15.39
CA VAL C 1119 -24.14 18.85 14.90
C VAL C 1119 -24.34 17.78 15.96
N LEU C 1120 -23.27 17.35 16.60
CA LEU C 1120 -23.37 16.33 17.64
C LEU C 1120 -24.29 16.80 18.76
N LEU C 1121 -24.13 18.05 19.19
CA LEU C 1121 -25.02 18.61 20.19
C LEU C 1121 -26.46 18.56 19.69
N LYS C 1122 -26.75 19.34 18.63
CA LYS C 1122 -28.12 19.44 18.13
C LYS C 1122 -28.73 18.10 17.77
N GLU C 1123 -27.94 17.02 17.70
CA GLU C 1123 -28.49 15.69 17.51
C GLU C 1123 -28.71 14.97 18.83
N LEU C 1124 -27.81 15.14 19.80
CA LEU C 1124 -27.97 14.48 21.08
C LEU C 1124 -29.05 15.12 21.93
N GLN C 1125 -29.30 16.41 21.73
CA GLN C 1125 -30.40 17.09 22.41
C GLN C 1125 -31.76 16.56 21.97
N SER C 1126 -31.82 15.81 20.87
CA SER C 1126 -33.08 15.28 20.37
C SER C 1126 -33.52 14.01 21.08
N LEU C 1127 -32.62 13.37 21.84
CA LEU C 1127 -32.96 12.17 22.60
C LEU C 1127 -33.28 12.49 24.06
N CYS C 1128 -33.76 13.70 24.33
CA CYS C 1128 -34.17 14.15 25.65
C CYS C 1128 -33.01 14.27 26.62
N LEU C 1129 -31.77 14.05 26.17
CA LEU C 1129 -30.60 14.20 27.02
C LEU C 1129 -30.16 15.66 26.95
N ASN C 1130 -30.57 16.46 27.95
CA ASN C 1130 -30.21 17.86 27.97
C ASN C 1130 -28.71 17.98 28.16
N VAL C 1131 -28.00 18.30 27.08
CA VAL C 1131 -26.55 18.42 27.08
C VAL C 1131 -26.21 19.89 27.26
N GLU C 1132 -25.83 20.25 28.48
CA GLU C 1132 -25.43 21.62 28.76
C GLU C 1132 -23.98 21.84 28.35
N VAL C 1133 -23.47 23.04 28.59
CA VAL C 1133 -22.11 23.41 28.22
C VAL C 1133 -21.26 23.72 29.45
N LEU C 1134 -21.84 24.39 30.46
CA LEU C 1134 -21.11 24.78 31.66
C LEU C 1134 -19.84 25.55 31.29
N SER C 1135 -20.04 26.70 30.66
CA SER C 1135 -18.91 27.56 30.32
C SER C 1135 -18.16 28.00 31.57
N SER C 1136 -18.83 28.05 32.71
CA SER C 1136 -18.20 28.42 33.97
C SER C 1136 -17.19 27.37 34.41
N VAL D 1 -16.88 31.71 23.48
CA VAL D 1 -16.44 31.46 22.12
C VAL D 1 -15.98 30.01 21.98
N ASN D 2 -14.90 29.66 22.67
CA ASN D 2 -14.37 28.30 22.64
C ASN D 2 -13.92 27.84 24.02
N PHE D 3 -14.59 28.31 25.07
CA PHE D 3 -14.26 27.94 26.44
C PHE D 3 -15.31 26.94 26.95
N PHE D 4 -14.87 25.71 27.21
CA PHE D 4 -15.72 24.65 27.72
C PHE D 4 -15.02 24.04 28.94
N ASP D 5 -15.31 24.60 30.11
CA ASP D 5 -14.68 24.08 31.33
C ASP D 5 -15.12 22.66 31.62
N GLU D 6 -16.39 22.34 31.38
CA GLU D 6 -16.92 21.01 31.64
C GLU D 6 -18.04 20.72 30.65
N LEU D 7 -18.61 19.52 30.77
CA LEU D 7 -19.78 19.12 29.99
C LEU D 7 -20.60 18.17 30.85
N ARG D 8 -21.86 18.52 31.10
CA ARG D 8 -22.75 17.72 31.93
C ARG D 8 -24.00 17.38 31.15
N ILE D 9 -24.39 16.10 31.20
CA ILE D 9 -25.61 15.62 30.57
C ILE D 9 -26.71 15.62 31.61
N GLY D 10 -27.75 16.41 31.39
CA GLY D 10 -28.89 16.45 32.28
C GLY D 10 -30.11 15.81 31.65
N LEU D 11 -31.01 15.28 32.49
CA LEU D 11 -32.21 14.64 32.00
C LEU D 11 -33.28 15.69 31.77
N ALA D 12 -33.77 15.80 30.54
CA ALA D 12 -34.66 16.88 30.16
C ALA D 12 -36.05 16.68 30.76
N THR D 13 -36.95 17.60 30.42
CA THR D 13 -38.32 17.56 30.91
C THR D 13 -39.21 18.26 29.88
N ALA D 14 -40.51 18.01 30.00
CA ALA D 14 -41.46 18.53 29.00
C ALA D 14 -41.28 20.03 28.79
N GLU D 15 -41.19 20.80 29.87
CA GLU D 15 -41.02 22.24 29.74
C GLU D 15 -39.72 22.58 29.03
N ASP D 16 -38.67 21.78 29.25
CA ASP D 16 -37.42 22.03 28.54
C ASP D 16 -37.60 21.89 27.04
N ILE D 17 -38.30 20.84 26.61
CA ILE D 17 -38.54 20.65 25.18
C ILE D 17 -39.43 21.74 24.62
N ARG D 18 -40.43 22.18 25.41
CA ARG D 18 -41.24 23.31 25.01
C ARG D 18 -40.37 24.54 24.75
N GLN D 19 -39.41 24.79 25.64
CA GLN D 19 -38.52 25.94 25.46
C GLN D 19 -37.64 25.77 24.23
N TRP D 20 -37.12 24.57 23.99
CA TRP D 20 -36.13 24.37 22.94
C TRP D 20 -36.70 24.68 21.56
N SER D 21 -37.84 24.08 21.22
CA SER D 21 -38.30 24.07 19.84
C SER D 21 -38.97 25.38 19.47
N TYR D 22 -39.16 25.57 18.17
CA TYR D 22 -39.77 26.78 17.62
C TYR D 22 -41.09 26.52 16.92
N GLY D 23 -41.67 25.33 17.04
CA GLY D 23 -42.89 25.03 16.35
C GLY D 23 -43.58 23.82 16.94
N GLU D 24 -44.69 23.43 16.31
CA GLU D 24 -45.50 22.29 16.74
C GLU D 24 -45.99 21.57 15.49
N VAL D 25 -45.24 20.53 15.08
CA VAL D 25 -45.62 19.77 13.90
C VAL D 25 -46.99 19.14 14.12
N LYS D 26 -47.80 19.11 13.05
CA LYS D 26 -49.15 18.58 13.12
C LYS D 26 -49.50 17.62 11.99
N LYS D 27 -48.80 17.64 10.86
CA LYS D 27 -49.13 16.79 9.74
C LYS D 27 -47.90 16.01 9.29
N PRO D 28 -48.09 14.79 8.77
CA PRO D 28 -46.95 13.99 8.31
C PRO D 28 -46.50 14.29 6.88
N GLU D 29 -47.24 15.13 6.15
CA GLU D 29 -46.93 15.35 4.75
C GLU D 29 -45.52 15.88 4.57
N THR D 30 -44.79 15.30 3.63
CA THR D 30 -43.43 15.71 3.31
C THR D 30 -43.47 16.82 2.26
N ILE D 31 -42.33 17.15 1.67
CA ILE D 31 -42.30 18.17 0.64
C ILE D 31 -43.30 17.83 -0.47
N ASN D 32 -43.95 18.86 -1.00
CA ASN D 32 -45.01 18.64 -1.97
C ASN D 32 -44.48 17.89 -3.19
N TYR D 33 -45.29 16.95 -3.68
CA TYR D 33 -44.92 16.13 -4.82
C TYR D 33 -45.17 16.82 -6.16
N ARG D 34 -45.80 18.00 -6.15
CA ARG D 34 -46.12 18.72 -7.38
C ARG D 34 -45.33 20.00 -7.50
N THR D 35 -45.39 20.89 -6.52
CA THR D 35 -44.66 22.15 -6.55
C THR D 35 -43.34 22.09 -5.81
N LEU D 36 -42.99 20.93 -5.24
CA LEU D 36 -41.73 20.75 -4.53
C LEU D 36 -41.50 21.86 -3.51
N LYS D 37 -42.49 22.03 -2.63
CA LYS D 37 -42.41 22.97 -1.54
C LYS D 37 -43.02 22.33 -0.29
N PRO D 38 -42.62 22.78 0.89
CA PRO D 38 -43.20 22.22 2.11
C PRO D 38 -44.68 22.55 2.24
N GLU D 39 -45.40 21.69 2.95
CA GLU D 39 -46.81 21.89 3.22
C GLU D 39 -47.00 22.65 4.53
N LYS D 40 -48.16 23.31 4.64
CA LYS D 40 -48.45 24.13 5.81
C LYS D 40 -48.29 23.32 7.08
N ASP D 41 -47.33 23.71 7.92
CA ASP D 41 -47.02 23.03 9.19
C ASP D 41 -46.69 21.56 8.97
N GLY D 42 -46.26 21.19 7.77
CA GLY D 42 -45.84 19.83 7.51
C GLY D 42 -44.55 19.50 8.21
N LEU D 43 -43.82 18.50 7.69
CA LEU D 43 -42.54 18.11 8.28
C LEU D 43 -41.38 18.97 7.79
N PHE D 44 -41.64 19.92 6.88
CA PHE D 44 -40.60 20.82 6.41
C PHE D 44 -41.08 22.26 6.30
N CYS D 45 -42.21 22.61 6.89
CA CYS D 45 -42.77 23.94 6.73
C CYS D 45 -41.78 25.01 7.20
N GLU D 46 -41.60 26.05 6.39
CA GLU D 46 -40.69 27.13 6.76
C GLU D 46 -41.19 27.89 7.97
N LYS D 47 -42.49 27.81 8.29
CA LYS D 47 -43.02 28.44 9.48
C LYS D 47 -42.50 27.79 10.76
N ILE D 48 -41.90 26.61 10.66
CA ILE D 48 -41.37 25.91 11.83
C ILE D 48 -39.88 26.14 11.94
N PHE D 49 -39.14 25.71 10.92
CA PHE D 49 -37.67 25.74 10.97
C PHE D 49 -37.11 27.05 10.43
N GLY D 50 -37.39 27.35 9.16
CA GLY D 50 -36.86 28.54 8.53
C GLY D 50 -37.02 28.50 7.02
N PRO D 51 -36.55 29.55 6.35
CA PRO D 51 -36.69 29.62 4.89
C PRO D 51 -35.79 28.59 4.20
N THR D 52 -36.31 28.01 3.12
CA THR D 52 -35.51 27.08 2.34
C THR D 52 -34.29 27.78 1.74
N ARG D 53 -34.47 29.00 1.25
CA ARG D 53 -33.39 29.79 0.71
C ARG D 53 -32.93 30.81 1.75
N ASP D 54 -31.89 31.56 1.39
CA ASP D 54 -31.28 32.54 2.28
C ASP D 54 -31.83 33.92 2.00
N TRP D 55 -32.18 34.65 3.06
CA TRP D 55 -32.73 35.99 2.95
C TRP D 55 -33.92 36.02 2.01
N GLU D 56 -34.86 35.11 2.25
CA GLU D 56 -36.04 34.95 1.39
C GLU D 56 -37.25 34.68 2.27
N CYS D 57 -38.17 35.65 2.30
CA CYS D 57 -39.45 35.42 2.96
C CYS D 57 -40.33 34.54 2.08
N TYR D 58 -41.21 33.77 2.71
CA TYR D 58 -41.99 32.79 1.98
C TYR D 58 -42.86 33.46 0.92
N CYS D 59 -43.50 34.59 1.27
CA CYS D 59 -44.37 35.29 0.34
C CYS D 59 -43.63 36.30 -0.53
N GLY D 60 -42.34 36.52 -0.31
CA GLY D 60 -41.60 37.51 -1.06
C GLY D 60 -41.76 38.93 -0.56
N LYS D 61 -42.47 39.14 0.55
CA LYS D 61 -42.68 40.49 1.05
C LYS D 61 -41.36 41.13 1.48
N TYR D 62 -40.48 40.36 2.13
CA TYR D 62 -39.23 40.89 2.64
C TYR D 62 -38.04 40.09 2.10
N LYS D 63 -38.03 39.85 0.79
CA LYS D 63 -36.99 39.06 0.15
C LYS D 63 -35.69 39.83 -0.04
N ARG D 64 -35.66 41.12 0.26
CA ARG D 64 -34.46 41.91 0.08
C ARG D 64 -33.34 41.44 1.02
N VAL D 65 -32.11 41.66 0.59
CA VAL D 65 -30.96 41.21 1.35
C VAL D 65 -30.91 41.89 2.72
N ARG D 66 -31.24 43.19 2.77
CA ARG D 66 -31.10 43.98 3.98
C ARG D 66 -32.28 43.72 4.93
N PHE D 67 -32.46 42.44 5.26
CA PHE D 67 -33.48 42.00 6.21
C PHE D 67 -32.91 40.87 7.04
N LYS D 68 -32.69 41.12 8.33
CA LYS D 68 -32.16 40.12 9.24
C LYS D 68 -32.87 40.24 10.58
N GLY D 69 -33.42 39.14 11.07
CA GLY D 69 -34.15 39.13 12.31
C GLY D 69 -35.56 39.68 12.22
N ILE D 70 -36.02 40.04 11.03
CA ILE D 70 -37.35 40.62 10.84
C ILE D 70 -38.29 39.49 10.44
N ILE D 71 -39.25 39.17 11.32
CA ILE D 71 -40.23 38.13 11.04
C ILE D 71 -41.34 38.72 10.18
N CYS D 72 -41.69 38.03 9.11
CA CYS D 72 -42.72 38.51 8.20
C CYS D 72 -44.11 38.19 8.74
N GLU D 73 -44.94 39.22 8.88
CA GLU D 73 -46.30 39.02 9.36
C GLU D 73 -47.17 38.36 8.29
N ARG D 74 -46.90 38.67 7.02
CA ARG D 74 -47.70 38.13 5.94
C ARG D 74 -47.61 36.61 5.86
N CYS D 75 -46.40 36.06 6.00
CA CYS D 75 -46.17 34.63 5.88
C CYS D 75 -45.66 33.98 7.15
N GLY D 76 -45.32 34.75 8.18
CA GLY D 76 -44.92 34.15 9.45
C GLY D 76 -43.64 33.33 9.37
N VAL D 77 -42.61 33.86 8.73
CA VAL D 77 -41.30 33.21 8.68
C VAL D 77 -40.23 34.25 8.99
N GLU D 78 -39.04 33.76 9.32
CA GLU D 78 -37.91 34.61 9.66
C GLU D 78 -36.94 34.66 8.50
N VAL D 79 -36.15 35.74 8.46
CA VAL D 79 -35.26 36.04 7.34
C VAL D 79 -33.82 35.87 7.83
N THR D 80 -33.22 34.73 7.48
CA THR D 80 -31.82 34.47 7.81
C THR D 80 -31.28 33.45 6.82
N ARG D 81 -29.96 33.31 6.83
CA ARG D 81 -29.32 32.37 5.92
C ARG D 81 -29.89 30.97 6.08
N ALA D 82 -29.72 30.15 5.04
CA ALA D 82 -30.23 28.78 5.07
C ALA D 82 -29.57 27.95 6.16
N LYS D 83 -28.41 28.37 6.66
CA LYS D 83 -27.78 27.63 7.75
C LYS D 83 -28.67 27.56 8.98
N VAL D 84 -29.45 28.62 9.24
CA VAL D 84 -30.32 28.63 10.41
C VAL D 84 -31.33 27.49 10.34
N ARG D 85 -31.69 27.07 9.13
CA ARG D 85 -32.58 25.92 8.99
C ARG D 85 -31.98 24.68 9.64
N ARG D 86 -30.65 24.59 9.67
CA ARG D 86 -29.97 23.44 10.24
C ARG D 86 -29.81 23.52 11.75
N GLU D 87 -30.12 24.67 12.37
CA GLU D 87 -29.88 24.88 13.78
C GLU D 87 -31.15 25.15 14.57
N ARG D 88 -32.31 24.73 14.07
CA ARG D 88 -33.57 24.91 14.77
C ARG D 88 -34.37 23.62 14.72
N MET D 89 -35.15 23.37 15.78
CA MET D 89 -35.81 22.10 15.99
C MET D 89 -37.32 22.31 16.15
N GLY D 90 -38.04 21.19 16.15
CA GLY D 90 -39.46 21.21 16.38
C GLY D 90 -39.85 20.15 17.40
N HIS D 91 -40.96 20.40 18.09
CA HIS D 91 -41.44 19.51 19.13
C HIS D 91 -42.87 19.09 18.84
N ILE D 92 -43.13 17.79 18.97
CA ILE D 92 -44.47 17.23 18.86
C ILE D 92 -45.11 17.25 20.24
N GLU D 93 -46.40 17.56 20.29
CA GLU D 93 -47.15 17.54 21.54
C GLU D 93 -47.92 16.23 21.63
N LEU D 94 -47.84 15.57 22.78
CA LEU D 94 -48.43 14.26 22.97
C LEU D 94 -49.76 14.38 23.69
N ALA D 95 -50.75 13.61 23.24
CA ALA D 95 -52.05 13.53 23.88
C ALA D 95 -52.10 12.46 24.96
N ALA D 96 -50.99 11.74 25.19
CA ALA D 96 -50.94 10.72 26.21
C ALA D 96 -49.49 10.53 26.65
N PRO D 97 -49.18 10.67 27.95
CA PRO D 97 -47.79 10.47 28.38
C PRO D 97 -47.28 9.09 28.04
N VAL D 98 -45.98 8.99 27.82
CA VAL D 98 -45.32 7.75 27.45
C VAL D 98 -44.09 7.58 28.34
N THR D 99 -43.34 6.51 28.07
CA THR D 99 -42.11 6.19 28.80
C THR D 99 -40.92 6.23 27.86
N HIS D 100 -39.73 6.34 28.45
CA HIS D 100 -38.49 6.36 27.67
C HIS D 100 -38.00 4.93 27.51
N ILE D 101 -37.81 4.51 26.26
CA ILE D 101 -37.50 3.11 25.98
C ILE D 101 -36.21 2.68 26.65
N TRP D 102 -35.29 3.61 26.87
CA TRP D 102 -33.96 3.27 27.38
C TRP D 102 -33.97 2.81 28.83
N TYR D 103 -35.08 2.96 29.55
CA TYR D 103 -35.10 2.70 30.99
C TYR D 103 -35.86 1.42 31.33
N PHE D 104 -37.11 1.28 30.90
CA PHE D 104 -37.84 0.06 31.24
C PHE D 104 -37.30 -1.16 30.51
N LYS D 105 -36.42 -0.98 29.51
CA LYS D 105 -35.81 -2.09 28.80
C LYS D 105 -34.31 -2.24 29.07
N GLY D 106 -33.66 -1.20 29.58
CA GLY D 106 -32.23 -1.29 29.83
C GLY D 106 -31.91 -2.29 30.93
N VAL D 107 -30.71 -2.84 30.86
CA VAL D 107 -30.23 -3.84 31.81
C VAL D 107 -29.03 -3.23 32.54
N PRO D 108 -29.16 -2.87 33.83
CA PRO D 108 -30.36 -2.97 34.66
C PRO D 108 -31.41 -1.92 34.30
N SER D 109 -32.67 -2.25 34.58
CA SER D 109 -33.78 -1.33 34.31
C SER D 109 -33.86 -0.31 35.43
N ARG D 110 -33.47 0.93 35.14
CA ARG D 110 -33.52 1.98 36.17
C ARG D 110 -34.90 2.07 36.78
N LEU D 111 -35.94 2.00 35.96
CA LEU D 111 -37.31 2.06 36.49
C LEU D 111 -37.58 0.89 37.44
N GLY D 112 -37.12 -0.31 37.06
CA GLY D 112 -37.36 -1.46 37.92
C GLY D 112 -36.72 -1.31 39.29
N TYR D 113 -35.46 -0.87 39.32
CA TYR D 113 -34.76 -0.73 40.59
C TYR D 113 -35.34 0.43 41.41
N LEU D 114 -35.56 1.58 40.77
CA LEU D 114 -36.07 2.73 41.50
C LEU D 114 -37.46 2.46 42.06
N LEU D 115 -38.33 1.84 41.26
CA LEU D 115 -39.70 1.56 41.66
C LEU D 115 -39.87 0.13 42.18
N ASP D 116 -38.78 -0.63 42.31
CA ASP D 116 -38.80 -1.98 42.85
C ASP D 116 -39.95 -2.80 42.27
N LEU D 117 -40.05 -2.76 40.93
CA LEU D 117 -41.09 -3.56 40.22
C LEU D 117 -40.36 -4.42 39.18
N ALA D 118 -40.70 -5.71 39.09
CA ALA D 118 -40.05 -6.63 38.17
C ALA D 118 -40.27 -6.18 36.73
N PRO D 119 -39.36 -6.53 35.82
CA PRO D 119 -39.57 -6.14 34.41
C PRO D 119 -40.88 -6.64 33.85
N LYS D 120 -41.34 -7.82 34.26
CA LYS D 120 -42.61 -8.33 33.78
C LYS D 120 -43.74 -7.36 34.11
N ASP D 121 -43.85 -6.98 35.38
CA ASP D 121 -44.93 -6.09 35.80
C ASP D 121 -44.81 -4.73 35.11
N LEU D 122 -43.59 -4.19 35.05
CA LEU D 122 -43.41 -2.86 34.46
C LEU D 122 -43.81 -2.86 32.99
N GLU D 123 -43.35 -3.86 32.22
CA GLU D 123 -43.68 -3.89 30.80
C GLU D 123 -45.16 -4.21 30.58
N LYS D 124 -45.77 -5.00 31.46
CA LYS D 124 -47.21 -5.20 31.38
C LYS D 124 -47.95 -3.89 31.59
N ILE D 125 -47.55 -3.11 32.60
CA ILE D 125 -48.23 -1.86 32.89
C ILE D 125 -48.06 -0.89 31.73
N ILE D 126 -46.91 -0.98 31.05
CA ILE D 126 -46.63 -0.10 29.87
C ILE D 126 -47.23 -0.69 28.59
N TYR D 127 -47.23 -2.03 28.44
CA TYR D 127 -47.67 -2.66 27.17
C TYR D 127 -49.12 -3.16 27.21
N PHE D 128 -49.89 -2.80 28.25
CA PHE D 128 -51.35 -3.13 28.29
C PHE D 128 -51.67 -4.62 28.35
N ALA D 129 -51.91 -5.16 29.55
CA ALA D 129 -52.30 -6.54 29.77
C ALA D 129 -52.83 -6.81 31.17
N ALA D 130 -52.58 -5.93 32.14
CA ALA D 130 -53.07 -6.14 33.49
C ALA D 130 -53.11 -4.81 34.21
N TYR D 131 -54.19 -4.58 34.98
CA TYR D 131 -54.34 -3.34 35.71
C TYR D 131 -53.32 -3.28 36.85
N VAL D 132 -53.30 -2.14 37.54
CA VAL D 132 -52.40 -1.92 38.67
C VAL D 132 -53.04 -0.92 39.61
N ILE D 133 -52.91 -1.16 40.91
CA ILE D 133 -53.38 -0.24 41.93
C ILE D 133 -52.24 0.72 42.24
N THR D 134 -52.43 1.99 41.90
CA THR D 134 -51.36 2.97 42.04
C THR D 134 -51.18 3.40 43.51
N SER D 135 -52.22 3.98 44.10
CA SER D 135 -52.17 4.48 45.47
C SER D 135 -53.36 3.93 46.25
N VAL D 136 -53.22 3.94 47.57
CA VAL D 136 -54.28 3.45 48.46
C VAL D 136 -54.19 4.21 49.77
N ASP D 137 -55.32 4.79 50.19
CA ASP D 137 -55.43 5.44 51.50
C ASP D 137 -55.84 4.39 52.54
N GLU D 138 -54.86 3.59 52.91
CA GLU D 138 -55.13 2.43 53.77
C GLU D 138 -55.78 2.83 55.09
N GLU D 139 -55.49 4.04 55.58
CA GLU D 139 -55.96 4.42 56.92
C GLU D 139 -57.48 4.50 56.97
N MET D 140 -58.10 5.16 55.99
CA MET D 140 -59.55 5.34 56.05
C MET D 140 -60.28 4.00 55.92
N ARG D 141 -59.67 3.03 55.24
CA ARG D 141 -60.22 1.69 55.20
C ARG D 141 -60.02 0.98 56.53
N HIS D 142 -58.86 1.20 57.17
CA HIS D 142 -58.62 0.65 58.49
C HIS D 142 -59.58 1.23 59.52
N ASN D 143 -59.88 2.53 59.42
CA ASN D 143 -60.78 3.16 60.36
C ASN D 143 -62.16 2.51 60.37
N GLU D 144 -62.52 1.82 59.29
CA GLU D 144 -63.77 1.08 59.22
C GLU D 144 -63.51 -0.31 58.66
N LEU D 145 -62.33 -0.87 58.95
CA LEU D 145 -62.06 -2.25 58.59
C LEU D 145 -63.02 -3.20 59.30
N SER D 146 -63.31 -2.92 60.57
CA SER D 146 -64.29 -3.73 61.29
C SER D 146 -65.69 -3.56 60.70
N THR D 147 -66.06 -2.34 60.33
CA THR D 147 -67.36 -2.13 59.71
C THR D 147 -67.43 -2.77 58.33
N LEU D 148 -66.33 -2.70 57.58
CA LEU D 148 -66.28 -3.40 56.30
C LEU D 148 -66.42 -4.90 56.51
N GLU D 149 -65.80 -5.45 57.55
CA GLU D 149 -65.95 -6.86 57.86
C GLU D 149 -67.40 -7.17 58.22
N ALA D 150 -68.06 -6.27 58.97
CA ALA D 150 -69.44 -6.51 59.34
C ALA D 150 -70.36 -6.52 58.12
N GLU D 151 -70.19 -5.56 57.22
CA GLU D 151 -71.00 -5.56 56.01
C GLU D 151 -70.67 -6.75 55.12
N MET D 152 -69.41 -7.16 55.09
CA MET D 152 -69.04 -8.40 54.40
C MET D 152 -69.81 -9.58 54.98
N ALA D 153 -69.85 -9.68 56.31
CA ALA D 153 -70.54 -10.78 56.95
C ALA D 153 -72.02 -10.76 56.65
N VAL D 154 -72.64 -9.58 56.68
CA VAL D 154 -74.09 -9.53 56.47
C VAL D 154 -74.45 -9.76 54.99
N GLU D 155 -73.61 -9.31 54.05
CA GLU D 155 -73.91 -9.60 52.65
C GLU D 155 -73.68 -11.08 52.33
N ARG D 156 -72.65 -11.67 52.92
CA ARG D 156 -72.51 -13.12 52.83
C ARG D 156 -73.70 -13.82 53.48
N LYS D 157 -74.24 -13.24 54.54
CA LYS D 157 -75.45 -13.80 55.16
C LYS D 157 -76.64 -13.71 54.21
N ALA D 158 -76.74 -12.61 53.46
CA ALA D 158 -77.83 -12.48 52.49
C ALA D 158 -77.72 -13.51 51.38
N VAL D 159 -76.51 -13.69 50.84
CA VAL D 159 -76.33 -14.69 49.79
C VAL D 159 -76.56 -16.08 50.36
N GLU D 160 -76.16 -16.31 51.62
CA GLU D 160 -76.44 -17.57 52.28
C GLU D 160 -77.93 -17.79 52.46
N ASP D 161 -78.67 -16.72 52.75
CA ASP D 161 -80.11 -16.83 52.94
C ASP D 161 -80.81 -17.21 51.64
N GLN D 162 -80.44 -16.55 50.54
CA GLN D 162 -81.03 -16.92 49.26
C GLN D 162 -80.61 -18.34 48.86
N ARG D 163 -79.37 -18.72 49.17
CA ARG D 163 -78.93 -20.08 48.91
C ARG D 163 -79.76 -21.09 49.69
N ASP D 164 -80.01 -20.79 50.97
CA ASP D 164 -80.80 -21.68 51.81
C ASP D 164 -82.23 -21.77 51.29
N GLY D 165 -82.80 -20.64 50.87
CA GLY D 165 -84.14 -20.67 50.30
C GLY D 165 -84.21 -21.56 49.07
N GLU D 166 -83.26 -21.39 48.16
CA GLU D 166 -83.23 -22.22 46.96
C GLU D 166 -83.05 -23.69 47.30
N LEU D 167 -82.12 -23.99 48.21
CA LEU D 167 -81.86 -25.38 48.56
C LEU D 167 -83.08 -26.03 49.20
N GLU D 168 -83.71 -25.33 50.15
CA GLU D 168 -84.89 -25.87 50.80
C GLU D 168 -86.02 -26.07 49.80
N ALA D 169 -86.24 -25.10 48.91
CA ALA D 169 -87.30 -25.23 47.92
C ALA D 169 -87.06 -26.42 47.02
N ARG D 170 -85.82 -26.58 46.53
CA ARG D 170 -85.54 -27.67 45.59
C ARG D 170 -85.55 -29.03 46.29
N ALA D 171 -85.05 -29.10 47.53
CA ALA D 171 -85.12 -30.34 48.27
C ALA D 171 -86.56 -30.73 48.55
N GLN D 172 -87.40 -29.76 48.90
CA GLN D 172 -88.83 -30.04 49.10
C GLN D 172 -89.47 -30.51 47.80
N LYS D 173 -89.12 -29.87 46.68
CA LYS D 173 -89.66 -30.29 45.40
C LYS D 173 -89.28 -31.73 45.10
N LEU D 174 -88.00 -32.08 45.30
CA LEU D 174 -87.55 -33.44 45.01
C LEU D 174 -88.21 -34.45 45.94
N GLU D 175 -88.35 -34.11 47.23
CA GLU D 175 -88.99 -35.02 48.17
C GLU D 175 -90.46 -35.23 47.81
N ALA D 176 -91.16 -34.15 47.43
CA ALA D 176 -92.55 -34.28 47.02
C ALA D 176 -92.67 -35.10 45.75
N ASP D 177 -91.74 -34.92 44.80
CA ASP D 177 -91.78 -35.71 43.58
C ASP D 177 -91.52 -37.19 43.86
N LEU D 178 -90.59 -37.48 44.78
CA LEU D 178 -90.34 -38.88 45.15
C LEU D 178 -91.56 -39.48 45.85
N ALA D 179 -92.23 -38.71 46.70
CA ALA D 179 -93.46 -39.19 47.32
C ALA D 179 -94.53 -39.45 46.28
N GLU D 180 -94.65 -38.55 45.29
CA GLU D 180 -95.57 -38.77 44.18
C GLU D 180 -95.26 -40.08 43.47
N LEU D 181 -93.99 -40.29 43.12
CA LEU D 181 -93.61 -41.50 42.40
C LEU D 181 -93.88 -42.75 43.23
N GLU D 182 -93.63 -42.67 44.54
CA GLU D 182 -93.97 -43.79 45.42
C GLU D 182 -95.47 -44.05 45.39
N ALA D 183 -96.28 -42.99 45.39
CA ALA D 183 -97.72 -43.16 45.32
C ALA D 183 -98.14 -43.83 44.01
N GLU D 184 -97.52 -43.43 42.89
CA GLU D 184 -97.83 -44.03 41.60
C GLU D 184 -97.27 -45.45 41.46
N GLY D 185 -96.42 -45.88 42.38
CA GLY D 185 -95.87 -47.22 42.31
C GLY D 185 -95.02 -47.47 41.09
N ALA D 186 -94.20 -46.51 40.71
CA ALA D 186 -93.32 -46.66 39.56
C ALA D 186 -92.08 -47.48 39.96
N LYS D 187 -91.33 -47.90 38.94
CA LYS D 187 -90.13 -48.69 39.17
C LYS D 187 -89.05 -47.85 39.85
N ALA D 188 -88.16 -48.54 40.57
CA ALA D 188 -87.07 -47.85 41.24
C ALA D 188 -86.13 -47.16 40.25
N ASP D 189 -86.16 -47.57 38.97
CA ASP D 189 -85.36 -46.87 37.97
C ASP D 189 -85.77 -45.41 37.87
N ALA D 190 -87.07 -45.14 37.80
CA ALA D 190 -87.55 -43.77 37.79
C ALA D 190 -87.23 -43.06 39.10
N ARG D 191 -87.34 -43.78 40.22
CA ARG D 191 -86.95 -43.21 41.50
C ARG D 191 -85.53 -42.68 41.46
N ARG D 192 -84.59 -43.53 41.04
CA ARG D 192 -83.20 -43.12 41.00
C ARG D 192 -82.95 -42.04 39.94
N LYS D 193 -83.66 -42.09 38.82
CA LYS D 193 -83.49 -41.05 37.81
C LYS D 193 -83.88 -39.69 38.37
N VAL D 194 -85.07 -39.57 38.96
CA VAL D 194 -85.52 -38.29 39.50
C VAL D 194 -84.65 -37.88 40.68
N ARG D 195 -84.28 -38.83 41.54
CA ARG D 195 -83.44 -38.51 42.68
C ARG D 195 -82.09 -37.99 42.25
N ASP D 196 -81.47 -38.62 41.25
CA ASP D 196 -80.20 -38.15 40.73
C ASP D 196 -80.33 -36.78 40.09
N GLY D 197 -81.40 -36.56 39.32
CA GLY D 197 -81.60 -35.25 38.73
C GLY D 197 -81.70 -34.16 39.78
N GLY D 198 -82.54 -34.38 40.80
CA GLY D 198 -82.66 -33.40 41.87
C GLY D 198 -81.38 -33.22 42.66
N GLU D 199 -80.68 -34.32 42.94
CA GLU D 199 -79.44 -34.24 43.69
C GLU D 199 -78.39 -33.44 42.91
N ARG D 200 -78.29 -33.68 41.61
CA ARG D 200 -77.31 -32.93 40.81
C ARG D 200 -77.72 -31.47 40.67
N GLU D 201 -79.02 -31.19 40.57
CA GLU D 201 -79.46 -29.80 40.55
C GLU D 201 -79.09 -29.09 41.85
N MET D 202 -79.29 -29.75 42.99
CA MET D 202 -78.94 -29.14 44.26
C MET D 202 -77.43 -29.03 44.43
N ARG D 203 -76.67 -30.00 43.91
CA ARG D 203 -75.22 -29.87 43.90
C ARG D 203 -74.79 -28.65 43.10
N GLN D 204 -75.43 -28.45 41.95
CA GLN D 204 -75.14 -27.26 41.15
C GLN D 204 -75.49 -25.99 41.90
N ILE D 205 -76.61 -26.00 42.62
CA ILE D 205 -77.02 -24.81 43.36
C ILE D 205 -75.99 -24.49 44.44
N ARG D 206 -75.58 -25.50 45.21
CA ARG D 206 -74.58 -25.26 46.25
C ARG D 206 -73.24 -24.90 45.66
N ASP D 207 -72.88 -25.48 44.51
CA ASP D 207 -71.63 -25.14 43.86
C ASP D 207 -71.63 -23.68 43.41
N ARG D 208 -72.75 -23.21 42.86
CA ARG D 208 -72.84 -21.80 42.48
C ARG D 208 -72.85 -20.90 43.71
N ALA D 209 -73.51 -21.33 44.78
CA ALA D 209 -73.48 -20.56 46.02
C ALA D 209 -72.06 -20.42 46.53
N GLN D 210 -71.28 -21.50 46.50
CA GLN D 210 -69.89 -21.40 46.90
C GLN D 210 -69.06 -20.66 45.87
N ARG D 211 -69.47 -20.67 44.60
CA ARG D 211 -68.83 -19.81 43.61
C ARG D 211 -68.93 -18.36 44.04
N GLU D 212 -70.15 -17.92 44.37
CA GLU D 212 -70.32 -16.53 44.82
C GLU D 212 -69.62 -16.30 46.16
N LEU D 213 -69.64 -17.29 47.04
CA LEU D 213 -68.98 -17.14 48.33
C LEU D 213 -67.48 -16.95 48.16
N ASP D 214 -66.85 -17.74 47.28
CA ASP D 214 -65.42 -17.59 47.05
C ASP D 214 -65.12 -16.35 46.22
N ARG D 215 -66.05 -15.92 45.37
CA ARG D 215 -65.89 -14.62 44.72
C ARG D 215 -65.81 -13.52 45.76
N LEU D 216 -66.75 -13.53 46.71
CA LEU D 216 -66.72 -12.54 47.79
C LEU D 216 -65.47 -12.67 48.63
N GLU D 217 -65.04 -13.90 48.91
CA GLU D 217 -63.84 -14.11 49.72
C GLU D 217 -62.60 -13.59 49.01
N ASP D 218 -62.50 -13.81 47.70
CA ASP D 218 -61.40 -13.26 46.93
C ASP D 218 -61.46 -11.73 46.92
N ILE D 219 -62.66 -11.16 46.79
CA ILE D 219 -62.81 -9.72 46.92
C ILE D 219 -62.25 -9.25 48.25
N TRP D 220 -62.64 -9.93 49.32
CA TRP D 220 -62.25 -9.51 50.66
C TRP D 220 -60.74 -9.64 50.86
N SER D 221 -60.14 -10.71 50.36
CA SER D 221 -58.70 -10.88 50.49
C SER D 221 -57.94 -9.84 49.67
N THR D 222 -58.30 -9.70 48.40
CA THR D 222 -57.64 -8.73 47.52
C THR D 222 -57.94 -7.29 47.90
N PHE D 223 -58.91 -7.06 48.79
CA PHE D 223 -59.21 -5.72 49.28
C PHE D 223 -58.48 -5.43 50.59
N THR D 224 -58.70 -6.26 51.61
CA THR D 224 -57.98 -6.09 52.87
C THR D 224 -56.48 -6.26 52.67
N LYS D 225 -56.08 -7.36 52.00
CA LYS D 225 -54.68 -7.62 51.70
C LYS D 225 -54.36 -6.98 50.35
N LEU D 226 -54.22 -5.65 50.37
CA LEU D 226 -53.96 -4.89 49.15
C LEU D 226 -52.93 -3.82 49.44
N ALA D 227 -52.02 -3.61 48.49
CA ALA D 227 -51.01 -2.57 48.58
C ALA D 227 -50.58 -2.20 47.18
N PRO D 228 -49.95 -1.05 46.99
CA PRO D 228 -49.48 -0.66 45.66
C PRO D 228 -48.57 -1.72 45.07
N LYS D 229 -48.28 -1.57 43.77
CA LYS D 229 -47.40 -2.55 43.07
C LYS D 229 -48.13 -3.89 42.95
N GLN D 230 -49.46 -3.93 43.18
CA GLN D 230 -50.23 -5.15 42.99
C GLN D 230 -50.75 -5.23 41.57
N LEU D 231 -50.87 -6.45 41.07
CA LEU D 231 -51.41 -6.72 39.74
C LEU D 231 -52.74 -7.47 39.86
N ILE D 232 -53.55 -7.33 38.82
CA ILE D 232 -54.81 -8.06 38.69
C ILE D 232 -54.92 -8.56 37.25
N VAL D 233 -54.63 -9.84 37.04
CA VAL D 233 -54.50 -10.35 35.68
C VAL D 233 -55.84 -10.33 34.96
N ASP D 234 -56.89 -10.83 35.60
CA ASP D 234 -58.19 -10.98 34.96
C ASP D 234 -58.98 -9.68 35.07
N GLU D 235 -59.56 -9.25 33.95
CA GLU D 235 -60.30 -7.99 33.95
C GLU D 235 -61.62 -8.11 34.70
N ASN D 236 -62.18 -9.32 34.80
CA ASN D 236 -63.44 -9.49 35.51
C ASN D 236 -63.28 -9.16 36.99
N LEU D 237 -62.19 -9.60 37.59
CA LEU D 237 -61.96 -9.32 39.01
C LEU D 237 -61.79 -7.82 39.24
N TYR D 238 -61.04 -7.15 38.37
CA TYR D 238 -60.87 -5.70 38.51
C TYR D 238 -62.19 -4.98 38.33
N ARG D 239 -63.00 -5.42 37.35
CA ARG D 239 -64.32 -4.81 37.15
C ARG D 239 -65.18 -4.98 38.40
N GLU D 240 -65.18 -6.18 38.97
CA GLU D 240 -65.98 -6.41 40.17
C GLU D 240 -65.49 -5.54 41.32
N LEU D 241 -64.17 -5.41 41.48
CA LEU D 241 -63.63 -4.57 42.54
C LEU D 241 -64.06 -3.13 42.37
N VAL D 242 -63.92 -2.59 41.17
CA VAL D 242 -64.25 -1.18 40.96
C VAL D 242 -65.75 -0.95 41.14
N ASP D 243 -66.58 -1.90 40.67
CA ASP D 243 -68.02 -1.74 40.84
C ASP D 243 -68.42 -1.81 42.30
N ARG D 244 -67.85 -2.74 43.05
CA ARG D 244 -68.22 -2.92 44.44
C ARG D 244 -67.47 -1.95 45.35
N TYR D 245 -66.14 -2.05 45.37
CA TYR D 245 -65.30 -1.18 46.19
C TYR D 245 -64.43 -0.36 45.25
N GLY D 246 -64.97 0.79 44.81
CA GLY D 246 -64.24 1.70 43.96
C GLY D 246 -63.90 2.99 44.67
N GLU D 247 -63.71 2.93 45.99
CA GLU D 247 -63.55 4.13 46.80
C GLU D 247 -62.08 4.46 47.06
N TYR D 248 -61.34 3.53 47.66
CA TYR D 248 -60.02 3.88 48.19
C TYR D 248 -58.93 3.79 47.13
N PHE D 249 -58.94 2.75 46.30
CA PHE D 249 -57.84 2.48 45.39
C PHE D 249 -58.21 2.92 43.99
N THR D 250 -57.29 3.62 43.34
CA THR D 250 -57.43 4.05 41.95
C THR D 250 -56.39 3.31 41.11
N GLY D 251 -56.86 2.62 40.08
CA GLY D 251 -55.98 1.79 39.27
C GLY D 251 -56.23 1.90 37.78
N ALA D 252 -55.19 2.24 37.04
CA ALA D 252 -55.27 2.34 35.59
C ALA D 252 -54.09 1.62 34.97
N MET D 253 -54.28 1.13 33.74
CA MET D 253 -53.25 0.41 33.01
C MET D 253 -52.72 1.29 31.89
N GLY D 254 -51.43 1.66 31.99
CA GLY D 254 -50.84 2.62 31.03
C GLY D 254 -50.02 3.69 31.75
N ALA D 255 -49.26 4.49 30.98
CA ALA D 255 -48.02 5.18 31.44
C ALA D 255 -48.24 6.25 32.53
N GLU D 256 -49.28 7.08 32.42
CA GLU D 256 -49.49 8.21 33.39
C GLU D 256 -49.44 7.68 34.82
N SER D 257 -49.99 6.49 35.06
CA SER D 257 -49.97 5.82 36.35
C SER D 257 -48.58 5.83 36.95
N ILE D 258 -47.57 5.48 36.15
CA ILE D 258 -46.20 5.48 36.64
C ILE D 258 -45.77 6.89 37.02
N GLN D 259 -46.14 7.88 36.20
CA GLN D 259 -45.77 9.26 36.51
C GLN D 259 -46.34 9.68 37.85
N LYS D 260 -47.63 9.41 38.08
CA LYS D 260 -48.25 9.77 39.35
C LYS D 260 -47.59 9.02 40.51
N LEU D 261 -47.30 7.74 40.32
CA LEU D 261 -46.70 6.96 41.40
C LEU D 261 -45.32 7.50 41.76
N ILE D 262 -44.50 7.83 40.76
CA ILE D 262 -43.15 8.30 41.05
C ILE D 262 -43.18 9.68 41.66
N GLU D 263 -44.00 10.59 41.10
CA GLU D 263 -44.05 11.94 41.67
C GLU D 263 -44.58 11.93 43.08
N ASN D 264 -45.59 11.10 43.36
CA ASN D 264 -46.06 10.95 44.74
C ASN D 264 -45.01 10.27 45.61
N PHE D 265 -44.15 9.44 45.01
CA PHE D 265 -43.13 8.73 45.76
C PHE D 265 -42.02 9.68 46.20
N ASP D 266 -41.36 9.31 47.29
CA ASP D 266 -40.25 10.09 47.86
C ASP D 266 -38.97 9.27 47.83
N ILE D 267 -37.84 9.97 47.74
CA ILE D 267 -36.55 9.34 47.57
C ILE D 267 -35.79 9.22 48.88
N ASP D 268 -35.81 10.27 49.70
CA ASP D 268 -34.96 10.29 50.90
C ASP D 268 -35.35 9.17 51.88
N ALA D 269 -36.65 8.97 52.09
CA ALA D 269 -37.08 7.95 53.04
C ALA D 269 -36.63 6.56 52.60
N GLU D 270 -36.80 6.25 51.32
CA GLU D 270 -36.34 4.97 50.81
C GLU D 270 -34.83 4.84 50.94
N ALA D 271 -34.11 5.93 50.70
CA ALA D 271 -32.66 5.90 50.85
C ALA D 271 -32.28 5.56 52.29
N GLU D 272 -32.94 6.19 53.26
CA GLU D 272 -32.64 5.91 54.66
C GLU D 272 -32.97 4.46 55.01
N SER D 273 -34.11 3.96 54.53
CA SER D 273 -34.47 2.57 54.82
C SER D 273 -33.43 1.61 54.23
N LEU D 274 -33.00 1.86 53.00
CA LEU D 274 -32.00 1.00 52.37
C LEU D 274 -30.67 1.08 53.11
N ARG D 275 -30.28 2.28 53.56
CA ARG D 275 -29.06 2.41 54.34
C ARG D 275 -29.15 1.61 55.63
N ASP D 276 -30.30 1.67 56.31
CA ASP D 276 -30.49 0.89 57.52
C ASP D 276 -30.39 -0.60 57.24
N VAL D 277 -30.99 -1.05 56.13
CA VAL D 277 -30.90 -2.46 55.75
C VAL D 277 -29.45 -2.84 55.50
N ILE D 278 -28.69 -1.98 54.81
CA ILE D 278 -27.28 -2.27 54.54
C ILE D 278 -26.52 -2.37 55.85
N ARG D 279 -26.87 -1.56 56.84
CA ARG D 279 -26.19 -1.62 58.13
C ARG D 279 -26.28 -3.00 58.74
N ASN D 280 -27.31 -3.77 58.38
CA ASN D 280 -27.45 -5.15 58.83
C ASN D 280 -26.69 -6.06 57.86
N GLY D 281 -26.88 -7.38 58.00
CA GLY D 281 -26.22 -8.34 57.16
C GLY D 281 -27.11 -8.93 56.09
N LYS D 282 -27.19 -10.26 56.02
CA LYS D 282 -28.05 -10.97 55.07
C LYS D 282 -27.68 -10.60 53.64
N GLY D 283 -26.45 -11.00 53.28
CA GLY D 283 -25.89 -10.73 51.97
C GLY D 283 -26.86 -10.88 50.81
N GLN D 284 -27.68 -11.93 50.86
CA GLN D 284 -28.59 -12.22 49.75
C GLN D 284 -29.42 -11.00 49.38
N LYS D 285 -30.20 -10.50 50.33
CA LYS D 285 -30.96 -9.28 50.11
C LYS D 285 -30.09 -8.03 50.22
N LYS D 286 -28.93 -8.14 50.87
CA LYS D 286 -28.06 -6.98 51.05
C LYS D 286 -27.52 -6.47 49.72
N LEU D 287 -27.20 -7.38 48.79
CA LEU D 287 -26.70 -6.94 47.49
C LEU D 287 -27.77 -6.18 46.71
N ARG D 288 -29.00 -6.67 46.72
CA ARG D 288 -30.10 -5.93 46.08
C ARG D 288 -30.28 -4.58 46.74
N ALA D 289 -30.22 -4.54 48.07
CA ALA D 289 -30.32 -3.28 48.78
C ALA D 289 -29.21 -2.33 48.36
N LEU D 290 -27.99 -2.85 48.21
CA LEU D 290 -26.87 -2.02 47.78
C LEU D 290 -27.12 -1.41 46.41
N LYS D 291 -27.56 -2.24 45.45
CA LYS D 291 -27.79 -1.74 44.10
C LYS D 291 -28.89 -0.67 44.09
N ARG D 292 -30.01 -0.97 44.76
CA ARG D 292 -31.11 -0.01 44.78
C ARG D 292 -30.70 1.28 45.49
N LEU D 293 -29.94 1.18 46.57
CA LEU D 293 -29.45 2.36 47.26
C LEU D 293 -28.51 3.16 46.36
N LYS D 294 -27.68 2.47 45.59
CA LYS D 294 -26.83 3.17 44.63
C LYS D 294 -27.66 4.00 43.67
N VAL D 295 -28.70 3.38 43.09
CA VAL D 295 -29.52 4.10 42.13
C VAL D 295 -30.21 5.28 42.80
N VAL D 296 -30.79 5.06 43.98
CA VAL D 296 -31.55 6.11 44.63
C VAL D 296 -30.63 7.25 45.08
N ALA D 297 -29.43 6.91 45.55
CA ALA D 297 -28.48 7.95 45.93
C ALA D 297 -28.00 8.73 44.72
N ALA D 298 -27.84 8.06 43.57
CA ALA D 298 -27.53 8.80 42.35
C ALA D 298 -28.64 9.79 42.01
N PHE D 299 -29.89 9.33 42.12
CA PHE D 299 -31.01 10.24 41.89
C PHE D 299 -30.97 11.42 42.85
N GLN D 300 -30.75 11.16 44.13
CA GLN D 300 -30.75 12.23 45.13
C GLN D 300 -29.63 13.22 44.87
N GLN D 301 -28.43 12.73 44.57
CA GLN D 301 -27.29 13.61 44.35
C GLN D 301 -27.43 14.39 43.05
N SER D 302 -28.11 13.83 42.05
CA SER D 302 -28.24 14.52 40.78
C SER D 302 -28.98 15.84 40.91
N GLY D 303 -29.74 16.04 41.98
CA GLY D 303 -30.52 17.25 42.13
C GLY D 303 -31.70 17.35 41.20
N ASN D 304 -31.98 16.30 40.44
CA ASN D 304 -33.09 16.27 39.49
C ASN D 304 -34.24 15.47 40.09
N SER D 305 -35.26 15.19 39.28
CA SER D 305 -36.38 14.38 39.70
C SER D 305 -36.61 13.24 38.73
N PRO D 306 -37.16 12.12 39.19
CA PRO D 306 -37.40 10.99 38.27
C PRO D 306 -38.39 11.29 37.17
N MET D 307 -39.22 12.34 37.31
CA MET D 307 -40.27 12.60 36.34
C MET D 307 -39.76 12.76 34.92
N GLY D 308 -38.45 12.86 34.71
CA GLY D 308 -37.92 12.94 33.36
C GLY D 308 -38.01 11.65 32.58
N MET D 309 -38.43 10.55 33.21
CA MET D 309 -38.54 9.27 32.55
C MET D 309 -39.89 9.04 31.88
N VAL D 310 -40.78 10.02 31.95
CA VAL D 310 -42.08 9.95 31.27
C VAL D 310 -42.20 11.21 30.42
N LEU D 311 -42.21 11.04 29.11
CA LEU D 311 -42.19 12.17 28.19
C LEU D 311 -43.60 12.62 27.82
N ASP D 312 -43.72 13.89 27.46
CA ASP D 312 -44.96 14.46 26.96
C ASP D 312 -44.77 15.30 25.71
N ALA D 313 -43.53 15.57 25.28
CA ALA D 313 -43.30 16.35 24.08
C ALA D 313 -41.94 15.92 23.51
N VAL D 314 -41.98 15.07 22.49
CA VAL D 314 -40.76 14.57 21.85
C VAL D 314 -40.28 15.60 20.85
N PRO D 315 -38.98 15.83 20.71
CA PRO D 315 -38.48 16.76 19.70
C PRO D 315 -38.19 16.07 18.38
N VAL D 316 -37.91 16.90 17.36
CA VAL D 316 -37.55 16.42 16.04
C VAL D 316 -36.28 17.14 15.60
N ILE D 317 -35.36 16.39 14.99
CA ILE D 317 -34.06 16.92 14.58
C ILE D 317 -34.25 17.86 13.39
N PRO D 318 -33.29 18.72 13.09
CA PRO D 318 -33.44 19.65 11.95
C PRO D 318 -33.59 18.89 10.66
N PRO D 319 -33.96 19.58 9.57
CA PRO D 319 -34.23 18.87 8.31
C PRO D 319 -32.98 18.29 7.66
N GLU D 320 -31.91 19.10 7.57
CA GLU D 320 -30.72 18.65 6.87
C GLU D 320 -30.12 17.41 7.53
N LEU D 321 -30.25 17.28 8.84
CA LEU D 321 -29.79 16.07 9.51
C LEU D 321 -30.61 14.84 9.12
N ARG D 322 -31.76 15.05 8.49
CA ARG D 322 -32.57 13.98 7.89
C ARG D 322 -32.84 14.37 6.46
N PRO D 323 -31.81 14.36 5.61
CA PRO D 323 -31.93 15.01 4.29
C PRO D 323 -33.05 14.41 3.47
N MET D 324 -33.74 15.28 2.75
CA MET D 324 -34.77 14.87 1.78
C MET D 324 -34.13 14.84 0.40
N VAL D 325 -34.04 13.66 -0.19
CA VAL D 325 -33.40 13.47 -1.49
C VAL D 325 -34.49 13.31 -2.54
N GLN D 326 -34.40 14.10 -3.61
CA GLN D 326 -35.35 14.05 -4.71
C GLN D 326 -34.60 13.49 -5.93
N LEU D 327 -34.82 12.20 -6.19
CA LEU D 327 -34.18 11.55 -7.32
C LEU D 327 -34.82 12.03 -8.62
N ASP D 328 -34.40 11.40 -9.72
CA ASP D 328 -35.00 11.72 -11.02
C ASP D 328 -36.52 11.62 -10.97
N GLY D 329 -37.05 10.67 -10.21
CA GLY D 329 -38.47 10.53 -9.98
C GLY D 329 -38.99 11.25 -8.75
N GLY D 330 -38.12 11.89 -7.97
CA GLY D 330 -38.53 12.59 -6.78
C GLY D 330 -38.76 11.73 -5.56
N ARG D 331 -38.49 10.43 -5.65
CA ARG D 331 -38.75 9.53 -4.54
C ARG D 331 -37.77 9.80 -3.39
N PHE D 332 -38.30 9.76 -2.17
CA PHE D 332 -37.45 9.87 -0.98
C PHE D 332 -36.74 8.54 -0.72
N ALA D 333 -35.44 8.62 -0.47
CA ALA D 333 -34.62 7.42 -0.32
C ALA D 333 -33.66 7.45 0.86
N THR D 334 -33.53 8.56 1.58
CA THR D 334 -32.57 8.66 2.67
C THR D 334 -33.15 7.97 3.91
N SER D 335 -32.51 8.19 5.06
CA SER D 335 -32.91 7.53 6.29
C SER D 335 -34.38 7.76 6.58
N ASP D 336 -35.07 6.70 6.99
CA ASP D 336 -36.52 6.69 7.20
C ASP D 336 -36.96 7.50 8.41
N LEU D 337 -36.08 8.26 9.07
CA LEU D 337 -36.52 9.13 10.16
C LEU D 337 -37.81 9.85 9.79
N ASN D 338 -37.92 10.29 8.53
CA ASN D 338 -39.14 10.94 8.09
C ASN D 338 -40.34 10.00 8.21
N ASP D 339 -40.16 8.73 7.81
CA ASP D 339 -41.27 7.79 7.92
C ASP D 339 -41.65 7.54 9.38
N LEU D 340 -40.66 7.43 10.26
CA LEU D 340 -40.96 7.23 11.68
C LEU D 340 -41.72 8.41 12.24
N TYR D 341 -41.29 9.63 11.91
CA TYR D 341 -42.01 10.81 12.37
C TYR D 341 -43.42 10.84 11.80
N ARG D 342 -43.58 10.42 10.54
CA ARG D 342 -44.91 10.34 9.95
C ARG D 342 -45.80 9.40 10.75
N ARG D 343 -45.28 8.22 11.09
CA ARG D 343 -46.06 7.27 11.88
C ARG D 343 -46.46 7.87 13.21
N VAL D 344 -45.50 8.49 13.91
CA VAL D 344 -45.79 9.02 15.23
C VAL D 344 -46.84 10.12 15.15
N ILE D 345 -46.67 11.05 14.21
CA ILE D 345 -47.60 12.16 14.08
C ILE D 345 -48.99 11.65 13.70
N ASN D 346 -49.05 10.70 12.76
CA ASN D 346 -50.33 10.14 12.36
C ASN D 346 -51.05 9.52 13.54
N ARG D 347 -50.34 8.70 14.32
CA ARG D 347 -50.98 8.03 15.44
C ARG D 347 -51.41 9.02 16.51
N ASN D 348 -50.60 10.03 16.79
CA ASN D 348 -50.97 11.02 17.79
C ASN D 348 -52.21 11.81 17.36
N ASN D 349 -52.24 12.24 16.08
CA ASN D 349 -53.37 13.02 15.51
C ASN D 349 -54.62 12.15 15.48
N ARG D 350 -54.49 10.83 15.27
CA ARG D 350 -55.61 9.90 15.35
C ARG D 350 -56.11 9.79 16.78
N LEU D 351 -55.20 9.73 17.75
CA LEU D 351 -55.61 9.68 19.15
C LEU D 351 -56.41 10.92 19.51
N LYS D 352 -55.93 12.09 19.09
CA LYS D 352 -56.63 13.34 19.40
C LYS D 352 -58.03 13.33 18.79
N ARG D 353 -58.13 12.96 17.51
CA ARG D 353 -59.43 12.94 16.84
C ARG D 353 -60.38 11.94 17.49
N LEU D 354 -59.84 10.77 17.87
CA LEU D 354 -60.68 9.74 18.47
C LEU D 354 -61.20 10.20 19.83
N ILE D 355 -60.34 10.80 20.66
CA ILE D 355 -60.81 11.29 21.95
C ILE D 355 -61.83 12.40 21.76
N ASP D 356 -61.64 13.22 20.72
CA ASP D 356 -62.65 14.22 20.41
C ASP D 356 -63.98 13.57 20.08
N LEU D 357 -63.95 12.49 19.29
CA LEU D 357 -65.19 11.82 18.90
C LEU D 357 -65.82 11.05 20.05
N GLY D 358 -65.00 10.52 20.96
CA GLY D 358 -65.52 9.76 22.08
C GLY D 358 -65.65 8.29 21.78
N ALA D 359 -65.28 7.45 22.74
CA ALA D 359 -65.32 6.00 22.57
C ALA D 359 -65.10 5.36 23.94
N PRO D 360 -65.44 4.08 24.09
CA PRO D 360 -65.20 3.40 25.37
C PRO D 360 -63.71 3.21 25.65
N GLU D 361 -63.40 2.64 26.81
CA GLU D 361 -62.01 2.59 27.28
C GLU D 361 -61.15 1.70 26.39
N ILE D 362 -61.71 0.61 25.87
CA ILE D 362 -60.88 -0.42 25.23
C ILE D 362 -60.15 0.17 24.02
N ILE D 363 -60.88 0.84 23.13
CA ILE D 363 -60.27 1.34 21.91
C ILE D 363 -59.23 2.41 22.22
N VAL D 364 -59.55 3.30 23.16
CA VAL D 364 -58.62 4.37 23.51
C VAL D 364 -57.34 3.79 24.11
N ASN D 365 -57.47 2.78 24.97
CA ASN D 365 -56.29 2.14 25.54
C ASN D 365 -55.47 1.43 24.47
N ASN D 366 -56.13 0.78 23.51
CA ASN D 366 -55.40 0.16 22.42
C ASN D 366 -54.63 1.20 21.61
N GLU D 367 -55.26 2.34 21.33
CA GLU D 367 -54.57 3.40 20.60
C GLU D 367 -53.40 3.95 21.39
N LYS D 368 -53.56 4.09 22.71
CA LYS D 368 -52.46 4.55 23.55
C LYS D 368 -51.30 3.57 23.50
N ARG D 369 -51.59 2.27 23.54
CA ARG D 369 -50.53 1.28 23.42
C ARG D 369 -49.84 1.39 22.07
N MET D 370 -50.61 1.61 21.01
CA MET D 370 -50.00 1.76 19.69
C MET D 370 -49.07 2.98 19.66
N LEU D 371 -49.51 4.08 20.26
CA LEU D 371 -48.66 5.27 20.34
C LEU D 371 -47.39 5.00 21.12
N GLN D 372 -47.51 4.27 22.24
CA GLN D 372 -46.34 3.93 23.02
C GLN D 372 -45.35 3.10 22.21
N GLU D 373 -45.87 2.12 21.46
CA GLU D 373 -44.99 1.32 20.61
C GLU D 373 -44.33 2.18 19.55
N SER D 374 -45.07 3.12 18.96
CA SER D 374 -44.49 4.00 17.96
C SER D 374 -43.35 4.81 18.54
N VAL D 375 -43.56 5.39 19.73
CA VAL D 375 -42.51 6.19 20.35
C VAL D 375 -41.30 5.32 20.66
N ASP D 376 -41.52 4.12 21.19
CA ASP D 376 -40.41 3.23 21.50
C ASP D 376 -39.63 2.88 20.24
N ALA D 377 -40.32 2.60 19.14
CA ALA D 377 -39.64 2.31 17.89
C ALA D 377 -38.85 3.52 17.41
N LEU D 378 -39.42 4.72 17.53
CA LEU D 378 -38.72 5.92 17.07
C LEU D 378 -37.43 6.12 17.84
N PHE D 379 -37.49 6.06 19.17
CA PHE D 379 -36.28 6.25 19.96
C PHE D 379 -35.27 5.14 19.70
N ASP D 380 -35.75 3.95 19.32
CA ASP D 380 -34.85 2.86 18.96
C ASP D 380 -35.67 1.78 18.27
N ASN D 381 -35.21 1.31 17.11
CA ASN D 381 -35.84 0.23 16.40
C ASN D 381 -35.11 -1.07 16.65
N GLY D 382 -35.87 -2.13 16.93
CA GLY D 382 -35.30 -3.42 17.24
C GLY D 382 -34.84 -3.58 18.68
N ARG D 383 -35.04 -2.55 19.52
CA ARG D 383 -34.64 -2.68 20.92
C ARG D 383 -35.38 -3.82 21.60
N ARG D 384 -36.67 -3.97 21.30
CA ARG D 384 -37.46 -5.08 21.81
C ARG D 384 -38.55 -5.40 20.80
N GLY D 385 -38.79 -6.69 20.58
CA GLY D 385 -39.81 -7.12 19.64
C GLY D 385 -39.33 -7.07 18.20
N ARG D 386 -40.26 -7.34 17.30
CA ARG D 386 -39.97 -7.36 15.87
C ARG D 386 -39.64 -5.95 15.40
N PRO D 387 -38.46 -5.71 14.83
CA PRO D 387 -38.17 -4.38 14.30
C PRO D 387 -39.02 -4.07 13.07
N VAL D 388 -39.32 -2.78 12.90
CA VAL D 388 -40.10 -2.35 11.76
C VAL D 388 -39.27 -2.50 10.49
N THR D 389 -39.89 -3.00 9.43
CA THR D 389 -39.21 -3.22 8.15
C THR D 389 -40.18 -2.88 7.03
N GLY D 390 -39.86 -1.83 6.27
CA GLY D 390 -40.70 -1.44 5.16
C GLY D 390 -40.24 -2.05 3.84
N PRO D 391 -38.98 -1.81 3.48
CA PRO D 391 -38.44 -2.38 2.23
C PRO D 391 -37.66 -3.66 2.47
N GLY D 392 -37.90 -4.64 1.59
CA GLY D 392 -37.14 -5.88 1.57
C GLY D 392 -36.92 -6.50 2.94
N ASN D 393 -37.84 -6.28 3.87
CA ASN D 393 -37.70 -6.80 5.23
C ASN D 393 -36.39 -6.32 5.86
N ARG D 394 -36.00 -5.09 5.54
CA ARG D 394 -34.75 -4.53 6.04
C ARG D 394 -35.03 -3.70 7.29
N PRO D 395 -34.38 -3.98 8.43
CA PRO D 395 -34.56 -3.12 9.59
C PRO D 395 -34.17 -1.68 9.27
N LEU D 396 -34.95 -0.75 9.80
CA LEU D 396 -34.74 0.68 9.56
C LEU D 396 -33.74 1.24 10.57
N LYS D 397 -33.05 2.30 10.18
CA LYS D 397 -32.06 2.95 11.04
C LYS D 397 -32.78 3.97 11.90
N SER D 398 -32.95 3.65 13.18
CA SER D 398 -33.64 4.54 14.10
C SER D 398 -32.75 5.71 14.49
N LEU D 399 -33.29 6.60 15.33
CA LEU D 399 -32.54 7.77 15.74
C LEU D 399 -31.29 7.37 16.52
N SER D 400 -31.40 6.37 17.40
CA SER D 400 -30.28 5.95 18.22
C SER D 400 -29.15 5.34 17.40
N ASP D 401 -29.39 4.99 16.14
CA ASP D 401 -28.34 4.41 15.31
C ASP D 401 -27.34 5.45 14.81
N LEU D 402 -27.61 6.74 15.02
CA LEU D 402 -26.66 7.77 14.61
C LEU D 402 -25.43 7.83 15.51
N LEU D 403 -25.45 7.13 16.65
CA LEU D 403 -24.34 7.16 17.60
C LEU D 403 -23.58 5.84 17.68
N LYS D 404 -24.28 4.71 17.65
CA LYS D 404 -23.63 3.41 17.71
C LYS D 404 -23.26 2.92 16.31
N GLY D 405 -22.47 1.85 16.28
CA GLY D 405 -22.05 1.27 15.02
C GLY D 405 -20.85 1.97 14.43
N LYS D 406 -20.41 1.45 13.28
CA LYS D 406 -19.25 2.02 12.60
C LYS D 406 -19.53 3.45 12.15
N GLN D 407 -20.73 3.70 11.64
CA GLN D 407 -21.10 5.03 11.15
C GLN D 407 -21.59 5.95 12.27
N GLY D 408 -21.61 5.47 13.52
CA GLY D 408 -22.01 6.33 14.61
C GLY D 408 -21.20 7.62 14.63
N ARG D 409 -21.89 8.74 14.82
CA ARG D 409 -21.24 10.03 14.72
C ARG D 409 -20.10 10.19 15.71
N PHE D 410 -20.12 9.44 16.82
CA PHE D 410 -18.99 9.46 17.73
C PHE D 410 -17.73 8.94 17.05
N ARG D 411 -17.82 7.74 16.45
CA ARG D 411 -16.65 7.17 15.81
C ARG D 411 -16.21 7.98 14.61
N GLN D 412 -17.16 8.40 13.76
CA GLN D 412 -16.79 9.07 12.53
C GLN D 412 -16.10 10.41 12.77
N ASN D 413 -16.22 10.97 13.98
CA ASN D 413 -15.49 12.17 14.31
C ASN D 413 -14.00 11.92 14.54
N LEU D 414 -13.59 10.65 14.69
CA LEU D 414 -12.21 10.30 14.91
C LEU D 414 -11.51 9.77 13.66
N LEU D 415 -12.26 9.26 12.68
CA LEU D 415 -11.65 8.65 11.50
C LEU D 415 -10.93 9.68 10.62
N GLY D 416 -11.12 10.96 10.85
CA GLY D 416 -10.42 11.98 10.12
C GLY D 416 -11.34 12.76 9.19
N LYS D 417 -10.83 13.91 8.73
CA LYS D 417 -11.56 14.79 7.84
C LYS D 417 -10.69 15.12 6.63
N ARG D 418 -11.35 15.53 5.54
CA ARG D 418 -10.65 15.91 4.32
C ARG D 418 -10.27 17.38 4.43
N VAL D 419 -8.98 17.68 4.29
CA VAL D 419 -8.45 18.99 4.59
C VAL D 419 -8.12 19.72 3.29
N ASP D 420 -7.85 21.02 3.42
CA ASP D 420 -7.45 21.86 2.31
C ASP D 420 -5.93 21.98 2.27
N TYR D 421 -5.43 22.74 1.30
CA TYR D 421 -4.00 22.97 1.14
C TYR D 421 -3.23 21.65 1.19
N SER D 422 -3.55 20.77 0.24
CA SER D 422 -2.98 19.43 0.20
C SER D 422 -2.40 19.18 -1.20
N GLY D 423 -1.93 17.95 -1.41
CA GLY D 423 -1.38 17.56 -2.68
C GLY D 423 -0.57 16.29 -2.59
N ARG D 424 -0.68 15.41 -3.59
CA ARG D 424 0.02 14.15 -3.60
C ARG D 424 0.71 13.97 -4.95
N SER D 425 1.82 13.24 -4.94
CA SER D 425 2.59 13.00 -6.15
C SER D 425 3.57 11.87 -5.89
N VAL D 426 4.19 11.39 -6.98
CA VAL D 426 5.21 10.36 -6.86
C VAL D 426 6.48 10.96 -6.26
N ILE D 427 7.30 10.11 -5.66
CA ILE D 427 8.54 10.52 -5.01
C ILE D 427 9.72 9.89 -5.74
N VAL D 428 10.74 10.69 -6.00
CA VAL D 428 11.96 10.24 -6.66
C VAL D 428 13.15 10.76 -5.86
N VAL D 429 14.13 9.89 -5.62
CA VAL D 429 15.27 10.25 -4.80
C VAL D 429 16.05 11.39 -5.45
N GLY D 430 16.47 12.35 -4.62
CA GLY D 430 17.31 13.43 -5.08
C GLY D 430 18.53 13.60 -4.19
N PRO D 431 19.72 13.37 -4.73
CA PRO D 431 20.94 13.46 -3.92
C PRO D 431 21.56 14.85 -3.83
N GLN D 432 20.93 15.86 -4.41
CA GLN D 432 21.48 17.21 -4.45
C GLN D 432 20.91 18.11 -3.38
N LEU D 433 20.14 17.58 -2.43
CA LEU D 433 19.47 18.36 -1.42
C LEU D 433 20.16 18.19 -0.07
N LYS D 434 20.11 19.25 0.75
CA LYS D 434 20.49 19.11 2.14
C LYS D 434 19.43 18.29 2.88
N LEU D 435 19.75 17.93 4.12
CA LEU D 435 18.85 17.07 4.87
C LEU D 435 17.52 17.79 5.16
N HIS D 436 17.57 19.07 5.49
CA HIS D 436 16.37 19.85 5.78
C HIS D 436 15.86 20.56 4.53
N GLN D 437 15.52 19.75 3.52
CA GLN D 437 15.08 20.31 2.25
C GLN D 437 14.24 19.28 1.51
N CYS D 438 13.44 19.77 0.58
CA CYS D 438 12.64 18.91 -0.28
C CYS D 438 12.27 19.70 -1.53
N GLY D 439 11.89 18.97 -2.57
CA GLY D 439 11.54 19.56 -3.86
C GLY D 439 10.06 19.46 -4.13
N LEU D 440 9.47 20.56 -4.59
CA LEU D 440 8.08 20.62 -4.98
C LEU D 440 7.98 21.09 -6.43
N PRO D 441 7.24 20.40 -7.29
CA PRO D 441 7.06 20.90 -8.65
C PRO D 441 6.38 22.26 -8.65
N LYS D 442 6.81 23.13 -9.56
CA LYS D 442 6.28 24.48 -9.58
C LYS D 442 4.78 24.48 -9.86
N LEU D 443 4.33 23.58 -10.72
CA LEU D 443 2.90 23.51 -11.03
C LEU D 443 2.07 23.19 -9.80
N MET D 444 2.68 22.64 -8.75
CA MET D 444 1.97 22.39 -7.49
C MET D 444 2.18 23.53 -6.51
N ALA D 445 3.41 24.02 -6.40
CA ALA D 445 3.69 25.11 -5.46
C ALA D 445 2.89 26.35 -5.79
N LEU D 446 2.76 26.68 -7.08
CA LEU D 446 2.03 27.88 -7.46
C LEU D 446 0.54 27.75 -7.15
N GLU D 447 -0.01 26.54 -7.27
CA GLU D 447 -1.42 26.32 -6.97
C GLU D 447 -1.67 26.14 -5.48
N LEU D 448 -0.63 25.89 -4.69
CA LEU D 448 -0.78 25.69 -3.25
C LEU D 448 -0.48 26.93 -2.43
N PHE D 449 0.24 27.91 -3.00
CA PHE D 449 0.53 29.18 -2.33
C PHE D 449 -0.28 30.32 -2.90
N LYS D 450 -1.43 30.03 -3.52
CA LYS D 450 -2.14 31.06 -4.28
C LYS D 450 -2.47 32.30 -3.46
N PRO D 451 -3.08 32.21 -2.28
CA PRO D 451 -3.43 33.44 -1.56
C PRO D 451 -2.22 34.27 -1.15
N PHE D 452 -1.16 33.64 -0.67
CA PHE D 452 0.05 34.38 -0.32
C PHE D 452 0.60 35.10 -1.54
N VAL D 453 0.66 34.40 -2.68
CA VAL D 453 1.17 35.01 -3.90
C VAL D 453 0.30 36.19 -4.30
N MET D 454 -1.02 36.04 -4.24
CA MET D 454 -1.90 37.13 -4.62
C MET D 454 -1.67 38.35 -3.74
N LYS D 455 -1.59 38.14 -2.42
CA LYS D 455 -1.38 39.27 -1.51
C LYS D 455 -0.06 39.95 -1.79
N ARG D 456 1.03 39.18 -1.83
CA ARG D 456 2.34 39.79 -2.03
C ARG D 456 2.44 40.46 -3.39
N LEU D 457 1.74 39.96 -4.39
CA LEU D 457 1.77 40.55 -5.71
C LEU D 457 1.02 41.88 -5.73
N VAL D 458 -0.18 41.90 -5.16
CA VAL D 458 -0.92 43.17 -5.10
C VAL D 458 -0.15 44.19 -4.29
N ASP D 459 0.65 43.74 -3.32
CA ASP D 459 1.51 44.66 -2.60
C ASP D 459 2.55 45.30 -3.50
N LEU D 460 3.04 44.57 -4.50
CA LEU D 460 4.08 45.06 -5.39
C LEU D 460 3.53 45.85 -6.58
N ASN D 461 2.21 46.01 -6.67
CA ASN D 461 1.60 46.82 -7.72
C ASN D 461 1.77 46.20 -9.11
N HIS D 462 1.86 44.87 -9.19
CA HIS D 462 1.75 44.21 -10.48
C HIS D 462 0.31 44.05 -10.93
N ALA D 463 -0.64 44.22 -10.01
CA ALA D 463 -2.06 44.21 -10.33
C ALA D 463 -2.72 45.36 -9.56
N GLN D 464 -4.00 45.57 -9.84
CA GLN D 464 -4.75 46.67 -9.23
C GLN D 464 -5.62 46.24 -8.06
N ASN D 465 -6.22 45.05 -8.12
CA ASN D 465 -7.09 44.56 -7.07
C ASN D 465 -6.83 43.07 -6.87
N ILE D 466 -7.71 42.42 -6.12
CA ILE D 466 -7.53 41.01 -5.79
C ILE D 466 -8.04 40.13 -6.92
N LYS D 467 -9.17 40.47 -7.52
CA LYS D 467 -9.73 39.65 -8.59
C LYS D 467 -8.78 39.60 -9.78
N SER D 468 -8.23 40.75 -10.16
CA SER D 468 -7.29 40.78 -11.28
C SER D 468 -6.04 39.96 -10.95
N ALA D 469 -5.55 40.05 -9.72
CA ALA D 469 -4.39 39.26 -9.32
C ALA D 469 -4.69 37.78 -9.42
N LYS D 470 -5.88 37.36 -8.97
CA LYS D 470 -6.25 35.95 -9.08
C LYS D 470 -6.31 35.52 -10.53
N ARG D 471 -6.88 36.36 -11.39
CA ARG D 471 -6.95 36.02 -12.81
C ARG D 471 -5.56 35.87 -13.40
N MET D 472 -4.65 36.79 -13.06
CA MET D 472 -3.29 36.71 -13.58
C MET D 472 -2.59 35.46 -13.08
N VAL D 473 -2.77 35.12 -11.81
CA VAL D 473 -2.19 33.89 -11.28
C VAL D 473 -2.73 32.68 -12.04
N GLU D 474 -4.03 32.70 -12.35
CA GLU D 474 -4.61 31.62 -13.15
C GLU D 474 -3.95 31.54 -14.52
N ARG D 475 -3.73 32.68 -15.16
CA ARG D 475 -3.15 32.70 -16.49
C ARG D 475 -1.64 32.44 -16.48
N GLN D 476 -0.99 32.60 -15.33
CA GLN D 476 0.42 32.27 -15.18
C GLN D 476 1.30 33.13 -16.08
N ARG D 477 1.18 34.44 -15.92
CA ARG D 477 2.05 35.37 -16.61
C ARG D 477 3.45 35.31 -16.00
N PRO D 478 4.49 35.73 -16.73
CA PRO D 478 5.86 35.63 -16.22
C PRO D 478 6.17 36.57 -15.07
N GLN D 479 5.19 37.33 -14.58
CA GLN D 479 5.39 38.23 -13.45
C GLN D 479 5.15 37.56 -12.10
N VAL D 480 4.81 36.27 -12.09
CA VAL D 480 4.42 35.61 -10.85
C VAL D 480 5.56 34.81 -10.23
N TRP D 481 6.46 34.25 -11.05
CA TRP D 481 7.46 33.33 -10.52
C TRP D 481 8.41 34.02 -9.55
N ASP D 482 8.76 35.28 -9.81
CA ASP D 482 9.64 36.00 -8.89
C ASP D 482 9.01 36.12 -7.52
N VAL D 483 7.72 36.49 -7.48
CA VAL D 483 7.04 36.61 -6.19
C VAL D 483 6.89 35.24 -5.54
N LEU D 484 6.67 34.20 -6.35
CA LEU D 484 6.57 32.85 -5.79
C LEU D 484 7.87 32.44 -5.13
N GLU D 485 9.00 32.79 -5.74
CA GLU D 485 10.29 32.50 -5.12
C GLU D 485 10.52 33.35 -3.89
N GLU D 486 10.05 34.60 -3.90
CA GLU D 486 10.23 35.48 -2.76
C GLU D 486 9.32 35.15 -1.58
N VAL D 487 8.24 34.41 -1.81
CA VAL D 487 7.22 34.19 -0.78
C VAL D 487 7.38 32.86 -0.04
N ILE D 488 8.30 32.01 -0.46
CA ILE D 488 8.52 30.72 0.20
C ILE D 488 9.94 30.64 0.73
N ALA D 489 10.50 31.78 1.11
CA ALA D 489 11.89 31.82 1.56
C ALA D 489 12.13 30.82 2.70
N GLU D 490 11.31 30.91 3.75
CA GLU D 490 11.48 30.07 4.93
C GLU D 490 10.13 29.57 5.42
N HIS D 491 9.30 29.08 4.48
CA HIS D 491 7.96 28.62 4.82
C HIS D 491 7.94 27.11 4.84
N PRO D 492 7.90 26.46 6.01
CA PRO D 492 7.95 25.00 6.03
C PRO D 492 6.66 24.36 5.54
N VAL D 493 6.79 23.11 5.10
CA VAL D 493 5.66 22.28 4.68
C VAL D 493 5.81 20.92 5.33
N LEU D 494 4.70 20.18 5.38
CA LEU D 494 4.64 18.90 6.06
C LEU D 494 4.45 17.79 5.04
N LEU D 495 5.31 16.78 5.09
CA LEU D 495 5.18 15.59 4.27
C LEU D 495 4.65 14.44 5.11
N ASN D 496 3.93 13.53 4.44
CA ASN D 496 3.29 12.41 5.14
C ASN D 496 3.11 11.28 4.13
N ARG D 497 3.97 10.26 4.22
CA ARG D 497 3.80 9.08 3.40
C ARG D 497 2.61 8.26 3.90
N ALA D 498 1.73 7.90 2.98
CA ALA D 498 0.50 7.18 3.34
C ALA D 498 0.72 5.68 3.25
N PRO D 499 0.43 4.90 4.31
CA PRO D 499 -0.04 5.29 5.64
C PRO D 499 1.09 5.51 6.64
N THR D 500 1.05 6.63 7.35
CA THR D 500 2.04 6.87 8.39
C THR D 500 1.89 5.85 9.51
N LEU D 501 3.01 5.43 10.08
CA LEU D 501 3.03 4.38 11.08
C LEU D 501 3.57 4.84 12.43
N HIS D 502 4.69 5.55 12.45
CA HIS D 502 5.37 5.94 13.68
C HIS D 502 5.54 7.46 13.72
N ARG D 503 6.17 7.93 14.80
CA ARG D 503 6.33 9.37 15.01
C ARG D 503 7.09 10.02 13.87
N LEU D 504 8.17 9.39 13.41
CA LEU D 504 8.98 9.93 12.32
C LEU D 504 8.31 9.82 10.96
N GLY D 505 7.05 9.41 10.91
CA GLY D 505 6.33 9.33 9.66
C GLY D 505 5.77 10.65 9.15
N ILE D 506 5.94 11.73 9.90
CA ILE D 506 5.50 13.05 9.47
C ILE D 506 6.60 14.05 9.76
N GLN D 507 7.40 14.36 8.73
CA GLN D 507 8.49 15.31 8.86
C GLN D 507 8.00 16.70 8.49
N ALA D 508 8.93 17.65 8.40
CA ALA D 508 8.59 19.02 8.01
C ALA D 508 9.82 19.60 7.32
N PHE D 509 9.81 19.59 5.99
CA PHE D 509 10.94 20.06 5.20
C PHE D 509 10.69 21.46 4.68
N GLU D 510 11.77 22.17 4.41
CA GLU D 510 11.68 23.43 3.68
C GLU D 510 11.49 23.14 2.19
N PRO D 511 10.57 23.83 1.51
CA PRO D 511 10.36 23.57 0.09
C PRO D 511 11.46 24.19 -0.76
N MET D 512 11.55 23.70 -2.00
CA MET D 512 12.50 24.23 -2.97
C MET D 512 11.96 23.92 -4.37
N LEU D 513 11.89 24.95 -5.21
CA LEU D 513 11.29 24.79 -6.53
C LEU D 513 12.19 23.96 -7.44
N VAL D 514 11.56 23.09 -8.22
CA VAL D 514 12.28 22.25 -9.19
C VAL D 514 11.27 21.78 -10.22
N GLU D 515 11.72 21.64 -11.47
CA GLU D 515 10.83 21.25 -12.54
C GLU D 515 10.39 19.79 -12.37
N GLY D 516 9.60 19.32 -13.33
CA GLY D 516 9.09 17.97 -13.32
C GLY D 516 7.73 17.87 -12.67
N LYS D 517 7.37 16.63 -12.35
CA LYS D 517 6.07 16.35 -11.72
C LYS D 517 6.23 15.34 -10.59
N ALA D 518 7.39 15.32 -9.94
CA ALA D 518 7.67 14.39 -8.86
C ALA D 518 8.24 15.16 -7.67
N ILE D 519 7.77 14.81 -6.47
CA ILE D 519 8.25 15.43 -5.24
C ILE D 519 9.59 14.81 -4.89
N GLN D 520 10.68 15.53 -5.17
CA GLN D 520 12.00 15.02 -4.84
C GLN D 520 12.12 14.83 -3.33
N LEU D 521 13.19 14.15 -2.91
CA LEU D 521 13.37 13.79 -1.52
C LEU D 521 14.85 13.56 -1.26
N HIS D 522 15.18 13.42 0.02
CA HIS D 522 16.55 13.16 0.43
C HIS D 522 16.77 11.67 0.66
N PRO D 523 17.88 11.08 0.20
CA PRO D 523 18.01 9.62 0.30
C PRO D 523 17.97 9.09 1.71
N LEU D 524 18.47 9.84 2.70
CA LEU D 524 18.66 9.32 4.04
C LEU D 524 17.38 9.29 4.87
N VAL D 525 16.29 9.88 4.39
CA VAL D 525 15.03 9.88 5.13
C VAL D 525 14.05 8.84 4.62
N CYS D 526 14.33 8.18 3.49
CA CYS D 526 13.42 7.16 3.00
C CYS D 526 13.22 6.04 4.02
N GLU D 527 14.26 5.73 4.80
CA GLU D 527 14.12 4.70 5.82
C GLU D 527 13.13 5.11 6.90
N ALA D 528 13.04 6.41 7.19
CA ALA D 528 12.07 6.87 8.19
C ALA D 528 10.65 6.53 7.77
N PHE D 529 10.33 6.75 6.49
CA PHE D 529 9.02 6.41 5.95
C PHE D 529 8.92 4.96 5.50
N ASN D 530 10.03 4.21 5.52
CA ASN D 530 10.06 2.86 4.94
C ASN D 530 9.61 2.88 3.49
N ALA D 531 9.90 3.97 2.80
CA ALA D 531 9.46 4.18 1.43
C ALA D 531 10.43 3.56 0.44
N ASP D 532 9.88 3.13 -0.69
CA ASP D 532 10.67 2.58 -1.79
C ASP D 532 10.33 3.38 -3.05
N PHE D 533 11.37 3.80 -3.77
CA PHE D 533 11.20 4.68 -4.93
C PHE D 533 10.74 3.88 -6.15
N ASP D 534 9.60 3.23 -5.99
CA ASP D 534 8.96 2.46 -7.06
C ASP D 534 7.47 2.79 -7.11
N GLY D 535 7.15 4.08 -7.05
CA GLY D 535 5.79 4.53 -7.22
C GLY D 535 5.03 4.92 -5.96
N ASP D 536 5.72 5.04 -4.83
CA ASP D 536 5.04 5.47 -3.61
C ASP D 536 4.59 6.92 -3.73
N GLN D 537 3.51 7.24 -3.01
CA GLN D 537 2.93 8.58 -3.03
C GLN D 537 2.78 9.08 -1.61
N MET D 538 3.09 10.37 -1.41
CA MET D 538 2.96 11.01 -0.11
C MET D 538 2.29 12.36 -0.26
N ALA D 539 1.44 12.70 0.70
CA ALA D 539 0.73 13.97 0.66
C ALA D 539 1.64 15.11 1.10
N VAL D 540 1.16 16.34 0.90
CA VAL D 540 1.90 17.53 1.29
C VAL D 540 0.94 18.57 1.84
N HIS D 541 1.00 18.82 3.14
CA HIS D 541 0.18 19.83 3.78
C HIS D 541 0.97 21.12 3.93
N LEU D 542 0.36 22.11 4.59
CA LEU D 542 1.01 23.40 4.77
C LEU D 542 0.43 24.14 5.96
N PRO D 543 1.24 24.51 6.95
CA PRO D 543 0.72 25.33 8.06
C PRO D 543 0.55 26.78 7.65
N LEU D 544 -0.54 27.38 8.12
CA LEU D 544 -0.92 28.73 7.72
C LEU D 544 -0.55 29.78 8.76
N SER D 545 -1.06 29.64 9.98
CA SER D 545 -0.91 30.68 10.98
C SER D 545 0.55 30.87 11.36
N ALA D 546 0.82 31.97 12.05
CA ALA D 546 2.17 32.25 12.55
C ALA D 546 2.57 31.31 13.68
N GLU D 547 1.62 30.54 14.22
CA GLU D 547 1.90 29.58 15.29
C GLU D 547 2.32 28.23 14.73
N ALA D 548 1.54 27.70 13.78
CA ALA D 548 1.89 26.41 13.19
C ALA D 548 3.23 26.48 12.46
N GLN D 549 3.58 27.66 11.93
CA GLN D 549 4.89 27.80 11.28
C GLN D 549 6.02 27.53 12.28
N ALA D 550 5.98 28.19 13.44
CA ALA D 550 6.99 27.93 14.45
C ALA D 550 6.92 26.49 14.94
N GLU D 551 5.71 25.95 15.09
CA GLU D 551 5.56 24.56 15.51
C GLU D 551 6.35 23.65 14.59
N ALA D 552 6.03 23.68 13.29
CA ALA D 552 6.68 22.81 12.32
C ALA D 552 8.13 23.20 12.06
N ARG D 553 8.56 24.39 12.46
CA ARG D 553 9.94 24.79 12.25
C ARG D 553 10.85 24.36 13.39
N ILE D 554 10.33 24.25 14.61
CA ILE D 554 11.13 23.88 15.76
C ILE D 554 10.97 22.41 16.11
N LEU D 555 9.73 21.92 16.21
CA LEU D 555 9.51 20.56 16.69
C LEU D 555 9.62 19.52 15.59
N MET D 556 8.88 19.70 14.49
CA MET D 556 8.74 18.67 13.48
C MET D 556 9.81 18.74 12.38
N LEU D 557 10.82 19.59 12.55
CA LEU D 557 11.86 19.70 11.53
C LEU D 557 12.61 18.39 11.41
N SER D 558 13.16 18.15 10.21
CA SER D 558 13.80 16.87 9.92
C SER D 558 15.17 16.76 10.57
N SER D 559 15.94 17.85 10.59
CA SER D 559 17.29 17.80 11.13
C SER D 559 17.33 17.54 12.63
N ASN D 560 16.21 17.67 13.32
CA ASN D 560 16.16 17.50 14.77
C ASN D 560 15.60 16.15 15.18
N ASN D 561 15.47 15.20 14.24
CA ASN D 561 14.92 13.88 14.52
C ASN D 561 15.79 12.79 13.89
N ILE D 562 17.11 12.92 14.08
CA ILE D 562 18.01 11.87 13.62
C ILE D 562 17.83 10.62 14.47
N LEU D 563 17.61 10.79 15.77
CA LEU D 563 17.51 9.66 16.68
C LEU D 563 16.10 9.08 16.67
N SER D 564 16.01 7.77 16.47
CA SER D 564 14.71 7.11 16.46
C SER D 564 14.14 7.04 17.87
N PRO D 565 12.81 7.05 18.01
CA PRO D 565 12.22 6.99 19.35
C PRO D 565 12.30 5.62 20.00
N ALA D 566 12.44 4.54 19.22
CA ALA D 566 12.53 3.20 19.80
C ALA D 566 13.69 3.14 20.79
N SER D 567 14.91 3.36 20.31
CA SER D 567 16.08 3.41 21.16
C SER D 567 16.89 4.65 20.79
N GLY D 568 17.59 5.19 21.78
CA GLY D 568 18.34 6.43 21.57
C GLY D 568 19.57 6.25 20.72
N ARG D 569 19.39 5.72 19.52
CA ARG D 569 20.48 5.54 18.57
C ARG D 569 20.04 6.01 17.19
N PRO D 570 20.91 6.71 16.47
CA PRO D 570 20.48 7.35 15.21
C PRO D 570 20.01 6.34 14.19
N LEU D 571 19.03 6.76 13.39
CA LEU D 571 18.46 5.95 12.32
C LEU D 571 18.86 6.44 10.93
N ALA D 572 18.97 7.75 10.74
CA ALA D 572 19.35 8.32 9.45
C ALA D 572 20.88 8.23 9.32
N MET D 573 21.33 7.12 8.75
CA MET D 573 22.75 6.85 8.56
C MET D 573 22.94 6.20 7.20
N PRO D 574 24.16 6.29 6.64
CA PRO D 574 24.41 5.63 5.34
C PRO D 574 23.90 4.20 5.33
N ARG D 575 23.05 3.87 4.35
CA ARG D 575 22.18 2.70 4.44
C ARG D 575 22.50 1.62 3.41
N LEU D 576 22.35 1.91 2.11
CA LEU D 576 22.33 0.86 1.10
C LEU D 576 23.52 0.94 0.16
N ASP D 577 23.75 2.06 -0.50
CA ASP D 577 24.76 2.16 -1.55
C ASP D 577 26.02 2.86 -1.09
N MET D 578 25.89 4.05 -0.50
CA MET D 578 27.07 4.83 -0.12
C MET D 578 27.99 4.06 0.81
N VAL D 579 27.45 3.09 1.56
CA VAL D 579 28.30 2.26 2.41
C VAL D 579 29.33 1.54 1.56
N THR D 580 28.94 1.07 0.37
CA THR D 580 29.90 0.43 -0.51
C THR D 580 30.99 1.40 -0.95
N GLY D 581 30.61 2.65 -1.25
CA GLY D 581 31.61 3.63 -1.61
C GLY D 581 32.59 3.89 -0.50
N LEU D 582 32.09 4.05 0.73
CA LEU D 582 32.98 4.26 1.86
C LEU D 582 33.89 3.05 2.07
N TYR D 583 33.34 1.84 1.92
CA TYR D 583 34.16 0.64 2.08
C TYR D 583 35.26 0.59 1.04
N TYR D 584 34.96 0.96 -0.20
CA TYR D 584 36.00 1.00 -1.23
C TYR D 584 37.03 2.07 -0.92
N LEU D 585 36.60 3.22 -0.43
CA LEU D 585 37.53 4.33 -0.18
C LEU D 585 38.48 3.98 0.96
N THR D 586 37.97 3.43 2.06
CA THR D 586 38.78 3.16 3.23
C THR D 586 39.50 1.82 3.16
N THR D 587 39.24 1.00 2.15
CA THR D 587 39.90 -0.29 2.04
C THR D 587 41.39 -0.10 1.77
N GLU D 588 42.18 -1.07 2.20
CA GLU D 588 43.62 -1.09 1.98
C GLU D 588 43.98 -2.27 1.09
N VAL D 589 44.98 -2.07 0.24
CA VAL D 589 45.47 -3.14 -0.64
C VAL D 589 46.99 -3.13 -0.59
N PRO D 590 47.66 -4.28 -0.64
CA PRO D 590 49.12 -4.29 -0.62
C PRO D 590 49.73 -4.30 -2.01
N GLY D 591 50.97 -3.80 -2.07
CA GLY D 591 51.70 -3.79 -3.33
C GLY D 591 51.04 -2.98 -4.42
N ASP D 592 50.45 -1.84 -4.06
CA ASP D 592 49.80 -0.98 -5.04
C ASP D 592 50.85 -0.08 -5.68
N THR D 593 50.41 0.90 -6.45
CA THR D 593 51.32 1.82 -7.13
C THR D 593 51.59 3.03 -6.25
N GLY D 594 52.87 3.32 -6.03
CA GLY D 594 53.25 4.47 -5.23
C GLY D 594 53.22 4.25 -3.73
N GLU D 595 53.17 3.00 -3.28
CA GLU D 595 53.11 2.74 -1.85
C GLU D 595 54.42 3.16 -1.19
N TYR D 596 54.44 3.08 0.14
CA TYR D 596 55.63 3.41 0.91
C TYR D 596 56.65 2.30 0.79
N GLN D 597 57.92 2.69 0.70
CA GLN D 597 59.03 1.76 0.60
C GLN D 597 60.14 2.18 1.55
N PRO D 598 60.98 1.25 1.99
CA PRO D 598 62.10 1.62 2.86
C PRO D 598 63.34 1.98 2.06
N ALA D 599 64.23 2.73 2.72
CA ALA D 599 65.49 3.12 2.10
C ALA D 599 66.28 1.90 1.69
N SER D 600 66.45 1.71 0.38
CA SER D 600 67.14 0.55 -0.18
C SER D 600 68.52 1.00 -0.64
N GLY D 601 69.49 0.95 0.27
CA GLY D 601 70.86 1.28 -0.06
C GLY D 601 71.04 2.69 -0.57
N ASP D 602 71.32 2.84 -1.86
CA ASP D 602 71.60 4.13 -2.47
C ASP D 602 70.35 4.90 -2.85
N HIS D 603 69.15 4.34 -2.63
CA HIS D 603 67.91 4.99 -3.00
C HIS D 603 67.13 5.40 -1.75
N PRO D 604 66.56 6.62 -1.72
CA PRO D 604 65.82 7.06 -0.53
C PRO D 604 64.54 6.27 -0.32
N GLU D 605 63.83 6.58 0.77
CA GLU D 605 62.55 5.95 1.07
C GLU D 605 61.43 6.80 0.48
N THR D 606 60.71 6.25 -0.49
CA THR D 606 59.68 6.97 -1.20
C THR D 606 58.30 6.58 -0.68
N GLY D 607 57.39 7.55 -0.69
CA GLY D 607 56.04 7.34 -0.21
C GLY D 607 55.69 8.28 0.92
N VAL D 608 56.40 9.41 1.01
CA VAL D 608 56.20 10.39 2.06
C VAL D 608 55.81 11.70 1.40
N TYR D 609 54.69 12.28 1.83
CA TYR D 609 54.15 13.50 1.26
C TYR D 609 54.00 14.55 2.34
N SER D 610 54.29 15.81 1.98
CA SER D 610 54.34 16.87 2.97
C SER D 610 52.98 17.12 3.61
N SER D 611 51.91 17.04 2.82
CA SER D 611 50.58 17.35 3.33
C SER D 611 49.56 16.72 2.40
N PRO D 612 48.30 16.62 2.82
CA PRO D 612 47.29 15.99 1.95
C PRO D 612 47.12 16.67 0.62
N ALA D 613 47.42 17.97 0.51
CA ALA D 613 47.30 18.65 -0.78
C ALA D 613 48.21 18.02 -1.83
N GLU D 614 49.47 17.80 -1.47
CA GLU D 614 50.40 17.17 -2.41
C GLU D 614 49.96 15.76 -2.74
N ALA D 615 49.44 15.03 -1.75
CA ALA D 615 48.95 13.68 -2.01
C ALA D 615 47.81 13.70 -3.01
N ILE D 616 46.87 14.63 -2.85
CA ILE D 616 45.75 14.73 -3.79
C ILE D 616 46.26 15.08 -5.18
N MET D 617 47.20 16.02 -5.27
CA MET D 617 47.74 16.36 -6.58
C MET D 617 48.41 15.16 -7.24
N ALA D 618 49.20 14.40 -6.47
CA ALA D 618 49.88 13.24 -7.02
C ALA D 618 48.86 12.19 -7.49
N ALA D 619 47.83 11.96 -6.69
CA ALA D 619 46.78 11.02 -7.09
C ALA D 619 46.11 11.49 -8.38
N ASP D 620 45.86 12.79 -8.50
CA ASP D 620 45.27 13.32 -9.73
C ASP D 620 46.18 13.07 -10.92
N ARG D 621 47.49 13.29 -10.76
CA ARG D 621 48.41 13.12 -11.88
C ARG D 621 48.41 11.68 -12.37
N GLY D 622 48.36 10.71 -11.46
CA GLY D 622 48.29 9.31 -11.85
C GLY D 622 49.48 8.49 -11.41
N VAL D 623 50.09 8.85 -10.27
CA VAL D 623 51.21 8.11 -9.71
C VAL D 623 50.92 7.63 -8.29
N LEU D 624 49.67 7.74 -7.84
CA LEU D 624 49.31 7.35 -6.48
C LEU D 624 47.86 6.87 -6.49
N SER D 625 47.68 5.56 -6.32
CA SER D 625 46.33 5.03 -6.19
C SER D 625 45.69 5.53 -4.90
N VAL D 626 44.38 5.75 -4.96
CA VAL D 626 43.68 6.38 -3.84
C VAL D 626 43.77 5.54 -2.57
N ARG D 627 44.00 4.23 -2.70
CA ARG D 627 44.06 3.32 -1.55
C ARG D 627 45.37 2.56 -1.60
N ALA D 628 46.38 3.09 -0.90
CA ALA D 628 47.67 2.44 -0.77
C ALA D 628 48.32 2.92 0.51
N LYS D 629 49.31 2.18 0.98
CA LYS D 629 49.98 2.51 2.22
C LYS D 629 50.91 3.71 1.98
N ILE D 630 50.72 4.78 2.76
CA ILE D 630 51.48 6.02 2.63
C ILE D 630 51.86 6.49 4.03
N LYS D 631 52.78 7.47 4.07
CA LYS D 631 53.18 8.13 5.31
C LYS D 631 53.02 9.63 5.10
N VAL D 632 51.81 10.12 5.32
CA VAL D 632 51.49 11.53 5.15
C VAL D 632 51.77 12.27 6.45
N ARG D 633 51.81 13.60 6.38
CA ARG D 633 52.12 14.46 7.52
C ARG D 633 50.92 15.38 7.75
N LEU D 634 49.93 14.89 8.49
CA LEU D 634 48.73 15.66 8.75
C LEU D 634 49.01 16.84 9.68
N THR D 635 48.13 17.83 9.64
CA THR D 635 48.28 19.01 10.50
C THR D 635 46.99 19.48 11.16
N GLN D 636 45.81 19.03 10.73
CA GLN D 636 44.53 19.46 11.29
C GLN D 636 43.66 18.26 11.61
N LEU D 637 44.23 17.26 12.27
CA LEU D 637 43.47 16.09 12.70
C LEU D 637 44.11 15.53 13.96
N ARG D 638 43.38 15.59 15.07
CA ARG D 638 43.93 15.09 16.32
C ARG D 638 44.29 13.62 16.18
N PRO D 639 45.51 13.22 16.51
CA PRO D 639 45.90 11.82 16.35
C PRO D 639 45.18 10.93 17.34
N PRO D 640 45.23 9.62 17.15
CA PRO D 640 44.59 8.73 18.13
C PRO D 640 45.23 8.86 19.50
N VAL D 641 44.44 8.58 20.53
CA VAL D 641 44.88 8.80 21.91
C VAL D 641 46.19 8.08 22.16
N GLU D 642 46.34 6.87 21.61
CA GLU D 642 47.57 6.11 21.83
C GLU D 642 48.80 6.85 21.34
N ILE D 643 48.64 7.76 20.38
CA ILE D 643 49.77 8.51 19.83
C ILE D 643 49.74 9.92 20.40
N GLU D 644 48.54 10.44 20.69
CA GLU D 644 48.43 11.76 21.29
C GLU D 644 49.14 11.80 22.64
N ALA D 645 48.91 10.77 23.48
CA ALA D 645 49.49 10.76 24.81
C ALA D 645 51.00 10.52 24.78
N GLU D 646 51.52 9.95 23.71
CA GLU D 646 52.94 9.62 23.61
C GLU D 646 53.75 10.73 22.95
N LEU D 647 53.40 11.08 21.70
CA LEU D 647 54.19 12.05 20.96
C LEU D 647 54.19 13.41 21.63
N PHE D 648 53.03 13.87 22.08
CA PHE D 648 52.89 15.19 22.69
C PHE D 648 52.93 15.15 24.21
N GLY D 649 53.09 13.98 24.81
CA GLY D 649 53.15 13.89 26.26
C GLY D 649 51.91 14.40 26.95
N HIS D 650 50.75 14.27 26.31
CA HIS D 650 49.46 14.70 26.85
C HIS D 650 49.36 16.21 26.99
N SER D 651 50.32 16.96 26.44
CA SER D 651 50.25 18.42 26.53
C SER D 651 49.05 18.97 25.78
N GLY D 652 48.46 18.19 24.89
CA GLY D 652 47.27 18.62 24.17
C GLY D 652 47.55 19.06 22.75
N TRP D 653 46.94 18.38 21.78
CA TRP D 653 47.05 18.78 20.39
C TRP D 653 46.23 20.02 20.13
N GLN D 654 46.72 20.89 19.27
CA GLN D 654 46.00 22.05 18.79
C GLN D 654 46.25 22.21 17.30
N PRO D 655 45.36 22.90 16.58
CA PRO D 655 45.59 23.13 15.15
C PRO D 655 46.91 23.84 14.92
N GLY D 656 47.73 23.25 14.05
CA GLY D 656 49.05 23.78 13.76
C GLY D 656 50.19 22.90 14.24
N ASP D 657 49.92 21.74 14.84
CA ASP D 657 50.95 20.82 15.30
C ASP D 657 51.01 19.62 14.36
N ALA D 658 52.20 19.29 13.90
CA ALA D 658 52.38 18.26 12.89
C ALA D 658 52.83 16.94 13.52
N TRP D 659 52.49 15.85 12.83
CA TRP D 659 52.87 14.52 13.28
C TRP D 659 52.81 13.58 12.08
N MET D 660 53.76 12.66 12.02
CA MET D 660 53.91 11.77 10.86
C MET D 660 53.00 10.56 11.05
N ALA D 661 51.94 10.50 10.26
CA ALA D 661 51.00 9.38 10.32
C ALA D 661 51.40 8.29 9.33
N GLU D 662 50.82 7.10 9.53
CA GLU D 662 51.03 5.96 8.65
C GLU D 662 49.65 5.40 8.31
N THR D 663 49.14 5.73 7.13
CA THR D 663 47.80 5.34 6.72
C THR D 663 47.74 5.39 5.20
N THR D 664 46.52 5.33 4.68
CA THR D 664 46.26 5.44 3.25
C THR D 664 45.48 6.72 2.96
N LEU D 665 45.74 7.30 1.79
CA LEU D 665 45.13 8.59 1.46
C LEU D 665 43.62 8.54 1.58
N GLY D 666 43.01 7.41 1.26
CA GLY D 666 41.56 7.30 1.38
C GLY D 666 41.09 7.54 2.81
N ARG D 667 41.80 6.99 3.79
CA ARG D 667 41.41 7.19 5.18
C ARG D 667 41.50 8.66 5.57
N VAL D 668 42.54 9.36 5.11
CA VAL D 668 42.66 10.78 5.40
C VAL D 668 41.52 11.56 4.76
N MET D 669 41.22 11.26 3.50
CA MET D 669 40.14 11.97 2.82
C MET D 669 38.80 11.71 3.49
N PHE D 670 38.62 10.52 4.06
CA PHE D 670 37.40 10.21 4.80
C PHE D 670 37.36 10.95 6.13
N ASN D 671 38.47 10.96 6.86
CA ASN D 671 38.51 11.63 8.15
C ASN D 671 38.31 13.13 8.02
N GLU D 672 38.69 13.70 6.89
CA GLU D 672 38.48 15.13 6.68
C GLU D 672 37.01 15.51 6.76
N LEU D 673 36.10 14.56 6.55
CA LEU D 673 34.68 14.84 6.62
C LEU D 673 34.19 14.96 8.06
N LEU D 674 34.80 14.22 8.99
CA LEU D 674 34.33 14.20 10.36
C LEU D 674 34.52 15.57 11.01
N PRO D 675 33.74 15.87 12.05
CA PRO D 675 33.87 17.18 12.70
C PRO D 675 35.26 17.38 13.30
N LEU D 676 35.70 18.63 13.31
CA LEU D 676 37.03 18.96 13.78
C LEU D 676 37.17 18.59 15.26
N GLY D 677 38.37 18.14 15.63
CA GLY D 677 38.68 17.74 16.98
C GLY D 677 38.46 16.26 17.25
N TYR D 678 37.69 15.58 16.40
CA TYR D 678 37.47 14.15 16.61
C TYR D 678 38.77 13.39 16.38
N PRO D 679 39.09 12.41 17.22
CA PRO D 679 40.34 11.68 17.04
C PRO D 679 40.36 10.93 15.70
N PHE D 680 41.57 10.78 15.16
CA PHE D 680 41.73 10.10 13.89
C PHE D 680 41.22 8.67 13.97
N VAL D 681 40.51 8.24 12.93
CA VAL D 681 40.01 6.88 12.81
C VAL D 681 40.75 6.21 11.66
N ASN D 682 41.37 5.07 11.94
CA ASN D 682 42.32 4.45 11.02
C ASN D 682 42.03 2.96 10.85
N LYS D 683 40.78 2.61 10.60
CA LYS D 683 40.38 1.23 10.38
C LYS D 683 39.42 1.14 9.21
N GLN D 684 39.41 -0.02 8.55
CA GLN D 684 38.50 -0.24 7.44
C GLN D 684 37.06 -0.13 7.92
N MET D 685 36.21 0.45 7.09
CA MET D 685 34.86 0.85 7.51
C MET D 685 33.86 -0.22 7.11
N HIS D 686 33.76 -1.26 7.92
CA HIS D 686 32.61 -2.16 7.85
C HIS D 686 31.38 -1.46 8.42
N LYS D 687 30.20 -1.93 8.00
CA LYS D 687 28.97 -1.25 8.41
C LYS D 687 28.87 -1.15 9.92
N LYS D 688 29.35 -2.16 10.65
CA LYS D 688 29.34 -2.08 12.10
C LYS D 688 30.20 -0.92 12.60
N VAL D 689 31.36 -0.72 11.98
CA VAL D 689 32.20 0.42 12.35
C VAL D 689 31.49 1.73 12.06
N GLN D 690 30.78 1.79 10.93
CA GLN D 690 30.00 2.98 10.61
C GLN D 690 28.98 3.26 11.71
N ALA D 691 28.26 2.23 12.14
CA ALA D 691 27.26 2.41 13.19
C ALA D 691 27.91 2.89 14.47
N ALA D 692 29.05 2.30 14.84
CA ALA D 692 29.73 2.71 16.06
C ALA D 692 30.17 4.17 15.98
N ILE D 693 30.74 4.58 14.85
CA ILE D 693 31.20 5.96 14.71
C ILE D 693 30.04 6.93 14.80
N ILE D 694 28.94 6.62 14.10
CA ILE D 694 27.78 7.52 14.11
C ILE D 694 27.19 7.59 15.51
N ASN D 695 27.10 6.47 16.21
CA ASN D 695 26.58 6.49 17.58
C ASN D 695 27.46 7.34 18.49
N ASP D 696 28.77 7.19 18.36
CA ASP D 696 29.68 7.99 19.19
C ASP D 696 29.51 9.47 18.89
N LEU D 697 29.41 9.84 17.61
CA LEU D 697 29.22 11.24 17.26
C LEU D 697 27.91 11.76 17.83
N ALA D 698 26.85 10.97 17.75
CA ALA D 698 25.56 11.40 18.29
C ALA D 698 25.58 11.51 19.80
N GLU D 699 26.40 10.72 20.48
CA GLU D 699 26.46 10.75 21.93
C GLU D 699 27.51 11.71 22.47
N ARG D 700 28.32 12.33 21.62
CA ARG D 700 29.35 13.26 22.08
C ARG D 700 29.21 14.67 21.51
N TYR D 701 28.42 14.89 20.47
CA TYR D 701 28.28 16.19 19.83
C TYR D 701 26.82 16.53 19.63
N PRO D 702 26.51 17.82 19.47
CA PRO D 702 25.11 18.22 19.25
C PRO D 702 24.55 17.67 17.95
N MET D 703 23.22 17.70 17.85
CA MET D 703 22.53 17.07 16.74
C MET D 703 22.90 17.73 15.40
N ILE D 704 23.00 19.06 15.38
CA ILE D 704 23.20 19.77 14.12
C ILE D 704 24.53 19.36 13.48
N VAL D 705 25.58 19.25 14.28
CA VAL D 705 26.87 18.79 13.75
C VAL D 705 26.74 17.39 13.19
N VAL D 706 25.99 16.53 13.88
CA VAL D 706 25.78 15.17 13.39
C VAL D 706 25.10 15.20 12.03
N ALA D 707 24.07 16.02 11.87
CA ALA D 707 23.37 16.09 10.59
C ALA D 707 24.31 16.59 9.50
N GLN D 708 25.10 17.62 9.79
CA GLN D 708 26.00 18.17 8.78
C GLN D 708 27.03 17.13 8.35
N THR D 709 27.65 16.46 9.31
CA THR D 709 28.66 15.45 8.95
C THR D 709 28.02 14.28 8.22
N VAL D 710 26.79 13.91 8.58
CA VAL D 710 26.11 12.84 7.85
C VAL D 710 25.87 13.25 6.41
N ASP D 711 25.44 14.48 6.19
CA ASP D 711 25.22 14.95 4.82
C ASP D 711 26.52 14.91 4.01
N LYS D 712 27.60 15.44 4.60
CA LYS D 712 28.88 15.43 3.89
C LYS D 712 29.35 14.01 3.59
N LEU D 713 29.18 13.12 4.57
CA LEU D 713 29.59 11.73 4.38
C LEU D 713 28.78 11.07 3.28
N LYS D 714 27.47 11.32 3.25
CA LYS D 714 26.64 10.77 2.18
C LYS D 714 27.08 11.28 0.82
N ASP D 715 27.38 12.57 0.73
CA ASP D 715 27.84 13.12 -0.54
C ASP D 715 29.13 12.45 -0.99
N ALA D 716 30.09 12.30 -0.08
CA ALA D 716 31.35 11.66 -0.43
C ALA D 716 31.13 10.21 -0.85
N GLY D 717 30.27 9.50 -0.13
CA GLY D 717 29.99 8.12 -0.47
C GLY D 717 29.37 7.98 -1.84
N PHE D 718 28.40 8.84 -2.17
CA PHE D 718 27.81 8.81 -3.50
C PHE D 718 28.86 9.10 -4.55
N TYR D 719 29.73 10.09 -4.30
CA TYR D 719 30.75 10.42 -5.28
C TYR D 719 31.70 9.25 -5.53
N TRP D 720 32.11 8.55 -4.47
CA TRP D 720 33.10 7.50 -4.60
C TRP D 720 32.52 6.12 -4.87
N ALA D 721 31.21 5.96 -4.82
CA ALA D 721 30.62 4.66 -5.11
C ALA D 721 30.72 4.31 -6.59
N THR D 722 30.55 5.29 -7.47
CA THR D 722 30.51 5.01 -8.90
C THR D 722 31.83 4.41 -9.38
N ARG D 723 32.95 4.92 -8.88
CA ARG D 723 34.27 4.49 -9.35
C ARG D 723 34.75 3.21 -8.69
N SER D 724 33.97 2.62 -7.79
CA SER D 724 34.35 1.36 -7.18
C SER D 724 34.34 0.20 -8.17
N GLY D 725 33.77 0.39 -9.36
CA GLY D 725 33.75 -0.66 -10.36
C GLY D 725 32.99 -1.89 -9.93
N VAL D 726 31.80 -1.68 -9.36
CA VAL D 726 30.95 -2.76 -8.91
C VAL D 726 29.88 -2.99 -9.98
N THR D 727 30.03 -4.06 -10.75
CA THR D 727 29.11 -4.41 -11.81
C THR D 727 28.72 -5.89 -11.66
N VAL D 728 28.00 -6.40 -12.64
CA VAL D 728 27.55 -7.80 -12.65
C VAL D 728 27.73 -8.35 -14.05
N SER D 729 28.24 -9.57 -14.15
CA SER D 729 28.48 -10.20 -15.43
C SER D 729 28.56 -11.71 -15.23
N MET D 730 28.52 -12.45 -16.35
CA MET D 730 28.64 -13.90 -16.27
C MET D 730 30.00 -14.30 -15.69
N ALA D 731 31.05 -13.56 -16.02
CA ALA D 731 32.39 -13.87 -15.53
C ALA D 731 32.56 -13.55 -14.04
N ASP D 732 31.59 -12.86 -13.43
CA ASP D 732 31.65 -12.57 -12.00
C ASP D 732 31.02 -13.69 -11.18
N VAL D 733 29.85 -14.17 -11.58
CA VAL D 733 29.22 -15.33 -10.95
C VAL D 733 29.96 -16.56 -11.45
N LEU D 734 30.90 -17.05 -10.64
CA LEU D 734 31.83 -18.09 -11.06
C LEU D 734 31.42 -19.42 -10.42
N VAL D 735 31.36 -20.47 -11.24
CA VAL D 735 30.94 -21.79 -10.79
C VAL D 735 32.02 -22.41 -9.91
N PRO D 736 31.67 -23.29 -8.97
CA PRO D 736 32.70 -23.97 -8.20
C PRO D 736 33.50 -24.91 -9.09
N PRO D 737 34.76 -25.17 -8.75
CA PRO D 737 35.62 -25.97 -9.64
C PRO D 737 35.41 -27.46 -9.53
N ARG D 738 35.12 -27.95 -8.32
CA ARG D 738 35.05 -29.39 -8.07
C ARG D 738 33.72 -29.79 -7.44
N LYS D 739 32.67 -29.01 -7.70
CA LYS D 739 31.34 -29.36 -7.19
C LYS D 739 30.90 -30.74 -7.66
N LYS D 740 31.29 -31.11 -8.88
CA LYS D 740 30.79 -32.36 -9.46
C LYS D 740 31.21 -33.57 -8.62
N GLU D 741 32.46 -33.60 -8.17
CA GLU D 741 32.93 -34.75 -7.39
C GLU D 741 32.18 -34.85 -6.07
N ILE D 742 31.99 -33.72 -5.38
CA ILE D 742 31.28 -33.74 -4.10
C ILE D 742 29.84 -34.20 -4.31
N LEU D 743 29.18 -33.68 -5.34
CA LEU D 743 27.81 -34.09 -5.61
C LEU D 743 27.74 -35.58 -5.95
N ASP D 744 28.72 -36.08 -6.70
CA ASP D 744 28.74 -37.50 -7.03
C ASP D 744 28.89 -38.34 -5.76
N HIS D 745 29.79 -37.95 -4.85
CA HIS D 745 29.98 -38.71 -3.63
C HIS D 745 28.71 -38.72 -2.78
N TYR D 746 28.10 -37.55 -2.61
CA TYR D 746 26.89 -37.49 -1.80
C TYR D 746 25.73 -38.23 -2.44
N GLU D 747 25.64 -38.20 -3.78
CA GLU D 747 24.62 -38.98 -4.46
C GLU D 747 24.87 -40.46 -4.31
N GLU D 748 26.14 -40.89 -4.31
CA GLU D 748 26.44 -42.29 -4.08
C GLU D 748 26.01 -42.72 -2.68
N ARG D 749 26.26 -41.87 -1.68
CA ARG D 749 25.79 -42.20 -0.33
C ARG D 749 24.26 -42.23 -0.26
N ALA D 750 23.61 -41.32 -0.98
CA ALA D 750 22.16 -41.34 -1.08
C ALA D 750 21.68 -42.65 -1.70
N ASP D 751 22.38 -43.12 -2.72
CA ASP D 751 22.04 -44.41 -3.32
C ASP D 751 22.23 -45.54 -2.32
N LYS D 752 23.28 -45.45 -1.49
CA LYS D 752 23.49 -46.45 -0.45
C LYS D 752 22.28 -46.53 0.48
N VAL D 753 21.84 -45.37 0.98
CA VAL D 753 20.67 -45.39 1.87
C VAL D 753 19.42 -45.82 1.11
N GLU D 754 19.34 -45.51 -0.18
CA GLU D 754 18.22 -45.99 -1.00
C GLU D 754 18.18 -47.51 -1.02
N LYS D 755 19.33 -48.15 -1.24
CA LYS D 755 19.38 -49.61 -1.20
C LYS D 755 19.01 -50.12 0.19
N GLN D 756 19.51 -49.45 1.23
CA GLN D 756 19.14 -49.82 2.60
C GLN D 756 17.63 -49.87 2.74
N PHE D 757 16.94 -48.85 2.23
CA PHE D 757 15.47 -48.87 2.28
C PHE D 757 14.90 -49.98 1.42
N GLN D 758 15.50 -50.21 0.24
CA GLN D 758 15.01 -51.29 -0.62
C GLN D 758 15.03 -52.62 0.09
N ARG D 759 15.98 -52.81 1.01
CA ARG D 759 15.97 -54.03 1.82
C ARG D 759 14.70 -54.16 2.63
N GLY D 760 14.00 -53.05 2.87
CA GLY D 760 12.72 -53.06 3.56
C GLY D 760 12.79 -52.92 5.06
N ALA D 761 13.99 -52.87 5.64
CA ALA D 761 14.10 -52.74 7.09
C ALA D 761 13.50 -51.43 7.58
N LEU D 762 13.79 -50.33 6.89
CA LEU D 762 13.35 -49.00 7.30
C LEU D 762 12.00 -48.66 6.66
N ASN D 763 11.32 -47.70 7.27
CA ASN D 763 10.03 -47.22 6.77
C ASN D 763 10.24 -45.91 6.02
N HIS D 764 9.13 -45.30 5.59
CA HIS D 764 9.21 -44.08 4.80
C HIS D 764 9.81 -42.93 5.61
N ASP D 765 9.43 -42.80 6.88
CA ASP D 765 9.86 -41.67 7.68
C ASP D 765 11.37 -41.66 7.87
N GLU D 766 11.96 -42.82 8.16
CA GLU D 766 13.41 -42.89 8.33
C GLU D 766 14.12 -42.54 7.03
N ARG D 767 13.58 -43.00 5.89
CA ARG D 767 14.15 -42.62 4.60
C ARG D 767 14.12 -41.11 4.41
N ASN D 768 12.99 -40.49 4.74
CA ASN D 768 12.90 -39.04 4.62
C ASN D 768 13.94 -38.34 5.49
N GLU D 769 14.07 -38.79 6.74
CA GLU D 769 15.02 -38.17 7.67
C GLU D 769 16.45 -38.30 7.14
N ALA D 770 16.82 -39.51 6.71
CA ALA D 770 18.17 -39.73 6.19
C ALA D 770 18.43 -38.84 4.98
N LEU D 771 17.48 -38.80 4.04
CA LEU D 771 17.67 -38.00 2.84
C LEU D 771 17.84 -36.52 3.20
N VAL D 772 16.98 -36.00 4.08
CA VAL D 772 17.03 -34.57 4.38
C VAL D 772 18.35 -34.24 5.06
N GLU D 773 18.79 -35.07 6.01
CA GLU D 773 20.05 -34.77 6.70
C GLU D 773 21.24 -34.87 5.75
N ILE D 774 21.24 -35.89 4.88
CA ILE D 774 22.33 -36.04 3.92
C ILE D 774 22.42 -34.82 3.02
N TRP D 775 21.27 -34.36 2.51
CA TRP D 775 21.30 -33.25 1.56
C TRP D 775 21.61 -31.93 2.26
N LYS D 776 21.20 -31.77 3.51
CA LYS D 776 21.62 -30.58 4.25
C LYS D 776 23.14 -30.55 4.42
N GLU D 777 23.73 -31.71 4.76
CA GLU D 777 25.18 -31.76 4.86
C GLU D 777 25.84 -31.46 3.53
N ALA D 778 25.30 -32.00 2.44
CA ALA D 778 25.86 -31.75 1.12
C ALA D 778 25.80 -30.27 0.77
N THR D 779 24.67 -29.62 1.06
CA THR D 779 24.54 -28.19 0.78
C THR D 779 25.57 -27.40 1.59
N ASP D 780 25.75 -27.74 2.86
CA ASP D 780 26.74 -27.03 3.66
C ASP D 780 28.14 -27.20 3.09
N GLU D 781 28.49 -28.42 2.69
CA GLU D 781 29.82 -28.66 2.13
C GLU D 781 30.02 -27.88 0.83
N VAL D 782 29.02 -27.87 -0.04
CA VAL D 782 29.13 -27.14 -1.30
C VAL D 782 29.25 -25.65 -1.04
N GLY D 783 28.51 -25.12 -0.06
CA GLY D 783 28.65 -23.72 0.29
C GLY D 783 30.04 -23.38 0.79
N GLN D 784 30.60 -24.25 1.63
CA GLN D 784 31.97 -24.02 2.11
C GLN D 784 32.95 -23.99 0.95
N ALA D 785 32.83 -24.96 0.02
CA ALA D 785 33.73 -24.99 -1.13
C ALA D 785 33.58 -23.71 -1.97
N LEU D 786 32.34 -23.30 -2.22
CA LEU D 786 32.10 -22.10 -3.01
C LEU D 786 32.74 -20.88 -2.36
N ARG D 787 32.57 -20.74 -1.04
CA ARG D 787 33.20 -19.62 -0.36
C ARG D 787 34.72 -19.69 -0.49
N GLU D 788 35.29 -20.88 -0.35
CA GLU D 788 36.73 -21.02 -0.49
C GLU D 788 37.20 -20.72 -1.92
N HIS D 789 36.30 -20.77 -2.90
CA HIS D 789 36.72 -20.54 -4.28
C HIS D 789 36.85 -19.06 -4.60
N TYR D 790 35.84 -18.27 -4.26
CA TYR D 790 35.80 -16.88 -4.72
C TYR D 790 36.96 -16.08 -4.12
N PRO D 791 37.64 -15.24 -4.92
CA PRO D 791 38.59 -14.28 -4.35
C PRO D 791 37.89 -13.07 -3.76
N ASP D 792 38.66 -12.07 -3.33
CA ASP D 792 38.12 -10.86 -2.71
C ASP D 792 37.92 -9.73 -3.70
N ASP D 793 37.73 -10.04 -4.99
CA ASP D 793 37.54 -9.03 -6.01
C ASP D 793 36.20 -9.10 -6.72
N ASN D 794 35.50 -10.23 -6.66
CA ASN D 794 34.21 -10.35 -7.31
C ASN D 794 33.23 -9.31 -6.73
N PRO D 795 32.45 -8.62 -7.56
CA PRO D 795 31.50 -7.65 -7.00
C PRO D 795 30.53 -8.26 -6.01
N ILE D 796 30.13 -9.52 -6.21
CA ILE D 796 29.18 -10.14 -5.28
C ILE D 796 29.79 -10.24 -3.89
N ILE D 797 31.03 -10.71 -3.80
CA ILE D 797 31.68 -10.84 -2.50
C ILE D 797 31.88 -9.47 -1.87
N THR D 798 32.32 -8.49 -2.67
CA THR D 798 32.52 -7.15 -2.12
C THR D 798 31.23 -6.58 -1.57
N ILE D 799 30.12 -6.77 -2.29
CA ILE D 799 28.83 -6.26 -1.83
C ILE D 799 28.40 -6.96 -0.55
N VAL D 800 28.45 -8.30 -0.53
CA VAL D 800 27.89 -9.05 0.59
C VAL D 800 28.73 -8.87 1.84
N ASP D 801 30.06 -8.95 1.72
CA ASP D 801 30.92 -8.86 2.90
C ASP D 801 30.92 -7.48 3.53
N SER D 802 30.77 -6.43 2.75
CA SER D 802 30.78 -5.07 3.27
C SER D 802 29.47 -4.69 3.95
N GLY D 803 28.57 -5.64 4.16
CA GLY D 803 27.33 -5.35 4.84
C GLY D 803 26.39 -4.44 4.10
N ALA D 804 26.63 -4.21 2.81
CA ALA D 804 25.74 -3.34 2.04
C ALA D 804 24.33 -3.91 1.98
N THR D 805 24.21 -5.20 1.72
CA THR D 805 22.90 -5.83 1.62
C THR D 805 23.09 -7.34 1.43
N GLY D 806 22.03 -8.08 1.71
CA GLY D 806 22.00 -9.50 1.44
C GLY D 806 22.83 -10.32 2.43
N ASN D 807 22.93 -11.61 2.11
CA ASN D 807 23.70 -12.55 2.91
C ASN D 807 24.37 -13.55 1.97
N PHE D 808 25.14 -14.47 2.56
CA PHE D 808 25.86 -15.45 1.75
C PHE D 808 24.95 -16.54 1.20
N THR D 809 23.82 -16.83 1.85
CA THR D 809 22.94 -17.88 1.37
C THR D 809 22.40 -17.55 -0.01
N GLN D 810 22.07 -16.28 -0.25
CA GLN D 810 21.59 -15.89 -1.57
C GLN D 810 22.67 -16.09 -2.63
N THR D 811 23.92 -15.76 -2.30
CA THR D 811 25.00 -16.01 -3.25
C THR D 811 25.18 -17.49 -3.50
N ARG D 812 25.06 -18.31 -2.46
CA ARG D 812 25.14 -19.76 -2.64
C ARG D 812 24.05 -20.25 -3.59
N THR D 813 22.83 -19.73 -3.42
CA THR D 813 21.75 -20.09 -4.33
C THR D 813 22.07 -19.64 -5.76
N LEU D 814 22.65 -18.45 -5.90
CA LEU D 814 22.91 -17.90 -7.22
C LEU D 814 24.09 -18.56 -7.91
N ALA D 815 24.97 -19.25 -7.17
CA ALA D 815 26.17 -19.82 -7.77
C ALA D 815 26.33 -21.30 -7.46
N GLY D 816 25.91 -21.72 -6.27
CA GLY D 816 26.17 -23.08 -5.80
C GLY D 816 24.99 -24.01 -5.97
N MET D 817 24.26 -24.24 -4.88
CA MET D 817 23.07 -25.08 -4.92
C MET D 817 21.95 -24.40 -4.14
N LYS D 818 20.73 -24.46 -4.69
CA LYS D 818 19.58 -23.93 -3.99
C LYS D 818 19.16 -24.83 -2.84
N GLY D 819 19.48 -26.12 -2.90
CA GLY D 819 19.18 -27.04 -1.83
C GLY D 819 17.72 -27.42 -1.79
N LEU D 820 17.37 -28.18 -0.75
CA LEU D 820 15.98 -28.59 -0.57
C LEU D 820 15.11 -27.37 -0.32
N VAL D 821 13.84 -27.47 -0.72
CA VAL D 821 12.92 -26.35 -0.69
C VAL D 821 11.65 -26.77 0.05
N THR D 822 10.95 -25.77 0.59
CA THR D 822 9.79 -26.00 1.42
C THR D 822 8.65 -26.64 0.61
N ASN D 823 7.64 -27.12 1.32
CA ASN D 823 6.45 -27.72 0.74
C ASN D 823 5.22 -27.04 1.31
N PRO D 824 4.05 -27.19 0.69
CA PRO D 824 2.84 -26.56 1.26
C PRO D 824 2.57 -26.99 2.69
N LYS D 825 2.96 -28.21 3.06
CA LYS D 825 2.84 -28.67 4.43
C LYS D 825 3.94 -28.17 5.34
N GLY D 826 4.98 -27.54 4.78
CA GLY D 826 6.09 -27.01 5.55
C GLY D 826 7.26 -27.96 5.70
N GLU D 827 7.06 -29.25 5.41
CA GLU D 827 8.14 -30.22 5.52
C GLU D 827 8.97 -30.23 4.24
N PHE D 828 10.25 -30.55 4.40
CA PHE D 828 11.18 -30.49 3.29
C PHE D 828 10.97 -31.68 2.34
N ILE D 829 10.83 -31.38 1.06
CA ILE D 829 10.60 -32.45 0.08
C ILE D 829 11.84 -33.34 0.04
N PRO D 830 11.71 -34.65 -0.14
CA PRO D 830 12.90 -35.50 -0.28
C PRO D 830 13.67 -35.29 -1.58
N ARG D 831 13.20 -34.42 -2.47
CA ARG D 831 13.85 -34.20 -3.76
C ARG D 831 14.60 -32.88 -3.77
N PRO D 832 15.93 -32.90 -3.72
CA PRO D 832 16.69 -31.64 -3.74
C PRO D 832 17.09 -31.21 -5.14
N VAL D 833 17.11 -29.90 -5.35
CA VAL D 833 17.59 -29.35 -6.61
C VAL D 833 19.10 -29.42 -6.66
N LYS D 834 19.64 -29.78 -7.83
CA LYS D 834 21.07 -30.00 -8.00
C LYS D 834 21.73 -28.95 -8.88
N SER D 835 21.05 -27.83 -9.16
CA SER D 835 21.58 -26.80 -10.03
C SER D 835 21.30 -25.42 -9.46
N SER D 836 22.12 -24.47 -9.85
CA SER D 836 21.97 -23.07 -9.44
C SER D 836 21.32 -22.27 -10.56
N PHE D 837 20.80 -21.09 -10.18
CA PHE D 837 20.10 -20.26 -11.16
C PHE D 837 21.02 -19.88 -12.32
N ARG D 838 22.32 -19.74 -12.07
CA ARG D 838 23.23 -19.41 -13.16
C ARG D 838 23.26 -20.53 -14.20
N GLU D 839 23.49 -21.77 -13.75
CA GLU D 839 23.60 -22.87 -14.71
C GLU D 839 22.28 -23.12 -15.41
N GLY D 840 21.17 -23.06 -14.68
CA GLY D 840 19.85 -23.27 -15.28
C GLY D 840 19.13 -24.43 -14.64
N LEU D 841 17.91 -24.17 -14.21
CA LEU D 841 17.07 -25.21 -13.60
C LEU D 841 16.42 -26.06 -14.69
N THR D 842 15.51 -26.92 -14.27
CA THR D 842 14.66 -27.69 -15.16
C THR D 842 13.21 -27.52 -14.71
N VAL D 843 12.29 -28.06 -15.52
CA VAL D 843 10.86 -27.79 -15.32
C VAL D 843 10.41 -28.31 -13.95
N LEU D 844 10.78 -29.55 -13.62
CA LEU D 844 10.34 -30.14 -12.36
C LEU D 844 10.83 -29.33 -11.18
N GLU D 845 12.10 -28.91 -11.19
CA GLU D 845 12.65 -28.20 -10.05
C GLU D 845 11.96 -26.85 -9.86
N TYR D 846 11.70 -26.12 -10.94
CA TYR D 846 11.00 -24.85 -10.83
C TYR D 846 9.58 -25.06 -10.29
N PHE D 847 8.88 -26.08 -10.80
CA PHE D 847 7.56 -26.38 -10.31
C PHE D 847 7.58 -26.64 -8.81
N ILE D 848 8.59 -27.41 -8.35
CA ILE D 848 8.73 -27.66 -6.92
C ILE D 848 9.01 -26.36 -6.17
N ASN D 849 9.79 -25.47 -6.78
CA ASN D 849 10.24 -24.27 -6.08
C ASN D 849 9.12 -23.26 -5.87
N THR D 850 8.09 -23.27 -6.74
CA THR D 850 7.06 -22.23 -6.67
C THR D 850 6.41 -22.13 -5.29
N HIS D 851 6.37 -23.24 -4.54
CA HIS D 851 5.60 -23.28 -3.29
C HIS D 851 6.09 -22.25 -2.29
N GLY D 852 7.41 -22.13 -2.14
CA GLY D 852 7.95 -21.21 -1.14
C GLY D 852 7.55 -19.77 -1.40
N ALA D 853 7.63 -19.35 -2.67
CA ALA D 853 7.21 -17.99 -3.00
C ALA D 853 5.73 -17.78 -2.70
N ARG D 854 4.89 -18.75 -3.07
CA ARG D 854 3.47 -18.59 -2.80
C ARG D 854 3.22 -18.43 -1.30
N LYS D 855 3.83 -19.30 -0.50
CA LYS D 855 3.61 -19.26 0.95
C LYS D 855 4.12 -17.97 1.55
N GLY D 856 5.28 -17.48 1.08
CA GLY D 856 5.80 -16.22 1.61
C GLY D 856 4.89 -15.05 1.30
N LEU D 857 4.35 -15.01 0.09
CA LEU D 857 3.42 -13.95 -0.25
C LEU D 857 2.21 -13.97 0.68
N ALA D 858 1.64 -15.15 0.90
CA ALA D 858 0.49 -15.25 1.80
C ALA D 858 0.86 -14.81 3.21
N ASP D 859 2.05 -15.21 3.68
CA ASP D 859 2.48 -14.86 5.03
C ASP D 859 2.57 -13.35 5.21
N THR D 860 3.19 -12.67 4.24
CA THR D 860 3.26 -11.21 4.32
C THR D 860 1.85 -10.59 4.31
N ALA D 861 0.98 -11.13 3.44
CA ALA D 861 -0.37 -10.59 3.33
C ALA D 861 -1.09 -10.61 4.66
N LEU D 862 -0.95 -11.71 5.41
CA LEU D 862 -1.64 -11.76 6.71
C LEU D 862 -0.89 -10.94 7.77
N ARG D 863 0.44 -10.93 7.73
CA ARG D 863 1.22 -10.27 8.77
C ARG D 863 0.96 -8.77 8.79
N THR D 864 0.82 -8.14 7.62
CA THR D 864 0.60 -6.70 7.61
C THR D 864 -0.63 -6.33 8.42
N ALA D 865 -1.76 -7.00 8.16
CA ALA D 865 -3.00 -6.70 8.88
C ALA D 865 -2.87 -7.03 10.36
N ASP D 866 -2.22 -8.15 10.68
CA ASP D 866 -2.06 -8.50 12.10
C ASP D 866 -1.32 -7.39 12.84
N SER D 867 -0.22 -6.92 12.27
CA SER D 867 0.56 -5.86 12.92
C SER D 867 -0.25 -4.59 13.04
N GLY D 868 -1.00 -4.23 11.99
CA GLY D 868 -1.82 -3.03 12.08
C GLY D 868 -2.82 -3.09 13.21
N TYR D 869 -3.52 -4.22 13.34
CA TYR D 869 -4.50 -4.36 14.41
C TYR D 869 -3.84 -4.27 15.78
N LEU D 870 -2.70 -4.96 15.96
CA LEU D 870 -2.01 -4.90 17.24
C LEU D 870 -1.62 -3.48 17.60
N THR D 871 -1.07 -2.75 16.63
CA THR D 871 -0.67 -1.37 16.88
C THR D 871 -1.86 -0.52 17.26
N ARG D 872 -2.99 -0.69 16.57
CA ARG D 872 -4.17 0.10 16.91
C ARG D 872 -4.61 -0.16 18.34
N ARG D 873 -4.68 -1.43 18.74
CA ARG D 873 -5.10 -1.75 20.10
C ARG D 873 -4.14 -1.16 21.13
N LEU D 874 -2.82 -1.31 20.88
CA LEU D 874 -1.84 -0.81 21.84
C LEU D 874 -1.94 0.71 21.97
N VAL D 875 -2.16 1.42 20.87
CA VAL D 875 -2.37 2.85 20.96
C VAL D 875 -3.64 3.15 21.75
N ASP D 876 -4.67 2.34 21.56
CA ASP D 876 -5.93 2.58 22.25
C ASP D 876 -5.78 2.49 23.77
N VAL D 877 -5.00 1.50 24.25
CA VAL D 877 -5.01 1.22 25.68
C VAL D 877 -4.42 2.37 26.49
N SER D 878 -3.35 3.00 25.99
CA SER D 878 -2.52 3.87 26.82
C SER D 878 -2.56 5.32 26.39
N GLN D 879 -3.76 5.86 26.13
CA GLN D 879 -3.86 7.19 25.54
C GLN D 879 -3.46 8.29 26.53
N ASP D 880 -3.76 8.12 27.82
CA ASP D 880 -3.78 9.24 28.75
C ASP D 880 -2.59 9.28 29.71
N VAL D 881 -1.43 8.80 29.29
CA VAL D 881 -0.22 8.92 30.10
C VAL D 881 0.54 10.18 29.68
N ILE D 882 0.76 11.08 30.61
CA ILE D 882 1.43 12.35 30.34
C ILE D 882 2.26 12.74 31.55
N VAL D 883 3.48 13.22 31.30
CA VAL D 883 4.37 13.64 32.37
C VAL D 883 3.85 14.96 32.94
N ARG D 884 3.32 14.91 34.17
CA ARG D 884 2.73 16.09 34.80
C ARG D 884 3.73 16.83 35.69
N GLU D 885 4.25 16.14 36.71
CA GLU D 885 5.13 16.76 37.69
C GLU D 885 6.58 16.52 37.34
N HIS D 886 7.45 17.42 37.83
CA HIS D 886 8.85 17.36 37.47
C HIS D 886 9.61 16.32 38.29
N ASP D 887 9.18 16.06 39.53
CA ASP D 887 9.91 15.14 40.40
C ASP D 887 8.96 14.64 41.48
N CYS D 888 8.73 13.32 41.56
CA CYS D 888 7.83 12.71 42.59
C CYS D 888 8.60 12.59 43.90
N GLN D 889 9.94 12.73 43.90
CA GLN D 889 10.73 12.63 45.12
C GLN D 889 10.46 11.31 45.86
N THR D 890 10.34 10.23 45.07
CA THR D 890 10.13 8.89 45.66
C THR D 890 11.47 8.19 45.78
N GLU D 891 11.55 7.09 46.52
CA GLU D 891 12.77 6.37 46.85
C GLU D 891 12.84 4.97 46.28
N ARG D 892 11.69 4.34 46.02
CA ARG D 892 11.68 2.98 45.50
C ARG D 892 12.18 2.97 44.06
N GLY D 893 13.34 2.35 43.84
CA GLY D 893 13.90 2.22 42.52
C GLY D 893 14.25 0.79 42.17
N ILE D 894 13.68 0.28 41.09
CA ILE D 894 13.94 -1.11 40.71
C ILE D 894 15.43 -1.31 40.49
N VAL D 895 15.95 -2.43 40.98
CA VAL D 895 17.37 -2.75 40.90
C VAL D 895 17.59 -3.68 39.71
N VAL D 896 18.59 -3.37 38.89
CA VAL D 896 18.91 -4.15 37.71
C VAL D 896 20.40 -4.48 37.72
N GLU D 897 20.73 -5.74 37.46
CA GLU D 897 22.12 -6.18 37.42
C GLU D 897 22.80 -5.59 36.19
N LEU D 898 23.71 -4.63 36.40
CA LEU D 898 24.37 -3.98 35.28
C LEU D 898 25.28 -4.95 34.54
N ALA D 899 26.27 -5.50 35.23
CA ALA D 899 27.19 -6.46 34.61
C ALA D 899 27.68 -7.42 35.67
N GLU D 900 27.66 -8.72 35.34
CA GLU D 900 28.07 -9.74 36.28
C GLU D 900 29.58 -9.91 36.28
N ARG D 901 30.12 -10.25 37.45
CA ARG D 901 31.55 -10.47 37.61
C ARG D 901 31.82 -11.98 37.58
N ALA D 902 32.63 -12.41 36.63
CA ALA D 902 32.87 -13.83 36.45
C ALA D 902 33.66 -14.40 37.63
N PRO D 903 33.41 -15.66 37.99
CA PRO D 903 34.20 -16.27 39.08
C PRO D 903 35.69 -16.32 38.77
N ASP D 904 36.04 -16.55 37.51
CA ASP D 904 37.44 -16.55 37.08
C ASP D 904 37.86 -15.23 36.45
N GLY D 905 37.01 -14.63 35.63
CA GLY D 905 37.31 -13.33 35.06
C GLY D 905 37.06 -12.20 36.03
N THR D 906 37.42 -11.00 35.60
CA THR D 906 37.25 -9.82 36.44
C THR D 906 35.89 -9.16 36.26
N LEU D 907 35.36 -9.15 35.04
CA LEU D 907 34.09 -8.49 34.77
C LEU D 907 33.62 -8.86 33.37
N ILE D 908 32.34 -9.18 33.23
CA ILE D 908 31.73 -9.49 31.95
C ILE D 908 30.53 -8.58 31.78
N ARG D 909 30.50 -7.82 30.68
CA ARG D 909 29.39 -6.92 30.41
C ARG D 909 28.12 -7.72 30.13
N ASP D 910 27.03 -7.34 30.79
CA ASP D 910 25.77 -8.00 30.54
C ASP D 910 25.36 -7.78 29.08
N PRO D 911 24.89 -8.82 28.39
CA PRO D 911 24.54 -8.65 26.97
C PRO D 911 23.30 -7.81 26.72
N TYR D 912 22.68 -7.25 27.76
CA TYR D 912 21.47 -6.44 27.59
C TYR D 912 21.53 -5.15 28.39
N ILE D 913 22.73 -4.72 28.79
CA ILE D 913 22.88 -3.41 29.43
C ILE D 913 22.44 -2.31 28.48
N GLU D 914 22.51 -2.58 27.17
CA GLU D 914 22.14 -1.57 26.18
C GLU D 914 20.68 -1.14 26.29
N THR D 915 19.83 -1.95 26.92
CA THR D 915 18.40 -1.70 26.95
C THR D 915 17.86 -1.43 28.34
N SER D 916 18.20 -2.26 29.33
CA SER D 916 17.60 -2.11 30.65
C SER D 916 18.05 -0.81 31.31
N ALA D 917 19.35 -0.66 31.55
CA ALA D 917 19.92 0.51 32.22
C ALA D 917 20.92 1.16 31.28
N TYR D 918 20.42 1.99 30.37
CA TYR D 918 21.27 2.78 29.50
C TYR D 918 20.89 4.26 29.56
N ALA D 919 19.59 4.53 29.69
CA ALA D 919 19.08 5.88 29.72
C ALA D 919 18.36 6.23 31.01
N ARG D 920 18.07 5.26 31.87
CA ARG D 920 17.35 5.54 33.10
C ARG D 920 18.19 6.42 34.02
N THR D 921 17.49 7.17 34.87
CA THR D 921 18.15 8.04 35.84
C THR D 921 18.66 7.22 37.02
N LEU D 922 19.92 7.42 37.39
CA LEU D 922 20.52 6.68 38.48
C LEU D 922 19.85 7.06 39.80
N GLY D 923 19.25 6.07 40.46
CA GLY D 923 18.55 6.32 41.71
C GLY D 923 19.47 6.79 42.83
N THR D 924 20.52 6.01 43.10
CA THR D 924 21.49 6.33 44.13
C THR D 924 22.89 6.26 43.55
N ASP D 925 23.80 7.07 44.12
CA ASP D 925 25.16 7.10 43.62
C ASP D 925 25.82 5.74 43.79
N ALA D 926 26.55 5.32 42.75
CA ALA D 926 27.25 4.04 42.75
C ALA D 926 28.70 4.25 43.21
N VAL D 927 28.84 4.57 44.49
CA VAL D 927 30.15 4.83 45.04
C VAL D 927 31.01 3.56 44.94
N ASP D 928 32.26 3.74 44.53
CA ASP D 928 33.17 2.62 44.36
C ASP D 928 33.45 1.98 45.73
N GLU D 929 34.22 0.89 45.71
CA GLU D 929 34.62 0.24 46.95
C GLU D 929 35.22 1.24 47.92
N ALA D 930 36.03 2.17 47.42
CA ALA D 930 36.60 3.23 48.25
C ALA D 930 35.55 4.32 48.45
N GLY D 931 35.96 5.43 49.06
CA GLY D 931 35.04 6.53 49.31
C GLY D 931 34.76 7.42 48.12
N ASN D 932 35.54 7.28 47.04
CA ASN D 932 35.35 8.12 45.87
C ASN D 932 34.03 7.79 45.19
N VAL D 933 33.40 8.82 44.64
CA VAL D 933 32.14 8.69 43.92
C VAL D 933 32.45 8.78 42.43
N ILE D 934 32.05 7.76 41.68
CA ILE D 934 32.29 7.71 40.25
C ILE D 934 31.11 8.27 39.46
N VAL D 935 29.89 7.94 39.87
CA VAL D 935 28.68 8.50 39.29
C VAL D 935 27.78 8.94 40.43
N GLU D 936 27.41 10.21 40.45
CA GLU D 936 26.69 10.79 41.57
C GLU D 936 25.18 10.57 41.40
N ARG D 937 24.46 10.71 42.52
CA ARG D 937 23.03 10.50 42.51
C ARG D 937 22.34 11.46 41.55
N GLY D 938 21.32 10.96 40.85
CA GLY D 938 20.52 11.78 39.98
C GLY D 938 21.09 11.94 38.58
N GLN D 939 22.41 11.88 38.45
CA GLN D 939 23.05 12.07 37.16
C GLN D 939 22.62 10.98 36.19
N ASP D 940 22.03 11.39 35.06
CA ASP D 940 21.56 10.41 34.08
C ASP D 940 22.72 9.59 33.55
N LEU D 941 22.43 8.33 33.24
CA LEU D 941 23.43 7.42 32.72
C LEU D 941 23.60 7.62 31.21
N GLY D 942 24.64 7.00 30.66
CA GLY D 942 24.92 7.12 29.25
C GLY D 942 26.16 6.33 28.89
N ASP D 943 26.57 6.48 27.63
CA ASP D 943 27.73 5.74 27.14
C ASP D 943 28.99 6.04 27.93
N PRO D 944 29.46 7.29 28.04
CA PRO D 944 30.67 7.53 28.83
C PRO D 944 30.50 7.14 30.29
N GLU D 945 29.32 7.39 30.87
CA GLU D 945 29.09 7.02 32.26
C GLU D 945 28.99 5.51 32.43
N ILE D 946 28.41 4.81 31.45
CA ILE D 946 28.41 3.35 31.49
C ILE D 946 29.83 2.81 31.44
N ASP D 947 30.67 3.40 30.58
CA ASP D 947 32.06 2.99 30.52
C ASP D 947 32.76 3.25 31.84
N ALA D 948 32.50 4.40 32.46
CA ALA D 948 33.11 4.70 33.75
C ALA D 948 32.68 3.68 34.80
N LEU D 949 31.40 3.33 34.82
CA LEU D 949 30.93 2.32 35.77
C LEU D 949 31.61 0.99 35.53
N LEU D 950 31.72 0.57 34.26
CA LEU D 950 32.41 -0.68 33.95
C LEU D 950 33.85 -0.65 34.43
N ALA D 951 34.52 0.50 34.28
CA ALA D 951 35.89 0.62 34.73
C ALA D 951 35.99 0.41 36.25
N ALA D 952 35.03 0.95 37.00
CA ALA D 952 35.04 0.81 38.45
C ALA D 952 34.75 -0.62 38.90
N GLY D 953 34.32 -1.50 38.00
CA GLY D 953 34.01 -2.87 38.38
C GLY D 953 32.70 -3.05 39.11
N ILE D 954 31.87 -2.02 39.20
CA ILE D 954 30.58 -2.16 39.87
C ILE D 954 29.70 -3.12 39.09
N THR D 955 28.96 -3.95 39.82
CA THR D 955 28.08 -4.96 39.23
C THR D 955 26.61 -4.68 39.47
N GLN D 956 26.21 -4.51 40.73
CA GLN D 956 24.83 -4.25 41.10
C GLN D 956 24.61 -2.76 41.27
N VAL D 957 23.55 -2.25 40.64
CA VAL D 957 23.21 -0.82 40.70
C VAL D 957 21.71 -0.69 40.85
N LYS D 958 21.28 0.24 41.70
CA LYS D 958 19.87 0.57 41.86
C LYS D 958 19.57 1.80 41.02
N VAL D 959 18.58 1.69 40.14
CA VAL D 959 18.26 2.72 39.16
C VAL D 959 16.81 3.15 39.35
N ARG D 960 16.59 4.49 39.30
CA ARG D 960 15.24 5.09 39.42
C ARG D 960 14.46 4.62 38.21
N SER D 961 13.17 4.29 38.36
CA SER D 961 12.34 3.78 37.28
C SER D 961 10.96 4.43 37.32
N VAL D 962 10.28 4.37 36.18
CA VAL D 962 8.92 4.91 36.09
C VAL D 962 7.90 3.94 36.66
N LEU D 963 8.24 2.65 36.74
CA LEU D 963 7.28 1.65 37.19
C LEU D 963 6.80 1.90 38.61
N THR D 964 7.68 2.46 39.47
CA THR D 964 7.42 2.70 40.91
C THR D 964 7.19 4.20 41.15
N CYS D 965 6.84 4.95 40.10
CA CYS D 965 6.63 6.43 40.20
C CYS D 965 5.48 6.71 41.17
N ALA D 966 5.59 7.77 42.00
CA ALA D 966 4.59 8.09 43.05
C ALA D 966 3.62 9.21 42.61
N THR D 967 3.65 9.67 41.36
CA THR D 967 2.78 10.79 40.89
C THR D 967 1.32 10.29 40.82
N SER D 968 0.34 11.09 41.26
CA SER D 968 -1.06 10.71 41.27
C SER D 968 -1.55 10.41 39.85
N THR D 969 -1.26 11.31 38.91
CA THR D 969 -1.61 11.14 37.51
C THR D 969 -0.35 11.22 36.67
N GLY D 970 -0.32 10.44 35.59
CA GLY D 970 0.86 10.43 34.76
C GLY D 970 2.07 9.90 35.53
N VAL D 971 3.24 10.46 35.22
CA VAL D 971 4.49 10.05 35.84
C VAL D 971 5.32 11.30 36.11
N CYS D 972 6.30 11.18 37.02
CA CYS D 972 7.24 12.29 37.28
C CYS D 972 8.29 12.20 36.18
N ALA D 973 8.80 13.33 35.73
CA ALA D 973 9.79 13.40 34.67
C ALA D 973 11.12 12.78 35.10
N THR D 974 11.57 13.07 36.32
CA THR D 974 12.82 12.51 36.78
C THR D 974 12.80 10.99 36.75
N CYS D 975 11.67 10.37 37.09
CA CYS D 975 11.53 8.89 37.05
C CYS D 975 11.64 8.41 35.60
N TYR D 976 11.01 9.10 34.64
CA TYR D 976 10.97 8.61 33.26
C TYR D 976 12.39 8.46 32.71
N GLY D 977 13.26 9.41 33.00
CA GLY D 977 14.64 9.34 32.56
C GLY D 977 14.88 10.10 31.27
N ARG D 978 16.08 9.87 30.72
CA ARG D 978 16.49 10.54 29.50
C ARG D 978 15.54 10.21 28.36
N SER D 979 15.09 11.24 27.66
CA SER D 979 14.21 11.04 26.52
C SER D 979 14.95 10.35 25.37
N MET D 980 14.21 10.05 24.30
CA MET D 980 14.78 9.34 23.16
C MET D 980 15.11 10.29 22.02
N ALA D 981 14.12 11.05 21.54
CA ALA D 981 14.34 11.95 20.42
C ALA D 981 15.10 13.21 20.82
N THR D 982 15.06 13.60 22.09
CA THR D 982 15.68 14.84 22.54
C THR D 982 17.14 14.64 22.95
N GLY D 983 17.49 13.47 23.47
CA GLY D 983 18.80 13.25 24.01
C GLY D 983 19.00 13.79 25.40
N LYS D 984 17.99 14.42 25.99
CA LYS D 984 18.08 14.96 27.34
C LYS D 984 16.83 14.58 28.12
N LEU D 985 16.69 15.07 29.34
CA LEU D 985 15.55 14.72 30.16
C LEU D 985 14.26 15.21 29.49
N VAL D 986 13.21 14.40 29.60
CA VAL D 986 11.93 14.75 28.99
C VAL D 986 11.43 16.06 29.57
N ASP D 987 10.76 16.85 28.74
CA ASP D 987 10.22 18.14 29.15
C ASP D 987 8.77 17.99 29.60
N ILE D 988 8.40 18.76 30.61
CA ILE D 988 7.06 18.66 31.19
C ILE D 988 6.02 18.83 30.10
N GLY D 989 5.00 17.98 30.12
CA GLY D 989 3.90 18.06 29.19
C GLY D 989 4.01 17.13 27.99
N GLU D 990 5.20 16.59 27.72
CA GLU D 990 5.37 15.71 26.57
C GLU D 990 4.61 14.42 26.77
N ALA D 991 3.83 14.03 25.76
CA ALA D 991 3.12 12.76 25.80
C ALA D 991 4.10 11.61 25.64
N VAL D 992 3.86 10.55 26.43
CA VAL D 992 4.75 9.40 26.42
C VAL D 992 3.98 8.14 26.02
N GLY D 993 2.68 8.13 26.30
CA GLY D 993 1.87 6.97 25.95
C GLY D 993 1.85 6.72 24.45
N ILE D 994 1.64 7.78 23.67
CA ILE D 994 1.60 7.62 22.21
C ILE D 994 2.96 7.16 21.71
N VAL D 995 4.03 7.74 22.23
CA VAL D 995 5.37 7.35 21.79
C VAL D 995 5.62 5.88 22.09
N ALA D 996 5.27 5.45 23.29
CA ALA D 996 5.46 4.05 23.67
C ALA D 996 4.65 3.13 22.77
N ALA D 997 3.38 3.48 22.53
CA ALA D 997 2.54 2.64 21.69
C ALA D 997 3.11 2.53 20.28
N GLN D 998 3.50 3.66 19.70
CA GLN D 998 4.05 3.63 18.35
C GLN D 998 5.32 2.80 18.29
N SER D 999 6.22 2.99 19.27
CA SER D 999 7.48 2.26 19.25
C SER D 999 7.25 0.77 19.39
N ILE D 1000 6.34 0.36 20.27
CA ILE D 1000 6.10 -1.06 20.47
C ILE D 1000 5.38 -1.67 19.27
N GLY D 1001 4.53 -0.89 18.60
CA GLY D 1001 3.74 -1.42 17.51
C GLY D 1001 4.45 -1.47 16.17
N GLU D 1002 5.40 -0.56 15.94
CA GLU D 1002 6.05 -0.49 14.63
C GLU D 1002 6.72 -1.80 14.23
N PRO D 1003 7.47 -2.48 15.11
CA PRO D 1003 8.17 -3.70 14.66
C PRO D 1003 7.25 -4.90 14.46
N GLY D 1004 5.94 -4.70 14.58
CA GLY D 1004 5.01 -5.80 14.44
C GLY D 1004 4.99 -6.42 13.05
N THR D 1005 5.47 -5.69 12.04
CA THR D 1005 5.41 -6.20 10.68
C THR D 1005 6.25 -7.47 10.52
N GLN D 1006 7.43 -7.50 11.13
CA GLN D 1006 8.34 -8.63 10.98
C GLN D 1006 8.08 -9.75 11.97
N LEU D 1007 7.07 -9.62 12.83
CA LEU D 1007 6.78 -10.65 13.83
C LEU D 1007 6.07 -11.82 13.16
N THR D 1008 6.71 -12.99 13.11
CA THR D 1008 6.14 -14.24 12.54
C THR D 1008 6.44 -15.38 13.51
N MET D 1009 5.80 -16.53 13.36
CA MET D 1009 5.99 -17.72 14.26
C MET D 1009 7.48 -18.11 14.33
N ILE D 1021 2.67 -23.63 21.42
CA ILE D 1021 2.98 -22.29 21.91
C ILE D 1021 3.76 -21.56 20.82
N THR D 1022 3.10 -20.62 20.15
CA THR D 1022 3.74 -19.86 19.09
C THR D 1022 4.64 -18.77 19.69
N GLY D 1023 5.61 -18.33 18.89
CA GLY D 1023 6.55 -17.32 19.32
C GLY D 1023 6.40 -16.00 18.60
N GLY D 1024 5.47 -15.94 17.65
CA GLY D 1024 5.29 -14.75 16.83
C GLY D 1024 4.37 -13.73 17.48
N LEU D 1025 3.80 -12.87 16.64
CA LEU D 1025 2.91 -11.82 17.12
C LEU D 1025 1.78 -12.36 17.98
N PRO D 1026 1.13 -13.48 17.67
CA PRO D 1026 0.10 -14.01 18.57
C PRO D 1026 0.60 -14.23 19.99
N ARG D 1027 1.87 -14.58 20.15
CA ARG D 1027 2.42 -14.74 21.49
C ARG D 1027 2.36 -13.43 22.26
N VAL D 1028 2.76 -12.33 21.61
CA VAL D 1028 2.70 -11.01 22.24
C VAL D 1028 1.26 -10.63 22.53
N GLN D 1029 0.36 -10.91 21.58
CA GLN D 1029 -1.06 -10.63 21.80
C GLN D 1029 -1.57 -11.33 23.05
N GLU D 1030 -1.29 -12.62 23.17
CA GLU D 1030 -1.73 -13.37 24.34
C GLU D 1030 -1.08 -12.85 25.61
N LEU D 1031 0.22 -12.54 25.55
CA LEU D 1031 0.91 -12.07 26.75
C LEU D 1031 0.31 -10.78 27.26
N PHE D 1032 0.12 -9.79 26.38
CA PHE D 1032 -0.47 -8.54 26.81
C PHE D 1032 -1.92 -8.72 27.24
N GLU D 1033 -2.68 -9.57 26.52
CA GLU D 1033 -4.07 -9.79 26.88
C GLU D 1033 -4.21 -10.50 28.23
N ALA D 1034 -3.19 -11.24 28.64
CA ALA D 1034 -3.17 -11.87 29.97
C ALA D 1034 -4.32 -12.85 30.15
N ARG D 1035 -4.50 -13.74 29.17
CA ARG D 1035 -5.52 -14.82 29.27
C ARG D 1035 -4.76 -15.99 29.89
N VAL D 1036 -5.34 -17.18 29.92
CA VAL D 1036 -4.68 -18.38 30.44
C VAL D 1036 -3.58 -18.80 29.48
N PRO D 1037 -2.32 -18.91 29.92
CA PRO D 1037 -1.26 -19.28 28.99
C PRO D 1037 -1.51 -20.66 28.38
N ARG D 1038 -1.10 -20.82 27.12
CA ARG D 1038 -1.27 -22.10 26.45
C ARG D 1038 -0.36 -23.16 27.06
N GLY D 1039 0.91 -22.82 27.31
CA GLY D 1039 1.80 -23.76 27.96
C GLY D 1039 1.37 -24.08 29.37
N LYS D 1040 1.02 -23.05 30.14
CA LYS D 1040 0.55 -23.20 31.52
C LYS D 1040 1.52 -24.07 32.32
N ALA D 1041 2.74 -23.57 32.47
CA ALA D 1041 3.76 -24.30 33.20
C ALA D 1041 3.42 -24.37 34.69
N PRO D 1042 3.84 -25.42 35.38
CA PRO D 1042 3.68 -25.45 36.83
C PRO D 1042 4.53 -24.38 37.51
N ILE D 1043 4.08 -23.96 38.69
CA ILE D 1043 4.73 -22.88 39.42
C ILE D 1043 5.09 -23.37 40.82
N ALA D 1044 6.13 -22.79 41.39
CA ALA D 1044 6.56 -23.09 42.75
C ALA D 1044 5.83 -22.14 43.70
N ASP D 1045 4.68 -22.59 44.18
CA ASP D 1045 3.88 -21.74 45.07
C ASP D 1045 4.60 -21.47 46.38
N VAL D 1046 5.30 -22.48 46.92
CA VAL D 1046 5.98 -22.36 48.20
C VAL D 1046 7.39 -22.92 48.06
N THR D 1047 8.29 -22.44 48.92
CA THR D 1047 9.66 -22.92 48.97
C THR D 1047 9.74 -24.08 49.97
N GLY D 1048 10.31 -25.19 49.52
CA GLY D 1048 10.41 -26.35 50.37
C GLY D 1048 11.23 -27.44 49.72
N ARG D 1049 11.11 -28.65 50.27
CA ARG D 1049 11.82 -29.82 49.76
C ARG D 1049 10.89 -30.54 48.78
N VAL D 1050 11.23 -30.47 47.49
CA VAL D 1050 10.37 -31.04 46.46
C VAL D 1050 10.33 -32.55 46.64
N ARG D 1051 9.10 -33.09 46.75
CA ARG D 1051 8.86 -34.53 46.85
C ARG D 1051 7.94 -34.89 45.68
N LEU D 1052 8.54 -35.17 44.54
CA LEU D 1052 7.81 -35.38 43.30
C LEU D 1052 7.82 -36.86 42.94
N GLU D 1053 6.64 -37.40 42.66
CA GLU D 1053 6.49 -38.78 42.19
C GLU D 1053 6.05 -38.71 40.72
N ASP D 1054 6.84 -39.33 39.85
CA ASP D 1054 6.69 -39.16 38.40
C ASP D 1054 5.66 -40.14 37.88
N GLY D 1055 4.45 -39.65 37.59
CA GLY D 1055 3.45 -40.44 36.90
C GLY D 1055 3.61 -40.34 35.40
N GLU D 1056 3.78 -41.48 34.73
CA GLU D 1056 4.05 -41.45 33.29
C GLU D 1056 2.90 -40.83 32.52
N ARG D 1057 1.66 -40.90 33.03
CA ARG D 1057 0.45 -40.32 32.37
C ARG D 1057 0.22 -38.89 32.86
N PHE D 1058 0.19 -38.63 34.18
CA PHE D 1058 0.07 -37.31 34.77
C PHE D 1058 1.12 -37.16 35.85
N TYR D 1059 2.03 -36.21 35.68
CA TYR D 1059 3.02 -35.94 36.71
C TYR D 1059 2.34 -35.42 37.96
N LYS D 1060 2.73 -35.96 39.11
CA LYS D 1060 2.24 -35.51 40.41
C LYS D 1060 3.42 -34.90 41.17
N ILE D 1061 3.28 -33.64 41.58
CA ILE D 1061 4.37 -32.88 42.16
C ILE D 1061 3.94 -32.39 43.54
N THR D 1062 4.78 -32.66 44.54
CA THR D 1062 4.55 -32.18 45.89
C THR D 1062 5.87 -31.66 46.46
N ILE D 1063 5.78 -30.65 47.32
CA ILE D 1063 6.95 -30.03 47.93
C ILE D 1063 6.70 -29.92 49.43
N VAL D 1064 7.59 -30.51 50.22
CA VAL D 1064 7.50 -30.44 51.67
C VAL D 1064 7.98 -29.07 52.11
N PRO D 1065 7.16 -28.26 52.78
CA PRO D 1065 7.61 -26.93 53.20
C PRO D 1065 8.79 -27.03 54.16
N ASP D 1066 9.73 -26.09 54.04
CA ASP D 1066 10.87 -26.06 54.93
C ASP D 1066 10.44 -25.70 56.35
N ASP D 1067 9.84 -24.52 56.52
CA ASP D 1067 9.40 -24.11 57.85
C ASP D 1067 8.33 -25.05 58.39
N GLY D 1068 7.39 -25.46 57.55
CA GLY D 1068 6.32 -26.35 57.97
C GLY D 1068 5.07 -26.10 57.16
N GLY D 1069 4.09 -26.98 57.37
CA GLY D 1069 2.82 -26.89 56.68
C GLY D 1069 2.54 -28.11 55.82
N GLU D 1070 1.63 -27.97 54.87
CA GLU D 1070 1.24 -29.05 53.97
C GLU D 1070 1.96 -28.91 52.64
N GLU D 1071 1.69 -29.86 51.74
CA GLU D 1071 2.29 -29.89 50.41
C GLU D 1071 1.30 -29.39 49.38
N VAL D 1072 1.72 -28.46 48.54
CA VAL D 1072 0.95 -28.08 47.36
C VAL D 1072 1.10 -29.16 46.32
N VAL D 1073 -0.03 -29.61 45.76
CA VAL D 1073 -0.05 -30.76 44.86
C VAL D 1073 -0.43 -30.29 43.47
N TYR D 1074 0.36 -30.71 42.48
CA TYR D 1074 0.12 -30.40 41.07
C TYR D 1074 -0.08 -31.71 40.31
N ASP D 1075 -1.16 -31.80 39.56
CA ASP D 1075 -1.43 -32.94 38.68
C ASP D 1075 -1.29 -32.45 37.24
N LYS D 1076 -0.05 -32.49 36.74
CA LYS D 1076 0.27 -31.97 35.43
C LYS D 1076 0.33 -33.09 34.40
N ILE D 1077 0.35 -32.70 33.13
CA ILE D 1077 0.41 -33.65 32.03
C ILE D 1077 1.86 -34.08 31.84
N SER D 1078 2.06 -35.37 31.55
CA SER D 1078 3.38 -35.97 31.50
C SER D 1078 3.96 -36.00 30.09
N LYS D 1079 3.29 -35.40 29.11
CA LYS D 1079 3.77 -35.44 27.73
C LYS D 1079 5.00 -34.58 27.51
N ARG D 1080 5.39 -33.76 28.48
CA ARG D 1080 6.52 -32.86 28.32
C ARG D 1080 7.79 -33.47 28.91
N GLN D 1081 8.88 -32.70 28.91
CA GLN D 1081 10.17 -33.13 29.43
C GLN D 1081 10.58 -32.20 30.55
N ARG D 1082 10.72 -32.74 31.75
CA ARG D 1082 10.94 -31.92 32.95
C ARG D 1082 12.08 -30.92 32.73
N LEU D 1083 11.97 -29.78 33.42
CA LEU D 1083 12.94 -28.70 33.31
C LEU D 1083 13.96 -28.80 34.44
N ARG D 1084 14.91 -27.87 34.46
CA ARG D 1084 15.98 -27.90 35.45
C ARG D 1084 15.46 -27.76 36.86
N VAL D 1085 16.16 -28.38 37.81
CA VAL D 1085 15.94 -28.20 39.22
C VAL D 1085 16.88 -27.11 39.72
N PHE D 1086 16.40 -26.30 40.65
CA PHE D 1086 17.18 -25.20 41.20
C PHE D 1086 18.19 -25.78 42.19
N LYS D 1087 19.47 -25.76 41.81
CA LYS D 1087 20.55 -26.31 42.60
C LYS D 1087 21.67 -25.28 42.67
N HIS D 1088 22.70 -25.57 43.47
CA HIS D 1088 23.82 -24.65 43.57
C HIS D 1088 24.43 -24.36 42.21
N GLU D 1089 24.47 -25.35 41.32
CA GLU D 1089 24.98 -25.12 39.97
C GLU D 1089 24.05 -24.21 39.18
N ASP D 1090 22.74 -24.39 39.32
CA ASP D 1090 21.75 -23.63 38.54
C ASP D 1090 21.99 -23.81 37.04
N GLY D 1091 21.94 -25.06 36.61
CA GLY D 1091 22.18 -25.41 35.22
C GLY D 1091 20.91 -25.90 34.54
N SER D 1092 20.76 -25.53 33.27
CA SER D 1092 19.58 -25.95 32.51
C SER D 1092 19.64 -27.41 32.10
N GLU D 1093 20.84 -27.95 31.88
CA GLU D 1093 20.96 -29.34 31.46
C GLU D 1093 20.46 -30.30 32.54
N ARG D 1094 20.49 -29.88 33.80
CA ARG D 1094 20.09 -30.77 34.89
C ARG D 1094 18.62 -31.12 34.79
N VAL D 1095 18.28 -32.32 35.25
CA VAL D 1095 16.91 -32.78 35.26
C VAL D 1095 16.26 -32.38 36.58
N LEU D 1096 14.93 -32.39 36.60
CA LEU D 1096 14.18 -32.05 37.82
C LEU D 1096 14.35 -33.19 38.82
N SER D 1097 15.26 -33.00 39.78
CA SER D 1097 15.59 -34.03 40.76
C SER D 1097 14.70 -33.89 41.97
N ASP D 1098 14.03 -34.99 42.34
CA ASP D 1098 13.17 -35.00 43.51
C ASP D 1098 14.00 -34.94 44.78
N GLY D 1099 13.44 -34.32 45.82
CA GLY D 1099 14.13 -34.14 47.07
C GLY D 1099 14.96 -32.89 47.16
N ASP D 1100 15.07 -32.12 46.08
CA ASP D 1100 15.83 -30.87 46.09
C ASP D 1100 14.98 -29.77 46.71
N HIS D 1101 15.42 -28.53 46.60
CA HIS D 1101 14.68 -27.38 47.10
C HIS D 1101 14.64 -26.29 46.04
N VAL D 1102 13.57 -25.51 46.04
CA VAL D 1102 13.33 -24.49 45.05
C VAL D 1102 12.94 -23.19 45.73
N GLU D 1103 13.13 -22.08 45.02
CA GLU D 1103 12.73 -20.77 45.51
C GLU D 1103 11.29 -20.47 45.11
N VAL D 1104 10.63 -19.66 45.92
CA VAL D 1104 9.21 -19.39 45.74
C VAL D 1104 8.98 -18.70 44.39
N GLY D 1105 7.95 -19.15 43.67
CA GLY D 1105 7.54 -18.52 42.44
C GLY D 1105 8.18 -19.06 41.18
N GLN D 1106 9.16 -19.94 41.29
CA GLN D 1106 9.85 -20.47 40.13
C GLN D 1106 8.99 -21.51 39.41
N GLN D 1107 9.08 -21.50 38.08
CA GLN D 1107 8.38 -22.50 37.28
C GLN D 1107 9.13 -23.82 37.32
N LEU D 1108 8.39 -24.91 37.56
CA LEU D 1108 9.00 -26.23 37.66
C LEU D 1108 9.28 -26.84 36.29
N MET D 1109 8.48 -26.50 35.28
CA MET D 1109 8.62 -27.09 33.96
C MET D 1109 8.44 -25.99 32.91
N GLU D 1110 8.90 -26.28 31.69
CA GLU D 1110 8.86 -25.30 30.61
C GLU D 1110 7.42 -24.88 30.32
N GLY D 1111 7.26 -23.64 29.88
CA GLY D 1111 5.96 -23.10 29.55
C GLY D 1111 5.83 -21.65 29.97
N SER D 1112 4.67 -21.30 30.53
CA SER D 1112 4.44 -19.94 31.00
C SER D 1112 3.54 -19.97 32.22
N ALA D 1113 3.88 -19.16 33.22
CA ALA D 1113 3.08 -19.09 34.44
C ALA D 1113 1.97 -18.05 34.30
N ASP D 1114 0.78 -18.42 34.75
CA ASP D 1114 -0.34 -17.50 34.69
C ASP D 1114 -0.03 -16.24 35.52
N PRO D 1115 -0.15 -15.05 34.94
CA PRO D 1115 0.16 -13.84 35.74
C PRO D 1115 -0.63 -13.73 37.02
N HIS D 1116 -1.87 -14.23 37.05
CA HIS D 1116 -2.69 -14.09 38.25
C HIS D 1116 -2.05 -14.83 39.43
N GLU D 1117 -1.56 -16.04 39.19
CA GLU D 1117 -1.00 -16.85 40.28
C GLU D 1117 0.29 -16.23 40.82
N VAL D 1118 1.21 -15.87 39.92
CA VAL D 1118 2.44 -15.24 40.37
C VAL D 1118 2.15 -13.92 41.07
N LEU D 1119 1.14 -13.19 40.60
CA LEU D 1119 0.77 -11.94 41.27
C LEU D 1119 0.29 -12.21 42.69
N ARG D 1120 -0.63 -13.16 42.85
CA ARG D 1120 -1.19 -13.40 44.18
C ARG D 1120 -0.14 -13.97 45.14
N VAL D 1121 0.82 -14.74 44.63
CA VAL D 1121 1.81 -15.38 45.49
C VAL D 1121 3.09 -14.58 45.63
N GLN D 1122 3.25 -13.48 44.88
CA GLN D 1122 4.49 -12.70 44.94
C GLN D 1122 4.21 -11.22 45.15
N GLY D 1123 3.10 -10.72 44.62
CA GLY D 1123 2.85 -9.29 44.59
C GLY D 1123 2.97 -8.73 43.19
N PRO D 1124 2.89 -7.42 43.05
CA PRO D 1124 2.90 -6.81 41.71
C PRO D 1124 4.28 -6.70 41.09
N ARG D 1125 5.30 -6.52 41.91
CA ARG D 1125 6.64 -6.25 41.38
C ARG D 1125 7.15 -7.42 40.55
N GLU D 1126 7.01 -8.65 41.08
CA GLU D 1126 7.54 -9.81 40.38
C GLU D 1126 6.82 -10.02 39.04
N VAL D 1127 5.50 -9.87 39.03
CA VAL D 1127 4.76 -10.06 37.79
C VAL D 1127 5.11 -8.97 36.78
N GLN D 1128 5.28 -7.74 37.25
CA GLN D 1128 5.68 -6.66 36.35
C GLN D 1128 7.03 -6.98 35.69
N ILE D 1129 8.03 -7.33 36.50
CA ILE D 1129 9.35 -7.61 35.93
C ILE D 1129 9.29 -8.82 35.01
N HIS D 1130 8.50 -9.83 35.38
CA HIS D 1130 8.40 -11.02 34.54
C HIS D 1130 7.78 -10.69 33.19
N LEU D 1131 6.70 -9.89 33.19
CA LEU D 1131 6.08 -9.49 31.94
C LEU D 1131 7.06 -8.72 31.07
N VAL D 1132 7.77 -7.76 31.67
CA VAL D 1132 8.73 -6.96 30.92
C VAL D 1132 9.79 -7.85 30.31
N ARG D 1133 10.35 -8.77 31.11
CA ARG D 1133 11.41 -9.63 30.62
C ARG D 1133 10.91 -10.55 29.52
N GLU D 1134 9.69 -11.10 29.67
CA GLU D 1134 9.17 -12.01 28.66
C GLU D 1134 8.93 -11.29 27.34
N VAL D 1135 8.32 -10.10 27.38
CA VAL D 1135 8.08 -9.38 26.14
C VAL D 1135 9.41 -8.97 25.51
N GLN D 1136 10.38 -8.54 26.32
CA GLN D 1136 11.68 -8.20 25.79
C GLN D 1136 12.34 -9.41 25.14
N GLU D 1137 12.18 -10.59 25.73
CA GLU D 1137 12.77 -11.80 25.17
C GLU D 1137 12.14 -12.14 23.83
N VAL D 1138 10.82 -12.10 23.75
CA VAL D 1138 10.16 -12.44 22.49
C VAL D 1138 10.55 -11.44 21.40
N TYR D 1139 10.70 -10.16 21.77
CA TYR D 1139 11.13 -9.19 20.77
C TYR D 1139 12.59 -9.39 20.36
N ARG D 1140 13.46 -9.72 21.32
CA ARG D 1140 14.90 -9.97 21.05
C ARG D 1140 15.06 -11.25 20.23
N ALA D 1141 14.05 -12.14 20.21
CA ALA D 1141 14.10 -13.34 19.38
C ALA D 1141 14.23 -12.98 17.90
N GLN D 1142 13.44 -12.01 17.44
CA GLN D 1142 13.45 -11.61 16.05
C GLN D 1142 14.65 -10.74 15.69
N GLY D 1143 15.37 -10.21 16.68
CA GLY D 1143 16.52 -9.37 16.44
C GLY D 1143 16.27 -7.89 16.62
N VAL D 1144 15.01 -7.46 16.74
CA VAL D 1144 14.71 -6.06 16.97
C VAL D 1144 14.98 -5.71 18.43
N SER D 1145 15.23 -4.42 18.68
CA SER D 1145 15.56 -3.92 20.00
C SER D 1145 14.73 -2.69 20.30
N ILE D 1146 14.18 -2.62 21.51
CA ILE D 1146 13.43 -1.45 21.99
C ILE D 1146 13.69 -1.31 23.48
N HIS D 1147 13.60 -0.07 23.95
CA HIS D 1147 13.89 0.20 25.36
C HIS D 1147 12.75 -0.32 26.24
N ASP D 1148 13.11 -0.58 27.50
CA ASP D 1148 12.14 -1.16 28.43
C ASP D 1148 11.07 -0.16 28.85
N LYS D 1149 11.45 1.10 29.07
CA LYS D 1149 10.49 2.06 29.60
C LYS D 1149 9.25 2.16 28.74
N HIS D 1150 9.39 1.97 27.42
CA HIS D 1150 8.22 1.96 26.55
C HIS D 1150 7.24 0.86 26.94
N ILE D 1151 7.72 -0.18 27.63
CA ILE D 1151 6.88 -1.29 28.04
C ILE D 1151 6.42 -1.06 29.47
N GLU D 1152 7.27 -0.43 30.28
CA GLU D 1152 6.88 -0.10 31.64
C GLU D 1152 5.71 0.87 31.66
N VAL D 1153 5.72 1.86 30.75
CA VAL D 1153 4.63 2.83 30.69
C VAL D 1153 3.31 2.16 30.38
N ILE D 1154 3.33 1.00 29.74
CA ILE D 1154 2.10 0.26 29.45
C ILE D 1154 1.71 -0.63 30.62
N VAL D 1155 2.66 -1.42 31.13
CA VAL D 1155 2.33 -2.33 32.22
C VAL D 1155 1.94 -1.58 33.48
N ARG D 1156 2.37 -0.32 33.64
CA ARG D 1156 1.92 0.47 34.78
C ARG D 1156 0.43 0.73 34.71
N GLN D 1157 -0.08 1.06 33.52
CA GLN D 1157 -1.51 1.26 33.36
C GLN D 1157 -2.27 -0.06 33.43
N MET D 1158 -1.68 -1.13 32.89
CA MET D 1158 -2.39 -2.40 32.84
C MET D 1158 -2.75 -2.89 34.25
N LEU D 1159 -1.77 -2.96 35.14
CA LEU D 1159 -1.98 -3.46 36.49
C LEU D 1159 -2.09 -2.26 37.44
N ARG D 1160 -3.25 -1.61 37.42
CA ARG D 1160 -3.56 -0.55 38.36
C ARG D 1160 -5.00 -0.64 38.83
N ARG D 1161 -5.47 -1.85 39.13
CA ARG D 1161 -6.83 -2.07 39.61
C ARG D 1161 -6.80 -2.95 40.85
N VAL D 1162 -7.75 -2.70 41.75
CA VAL D 1162 -7.82 -3.38 43.04
C VAL D 1162 -9.22 -3.98 43.17
N THR D 1163 -9.34 -5.27 42.90
CA THR D 1163 -10.60 -5.96 43.12
C THR D 1163 -10.88 -6.05 44.62
N ILE D 1164 -12.16 -6.00 44.96
CA ILE D 1164 -12.61 -5.96 46.35
C ILE D 1164 -13.56 -7.12 46.59
N ILE D 1165 -13.33 -7.86 47.67
CA ILE D 1165 -14.13 -9.04 47.98
C ILE D 1165 -15.37 -8.68 48.79
N ASP D 1166 -15.25 -7.74 49.72
CA ASP D 1166 -16.36 -7.30 50.54
C ASP D 1166 -16.41 -5.79 50.58
N SER D 1167 -17.62 -5.24 50.60
CA SER D 1167 -17.80 -3.80 50.71
C SER D 1167 -17.87 -3.33 52.16
N GLY D 1168 -18.49 -4.12 53.03
CA GLY D 1168 -18.60 -3.77 54.43
C GLY D 1168 -19.17 -2.38 54.63
N SER D 1169 -18.34 -1.44 55.04
CA SER D 1169 -18.74 -0.06 55.26
C SER D 1169 -18.54 0.82 54.03
N THR D 1170 -18.56 0.23 52.83
CA THR D 1170 -18.37 0.97 51.59
C THR D 1170 -19.57 0.77 50.68
N GLU D 1171 -19.86 1.80 49.89
CA GLU D 1171 -21.05 1.79 49.04
C GLU D 1171 -20.89 0.86 47.84
N PHE D 1172 -19.70 0.83 47.24
CA PHE D 1172 -19.52 0.11 45.98
C PHE D 1172 -19.80 -1.37 46.15
N LEU D 1173 -20.31 -1.97 45.08
CA LEU D 1173 -20.65 -3.39 45.10
C LEU D 1173 -19.38 -4.23 45.31
N PRO D 1174 -19.43 -5.26 46.15
CA PRO D 1174 -18.27 -6.14 46.27
C PRO D 1174 -17.96 -6.83 44.94
N GLY D 1175 -16.67 -7.03 44.69
CA GLY D 1175 -16.25 -7.60 43.43
C GLY D 1175 -16.27 -6.64 42.26
N SER D 1176 -16.10 -5.35 42.53
CA SER D 1176 -16.08 -4.32 41.50
C SER D 1176 -14.73 -3.64 41.48
N LEU D 1177 -14.18 -3.47 40.28
CA LEU D 1177 -12.83 -2.93 40.15
C LEU D 1177 -12.79 -1.47 40.57
N ILE D 1178 -11.82 -1.13 41.41
CA ILE D 1178 -11.59 0.24 41.84
C ILE D 1178 -10.08 0.50 41.78
N ASP D 1179 -9.71 1.64 41.21
CA ASP D 1179 -8.30 1.98 41.12
C ASP D 1179 -7.71 2.14 42.53
N ARG D 1180 -6.40 1.90 42.62
CA ARG D 1180 -5.75 1.85 43.93
C ARG D 1180 -5.88 3.17 44.67
N ALA D 1181 -5.71 4.29 43.97
CA ALA D 1181 -5.71 5.60 44.63
C ALA D 1181 -7.05 5.88 45.31
N GLU D 1182 -8.15 5.74 44.57
CA GLU D 1182 -9.45 6.06 45.13
C GLU D 1182 -9.84 5.06 46.22
N PHE D 1183 -9.53 3.78 46.03
CA PHE D 1183 -9.81 2.79 47.06
C PHE D 1183 -9.06 3.13 48.34
N GLU D 1184 -7.78 3.48 48.23
CA GLU D 1184 -7.00 3.86 49.40
C GLU D 1184 -7.58 5.11 50.06
N ALA D 1185 -7.99 6.09 49.26
CA ALA D 1185 -8.55 7.31 49.81
C ALA D 1185 -9.81 7.03 50.61
N GLU D 1186 -10.73 6.24 50.03
CA GLU D 1186 -11.96 5.92 50.74
C GLU D 1186 -11.68 5.07 51.98
N ASN D 1187 -10.71 4.16 51.89
CA ASN D 1187 -10.38 3.32 53.03
C ASN D 1187 -9.85 4.16 54.18
N ARG D 1188 -8.93 5.08 53.90
CA ARG D 1188 -8.39 5.93 54.95
C ARG D 1188 -9.46 6.87 55.50
N ARG D 1189 -10.35 7.35 54.64
CA ARG D 1189 -11.44 8.19 55.12
C ARG D 1189 -12.34 7.43 56.09
N VAL D 1190 -12.73 6.21 55.73
CA VAL D 1190 -13.65 5.44 56.57
C VAL D 1190 -12.97 5.02 57.86
N VAL D 1191 -11.67 4.67 57.80
CA VAL D 1191 -10.97 4.27 59.00
C VAL D 1191 -10.77 5.46 59.94
N ALA D 1192 -10.45 6.63 59.38
CA ALA D 1192 -10.21 7.80 60.21
C ALA D 1192 -11.45 8.18 61.02
N GLU D 1193 -12.63 7.90 60.49
CA GLU D 1193 -13.88 8.18 61.18
C GLU D 1193 -14.36 6.98 62.01
N GLY D 1194 -13.59 5.91 62.08
CA GLY D 1194 -13.93 4.73 62.86
C GLY D 1194 -14.54 3.60 62.05
N GLY D 1195 -14.99 3.87 60.83
CA GLY D 1195 -15.56 2.81 60.03
C GLY D 1195 -14.54 1.76 59.67
N GLU D 1196 -15.00 0.51 59.62
CA GLU D 1196 -14.11 -0.59 59.32
C GLU D 1196 -13.58 -0.49 57.89
N PRO D 1197 -12.35 -0.93 57.64
CA PRO D 1197 -11.78 -0.84 56.29
C PRO D 1197 -12.36 -1.89 55.35
N ALA D 1198 -12.24 -1.60 54.06
CA ALA D 1198 -12.66 -2.52 53.01
C ALA D 1198 -11.50 -3.41 52.60
N ALA D 1199 -11.78 -4.71 52.48
CA ALA D 1199 -10.76 -5.70 52.14
C ALA D 1199 -10.69 -5.81 50.62
N GLY D 1200 -9.59 -5.33 50.05
CA GLY D 1200 -9.37 -5.42 48.62
C GLY D 1200 -7.94 -5.81 48.32
N ARG D 1201 -7.75 -6.40 47.13
CA ARG D 1201 -6.45 -6.85 46.70
C ARG D 1201 -6.16 -6.37 45.29
N PRO D 1202 -4.89 -6.13 44.95
CA PRO D 1202 -4.56 -5.73 43.58
C PRO D 1202 -4.76 -6.87 42.59
N VAL D 1203 -5.05 -6.50 41.35
CA VAL D 1203 -5.25 -7.47 40.29
C VAL D 1203 -5.06 -6.77 38.95
N LEU D 1204 -4.63 -7.51 37.94
CA LEU D 1204 -4.42 -7.00 36.60
C LEU D 1204 -5.54 -7.48 35.68
N MET D 1205 -5.49 -7.02 34.44
CA MET D 1205 -6.45 -7.42 33.42
C MET D 1205 -5.79 -7.26 32.05
N GLY D 1206 -6.52 -7.65 31.01
CA GLY D 1206 -6.09 -7.40 29.66
C GLY D 1206 -6.25 -5.96 29.26
N ILE D 1207 -5.73 -5.63 28.09
CA ILE D 1207 -5.82 -4.25 27.60
C ILE D 1207 -7.28 -3.85 27.41
N THR D 1208 -8.10 -4.77 26.89
CA THR D 1208 -9.49 -4.44 26.60
C THR D 1208 -10.24 -4.06 27.87
N LYS D 1209 -10.14 -4.89 28.91
CA LYS D 1209 -10.84 -4.60 30.15
C LYS D 1209 -10.26 -3.38 30.86
N ALA D 1210 -8.95 -3.13 30.68
CA ALA D 1210 -8.34 -1.96 31.29
C ALA D 1210 -8.75 -0.67 30.60
N SER D 1211 -9.06 -0.73 29.31
CA SER D 1211 -9.45 0.46 28.57
C SER D 1211 -10.96 0.68 28.56
N LEU D 1212 -11.76 -0.37 28.74
CA LEU D 1212 -13.20 -0.21 28.71
C LEU D 1212 -13.70 0.53 29.94
N ALA D 1213 -12.96 0.48 31.05
CA ALA D 1213 -13.34 1.16 32.28
C ALA D 1213 -12.43 2.36 32.47
N THR D 1214 -13.00 3.56 32.28
CA THR D 1214 -12.28 4.82 32.42
C THR D 1214 -13.08 5.77 33.29
N ASP D 1215 -12.62 7.01 33.38
CA ASP D 1215 -13.26 8.04 34.19
C ASP D 1215 -14.17 8.95 33.37
N SER D 1216 -13.78 9.30 32.15
CA SER D 1216 -14.58 10.19 31.31
C SER D 1216 -15.64 9.40 30.56
N TRP D 1217 -16.88 9.88 30.62
CA TRP D 1217 -17.98 9.17 29.97
C TRP D 1217 -17.96 9.34 28.46
N LEU D 1218 -17.44 10.46 27.95
CA LEU D 1218 -17.47 10.70 26.52
C LEU D 1218 -16.59 9.69 25.79
N SER D 1219 -15.37 9.47 26.27
CA SER D 1219 -14.49 8.48 25.63
C SER D 1219 -15.09 7.09 25.75
N ALA D 1220 -15.67 6.76 26.91
CA ALA D 1220 -16.27 5.44 27.07
C ALA D 1220 -17.40 5.24 26.07
N ALA D 1221 -18.24 6.25 25.87
CA ALA D 1221 -19.27 6.16 24.85
C ALA D 1221 -18.66 6.02 23.46
N SER D 1222 -17.52 6.68 23.22
CA SER D 1222 -16.86 6.55 21.94
C SER D 1222 -16.40 5.11 21.68
N PHE D 1223 -15.90 4.44 22.73
CA PHE D 1223 -15.29 3.12 22.54
C PHE D 1223 -16.31 2.03 22.24
N GLN D 1224 -17.19 1.72 23.19
CA GLN D 1224 -18.06 0.56 23.06
C GLN D 1224 -19.30 0.76 23.91
N GLU D 1225 -20.38 0.08 23.51
CA GLU D 1225 -21.66 0.11 24.22
C GLU D 1225 -22.04 1.55 24.56
N THR D 1226 -22.20 2.35 23.50
CA THR D 1226 -22.43 3.77 23.67
C THR D 1226 -23.73 4.03 24.43
N THR D 1227 -24.79 3.31 24.11
CA THR D 1227 -26.09 3.60 24.72
C THR D 1227 -26.06 3.37 26.23
N ARG D 1228 -25.48 2.25 26.67
CA ARG D 1228 -25.50 1.93 28.09
C ARG D 1228 -24.71 2.97 28.90
N VAL D 1229 -23.50 3.28 28.46
CA VAL D 1229 -22.67 4.23 29.20
C VAL D 1229 -23.28 5.63 29.13
N LEU D 1230 -23.86 5.99 27.98
CA LEU D 1230 -24.54 7.28 27.89
C LEU D 1230 -25.68 7.36 28.89
N THR D 1231 -26.49 6.30 28.99
CA THR D 1231 -27.59 6.31 29.95
C THR D 1231 -27.06 6.43 31.38
N ASP D 1232 -26.04 5.64 31.70
CA ASP D 1232 -25.51 5.66 33.07
C ASP D 1232 -24.97 7.04 33.43
N ALA D 1233 -24.26 7.68 32.49
CA ALA D 1233 -23.78 9.03 32.73
C ALA D 1233 -24.94 10.01 32.86
N ALA D 1234 -25.99 9.84 32.05
CA ALA D 1234 -27.11 10.75 32.09
C ALA D 1234 -27.82 10.69 33.44
N ILE D 1235 -28.02 9.49 33.98
CA ILE D 1235 -28.73 9.38 35.25
C ILE D 1235 -27.98 10.12 36.35
N ASN D 1236 -26.67 9.92 36.43
CA ASN D 1236 -25.87 10.51 37.49
C ASN D 1236 -25.56 11.98 37.28
N CYS D 1237 -25.87 12.53 36.10
CA CYS D 1237 -25.50 13.91 35.78
C CYS D 1237 -23.99 14.10 35.91
N ARG D 1238 -23.23 13.13 35.42
CA ARG D 1238 -21.77 13.11 35.57
C ARG D 1238 -21.17 14.22 34.73
N SER D 1239 -20.80 15.32 35.36
CA SER D 1239 -20.13 16.43 34.69
C SER D 1239 -18.63 16.18 34.73
N ASP D 1240 -18.00 16.11 33.56
CA ASP D 1240 -16.58 15.81 33.45
C ASP D 1240 -15.84 16.99 32.85
N LYS D 1241 -14.67 17.29 33.40
CA LYS D 1241 -13.77 18.26 32.82
C LYS D 1241 -13.15 17.69 31.56
N LEU D 1242 -12.82 18.58 30.62
CA LEU D 1242 -12.20 18.17 29.37
C LEU D 1242 -10.75 17.77 29.66
N ASN D 1243 -10.60 16.55 30.17
CA ASN D 1243 -9.30 15.99 30.52
C ASN D 1243 -8.99 14.82 29.60
N GLY D 1244 -7.70 14.63 29.31
CA GLY D 1244 -7.29 13.65 28.34
C GLY D 1244 -7.27 14.23 26.93
N LEU D 1245 -6.91 13.37 25.98
CA LEU D 1245 -6.75 13.78 24.60
C LEU D 1245 -7.93 13.39 23.72
N LYS D 1246 -8.43 12.16 23.84
CA LYS D 1246 -9.44 11.67 22.90
C LYS D 1246 -10.69 12.54 22.94
N GLU D 1247 -11.25 12.76 24.13
CA GLU D 1247 -12.43 13.61 24.22
C GLU D 1247 -12.10 15.04 23.81
N ASN D 1248 -10.94 15.54 24.24
CA ASN D 1248 -10.56 16.91 23.93
C ASN D 1248 -10.33 17.12 22.45
N VAL D 1249 -9.99 16.07 21.70
CA VAL D 1249 -9.87 16.20 20.25
C VAL D 1249 -11.21 15.97 19.56
N ILE D 1250 -12.09 15.17 20.16
CA ILE D 1250 -13.45 15.04 19.64
C ILE D 1250 -14.16 16.39 19.67
N ILE D 1251 -14.05 17.08 20.81
CA ILE D 1251 -14.69 18.39 20.94
C ILE D 1251 -14.09 19.37 19.93
N GLY D 1252 -12.76 19.36 19.80
CA GLY D 1252 -12.06 20.30 18.95
C GLY D 1252 -11.18 21.28 19.70
N LYS D 1253 -11.29 21.34 21.02
CA LYS D 1253 -10.45 22.24 21.81
C LYS D 1253 -9.01 21.75 21.80
N LEU D 1254 -8.10 22.67 22.14
CA LEU D 1254 -6.68 22.33 22.18
C LEU D 1254 -6.45 21.13 23.08
N ILE D 1255 -5.65 20.18 22.60
CA ILE D 1255 -5.35 18.99 23.39
C ILE D 1255 -4.56 19.39 24.62
N PRO D 1256 -4.78 18.77 25.79
CA PRO D 1256 -4.03 19.11 27.01
C PRO D 1256 -2.67 18.41 27.09
N ALA D 1257 -1.92 18.47 26.00
CA ALA D 1257 -0.60 17.85 25.94
C ALA D 1257 0.29 18.72 25.07
N GLY D 1258 1.60 18.53 25.22
CA GLY D 1258 2.53 19.33 24.46
C GLY D 1258 2.36 20.80 24.78
N THR D 1259 2.09 21.59 23.73
CA THR D 1259 1.96 23.03 23.86
C THR D 1259 0.54 23.46 24.23
N GLY D 1260 -0.24 22.57 24.83
CA GLY D 1260 -1.61 22.88 25.19
C GLY D 1260 -1.82 23.08 26.68
N ILE D 1261 -0.91 22.54 27.49
CA ILE D 1261 -1.04 22.67 28.94
C ILE D 1261 -1.06 24.14 29.32
N ASN D 1262 -1.88 24.47 30.32
CA ASN D 1262 -2.06 25.87 30.72
C ASN D 1262 -0.76 26.49 31.19
N ARG D 1263 0.22 25.70 31.61
CA ARG D 1263 1.50 26.25 32.04
C ARG D 1263 2.20 27.03 30.93
N TYR D 1264 1.87 26.76 29.67
CA TYR D 1264 2.51 27.41 28.53
C TYR D 1264 1.56 28.21 27.67
N ARG D 1265 0.26 27.88 27.66
CA ARG D 1265 -0.68 28.60 26.81
C ARG D 1265 -0.85 30.05 27.23
N ASN D 1266 -0.52 30.39 28.47
CA ASN D 1266 -0.67 31.75 29.00
C ASN D 1266 0.72 32.29 29.32
N ILE D 1267 1.37 32.88 28.33
CA ILE D 1267 2.68 33.49 28.48
C ILE D 1267 2.62 34.89 27.90
N ALA D 1268 3.15 35.86 28.63
CA ALA D 1268 3.27 37.24 28.17
C ALA D 1268 4.75 37.54 27.96
N VAL D 1269 5.11 37.94 26.75
CA VAL D 1269 6.50 38.21 26.38
C VAL D 1269 6.58 39.64 25.85
N GLN D 1270 7.48 40.43 26.44
CA GLN D 1270 7.71 41.80 26.01
C GLN D 1270 9.21 42.05 26.01
N PRO D 1271 9.70 42.93 25.15
CA PRO D 1271 11.15 43.21 25.11
C PRO D 1271 11.64 43.73 26.45
N THR D 1272 12.85 43.32 26.81
CA THR D 1272 13.45 43.77 28.06
C THR D 1272 13.66 45.28 28.04
N GLU D 1273 13.55 45.89 29.22
CA GLU D 1273 13.64 47.35 29.31
C GLU D 1273 14.96 47.86 28.74
N GLU D 1274 16.02 47.07 28.86
CA GLU D 1274 17.31 47.49 28.31
C GLU D 1274 17.23 47.67 26.81
N ALA D 1275 16.55 46.74 26.11
CA ALA D 1275 16.40 46.87 24.67
C ALA D 1275 15.56 48.08 24.31
N ARG D 1276 14.48 48.31 25.06
CA ARG D 1276 13.58 49.45 24.80
C ARG D 1276 14.35 50.77 24.98
N ALA D 1277 15.20 50.84 26.00
CA ALA D 1277 16.02 52.04 26.20
C ALA D 1277 16.94 52.27 25.00
N ALA D 1278 17.56 51.22 24.49
CA ALA D 1278 18.34 51.28 23.26
C ALA D 1278 17.50 50.90 22.05
N ALA D 1279 16.34 51.57 21.91
CA ALA D 1279 15.43 51.32 20.77
C ALA D 1279 15.28 49.83 20.47
N GLY E 28 31.58 26.93 17.39
CA GLY E 28 32.71 26.08 17.06
C GLY E 28 32.39 25.07 15.97
N TYR E 29 31.62 25.51 14.98
CA TYR E 29 31.24 24.65 13.87
C TYR E 29 30.89 25.51 12.67
N ASP E 30 30.85 24.88 11.51
CA ASP E 30 30.54 25.60 10.28
C ASP E 30 29.17 26.27 10.37
N THR E 31 29.10 27.50 9.92
CA THR E 31 27.85 28.26 10.00
C THR E 31 26.80 27.60 9.11
N PRO E 32 25.63 27.27 9.62
CA PRO E 32 24.60 26.62 8.80
C PRO E 32 23.89 27.63 7.91
N LEU E 33 23.08 27.09 7.00
CA LEU E 33 22.31 27.88 6.06
C LEU E 33 20.88 27.38 6.02
N GLY E 34 19.95 28.30 5.74
CA GLY E 34 18.55 27.95 5.66
C GLY E 34 17.77 28.34 6.90
N ILE E 35 16.68 27.63 7.16
CA ILE E 35 15.84 27.94 8.32
C ILE E 35 16.45 27.45 9.62
N THR E 36 17.46 26.59 9.57
CA THR E 36 18.07 26.04 10.77
C THR E 36 19.01 27.01 11.46
N ASN E 37 19.07 28.27 11.01
CA ASN E 37 19.90 29.28 11.64
C ASN E 37 19.01 30.32 12.31
N PRO E 38 19.14 30.57 13.62
CA PRO E 38 20.11 29.97 14.56
C PRO E 38 19.78 28.52 14.89
N PRO E 39 20.74 27.80 15.48
CA PRO E 39 20.50 26.39 15.81
C PRO E 39 19.47 26.23 16.91
N ILE E 40 19.17 24.98 17.26
CA ILE E 40 18.15 24.70 18.27
C ILE E 40 18.75 24.69 19.68
N ASP E 41 19.92 24.08 19.86
CA ASP E 41 20.48 23.95 21.20
C ASP E 41 20.78 25.31 21.82
N GLU E 42 21.31 26.24 21.02
CA GLU E 42 21.60 27.57 21.56
C GLU E 42 20.35 28.20 22.17
N LEU E 43 19.20 28.05 21.52
CA LEU E 43 17.97 28.61 22.05
C LEU E 43 17.60 27.95 23.37
N LEU E 44 17.75 26.63 23.46
CA LEU E 44 17.34 25.91 24.66
C LEU E 44 18.09 26.37 25.90
N ASP E 45 19.30 26.90 25.75
CA ASP E 45 20.02 27.43 26.90
C ASP E 45 19.26 28.61 27.51
N ARG E 46 18.52 29.35 26.70
CA ARG E 46 17.73 30.47 27.21
C ARG E 46 16.40 29.99 27.78
N VAL E 47 15.58 29.36 26.95
CA VAL E 47 14.24 28.95 27.36
C VAL E 47 14.34 27.72 28.24
N SER E 48 13.33 27.54 29.11
CA SER E 48 13.34 26.41 30.03
C SER E 48 13.24 25.09 29.27
N SER E 49 12.28 24.97 28.36
CA SER E 49 12.06 23.75 27.62
C SER E 49 11.57 24.09 26.22
N LYS E 50 11.77 23.14 25.30
CA LYS E 50 11.45 23.39 23.90
C LYS E 50 9.97 23.69 23.69
N TYR E 51 9.09 23.17 24.54
CA TYR E 51 7.67 23.45 24.36
C TYR E 51 7.31 24.88 24.73
N ALA E 52 8.06 25.49 25.64
CA ALA E 52 7.82 26.90 25.94
C ALA E 52 8.33 27.81 24.83
N LEU E 53 9.44 27.43 24.20
CA LEU E 53 10.08 28.31 23.22
C LEU E 53 9.16 28.60 22.04
N VAL E 54 8.40 27.60 21.58
CA VAL E 54 7.59 27.80 20.38
C VAL E 54 6.60 28.93 20.60
N ILE E 55 5.89 28.91 21.74
CA ILE E 55 4.94 29.98 22.03
C ILE E 55 5.68 31.28 22.35
N TYR E 56 6.78 31.18 23.09
CA TYR E 56 7.57 32.35 23.47
C TYR E 56 8.06 33.11 22.25
N ALA E 57 8.18 32.44 21.11
CA ALA E 57 8.54 33.08 19.85
C ALA E 57 7.33 33.43 18.99
N ALA E 58 6.30 32.60 19.00
CA ALA E 58 5.11 32.88 18.20
C ALA E 58 4.43 34.16 18.65
N LYS E 59 4.36 34.39 19.96
CA LYS E 59 3.72 35.61 20.45
C LYS E 59 4.50 36.85 20.01
N ARG E 60 5.83 36.79 20.06
CA ARG E 60 6.62 37.91 19.58
C ARG E 60 6.43 38.12 18.08
N ALA E 61 6.31 37.03 17.32
CA ALA E 61 6.03 37.15 15.90
C ALA E 61 4.68 37.84 15.66
N ARG E 62 3.67 37.47 16.45
CA ARG E 62 2.38 38.13 16.35
C ARG E 62 2.50 39.62 16.64
N GLN E 63 3.26 39.97 17.67
CA GLN E 63 3.45 41.38 17.99
C GLN E 63 4.14 42.12 16.84
N ILE E 64 5.15 41.50 16.24
CA ILE E 64 5.85 42.13 15.13
C ILE E 64 4.91 42.35 13.95
N ASN E 65 4.09 41.34 13.64
CA ASN E 65 3.13 41.49 12.55
C ASN E 65 2.14 42.60 12.85
N ASP E 66 1.67 42.69 14.09
CA ASP E 66 0.77 43.77 14.46
C ASP E 66 1.44 45.13 14.28
N TYR E 67 2.71 45.24 14.67
CA TYR E 67 3.43 46.49 14.47
C TYR E 67 3.53 46.84 12.99
N TYR E 68 3.83 45.85 12.15
CA TYR E 68 3.88 46.11 10.72
C TYR E 68 2.54 46.58 10.17
N ASN E 69 1.45 45.97 10.65
CA ASN E 69 0.12 46.35 10.15
C ASN E 69 -0.20 47.80 10.46
N GLN E 70 0.16 48.29 11.64
CA GLN E 70 -0.21 49.71 11.87
C GLN E 70 0.89 50.60 11.28
N LEU E 71 1.29 50.37 10.03
CA LEU E 71 2.42 51.19 9.50
C LEU E 71 1.92 52.36 8.63
N GLY E 72 0.72 52.27 8.02
CA GLY E 72 0.16 53.43 7.29
C GLY E 72 -0.13 54.61 8.20
N GLU E 73 -0.70 54.35 9.39
CA GLU E 73 -0.97 55.41 10.42
C GLU E 73 -0.39 54.85 11.72
N GLY E 74 0.04 55.69 12.67
CA GLY E 74 0.75 55.18 13.87
C GLY E 74 -0.07 54.92 15.14
N ILE E 75 -0.58 53.69 15.34
CA ILE E 75 -1.22 53.30 16.64
C ILE E 75 -0.31 52.20 17.20
N LEU E 76 0.33 52.43 18.35
CA LEU E 76 1.35 51.44 18.82
C LEU E 76 0.90 50.71 20.09
N GLU E 77 1.10 49.39 20.12
CA GLU E 77 0.79 48.59 21.34
C GLU E 77 2.12 47.95 21.77
N TYR E 78 2.97 47.62 20.80
CA TYR E 78 4.31 47.03 21.11
C TYR E 78 5.33 47.65 20.14
N VAL E 79 6.61 47.61 20.50
CA VAL E 79 7.69 48.19 19.63
C VAL E 79 7.93 47.28 18.43
N GLY E 80 8.72 47.75 17.45
CA GLY E 80 8.99 46.94 16.24
C GLY E 80 10.21 46.05 16.38
N PRO E 81 10.87 45.54 15.30
CA PRO E 81 11.98 44.60 15.48
C PRO E 81 13.14 45.25 16.23
N LEU E 82 13.78 44.46 17.10
CA LEU E 82 14.94 44.94 17.83
C LEU E 82 16.21 44.79 17.00
N VAL E 83 16.48 43.58 16.53
CA VAL E 83 17.57 43.36 15.58
C VAL E 83 17.11 43.85 14.21
N GLU E 84 18.01 44.52 13.49
CA GLU E 84 17.67 45.05 12.19
C GLU E 84 17.33 43.90 11.24
N PRO E 85 16.15 43.89 10.63
CA PRO E 85 15.76 42.74 9.81
C PRO E 85 16.54 42.67 8.52
N GLY E 86 16.28 41.61 7.76
CA GLY E 86 16.87 41.42 6.46
C GLY E 86 16.04 42.05 5.37
N LEU E 87 16.12 41.47 4.18
CA LEU E 87 15.37 41.95 3.02
C LEU E 87 14.11 41.10 2.89
N GLN E 88 13.02 41.57 3.49
CA GLN E 88 11.73 40.90 3.43
C GLN E 88 11.81 39.50 4.05
N GLU E 89 12.16 39.48 5.34
CA GLU E 89 12.23 38.25 6.12
C GLU E 89 10.94 38.04 6.88
N LYS E 90 10.54 36.78 7.01
CA LYS E 90 9.32 36.45 7.72
C LYS E 90 9.44 36.88 9.19
N PRO E 91 8.35 37.36 9.80
CA PRO E 91 8.45 37.85 11.18
C PRO E 91 8.94 36.79 12.16
N LEU E 92 8.54 35.53 11.97
CA LEU E 92 8.98 34.49 12.89
C LEU E 92 10.49 34.33 12.87
N SER E 93 11.11 34.48 11.70
CA SER E 93 12.55 34.41 11.62
C SER E 93 13.18 35.53 12.43
N ILE E 94 12.62 36.74 12.36
CA ILE E 94 13.13 37.84 13.18
C ILE E 94 12.98 37.52 14.66
N ALA E 95 11.83 36.96 15.04
CA ALA E 95 11.61 36.62 16.45
C ALA E 95 12.66 35.62 16.93
N LEU E 96 12.88 34.57 16.17
CA LEU E 96 13.85 33.56 16.58
C LEU E 96 15.28 34.12 16.58
N ARG E 97 15.60 35.00 15.63
CA ARG E 97 16.94 35.55 15.56
C ARG E 97 17.20 36.61 16.62
N GLU E 98 16.15 37.20 17.20
CA GLU E 98 16.32 38.14 18.29
C GLU E 98 16.23 37.48 19.66
N ILE E 99 15.51 36.36 19.77
CA ILE E 99 15.55 35.59 21.01
C ILE E 99 16.96 35.07 21.26
N HIS E 100 17.64 34.64 20.19
CA HIS E 100 19.01 34.16 20.33
C HIS E 100 19.94 35.23 20.88
N ALA E 101 19.57 36.51 20.76
CA ALA E 101 20.39 37.61 21.25
C ALA E 101 20.07 37.99 22.69
N ASP E 102 19.17 37.26 23.35
CA ASP E 102 18.82 37.51 24.74
C ASP E 102 18.30 38.94 24.92
N LEU E 103 17.17 39.21 24.26
CA LEU E 103 16.56 40.54 24.30
C LEU E 103 15.09 40.51 24.67
N LEU E 104 14.57 39.37 25.14
CA LEU E 104 13.18 39.24 25.51
C LEU E 104 13.07 38.66 26.92
N GLU E 105 12.07 39.11 27.66
CA GLU E 105 11.77 38.61 28.99
C GLU E 105 10.30 38.20 29.06
N HIS E 106 10.04 37.04 29.65
CA HIS E 106 8.64 36.52 29.62
C HIS E 106 8.19 36.05 31.00
N THR E 107 6.88 35.80 31.14
CA THR E 107 6.32 35.39 32.46
C THR E 107 5.88 33.93 32.37
N GLU E 108 6.13 33.17 33.43
CA GLU E 108 5.80 31.72 33.37
C GLU E 108 4.27 31.54 33.33
#